data_2O78
#
_entry.id   2O78
#
_cell.length_a   87.592
_cell.length_b   155.048
_cell.length_c   164.044
_cell.angle_alpha   90.00
_cell.angle_beta   94.24
_cell.angle_gamma   90.00
#
_symmetry.space_group_name_H-M   'P 1 21 1'
#
loop_
_entity.id
_entity.type
_entity.pdbx_description
1 polymer 'Putative histidine ammonia-lyase'
2 non-polymer 'PHENYLETHYLENECARBOXYLIC ACID'
3 water water
#
_entity_poly.entity_id   1
_entity_poly.type   'polypeptide(L)'
_entity_poly.pdbx_seq_one_letter_code
;MLAMSPPKPAVELDRHIDLDQAHAVASGGARIVLAPPARDRCRASEARLGAVIREARHVYGLTTGFGPLANRLISGENVR
TLQANLVHFLASGVGPVLDWTTARAMVLARLVSIAQGASGASEGTIARLIDLLNSELAPAVPSRGTVG(MDO)DLTPLAH
MVLCLQGRGDFLDRDGTRLDGAEGLRRGRLQPLDLSHRDALALVNGTSAMTGIALVNAHACRHLGNWAVALTALLAECLR
GRTEAWAAALSDLRPHPGQKDAAARLRARVDGSARVVRHVIAERRLDAGDIGTEPEAGQDAYSLRCAPQVLGAGFDTLAW
HDRVLTIELNAVTDNPVFPPDGSVPALHGGNFMGQHVALTSDALATAVTVLAGLAERQIARLTDERLNRGLPPFLHRGPA
GLNSGFMGAQVTATALLAEMRATGPASIHSISTNAANQDVVSLGTIAARLCREKIDRWAEILAILALCLAQAAELRCGSG
LDGVSPAGKKLVQALREQFPPLETDRPLGQEIAALATHLLQQSPV
;
_entity_poly.pdbx_strand_id   A,B,C,D,E,F,G,H
#
# COMPACT_ATOMS: atom_id res chain seq x y z
N PRO A 7 -4.01 36.77 -58.56
CA PRO A 7 -2.65 36.35 -58.12
C PRO A 7 -2.63 36.12 -56.60
N LYS A 8 -3.48 35.21 -56.15
CA LYS A 8 -3.61 34.85 -54.73
C LYS A 8 -2.47 35.31 -53.83
N PRO A 9 -2.76 36.25 -52.92
CA PRO A 9 -1.79 36.81 -51.97
C PRO A 9 -1.12 35.73 -51.14
N ALA A 10 0.05 36.03 -50.59
CA ALA A 10 0.77 35.07 -49.77
C ALA A 10 1.23 35.67 -48.44
N VAL A 11 0.99 34.94 -47.36
CA VAL A 11 1.40 35.38 -46.03
C VAL A 11 2.69 34.65 -45.65
N GLU A 12 3.77 35.40 -45.46
CA GLU A 12 5.04 34.80 -45.10
C GLU A 12 5.16 34.77 -43.58
N LEU A 13 5.13 33.57 -43.03
CA LEU A 13 5.20 33.38 -41.59
C LEU A 13 6.61 33.25 -41.06
N ASP A 14 6.96 34.13 -40.13
CA ASP A 14 8.26 34.08 -39.49
C ASP A 14 7.97 33.84 -38.01
N ARG A 15 7.69 34.91 -37.28
CA ARG A 15 7.38 34.79 -35.86
C ARG A 15 5.96 35.27 -35.54
N HIS A 16 5.64 36.47 -35.97
CA HIS A 16 4.34 37.08 -35.70
C HIS A 16 3.41 37.21 -36.90
N ILE A 17 2.11 36.99 -36.66
CA ILE A 17 1.09 37.11 -37.69
C ILE A 17 -0.10 37.79 -37.02
N ASP A 18 -0.67 38.82 -37.65
CA ASP A 18 -1.81 39.50 -37.04
C ASP A 18 -3.12 38.77 -37.34
N LEU A 19 -4.19 39.18 -36.68
CA LEU A 19 -5.49 38.53 -36.86
C LEU A 19 -6.03 38.57 -38.28
N ASP A 20 -5.76 39.66 -39.02
CA ASP A 20 -6.25 39.75 -40.40
C ASP A 20 -5.54 38.76 -41.30
N GLN A 21 -4.22 38.68 -41.18
CA GLN A 21 -3.44 37.74 -41.98
C GLN A 21 -3.87 36.31 -41.66
N ALA A 22 -4.12 36.04 -40.38
CA ALA A 22 -4.53 34.70 -39.96
C ALA A 22 -5.86 34.31 -40.60
N HIS A 23 -6.81 35.24 -40.61
CA HIS A 23 -8.10 34.94 -41.21
C HIS A 23 -7.99 34.83 -42.73
N ALA A 24 -7.06 35.60 -43.31
CA ALA A 24 -6.85 35.57 -44.75
C ALA A 24 -6.42 34.17 -45.16
N VAL A 25 -5.56 33.56 -44.36
CA VAL A 25 -5.08 32.22 -44.66
C VAL A 25 -6.17 31.19 -44.35
N ALA A 26 -6.76 31.29 -43.17
CA ALA A 26 -7.81 30.35 -42.77
C ALA A 26 -8.97 30.32 -43.76
N SER A 27 -9.35 31.48 -44.28
CA SER A 27 -10.47 31.55 -45.23
C SER A 27 -10.06 31.25 -46.66
N GLY A 28 -8.79 30.95 -46.87
CA GLY A 28 -8.31 30.63 -48.21
C GLY A 28 -8.08 31.83 -49.10
N GLY A 29 -8.10 33.02 -48.52
CA GLY A 29 -7.89 34.23 -49.31
C GLY A 29 -6.42 34.48 -49.56
N ALA A 30 -5.56 33.78 -48.84
CA ALA A 30 -4.12 33.94 -49.01
C ALA A 30 -3.40 32.63 -48.74
N ARG A 31 -2.30 32.41 -49.48
CA ARG A 31 -1.49 31.20 -49.27
C ARG A 31 -0.56 31.50 -48.09
N ILE A 32 0.04 30.45 -47.54
CA ILE A 32 0.95 30.66 -46.42
C ILE A 32 2.29 30.04 -46.79
N VAL A 33 3.36 30.74 -46.44
CA VAL A 33 4.70 30.25 -46.71
C VAL A 33 5.53 30.48 -45.45
N LEU A 34 6.46 29.57 -45.19
CA LEU A 34 7.31 29.68 -44.02
C LEU A 34 8.58 30.44 -44.39
N ALA A 35 8.84 31.53 -43.68
CA ALA A 35 10.03 32.35 -43.95
C ALA A 35 11.30 31.56 -43.65
N PRO A 36 12.41 31.90 -44.33
CA PRO A 36 13.71 31.23 -44.13
C PRO A 36 14.10 31.08 -42.66
N PRO A 37 14.00 32.16 -41.87
CA PRO A 37 14.38 32.05 -40.46
C PRO A 37 13.49 31.11 -39.65
N ALA A 38 12.21 31.03 -40.02
CA ALA A 38 11.27 30.16 -39.33
C ALA A 38 11.62 28.71 -39.68
N ARG A 39 11.92 28.48 -40.95
CA ARG A 39 12.28 27.16 -41.41
C ARG A 39 13.50 26.67 -40.65
N ASP A 40 14.48 27.55 -40.46
CA ASP A 40 15.69 27.19 -39.74
C ASP A 40 15.45 26.97 -38.25
N ARG A 41 14.59 27.78 -37.65
CA ARG A 41 14.30 27.61 -36.23
C ARG A 41 13.63 26.26 -36.01
N CYS A 42 12.76 25.89 -36.95
CA CYS A 42 12.07 24.61 -36.88
C CYS A 42 13.00 23.44 -37.13
N ARG A 43 13.95 23.59 -38.04
CA ARG A 43 14.90 22.52 -38.32
C ARG A 43 15.74 22.29 -37.07
N ALA A 44 16.11 23.39 -36.40
CA ALA A 44 16.90 23.31 -35.19
C ALA A 44 16.13 22.61 -34.08
N SER A 45 14.85 22.97 -33.93
CA SER A 45 14.01 22.37 -32.91
C SER A 45 13.85 20.87 -33.18
N GLU A 46 13.71 20.52 -34.46
CA GLU A 46 13.56 19.14 -34.87
C GLU A 46 14.78 18.34 -34.38
N ALA A 47 15.96 18.92 -34.53
CA ALA A 47 17.19 18.28 -34.11
C ALA A 47 17.23 18.15 -32.59
N ARG A 48 16.73 19.15 -31.88
CA ARG A 48 16.72 19.10 -30.42
C ARG A 48 15.85 17.95 -29.93
N LEU A 49 14.73 17.71 -30.62
CA LEU A 49 13.86 16.60 -30.24
C LEU A 49 14.62 15.30 -30.47
N GLY A 50 15.38 15.25 -31.55
CA GLY A 50 16.16 14.06 -31.86
C GLY A 50 17.16 13.77 -30.78
N ALA A 51 17.82 14.82 -30.28
CA ALA A 51 18.83 14.69 -29.23
C ALA A 51 18.17 14.22 -27.92
N VAL A 52 17.01 14.76 -27.61
CA VAL A 52 16.28 14.38 -26.40
C VAL A 52 15.96 12.89 -26.42
N ILE A 53 15.54 12.41 -27.58
CA ILE A 53 15.20 10.99 -27.73
C ILE A 53 16.48 10.17 -27.63
N ARG A 54 17.51 10.61 -28.34
CA ARG A 54 18.81 9.95 -28.37
C ARG A 54 19.40 9.83 -26.97
N GLU A 55 19.29 10.89 -26.17
CA GLU A 55 19.85 10.91 -24.82
C GLU A 55 18.91 10.29 -23.78
N ALA A 56 17.75 9.84 -24.22
CA ALA A 56 16.78 9.21 -23.32
C ALA A 56 16.37 10.10 -22.15
N ARG A 57 16.13 11.38 -22.44
CA ARG A 57 15.72 12.34 -21.42
C ARG A 57 14.31 12.02 -20.94
N HIS A 58 14.06 12.20 -19.63
CA HIS A 58 12.74 11.96 -19.07
C HIS A 58 11.83 13.07 -19.56
N VAL A 59 11.10 12.80 -20.64
CA VAL A 59 10.21 13.77 -21.25
C VAL A 59 8.81 13.21 -21.49
N TYR A 60 7.79 13.98 -21.09
CA TYR A 60 6.39 13.59 -21.26
C TYR A 60 6.09 13.26 -22.72
N GLY A 61 5.46 12.10 -22.95
CA GLY A 61 5.11 11.71 -24.31
C GLY A 61 6.21 11.05 -25.11
N LEU A 62 7.43 11.08 -24.60
CA LEU A 62 8.56 10.46 -25.27
C LEU A 62 9.08 9.27 -24.48
N THR A 63 8.96 9.36 -23.15
CA THR A 63 9.41 8.30 -22.26
C THR A 63 8.39 8.03 -21.16
N THR A 64 7.18 8.55 -21.33
CA THR A 64 6.14 8.37 -20.31
C THR A 64 4.75 8.20 -20.91
N GLY A 65 3.83 7.69 -20.08
CA GLY A 65 2.46 7.55 -20.52
C GLY A 65 1.83 8.94 -20.49
N PHE A 66 0.52 9.03 -20.67
CA PHE A 66 -0.15 10.33 -20.68
C PHE A 66 -1.02 10.59 -19.47
N GLY A 67 -1.18 11.87 -19.13
CA GLY A 67 -2.00 12.24 -17.99
C GLY A 67 -1.46 11.64 -16.70
N PRO A 68 -2.34 11.10 -15.84
CA PRO A 68 -1.94 10.48 -14.57
C PRO A 68 -1.09 9.24 -14.80
N LEU A 69 -1.12 8.74 -16.04
CA LEU A 69 -0.36 7.56 -16.40
C LEU A 69 1.10 7.87 -16.75
N ALA A 70 1.47 9.15 -16.62
CA ALA A 70 2.83 9.55 -16.94
C ALA A 70 3.85 8.94 -15.97
N ASN A 71 3.38 8.32 -14.89
CA ASN A 71 4.29 7.69 -13.94
C ASN A 71 4.75 6.34 -14.47
N ARG A 72 4.18 5.91 -15.59
CA ARG A 72 4.57 4.68 -16.24
C ARG A 72 5.59 5.08 -17.29
N LEU A 73 6.85 4.70 -17.08
CA LEU A 73 7.89 5.06 -18.04
C LEU A 73 7.87 4.09 -19.21
N ILE A 74 8.17 4.61 -20.40
CA ILE A 74 8.14 3.85 -21.64
C ILE A 74 9.50 3.71 -22.32
N SER A 75 9.82 2.49 -22.75
CA SER A 75 11.09 2.24 -23.42
C SER A 75 11.04 2.76 -24.86
N GLY A 76 12.17 3.25 -25.35
CA GLY A 76 12.25 3.81 -26.69
C GLY A 76 11.62 3.02 -27.82
N GLU A 77 11.76 1.70 -27.80
CA GLU A 77 11.21 0.87 -28.86
C GLU A 77 9.69 0.88 -28.95
N ASN A 78 9.02 1.38 -27.91
CA ASN A 78 7.57 1.41 -27.90
C ASN A 78 6.95 2.79 -28.10
N VAL A 79 7.77 3.80 -28.35
CA VAL A 79 7.27 5.16 -28.52
C VAL A 79 6.37 5.37 -29.75
N ARG A 80 6.68 4.71 -30.87
CA ARG A 80 5.85 4.84 -32.06
C ARG A 80 4.44 4.39 -31.70
N THR A 81 4.35 3.24 -31.02
CA THR A 81 3.07 2.69 -30.60
C THR A 81 2.38 3.61 -29.60
N LEU A 82 3.14 4.10 -28.63
CA LEU A 82 2.62 5.01 -27.61
C LEU A 82 1.93 6.21 -28.24
N GLN A 83 2.63 6.89 -29.14
CA GLN A 83 2.06 8.07 -29.79
C GLN A 83 0.94 7.74 -30.75
N ALA A 84 0.95 6.52 -31.30
CA ALA A 84 -0.10 6.10 -32.20
C ALA A 84 -1.38 5.89 -31.38
N ASN A 85 -1.22 5.34 -30.18
CA ASN A 85 -2.36 5.09 -29.30
C ASN A 85 -2.91 6.42 -28.77
N LEU A 86 -2.02 7.39 -28.59
CA LEU A 86 -2.39 8.71 -28.12
C LEU A 86 -3.46 9.31 -29.04
N VAL A 87 -3.17 9.33 -30.33
CA VAL A 87 -4.09 9.86 -31.30
C VAL A 87 -5.40 9.09 -31.25
N HIS A 88 -5.28 7.78 -31.04
CA HIS A 88 -6.43 6.90 -30.97
C HIS A 88 -7.36 7.15 -29.80
N PHE A 89 -6.84 7.07 -28.58
CA PHE A 89 -7.69 7.24 -27.41
C PHE A 89 -8.28 8.65 -27.28
N LEU A 90 -7.63 9.63 -27.90
CA LEU A 90 -8.14 11.00 -27.85
C LEU A 90 -9.24 11.28 -28.86
N ALA A 91 -9.36 10.44 -29.87
CA ALA A 91 -10.37 10.63 -30.92
C ALA A 91 -11.78 10.22 -30.48
N SER A 92 -12.26 10.83 -29.41
CA SER A 92 -13.59 10.52 -28.89
C SER A 92 -14.54 11.70 -29.10
N GLY A 93 -14.19 12.58 -30.03
CA GLY A 93 -15.02 13.74 -30.28
C GLY A 93 -16.38 13.43 -30.88
N VAL A 94 -17.35 14.29 -30.62
CA VAL A 94 -18.70 14.13 -31.15
C VAL A 94 -19.29 15.50 -31.49
N GLY A 95 -20.46 15.48 -32.13
CA GLY A 95 -21.12 16.71 -32.48
C GLY A 95 -20.80 17.19 -33.89
N PRO A 96 -21.48 18.23 -34.38
CA PRO A 96 -21.23 18.75 -35.72
C PRO A 96 -19.78 19.18 -35.88
N VAL A 97 -19.21 18.93 -37.05
CA VAL A 97 -17.83 19.31 -37.30
C VAL A 97 -17.67 20.82 -37.35
N LEU A 98 -16.47 21.30 -37.07
CA LEU A 98 -16.20 22.74 -37.13
C LEU A 98 -16.34 23.11 -38.60
N ASP A 99 -16.72 24.34 -38.89
CA ASP A 99 -16.87 24.75 -40.28
C ASP A 99 -15.50 24.86 -40.95
N TRP A 100 -15.51 24.78 -42.27
CA TRP A 100 -14.32 24.84 -43.11
C TRP A 100 -13.26 25.86 -42.65
N THR A 101 -13.67 27.12 -42.53
CA THR A 101 -12.74 28.18 -42.12
C THR A 101 -12.18 28.01 -40.71
N THR A 102 -13.05 27.63 -39.77
CA THR A 102 -12.63 27.45 -38.38
C THR A 102 -11.68 26.27 -38.23
N ALA A 103 -11.98 25.16 -38.91
CA ALA A 103 -11.11 23.99 -38.84
C ALA A 103 -9.72 24.35 -39.36
N ARG A 104 -9.66 25.11 -40.45
CA ARG A 104 -8.39 25.54 -41.03
C ARG A 104 -7.70 26.54 -40.10
N ALA A 105 -8.50 27.35 -39.41
CA ALA A 105 -7.95 28.32 -38.47
C ALA A 105 -7.25 27.57 -37.36
N MET A 106 -7.79 26.40 -36.99
CA MET A 106 -7.18 25.57 -35.96
C MET A 106 -5.84 25.05 -36.44
N VAL A 107 -5.82 24.58 -37.69
CA VAL A 107 -4.58 24.06 -38.27
C VAL A 107 -3.53 25.17 -38.28
N LEU A 108 -3.94 26.37 -38.69
CA LEU A 108 -3.03 27.50 -38.73
C LEU A 108 -2.49 27.83 -37.34
N ALA A 109 -3.36 27.78 -36.33
CA ALA A 109 -2.96 28.08 -34.97
C ALA A 109 -1.85 27.15 -34.48
N ARG A 110 -1.96 25.86 -34.81
CA ARG A 110 -0.94 24.90 -34.41
C ARG A 110 0.36 25.22 -35.14
N LEU A 111 0.25 25.57 -36.42
CA LEU A 111 1.41 25.91 -37.24
C LEU A 111 2.18 27.11 -36.68
N VAL A 112 1.48 28.19 -36.37
CA VAL A 112 2.14 29.39 -35.82
C VAL A 112 2.87 29.06 -34.53
N SER A 113 2.27 28.20 -33.70
CA SER A 113 2.90 27.82 -32.45
C SER A 113 4.22 27.09 -32.78
N ILE A 114 4.12 26.11 -33.67
CA ILE A 114 5.28 25.33 -34.10
C ILE A 114 6.37 26.19 -34.73
N ALA A 115 5.95 27.22 -35.47
CA ALA A 115 6.90 28.10 -36.14
C ALA A 115 7.81 28.85 -35.19
N GLN A 116 7.47 28.87 -33.90
CA GLN A 116 8.32 29.55 -32.92
C GLN A 116 9.56 28.72 -32.62
N GLY A 117 9.57 27.48 -33.11
CA GLY A 117 10.72 26.61 -32.94
C GLY A 117 11.00 26.02 -31.57
N ALA A 118 9.96 25.55 -30.89
CA ALA A 118 10.13 24.94 -29.57
C ALA A 118 9.29 23.67 -29.45
N SER A 119 8.73 23.23 -30.57
CA SER A 119 7.86 22.06 -30.60
C SER A 119 8.48 20.77 -31.13
N GLY A 120 9.61 20.87 -31.81
CA GLY A 120 10.27 19.69 -32.34
C GLY A 120 9.65 19.03 -33.56
N ALA A 121 8.66 19.68 -34.17
CA ALA A 121 7.99 19.14 -35.35
C ALA A 121 8.97 18.97 -36.51
N SER A 122 8.87 17.85 -37.22
CA SER A 122 9.75 17.59 -38.35
C SER A 122 9.31 18.38 -39.58
N GLU A 123 10.20 18.51 -40.55
CA GLU A 123 9.89 19.24 -41.77
C GLU A 123 8.65 18.69 -42.45
N GLY A 124 8.54 17.37 -42.49
CA GLY A 124 7.38 16.75 -43.11
C GLY A 124 6.09 17.13 -42.42
N THR A 125 6.09 17.07 -41.09
CA THR A 125 4.91 17.41 -40.31
C THR A 125 4.47 18.84 -40.62
N ILE A 126 5.44 19.76 -40.62
CA ILE A 126 5.15 21.16 -40.91
C ILE A 126 4.63 21.30 -42.34
N ALA A 127 5.22 20.54 -43.26
CA ALA A 127 4.82 20.58 -44.66
C ALA A 127 3.37 20.14 -44.81
N ARG A 128 2.95 19.16 -44.03
CA ARG A 128 1.57 18.67 -44.11
C ARG A 128 0.58 19.76 -43.72
N LEU A 129 0.92 20.53 -42.69
CA LEU A 129 0.03 21.61 -42.24
C LEU A 129 -0.04 22.72 -43.29
N ILE A 130 1.11 23.05 -43.87
CA ILE A 130 1.18 24.09 -44.90
C ILE A 130 0.41 23.66 -46.14
N ASP A 131 0.61 22.42 -46.57
CA ASP A 131 -0.09 21.88 -47.73
C ASP A 131 -1.59 21.97 -47.54
N LEU A 132 -2.06 21.65 -46.33
CA LEU A 132 -3.49 21.71 -46.03
C LEU A 132 -3.99 23.13 -46.21
N LEU A 133 -3.31 24.08 -45.59
CA LEU A 133 -3.70 25.48 -45.67
C LEU A 133 -3.67 26.03 -47.09
N ASN A 134 -2.76 25.52 -47.92
CA ASN A 134 -2.69 26.00 -49.30
C ASN A 134 -3.63 25.25 -50.22
N SER A 135 -4.37 24.29 -49.67
CA SER A 135 -5.33 23.54 -50.46
C SER A 135 -6.70 24.18 -50.24
N GLU A 136 -7.73 23.63 -50.87
CA GLU A 136 -9.08 24.14 -50.74
C GLU A 136 -9.83 23.31 -49.70
N LEU A 137 -9.09 22.47 -48.98
CA LEU A 137 -9.69 21.59 -47.99
C LEU A 137 -9.48 21.96 -46.53
N ALA A 138 -10.26 21.31 -45.68
CA ALA A 138 -10.19 21.49 -44.24
C ALA A 138 -10.46 20.13 -43.61
N PRO A 139 -9.81 19.83 -42.48
CA PRO A 139 -10.09 18.52 -41.87
C PRO A 139 -11.50 18.57 -41.28
N ALA A 140 -12.17 17.42 -41.27
CA ALA A 140 -13.52 17.34 -40.71
C ALA A 140 -13.33 16.90 -39.25
N VAL A 141 -13.50 17.84 -38.32
CA VAL A 141 -13.32 17.51 -36.92
C VAL A 141 -14.52 17.84 -36.05
N PRO A 142 -14.96 16.89 -35.20
CA PRO A 142 -16.11 17.13 -34.33
C PRO A 142 -15.85 18.34 -33.44
N SER A 143 -16.89 19.12 -33.18
CA SER A 143 -16.74 20.31 -32.37
C SER A 143 -16.72 20.11 -30.86
N ARG A 144 -17.25 18.98 -30.38
CA ARG A 144 -17.28 18.73 -28.94
C ARG A 144 -16.35 17.60 -28.50
N GLY A 145 -15.94 17.66 -27.23
CA GLY A 145 -15.07 16.65 -26.67
C GLY A 145 -13.93 17.16 -25.81
N THR A 146 -13.53 18.41 -26.01
CA THR A 146 -12.42 18.96 -25.24
C THR A 146 -12.82 19.90 -24.11
N VAL A 147 -12.04 19.89 -23.03
CA VAL A 147 -12.29 20.79 -21.91
C VAL A 147 -11.29 21.95 -21.98
N GLY A 148 -10.60 22.03 -23.12
CA GLY A 148 -9.65 23.11 -23.34
C GLY A 148 -8.44 23.16 -22.43
N ASP A 150 -6.65 21.57 -26.39
CA ASP A 150 -7.61 21.00 -27.34
C ASP A 150 -7.15 19.70 -27.98
N LEU A 151 -6.76 18.75 -27.14
CA LEU A 151 -6.25 17.47 -27.63
C LEU A 151 -7.21 16.65 -28.51
N THR A 152 -8.47 16.54 -28.10
CA THR A 152 -9.43 15.77 -28.89
C THR A 152 -9.60 16.25 -30.34
N PRO A 153 -9.98 17.52 -30.54
CA PRO A 153 -10.14 17.97 -31.93
C PRO A 153 -8.85 17.86 -32.76
N LEU A 154 -7.70 18.07 -32.12
CA LEU A 154 -6.43 17.98 -32.82
C LEU A 154 -6.07 16.53 -33.15
N ALA A 155 -6.54 15.59 -32.34
CA ALA A 155 -6.28 14.18 -32.62
C ALA A 155 -7.08 13.80 -33.86
N HIS A 156 -8.30 14.32 -33.96
CA HIS A 156 -9.13 14.05 -35.12
C HIS A 156 -8.46 14.67 -36.35
N MET A 157 -7.82 15.82 -36.14
CA MET A 157 -7.12 16.49 -37.22
C MET A 157 -6.01 15.58 -37.74
N VAL A 158 -5.23 15.01 -36.83
CA VAL A 158 -4.13 14.12 -37.20
C VAL A 158 -4.66 12.95 -38.04
N LEU A 159 -5.75 12.33 -37.58
CA LEU A 159 -6.34 11.21 -38.31
C LEU A 159 -6.72 11.62 -39.73
N CYS A 160 -7.32 12.80 -39.87
CA CYS A 160 -7.71 13.29 -41.19
C CYS A 160 -6.47 13.43 -42.06
N LEU A 161 -5.44 14.09 -41.53
CA LEU A 161 -4.21 14.31 -42.27
C LEU A 161 -3.48 13.03 -42.67
N GLN A 162 -3.82 11.92 -42.03
CA GLN A 162 -3.19 10.64 -42.36
C GLN A 162 -4.07 9.92 -43.38
N GLY A 163 -5.21 10.52 -43.69
CA GLY A 163 -6.14 9.93 -44.64
C GLY A 163 -7.07 8.96 -43.91
N ARG A 164 -7.15 9.10 -42.60
CA ARG A 164 -7.99 8.24 -41.77
C ARG A 164 -9.17 8.98 -41.17
N GLY A 165 -9.53 10.09 -41.81
CA GLY A 165 -10.64 10.89 -41.34
C GLY A 165 -11.15 11.72 -42.50
N ASP A 166 -12.39 12.19 -42.42
CA ASP A 166 -12.97 13.00 -43.50
C ASP A 166 -12.36 14.38 -43.66
N PHE A 167 -12.69 15.01 -44.78
CA PHE A 167 -12.24 16.35 -45.13
C PHE A 167 -13.48 17.13 -45.54
N LEU A 168 -13.36 18.45 -45.59
CA LEU A 168 -14.46 19.32 -45.99
C LEU A 168 -14.00 20.26 -47.09
N ASP A 169 -14.87 20.48 -48.08
CA ASP A 169 -14.57 21.41 -49.15
C ASP A 169 -15.17 22.73 -48.67
N ARG A 170 -14.97 23.80 -49.42
CA ARG A 170 -15.51 25.11 -49.01
C ARG A 170 -17.00 25.11 -48.72
N ASP A 171 -17.75 24.21 -49.36
CA ASP A 171 -19.20 24.16 -49.16
C ASP A 171 -19.63 23.27 -47.99
N GLY A 172 -18.66 22.65 -47.33
CA GLY A 172 -18.99 21.79 -46.21
C GLY A 172 -19.31 20.36 -46.61
N THR A 173 -19.22 20.05 -47.90
CA THR A 173 -19.49 18.70 -48.36
C THR A 173 -18.32 17.83 -47.94
N ARG A 174 -18.62 16.71 -47.30
CA ARG A 174 -17.59 15.82 -46.79
C ARG A 174 -17.00 14.83 -47.79
N LEU A 175 -15.69 14.65 -47.67
CA LEU A 175 -14.93 13.73 -48.52
C LEU A 175 -14.25 12.76 -47.57
N ASP A 176 -14.03 11.52 -47.99
CA ASP A 176 -13.37 10.58 -47.11
C ASP A 176 -11.86 10.82 -47.16
N GLY A 177 -11.14 10.26 -46.18
CA GLY A 177 -9.71 10.44 -46.11
C GLY A 177 -8.97 10.35 -47.43
N ALA A 178 -9.16 9.23 -48.14
CA ALA A 178 -8.51 9.02 -49.42
C ALA A 178 -8.83 10.11 -50.43
N GLU A 179 -10.12 10.39 -50.63
CA GLU A 179 -10.53 11.41 -51.57
C GLU A 179 -9.92 12.77 -51.21
N GLY A 180 -9.80 13.02 -49.92
CA GLY A 180 -9.23 14.29 -49.47
C GLY A 180 -7.77 14.42 -49.86
N LEU A 181 -6.97 13.40 -49.55
CA LEU A 181 -5.56 13.43 -49.89
C LEU A 181 -5.40 13.55 -51.40
N ARG A 182 -6.29 12.87 -52.14
CA ARG A 182 -6.24 12.89 -53.59
C ARG A 182 -6.64 14.25 -54.17
N ARG A 183 -7.85 14.70 -53.86
CA ARG A 183 -8.33 15.98 -54.38
C ARG A 183 -7.44 17.15 -53.95
N GLY A 184 -6.91 17.09 -52.74
CA GLY A 184 -6.06 18.17 -52.26
C GLY A 184 -4.59 17.98 -52.61
N ARG A 185 -4.29 16.86 -53.26
CA ARG A 185 -2.92 16.56 -53.64
C ARG A 185 -2.04 16.67 -52.39
N LEU A 186 -2.46 15.97 -51.36
CA LEU A 186 -1.77 15.97 -50.08
C LEU A 186 -1.06 14.64 -49.82
N GLN A 187 0.03 14.72 -49.06
CA GLN A 187 0.79 13.53 -48.69
C GLN A 187 0.28 13.08 -47.33
N PRO A 188 0.20 11.77 -47.09
CA PRO A 188 -0.27 11.29 -45.79
C PRO A 188 0.71 11.65 -44.68
N LEU A 189 0.18 12.11 -43.55
CA LEU A 189 1.00 12.50 -42.41
C LEU A 189 1.75 11.30 -41.83
N ASP A 190 3.08 11.45 -41.69
CA ASP A 190 3.93 10.41 -41.15
C ASP A 190 4.58 10.89 -39.85
N LEU A 191 4.23 10.26 -38.73
CA LEU A 191 4.77 10.66 -37.44
C LEU A 191 5.91 9.79 -36.93
N SER A 192 6.68 9.21 -37.86
CA SER A 192 7.80 8.35 -37.50
C SER A 192 8.90 9.04 -36.69
N HIS A 193 8.96 10.37 -36.74
CA HIS A 193 9.98 11.09 -35.98
C HIS A 193 9.58 11.25 -34.52
N ARG A 194 8.44 10.70 -34.15
CA ARG A 194 7.94 10.77 -32.77
C ARG A 194 7.60 12.20 -32.36
N ASP A 195 7.12 12.99 -33.32
CA ASP A 195 6.77 14.38 -33.08
C ASP A 195 5.25 14.59 -33.04
N ALA A 196 4.53 13.57 -32.58
CA ALA A 196 3.07 13.64 -32.50
C ALA A 196 2.57 14.72 -31.54
N LEU A 197 3.34 14.98 -30.48
CA LEU A 197 2.93 15.99 -29.50
C LEU A 197 3.07 17.41 -30.04
N ALA A 198 3.63 17.54 -31.24
CA ALA A 198 3.77 18.85 -31.84
C ALA A 198 2.44 19.18 -32.53
N LEU A 199 1.63 18.16 -32.76
CA LEU A 199 0.33 18.32 -33.41
C LEU A 199 -0.83 18.23 -32.45
N VAL A 200 -0.73 17.34 -31.47
CA VAL A 200 -1.78 17.17 -30.47
C VAL A 200 -1.29 17.93 -29.24
N ASN A 201 -1.55 19.23 -29.24
CA ASN A 201 -1.09 20.07 -28.14
C ASN A 201 -1.64 21.49 -28.25
N GLY A 202 -1.51 22.24 -27.17
CA GLY A 202 -1.94 23.63 -27.17
C GLY A 202 -3.42 23.95 -27.21
N THR A 203 -3.68 25.21 -27.53
CA THR A 203 -5.03 25.77 -27.58
C THR A 203 -5.46 26.14 -28.99
N SER A 204 -4.98 25.37 -29.96
CA SER A 204 -5.26 25.63 -31.37
C SER A 204 -6.74 25.73 -31.78
N ALA A 205 -7.58 24.87 -31.23
CA ALA A 205 -9.00 24.89 -31.59
C ALA A 205 -9.71 26.14 -31.08
N MET A 206 -9.61 26.44 -29.79
CA MET A 206 -10.26 27.61 -29.25
C MET A 206 -9.69 28.88 -29.89
N THR A 207 -8.39 28.88 -30.16
CA THR A 207 -7.75 30.02 -30.79
C THR A 207 -8.27 30.17 -32.22
N GLY A 208 -8.39 29.05 -32.93
CA GLY A 208 -8.90 29.10 -34.28
C GLY A 208 -10.32 29.62 -34.29
N ILE A 209 -11.15 29.09 -33.38
CA ILE A 209 -12.52 29.51 -33.29
C ILE A 209 -12.60 30.99 -32.96
N ALA A 210 -11.81 31.44 -31.98
CA ALA A 210 -11.83 32.84 -31.57
C ALA A 210 -11.35 33.81 -32.64
N LEU A 211 -10.38 33.41 -33.46
CA LEU A 211 -9.91 34.34 -34.49
C LEU A 211 -10.98 34.53 -35.55
N VAL A 212 -11.82 33.53 -35.75
CA VAL A 212 -12.91 33.65 -36.71
C VAL A 212 -13.98 34.55 -36.07
N ASN A 213 -14.16 34.43 -34.76
CA ASN A 213 -15.13 35.27 -34.05
C ASN A 213 -14.67 36.73 -34.16
N ALA A 214 -13.36 36.96 -34.01
CA ALA A 214 -12.79 38.30 -34.07
C ALA A 214 -13.11 38.97 -35.41
N HIS A 215 -12.87 38.25 -36.50
CA HIS A 215 -13.13 38.78 -37.83
C HIS A 215 -14.61 39.12 -38.02
N ALA A 216 -15.48 38.20 -37.64
CA ALA A 216 -16.91 38.39 -37.79
C ALA A 216 -17.41 39.59 -36.99
N CYS A 217 -16.90 39.74 -35.76
CA CYS A 217 -17.33 40.85 -34.92
C CYS A 217 -16.91 42.21 -35.46
N ARG A 218 -15.81 42.24 -36.22
CA ARG A 218 -15.36 43.51 -36.79
C ARG A 218 -16.39 43.95 -37.84
N HIS A 219 -16.80 43.01 -38.69
CA HIS A 219 -17.78 43.33 -39.71
C HIS A 219 -19.13 43.65 -39.09
N LEU A 220 -19.60 42.82 -38.16
CA LEU A 220 -20.88 43.09 -37.52
C LEU A 220 -20.84 44.42 -36.79
N GLY A 221 -19.68 44.75 -36.20
CA GLY A 221 -19.56 46.02 -35.52
C GLY A 221 -19.77 47.17 -36.50
N ASN A 222 -19.24 47.01 -37.71
CA ASN A 222 -19.38 48.04 -38.74
C ASN A 222 -20.84 48.16 -39.18
N TRP A 223 -21.54 47.04 -39.25
CA TRP A 223 -22.95 47.08 -39.62
C TRP A 223 -23.77 47.73 -38.52
N ALA A 224 -23.42 47.46 -37.27
CA ALA A 224 -24.14 48.04 -36.14
C ALA A 224 -24.05 49.57 -36.18
N VAL A 225 -22.88 50.06 -36.58
CA VAL A 225 -22.66 51.50 -36.68
C VAL A 225 -23.45 52.05 -37.87
N ALA A 226 -23.28 51.42 -39.02
CA ALA A 226 -23.96 51.85 -40.25
C ALA A 226 -25.48 51.88 -40.10
N LEU A 227 -26.03 50.84 -39.47
CA LEU A 227 -27.48 50.76 -39.30
C LEU A 227 -27.99 51.74 -38.25
N THR A 228 -27.17 52.04 -37.24
CA THR A 228 -27.57 53.00 -36.22
C THR A 228 -27.66 54.36 -36.90
N ALA A 229 -26.71 54.63 -37.79
CA ALA A 229 -26.66 55.89 -38.52
C ALA A 229 -27.87 56.02 -39.44
N LEU A 230 -28.16 54.94 -40.18
CA LEU A 230 -29.30 54.97 -41.09
C LEU A 230 -30.60 55.15 -40.29
N LEU A 231 -30.66 54.53 -39.11
CA LEU A 231 -31.83 54.64 -38.24
C LEU A 231 -32.06 56.12 -37.91
N ALA A 232 -30.98 56.83 -37.64
CA ALA A 232 -31.07 58.25 -37.32
C ALA A 232 -31.64 59.05 -38.50
N GLU A 233 -31.34 58.60 -39.71
CA GLU A 233 -31.83 59.28 -40.89
C GLU A 233 -33.30 58.96 -41.15
N CYS A 234 -33.80 57.87 -40.58
CA CYS A 234 -35.18 57.46 -40.75
C CYS A 234 -36.09 58.02 -39.65
N LEU A 235 -35.49 58.46 -38.55
CA LEU A 235 -36.25 58.99 -37.42
C LEU A 235 -35.88 60.41 -37.03
N ARG A 236 -35.19 61.11 -37.92
CA ARG A 236 -34.77 62.49 -37.64
C ARG A 236 -33.93 62.54 -36.36
N GLY A 237 -32.97 61.63 -36.25
CA GLY A 237 -32.12 61.58 -35.09
C GLY A 237 -31.25 62.81 -34.91
N ARG A 238 -30.94 63.13 -33.66
CA ARG A 238 -30.10 64.29 -33.34
C ARG A 238 -28.63 63.90 -33.30
N THR A 239 -27.82 64.60 -34.07
CA THR A 239 -26.39 64.31 -34.12
C THR A 239 -25.58 64.90 -32.97
N GLU A 240 -26.15 65.82 -32.21
CA GLU A 240 -25.38 66.42 -31.13
C GLU A 240 -24.98 65.38 -30.07
N ALA A 241 -25.76 64.32 -29.91
CA ALA A 241 -25.44 63.29 -28.94
C ALA A 241 -24.17 62.54 -29.38
N TRP A 242 -23.82 62.68 -30.65
CA TRP A 242 -22.66 61.99 -31.21
C TRP A 242 -21.45 62.92 -31.39
N ALA A 243 -21.54 64.12 -30.84
CA ALA A 243 -20.47 65.11 -30.95
C ALA A 243 -19.16 64.63 -30.36
N ALA A 244 -18.05 65.04 -30.98
CA ALA A 244 -16.72 64.65 -30.52
C ALA A 244 -16.47 65.18 -29.11
N ALA A 245 -17.00 66.36 -28.81
CA ALA A 245 -16.81 66.97 -27.50
C ALA A 245 -17.26 66.06 -26.35
N LEU A 246 -18.34 65.29 -26.59
CA LEU A 246 -18.84 64.38 -25.57
C LEU A 246 -17.87 63.23 -25.35
N SER A 247 -17.32 62.72 -26.44
CA SER A 247 -16.36 61.62 -26.37
C SER A 247 -15.15 62.05 -25.56
N ASP A 248 -14.68 63.27 -25.82
CA ASP A 248 -13.51 63.79 -25.12
C ASP A 248 -13.73 63.88 -23.62
N LEU A 249 -14.97 64.11 -23.19
CA LEU A 249 -15.28 64.22 -21.77
C LEU A 249 -15.29 62.86 -21.07
N ARG A 250 -15.48 61.79 -21.84
CA ARG A 250 -15.50 60.42 -21.32
C ARG A 250 -14.69 59.63 -22.36
N PRO A 251 -13.37 59.82 -22.36
CA PRO A 251 -12.37 59.21 -23.25
C PRO A 251 -12.16 57.71 -23.42
N HIS A 252 -13.22 56.90 -23.40
CA HIS A 252 -13.06 55.47 -23.64
C HIS A 252 -12.77 55.36 -25.14
N PRO A 253 -11.67 54.68 -25.52
CA PRO A 253 -11.32 54.54 -26.94
C PRO A 253 -12.46 54.06 -27.82
N GLY A 254 -13.12 52.97 -27.40
CA GLY A 254 -14.21 52.42 -28.17
C GLY A 254 -15.34 53.41 -28.41
N GLN A 255 -15.64 54.22 -27.41
CA GLN A 255 -16.71 55.21 -27.52
C GLN A 255 -16.30 56.32 -28.48
N LYS A 256 -15.07 56.81 -28.34
CA LYS A 256 -14.57 57.86 -29.21
C LYS A 256 -14.65 57.42 -30.67
N ASP A 257 -14.24 56.18 -30.91
CA ASP A 257 -14.26 55.60 -32.25
C ASP A 257 -15.69 55.40 -32.77
N ALA A 258 -16.58 54.91 -31.91
CA ALA A 258 -17.96 54.68 -32.31
C ALA A 258 -18.63 56.00 -32.71
N ALA A 259 -18.41 57.04 -31.91
CA ALA A 259 -18.99 58.34 -32.17
C ALA A 259 -18.45 58.94 -33.47
N ALA A 260 -17.16 58.76 -33.72
CA ALA A 260 -16.54 59.29 -34.94
C ALA A 260 -17.07 58.56 -36.16
N ARG A 261 -17.24 57.24 -36.05
CA ARG A 261 -17.75 56.44 -37.15
C ARG A 261 -19.22 56.75 -37.44
N LEU A 262 -19.99 57.02 -36.39
CA LEU A 262 -21.40 57.36 -36.56
C LEU A 262 -21.52 58.70 -37.28
N ARG A 263 -20.70 59.67 -36.89
CA ARG A 263 -20.72 60.98 -37.52
C ARG A 263 -20.36 60.90 -39.00
N ALA A 264 -19.39 60.06 -39.34
CA ALA A 264 -18.97 59.90 -40.72
C ALA A 264 -20.07 59.27 -41.57
N ARG A 265 -20.80 58.33 -40.99
CA ARG A 265 -21.88 57.66 -41.71
C ARG A 265 -22.98 58.63 -42.14
N VAL A 266 -23.31 59.59 -41.28
CA VAL A 266 -24.38 60.54 -41.60
C VAL A 266 -23.87 61.85 -42.19
N ASP A 267 -22.59 61.90 -42.56
CA ASP A 267 -22.04 63.10 -43.17
C ASP A 267 -22.75 63.33 -44.49
N GLY A 268 -23.20 64.56 -44.71
CA GLY A 268 -23.91 64.87 -45.95
C GLY A 268 -25.40 64.59 -45.89
N SER A 269 -25.88 64.13 -44.74
CA SER A 269 -27.29 63.84 -44.57
C SER A 269 -28.10 65.09 -44.27
N ALA A 270 -29.31 65.17 -44.85
CA ALA A 270 -30.19 66.29 -44.63
C ALA A 270 -31.39 65.78 -43.84
N ARG A 271 -31.35 64.49 -43.49
CA ARG A 271 -32.44 63.86 -42.76
C ARG A 271 -32.23 63.82 -41.25
N VAL A 272 -31.05 64.20 -40.79
CA VAL A 272 -30.78 64.21 -39.35
C VAL A 272 -30.85 65.65 -38.84
N VAL A 273 -31.09 65.79 -37.54
CA VAL A 273 -31.16 67.09 -36.91
C VAL A 273 -29.78 67.43 -36.37
N ARG A 274 -29.19 68.52 -36.84
CA ARG A 274 -27.86 68.90 -36.40
C ARG A 274 -27.83 70.08 -35.42
N HIS A 275 -28.98 70.68 -35.17
CA HIS A 275 -29.04 71.83 -34.26
C HIS A 275 -28.83 71.46 -32.80
N VAL A 276 -27.90 72.17 -32.15
CA VAL A 276 -27.63 71.95 -30.73
C VAL A 276 -28.76 72.67 -29.99
N ILE A 277 -29.58 71.94 -29.24
CA ILE A 277 -30.71 72.56 -28.56
C ILE A 277 -30.38 73.71 -27.62
N ALA A 278 -29.23 73.65 -26.95
CA ALA A 278 -28.86 74.70 -26.01
C ALA A 278 -28.64 76.07 -26.66
N GLU A 279 -28.46 76.11 -27.98
CA GLU A 279 -28.24 77.38 -28.66
C GLU A 279 -29.52 78.21 -28.66
N ARG A 280 -30.65 77.53 -28.53
CA ARG A 280 -31.95 78.18 -28.53
C ARG A 280 -32.26 78.88 -27.21
N ARG A 281 -32.69 80.14 -27.30
CA ARG A 281 -33.05 80.92 -26.12
C ARG A 281 -34.58 80.95 -26.05
N LEU A 282 -35.13 80.54 -24.92
CA LEU A 282 -36.57 80.48 -24.76
C LEU A 282 -37.20 81.76 -24.21
N ASP A 283 -38.40 82.07 -24.69
CA ASP A 283 -39.12 83.25 -24.20
C ASP A 283 -40.35 82.76 -23.43
N ALA A 284 -41.13 83.68 -22.89
CA ALA A 284 -42.32 83.33 -22.12
C ALA A 284 -43.35 82.53 -22.92
N GLY A 285 -43.50 82.87 -24.21
CA GLY A 285 -44.45 82.19 -25.06
C GLY A 285 -44.09 80.77 -25.45
N ASP A 286 -42.85 80.37 -25.19
CA ASP A 286 -42.40 79.01 -25.51
C ASP A 286 -42.75 78.00 -24.42
N ILE A 287 -42.81 78.47 -23.18
CA ILE A 287 -43.12 77.61 -22.05
C ILE A 287 -44.45 76.85 -22.31
N GLY A 288 -44.32 75.52 -22.36
CA GLY A 288 -45.46 74.65 -22.58
C GLY A 288 -45.06 73.24 -22.92
N THR A 289 -45.91 72.53 -23.66
CA THR A 289 -45.62 71.17 -24.05
C THR A 289 -45.30 71.09 -25.56
N GLU A 290 -44.04 70.80 -25.89
CA GLU A 290 -43.64 70.65 -27.28
C GLU A 290 -44.02 69.26 -27.78
N PRO A 291 -44.08 69.08 -29.11
CA PRO A 291 -44.43 67.78 -29.69
C PRO A 291 -43.47 66.67 -29.32
N GLU A 292 -42.16 66.97 -29.37
CA GLU A 292 -41.15 65.97 -29.03
C GLU A 292 -40.11 66.53 -28.05
N ALA A 293 -39.40 65.63 -27.38
CA ALA A 293 -38.39 66.03 -26.41
C ALA A 293 -37.13 66.48 -27.15
N GLY A 294 -36.27 67.20 -26.45
CA GLY A 294 -35.04 67.71 -27.04
C GLY A 294 -33.92 66.68 -27.20
N GLN A 295 -34.17 65.45 -26.75
CA GLN A 295 -33.18 64.37 -26.87
C GLN A 295 -33.85 63.09 -27.36
N ASP A 296 -33.09 62.27 -28.07
CA ASP A 296 -33.63 61.00 -28.59
C ASP A 296 -33.63 59.93 -27.51
N ALA A 297 -34.31 58.83 -27.79
CA ALA A 297 -34.35 57.70 -26.87
C ALA A 297 -32.94 57.11 -26.88
N TYR A 298 -32.62 56.32 -25.87
CA TYR A 298 -31.29 55.75 -25.74
C TYR A 298 -30.74 54.95 -26.93
N SER A 299 -31.59 54.19 -27.60
CA SER A 299 -31.14 53.40 -28.75
C SER A 299 -30.44 54.24 -29.82
N LEU A 300 -30.60 55.57 -29.71
CA LEU A 300 -29.93 56.47 -30.64
C LEU A 300 -28.94 57.35 -29.88
N ARG A 301 -29.43 58.01 -28.84
CA ARG A 301 -28.61 58.90 -28.03
C ARG A 301 -27.43 58.24 -27.32
N CYS A 302 -27.60 56.99 -26.88
CA CYS A 302 -26.53 56.30 -26.19
C CYS A 302 -25.79 55.27 -27.04
N ALA A 303 -25.94 55.37 -28.36
CA ALA A 303 -25.27 54.43 -29.26
C ALA A 303 -23.75 54.46 -29.10
N PRO A 304 -23.14 55.66 -28.98
CA PRO A 304 -21.69 55.73 -28.82
C PRO A 304 -21.21 54.95 -27.59
N GLN A 305 -21.92 55.14 -26.49
CA GLN A 305 -21.58 54.50 -25.23
C GLN A 305 -21.78 52.98 -25.24
N VAL A 306 -22.89 52.51 -25.80
CA VAL A 306 -23.16 51.07 -25.84
C VAL A 306 -22.24 50.37 -26.85
N LEU A 307 -22.18 50.91 -28.06
CA LEU A 307 -21.32 50.34 -29.09
C LEU A 307 -19.86 50.43 -28.64
N GLY A 308 -19.51 51.55 -28.02
CA GLY A 308 -18.15 51.77 -27.55
C GLY A 308 -17.67 50.74 -26.55
N ALA A 309 -18.54 50.38 -25.60
CA ALA A 309 -18.18 49.39 -24.58
C ALA A 309 -17.98 48.05 -25.26
N GLY A 310 -18.78 47.79 -26.30
CA GLY A 310 -18.65 46.54 -27.02
C GLY A 310 -17.33 46.52 -27.78
N PHE A 311 -16.99 47.65 -28.41
CA PHE A 311 -15.75 47.74 -29.17
C PHE A 311 -14.54 47.62 -28.25
N ASP A 312 -14.64 48.17 -27.04
CA ASP A 312 -13.52 48.08 -26.11
C ASP A 312 -13.35 46.64 -25.65
N THR A 313 -14.46 45.91 -25.56
CA THR A 313 -14.39 44.51 -25.16
C THR A 313 -13.71 43.73 -26.28
N LEU A 314 -14.11 44.00 -27.51
CA LEU A 314 -13.52 43.30 -28.66
C LEU A 314 -12.03 43.61 -28.74
N ALA A 315 -11.65 44.85 -28.46
CA ALA A 315 -10.24 45.26 -28.50
C ALA A 315 -9.44 44.43 -27.48
N TRP A 316 -9.98 44.27 -26.28
CA TRP A 316 -9.30 43.49 -25.25
C TRP A 316 -9.17 42.05 -25.74
N HIS A 317 -10.29 41.49 -26.21
CA HIS A 317 -10.32 40.13 -26.74
C HIS A 317 -9.24 39.94 -27.81
N ASP A 318 -9.11 40.89 -28.73
CA ASP A 318 -8.12 40.79 -29.79
C ASP A 318 -6.68 40.90 -29.31
N ARG A 319 -6.42 41.74 -28.29
CA ARG A 319 -5.06 41.86 -27.76
C ARG A 319 -4.64 40.52 -27.16
N VAL A 320 -5.51 39.92 -26.36
CA VAL A 320 -5.22 38.63 -25.74
C VAL A 320 -5.09 37.54 -26.80
N LEU A 321 -6.00 37.53 -27.76
CA LEU A 321 -5.95 36.51 -28.80
C LEU A 321 -4.68 36.61 -29.64
N THR A 322 -4.27 37.83 -29.94
CA THR A 322 -3.06 38.03 -30.73
C THR A 322 -1.87 37.40 -30.02
N ILE A 323 -1.80 37.56 -28.70
CA ILE A 323 -0.71 36.97 -27.93
C ILE A 323 -0.82 35.44 -27.97
N GLU A 324 -2.03 34.93 -27.76
CA GLU A 324 -2.26 33.49 -27.78
C GLU A 324 -1.91 32.84 -29.11
N LEU A 325 -2.36 33.45 -30.21
CA LEU A 325 -2.09 32.93 -31.54
C LEU A 325 -0.61 32.81 -31.88
N ASN A 326 0.18 33.78 -31.44
CA ASN A 326 1.60 33.81 -31.72
C ASN A 326 2.47 33.21 -30.62
N ALA A 327 1.83 32.55 -29.67
CA ALA A 327 2.56 31.93 -28.56
C ALA A 327 2.74 30.44 -28.77
N VAL A 328 3.53 29.82 -27.89
CA VAL A 328 3.74 28.39 -27.93
C VAL A 328 2.92 27.89 -26.75
N THR A 329 1.85 27.16 -27.02
CA THR A 329 0.99 26.64 -25.95
C THR A 329 1.21 25.14 -25.74
N ASP A 330 2.31 24.63 -26.27
CA ASP A 330 2.66 23.22 -26.16
C ASP A 330 3.19 22.81 -24.79
N ASN A 331 3.14 21.50 -24.56
CA ASN A 331 3.70 20.87 -23.38
C ASN A 331 4.00 19.43 -23.76
N PRO A 332 5.27 19.01 -23.61
CA PRO A 332 6.38 19.82 -23.12
C PRO A 332 6.92 20.70 -24.24
N VAL A 333 7.93 21.50 -23.93
CA VAL A 333 8.55 22.37 -24.92
C VAL A 333 10.06 22.18 -24.88
N PHE A 334 10.72 22.46 -25.99
CA PHE A 334 12.17 22.30 -26.08
C PHE A 334 12.79 23.68 -26.30
N PRO A 335 13.26 24.32 -25.22
CA PRO A 335 13.89 25.64 -25.22
C PRO A 335 14.91 25.85 -26.32
N PRO A 336 14.63 26.80 -27.23
CA PRO A 336 15.52 27.13 -28.35
C PRO A 336 16.92 27.55 -27.90
N ASP A 337 17.02 28.14 -26.71
CA ASP A 337 18.31 28.58 -26.20
C ASP A 337 19.16 27.41 -25.68
N GLY A 338 18.57 26.23 -25.64
CA GLY A 338 19.29 25.04 -25.19
C GLY A 338 19.66 25.03 -23.71
N SER A 339 19.01 25.88 -22.92
CA SER A 339 19.29 25.96 -21.49
C SER A 339 19.05 24.60 -20.79
N VAL A 340 17.93 23.97 -21.11
CA VAL A 340 17.58 22.67 -20.57
C VAL A 340 16.99 21.85 -21.72
N PRO A 341 17.07 20.51 -21.65
CA PRO A 341 16.53 19.66 -22.71
C PRO A 341 15.05 19.92 -23.02
N ALA A 342 14.27 20.13 -21.97
CA ALA A 342 12.84 20.39 -22.14
C ALA A 342 12.23 20.95 -20.87
N LEU A 343 11.10 21.61 -21.00
CA LEU A 343 10.39 22.18 -19.86
C LEU A 343 8.98 21.60 -19.81
N HIS A 344 8.48 21.35 -18.60
CA HIS A 344 7.14 20.82 -18.41
C HIS A 344 6.31 21.81 -17.60
N GLY A 345 5.13 22.14 -18.12
CA GLY A 345 4.26 23.08 -17.43
C GLY A 345 2.84 22.97 -17.95
N GLY A 346 2.10 24.08 -17.93
CA GLY A 346 0.73 24.04 -18.40
C GLY A 346 0.33 25.15 -19.35
N ASN A 347 1.18 25.45 -20.34
CA ASN A 347 0.85 26.51 -21.28
C ASN A 347 -0.33 26.15 -22.19
N PHE A 348 -0.83 24.94 -22.03
CA PHE A 348 -1.97 24.48 -22.81
C PHE A 348 -3.29 24.88 -22.14
N MET A 349 -3.22 25.41 -20.92
CA MET A 349 -4.42 25.81 -20.19
C MET A 349 -5.01 27.04 -20.88
N GLY A 350 -6.14 26.86 -21.56
CA GLY A 350 -6.74 27.96 -22.30
C GLY A 350 -7.61 28.93 -21.53
N GLN A 351 -7.18 29.34 -20.33
CA GLN A 351 -7.99 30.26 -19.54
C GLN A 351 -8.11 31.64 -20.17
N HIS A 352 -7.09 32.09 -20.88
CA HIS A 352 -7.16 33.42 -21.51
C HIS A 352 -8.23 33.48 -22.58
N VAL A 353 -8.25 32.50 -23.48
CA VAL A 353 -9.26 32.49 -24.53
C VAL A 353 -10.65 32.25 -23.91
N ALA A 354 -10.70 31.47 -22.83
CA ALA A 354 -11.98 31.19 -22.18
C ALA A 354 -12.63 32.47 -21.63
N LEU A 355 -11.87 33.25 -20.88
CA LEU A 355 -12.38 34.47 -20.28
C LEU A 355 -12.69 35.57 -21.30
N THR A 356 -11.86 35.70 -22.33
CA THR A 356 -12.11 36.74 -23.33
C THR A 356 -13.30 36.34 -24.20
N SER A 357 -13.44 35.05 -24.50
CA SER A 357 -14.57 34.59 -25.30
C SER A 357 -15.86 34.85 -24.52
N ASP A 358 -15.84 34.56 -23.22
CA ASP A 358 -17.02 34.79 -22.39
C ASP A 358 -17.36 36.28 -22.30
N ALA A 359 -16.33 37.12 -22.18
CA ALA A 359 -16.54 38.57 -22.11
C ALA A 359 -17.09 39.09 -23.43
N LEU A 360 -16.55 38.60 -24.54
CA LEU A 360 -17.03 39.02 -25.84
C LEU A 360 -18.47 38.56 -26.06
N ALA A 361 -18.78 37.34 -25.63
CA ALA A 361 -20.13 36.80 -25.76
C ALA A 361 -21.13 37.72 -25.08
N THR A 362 -20.76 38.25 -23.90
CA THR A 362 -21.64 39.15 -23.17
C THR A 362 -21.82 40.44 -23.97
N ALA A 363 -20.73 40.98 -24.50
CA ALA A 363 -20.79 42.20 -25.29
C ALA A 363 -21.64 42.03 -26.54
N VAL A 364 -21.52 40.88 -27.20
CA VAL A 364 -22.29 40.61 -28.40
C VAL A 364 -23.78 40.57 -28.06
N THR A 365 -24.12 39.95 -26.93
CA THR A 365 -25.52 39.86 -26.52
C THR A 365 -26.07 41.26 -26.23
N VAL A 366 -25.25 42.11 -25.62
CA VAL A 366 -25.66 43.47 -25.31
C VAL A 366 -25.89 44.28 -26.58
N LEU A 367 -24.96 44.17 -27.54
CA LEU A 367 -25.09 44.89 -28.80
C LEU A 367 -26.24 44.35 -29.63
N ALA A 368 -26.50 43.06 -29.54
CA ALA A 368 -27.61 42.47 -30.28
C ALA A 368 -28.89 43.03 -29.67
N GLY A 369 -28.86 43.26 -28.36
CA GLY A 369 -30.01 43.83 -27.68
C GLY A 369 -30.31 45.22 -28.20
N LEU A 370 -29.26 45.99 -28.44
CA LEU A 370 -29.43 47.35 -28.98
C LEU A 370 -30.11 47.26 -30.34
N ALA A 371 -29.59 46.41 -31.21
CA ALA A 371 -30.15 46.24 -32.55
C ALA A 371 -31.60 45.80 -32.48
N GLU A 372 -31.90 44.90 -31.55
CA GLU A 372 -33.27 44.41 -31.41
C GLU A 372 -34.23 45.53 -30.99
N ARG A 373 -33.77 46.38 -30.09
CA ARG A 373 -34.60 47.51 -29.64
C ARG A 373 -34.73 48.56 -30.73
N GLN A 374 -33.73 48.65 -31.61
CA GLN A 374 -33.81 49.62 -32.69
C GLN A 374 -34.88 49.15 -33.67
N ILE A 375 -34.97 47.84 -33.86
CA ILE A 375 -35.98 47.27 -34.74
C ILE A 375 -37.35 47.49 -34.10
N ALA A 376 -37.44 47.27 -32.81
CA ALA A 376 -38.69 47.43 -32.07
C ALA A 376 -39.22 48.86 -32.12
N ARG A 377 -38.31 49.83 -32.10
CA ARG A 377 -38.69 51.23 -32.15
C ARG A 377 -39.10 51.66 -33.56
N LEU A 378 -38.32 51.22 -34.54
CA LEU A 378 -38.57 51.55 -35.94
C LEU A 378 -39.87 51.00 -36.51
N THR A 379 -40.31 49.85 -36.02
CA THR A 379 -41.53 49.23 -36.50
C THR A 379 -42.79 49.59 -35.73
N ASP A 380 -42.64 50.28 -34.61
CA ASP A 380 -43.77 50.68 -33.77
C ASP A 380 -44.35 52.01 -34.24
N GLU A 381 -45.57 51.98 -34.78
CA GLU A 381 -46.20 53.20 -35.29
C GLU A 381 -46.33 54.32 -34.25
N ARG A 382 -46.29 53.96 -32.97
CA ARG A 382 -46.40 54.95 -31.92
C ARG A 382 -45.06 55.61 -31.62
N LEU A 383 -43.97 54.98 -32.07
CA LEU A 383 -42.64 55.51 -31.81
C LEU A 383 -41.83 55.88 -33.05
N ASN A 384 -42.21 55.37 -34.22
CA ASN A 384 -41.44 55.64 -35.43
C ASN A 384 -41.70 56.95 -36.15
N ARG A 385 -42.32 57.90 -35.45
CA ARG A 385 -42.60 59.23 -35.99
C ARG A 385 -43.22 59.33 -37.38
N GLY A 386 -44.38 58.72 -37.57
CA GLY A 386 -45.06 58.82 -38.85
C GLY A 386 -44.91 57.70 -39.87
N LEU A 387 -44.02 56.73 -39.61
CA LEU A 387 -43.85 55.63 -40.54
C LEU A 387 -44.96 54.61 -40.37
N PRO A 388 -45.28 53.86 -41.44
CA PRO A 388 -46.33 52.85 -41.35
C PRO A 388 -46.00 51.80 -40.29
N PRO A 389 -47.03 51.24 -39.64
CA PRO A 389 -46.78 50.22 -38.62
C PRO A 389 -46.08 49.03 -39.26
N PHE A 390 -44.93 48.65 -38.70
CA PHE A 390 -44.15 47.53 -39.19
C PHE A 390 -43.67 47.73 -40.62
N LEU A 391 -43.57 49.00 -41.00
CA LEU A 391 -43.08 49.41 -42.32
C LEU A 391 -43.72 48.71 -43.50
N HIS A 392 -45.00 48.38 -43.37
CA HIS A 392 -45.69 47.69 -44.46
C HIS A 392 -45.99 48.64 -45.61
N ARG A 393 -46.31 48.05 -46.76
CA ARG A 393 -46.71 48.80 -47.94
C ARG A 393 -48.01 48.12 -48.32
N GLY A 394 -48.81 48.76 -49.17
CA GLY A 394 -50.09 48.18 -49.52
C GLY A 394 -51.08 48.54 -48.42
N PRO A 395 -52.34 48.09 -48.49
CA PRO A 395 -53.32 48.40 -47.45
C PRO A 395 -52.94 47.89 -46.06
N ALA A 396 -53.10 48.73 -45.05
CA ALA A 396 -52.78 48.36 -43.68
C ALA A 396 -53.73 47.27 -43.17
N GLY A 397 -53.21 46.37 -42.34
CA GLY A 397 -54.04 45.29 -41.82
C GLY A 397 -54.01 44.14 -42.79
N LEU A 398 -54.34 44.41 -44.05
CA LEU A 398 -54.30 43.38 -45.07
C LEU A 398 -52.85 42.95 -45.19
N ASN A 399 -51.95 43.92 -45.00
CA ASN A 399 -50.50 43.70 -45.06
C ASN A 399 -49.94 44.02 -43.67
N SER A 400 -48.98 43.21 -43.20
CA SER A 400 -48.39 43.43 -41.90
C SER A 400 -46.90 43.76 -41.97
N GLY A 401 -46.37 43.79 -43.20
CA GLY A 401 -44.96 44.10 -43.39
C GLY A 401 -43.96 43.23 -42.64
N PHE A 402 -43.16 43.88 -41.78
CA PHE A 402 -42.14 43.18 -41.00
C PHE A 402 -42.60 42.77 -39.61
N MET A 403 -43.91 42.71 -39.39
CA MET A 403 -44.40 42.34 -38.07
C MET A 403 -43.87 40.98 -37.61
N GLY A 404 -43.80 40.03 -38.53
CA GLY A 404 -43.29 38.71 -38.17
C GLY A 404 -41.80 38.76 -37.91
N ALA A 405 -41.06 39.38 -38.83
CA ALA A 405 -39.62 39.51 -38.70
C ALA A 405 -39.21 40.18 -37.40
N GLN A 406 -40.00 41.15 -36.94
CA GLN A 406 -39.70 41.88 -35.71
C GLN A 406 -39.74 40.95 -34.50
N VAL A 407 -40.74 40.07 -34.45
CA VAL A 407 -40.85 39.12 -33.35
C VAL A 407 -39.71 38.11 -33.45
N THR A 408 -39.36 37.72 -34.69
CA THR A 408 -38.29 36.76 -34.87
C THR A 408 -37.00 37.33 -34.28
N ALA A 409 -36.76 38.61 -34.50
CA ALA A 409 -35.56 39.25 -33.96
C ALA A 409 -35.57 39.14 -32.44
N THR A 410 -36.74 39.33 -31.83
CA THR A 410 -36.86 39.23 -30.39
C THR A 410 -36.57 37.80 -29.92
N ALA A 411 -37.09 36.83 -30.66
CA ALA A 411 -36.88 35.41 -30.32
C ALA A 411 -35.41 35.02 -30.38
N LEU A 412 -34.71 35.53 -31.39
CA LEU A 412 -33.28 35.24 -31.55
C LEU A 412 -32.52 35.79 -30.36
N LEU A 413 -32.85 37.02 -29.96
CA LEU A 413 -32.20 37.67 -28.82
C LEU A 413 -32.45 36.91 -27.53
N ALA A 414 -33.71 36.52 -27.31
CA ALA A 414 -34.06 35.80 -26.09
C ALA A 414 -33.26 34.52 -25.97
N GLU A 415 -33.08 33.83 -27.09
CA GLU A 415 -32.31 32.58 -27.10
C GLU A 415 -30.84 32.86 -26.76
N MET A 416 -30.32 33.97 -27.24
CA MET A 416 -28.92 34.34 -26.96
C MET A 416 -28.72 34.49 -25.45
N ARG A 417 -29.67 35.16 -24.81
CA ARG A 417 -29.61 35.41 -23.37
C ARG A 417 -29.65 34.17 -22.49
N ALA A 418 -30.22 33.09 -23.01
CA ALA A 418 -30.34 31.84 -22.23
C ALA A 418 -29.01 31.14 -21.94
N THR A 419 -27.98 31.49 -22.70
CA THR A 419 -26.67 30.87 -22.51
C THR A 419 -25.68 31.86 -21.91
N GLY A 420 -25.05 31.45 -20.79
CA GLY A 420 -24.09 32.32 -20.13
C GLY A 420 -22.64 31.93 -20.34
N PRO A 421 -21.71 32.47 -19.53
CA PRO A 421 -20.27 32.18 -19.65
C PRO A 421 -19.99 30.69 -19.48
N ALA A 422 -19.03 30.18 -20.24
CA ALA A 422 -18.66 28.77 -20.15
C ALA A 422 -17.61 28.50 -19.08
N SER A 423 -16.72 29.47 -18.89
CA SER A 423 -15.59 29.37 -17.96
C SER A 423 -15.88 28.99 -16.52
N ILE A 424 -17.04 29.38 -16.00
CA ILE A 424 -17.37 29.12 -14.61
C ILE A 424 -17.76 27.68 -14.29
N HIS A 425 -17.78 26.82 -15.31
CA HIS A 425 -18.22 25.44 -15.09
C HIS A 425 -17.13 24.39 -15.03
N SER A 426 -15.95 24.77 -14.55
CA SER A 426 -14.85 23.82 -14.43
C SER A 426 -15.25 22.67 -13.52
N ILE A 427 -14.90 21.46 -13.94
CA ILE A 427 -15.19 20.24 -13.19
C ILE A 427 -13.92 19.41 -13.16
N SER A 428 -13.53 18.95 -11.98
CA SER A 428 -12.33 18.13 -11.82
C SER A 428 -12.49 16.85 -12.63
N THR A 429 -11.52 16.55 -13.49
CA THR A 429 -11.62 15.36 -14.33
C THR A 429 -10.26 14.69 -14.53
N ASN A 430 -10.21 13.66 -15.37
CA ASN A 430 -8.96 12.93 -15.62
C ASN A 430 -8.40 12.37 -14.30
N ALA A 431 -9.25 11.68 -13.56
CA ALA A 431 -8.86 11.10 -12.26
C ALA A 431 -8.28 12.18 -11.36
N ALA A 432 -8.88 13.37 -11.43
CA ALA A 432 -8.47 14.51 -10.62
C ALA A 432 -7.13 15.15 -11.02
N ASN A 433 -6.52 14.65 -12.09
CA ASN A 433 -5.26 15.24 -12.57
C ASN A 433 -5.58 16.62 -13.13
N GLN A 434 -6.66 16.70 -13.91
CA GLN A 434 -7.10 17.97 -14.47
C GLN A 434 -8.16 18.48 -13.49
N ASP A 435 -7.73 18.88 -12.29
CA ASP A 435 -8.71 19.34 -11.31
C ASP A 435 -9.33 20.70 -11.61
N VAL A 436 -8.77 21.41 -12.56
CA VAL A 436 -9.31 22.68 -13.04
C VAL A 436 -9.09 22.68 -14.56
N VAL A 437 -10.12 23.07 -15.31
CA VAL A 437 -10.04 23.11 -16.76
C VAL A 437 -10.62 24.45 -17.24
N SER A 438 -10.14 24.92 -18.38
CA SER A 438 -10.57 26.23 -18.89
C SER A 438 -11.90 26.27 -19.61
N LEU A 439 -12.21 25.21 -20.37
CA LEU A 439 -13.44 25.16 -21.15
C LEU A 439 -13.41 26.27 -22.21
N GLY A 440 -12.21 26.67 -22.61
CA GLY A 440 -12.05 27.73 -23.59
C GLY A 440 -12.66 27.48 -24.96
N THR A 441 -12.60 26.22 -25.41
CA THR A 441 -13.14 25.86 -26.71
C THR A 441 -14.64 26.03 -26.70
N ILE A 442 -15.26 25.59 -25.62
CA ILE A 442 -16.70 25.70 -25.46
C ILE A 442 -17.07 27.18 -25.40
N ALA A 443 -16.30 27.96 -24.64
CA ALA A 443 -16.57 29.39 -24.52
C ALA A 443 -16.50 30.06 -25.90
N ALA A 444 -15.49 29.71 -26.69
CA ALA A 444 -15.33 30.28 -28.03
C ALA A 444 -16.49 29.88 -28.93
N ARG A 445 -16.94 28.64 -28.79
CA ARG A 445 -18.06 28.14 -29.59
C ARG A 445 -19.38 28.81 -29.21
N LEU A 446 -19.59 29.02 -27.92
CA LEU A 446 -20.82 29.67 -27.47
C LEU A 446 -20.84 31.12 -27.95
N CYS A 447 -19.67 31.75 -27.96
CA CYS A 447 -19.57 33.12 -28.42
C CYS A 447 -19.91 33.18 -29.91
N ARG A 448 -19.46 32.17 -30.66
CA ARG A 448 -19.73 32.08 -32.08
C ARG A 448 -21.22 31.99 -32.39
N GLU A 449 -21.94 31.17 -31.62
CA GLU A 449 -23.37 31.02 -31.83
C GLU A 449 -24.07 32.35 -31.60
N LYS A 450 -23.60 33.11 -30.62
CA LYS A 450 -24.19 34.40 -30.33
C LYS A 450 -23.90 35.37 -31.48
N ILE A 451 -22.68 35.28 -32.03
CA ILE A 451 -22.32 36.13 -33.15
C ILE A 451 -23.24 35.82 -34.33
N ASP A 452 -23.56 34.54 -34.52
CA ASP A 452 -24.44 34.15 -35.62
C ASP A 452 -25.84 34.75 -35.43
N ARG A 453 -26.33 34.74 -34.19
CA ARG A 453 -27.65 35.28 -33.88
C ARG A 453 -27.64 36.81 -34.08
N TRP A 454 -26.56 37.45 -33.68
CA TRP A 454 -26.43 38.90 -33.81
C TRP A 454 -26.51 39.28 -35.29
N ALA A 455 -25.87 38.50 -36.15
CA ALA A 455 -25.87 38.75 -37.59
C ALA A 455 -27.29 38.68 -38.15
N GLU A 456 -28.07 37.71 -37.67
CA GLU A 456 -29.44 37.56 -38.13
C GLU A 456 -30.30 38.75 -37.71
N ILE A 457 -30.10 39.20 -36.47
CA ILE A 457 -30.84 40.34 -35.95
C ILE A 457 -30.48 41.59 -36.75
N LEU A 458 -29.19 41.78 -37.03
CA LEU A 458 -28.74 42.94 -37.79
C LEU A 458 -29.32 42.87 -39.21
N ALA A 459 -29.40 41.66 -39.76
CA ALA A 459 -29.94 41.47 -41.10
C ALA A 459 -31.40 41.97 -41.15
N ILE A 460 -32.18 41.62 -40.14
CA ILE A 460 -33.57 42.04 -40.06
C ILE A 460 -33.61 43.57 -39.99
N LEU A 461 -32.78 44.15 -39.12
CA LEU A 461 -32.73 45.60 -38.98
C LEU A 461 -32.36 46.26 -40.31
N ALA A 462 -31.42 45.66 -41.05
CA ALA A 462 -30.99 46.20 -42.34
C ALA A 462 -32.13 46.21 -43.34
N LEU A 463 -32.88 45.10 -43.40
CA LEU A 463 -34.01 45.00 -44.31
C LEU A 463 -35.07 46.02 -43.92
N CYS A 464 -35.30 46.17 -42.62
CA CYS A 464 -36.27 47.14 -42.13
C CYS A 464 -35.88 48.56 -42.51
N LEU A 465 -34.60 48.89 -42.32
CA LEU A 465 -34.10 50.23 -42.63
C LEU A 465 -34.16 50.57 -44.11
N ALA A 466 -33.93 49.59 -44.97
CA ALA A 466 -33.99 49.82 -46.41
C ALA A 466 -35.42 50.22 -46.79
N GLN A 467 -36.39 49.52 -46.20
CA GLN A 467 -37.80 49.82 -46.45
C GLN A 467 -38.15 51.17 -45.84
N ALA A 468 -37.75 51.38 -44.59
CA ALA A 468 -38.03 52.62 -43.87
C ALA A 468 -37.45 53.85 -44.56
N ALA A 469 -36.26 53.72 -45.14
CA ALA A 469 -35.62 54.83 -45.82
C ALA A 469 -36.40 55.24 -47.06
N GLU A 470 -36.89 54.26 -47.81
CA GLU A 470 -37.65 54.55 -49.03
C GLU A 470 -39.04 55.09 -48.67
N LEU A 471 -39.61 54.61 -47.57
CA LEU A 471 -40.91 55.08 -47.13
C LEU A 471 -40.82 56.53 -46.66
N ARG A 472 -39.74 56.85 -45.97
CA ARG A 472 -39.52 58.19 -45.45
C ARG A 472 -39.04 59.18 -46.52
N CYS A 473 -38.04 58.78 -47.30
CA CYS A 473 -37.45 59.67 -48.29
C CYS A 473 -37.76 59.37 -49.75
N GLY A 474 -38.67 58.43 -49.99
CA GLY A 474 -39.00 58.09 -51.37
C GLY A 474 -37.96 57.15 -51.94
N SER A 475 -38.28 56.52 -53.07
CA SER A 475 -37.38 55.58 -53.71
C SER A 475 -36.04 56.25 -54.08
N GLY A 476 -36.08 57.56 -54.29
CA GLY A 476 -34.87 58.28 -54.64
C GLY A 476 -33.97 58.56 -53.45
N LEU A 477 -34.47 58.30 -52.25
CA LEU A 477 -33.71 58.52 -51.01
C LEU A 477 -33.25 59.97 -50.87
N ASP A 478 -34.17 60.90 -51.09
CA ASP A 478 -33.86 62.32 -51.00
C ASP A 478 -33.46 62.75 -49.58
N GLY A 479 -32.31 63.40 -49.48
CA GLY A 479 -31.83 63.87 -48.19
C GLY A 479 -30.96 62.88 -47.46
N VAL A 480 -30.92 61.65 -47.94
CA VAL A 480 -30.13 60.59 -47.32
C VAL A 480 -28.63 60.75 -47.63
N SER A 481 -27.80 60.62 -46.60
CA SER A 481 -26.36 60.74 -46.75
C SER A 481 -25.83 59.82 -47.85
N PRO A 482 -24.67 60.15 -48.43
CA PRO A 482 -24.09 59.32 -49.49
C PRO A 482 -23.82 57.89 -49.03
N ALA A 483 -23.35 57.74 -47.78
CA ALA A 483 -23.07 56.43 -47.23
C ALA A 483 -24.38 55.66 -47.10
N GLY A 484 -25.42 56.33 -46.60
CA GLY A 484 -26.71 55.71 -46.44
C GLY A 484 -27.27 55.24 -47.77
N LYS A 485 -27.17 56.09 -48.79
CA LYS A 485 -27.68 55.77 -50.12
C LYS A 485 -26.97 54.54 -50.67
N LYS A 486 -25.65 54.52 -50.55
CA LYS A 486 -24.86 53.40 -51.05
C LYS A 486 -25.26 52.08 -50.40
N LEU A 487 -25.50 52.11 -49.10
CA LEU A 487 -25.88 50.91 -48.36
C LEU A 487 -27.24 50.38 -48.84
N VAL A 488 -28.24 51.26 -48.90
CA VAL A 488 -29.57 50.86 -49.34
C VAL A 488 -29.53 50.35 -50.78
N GLN A 489 -28.86 51.09 -51.65
CA GLN A 489 -28.75 50.68 -53.05
C GLN A 489 -28.05 49.33 -53.18
N ALA A 490 -27.04 49.10 -52.35
CA ALA A 490 -26.31 47.84 -52.39
C ALA A 490 -27.24 46.69 -51.98
N LEU A 491 -28.07 46.93 -50.96
CA LEU A 491 -29.00 45.93 -50.48
C LEU A 491 -30.09 45.64 -51.52
N ARG A 492 -30.61 46.70 -52.13
CA ARG A 492 -31.66 46.58 -53.14
C ARG A 492 -31.23 45.81 -54.37
N GLU A 493 -29.92 45.60 -54.52
CA GLU A 493 -29.44 44.86 -55.68
C GLU A 493 -29.79 43.38 -55.53
N GLN A 494 -29.91 42.92 -54.29
CA GLN A 494 -30.22 41.52 -54.04
C GLN A 494 -31.53 41.30 -53.26
N PHE A 495 -32.01 42.34 -52.57
CA PHE A 495 -33.23 42.24 -51.78
C PHE A 495 -34.25 43.30 -52.19
N PRO A 496 -35.31 42.88 -52.91
CA PRO A 496 -36.37 43.78 -53.39
C PRO A 496 -37.18 44.40 -52.27
N PRO A 497 -37.84 45.54 -52.56
CA PRO A 497 -38.66 46.22 -51.55
C PRO A 497 -39.79 45.29 -51.15
N LEU A 498 -40.37 45.52 -49.97
CA LEU A 498 -41.50 44.72 -49.53
C LEU A 498 -42.76 45.51 -49.90
N GLU A 499 -43.24 45.31 -51.11
CA GLU A 499 -44.44 46.01 -51.59
C GLU A 499 -45.68 45.28 -51.10
N THR A 500 -45.50 44.01 -50.77
CA THR A 500 -46.57 43.19 -50.26
C THR A 500 -45.92 42.09 -49.43
N ASP A 501 -46.61 41.65 -48.38
CA ASP A 501 -46.09 40.62 -47.48
C ASP A 501 -45.57 39.39 -48.23
N ARG A 502 -44.40 38.92 -47.82
CA ARG A 502 -43.81 37.73 -48.42
C ARG A 502 -42.90 37.07 -47.38
N PRO A 503 -42.59 35.78 -47.56
CA PRO A 503 -41.71 35.09 -46.61
C PRO A 503 -40.35 35.77 -46.62
N LEU A 504 -39.81 36.05 -45.44
CA LEU A 504 -38.52 36.74 -45.33
C LEU A 504 -37.41 35.89 -44.74
N GLY A 505 -37.77 34.71 -44.23
CA GLY A 505 -36.79 33.83 -43.62
C GLY A 505 -35.52 33.55 -44.41
N GLN A 506 -35.68 33.13 -45.66
CA GLN A 506 -34.52 32.84 -46.50
C GLN A 506 -33.69 34.08 -46.81
N GLU A 507 -34.34 35.23 -46.95
CA GLU A 507 -33.62 36.47 -47.22
C GLU A 507 -32.84 36.90 -45.98
N ILE A 508 -33.43 36.73 -44.81
CA ILE A 508 -32.78 37.09 -43.55
C ILE A 508 -31.49 36.28 -43.40
N ALA A 509 -31.59 34.98 -43.66
CA ALA A 509 -30.45 34.08 -43.55
C ALA A 509 -29.37 34.40 -44.57
N ALA A 510 -29.77 34.72 -45.80
CA ALA A 510 -28.81 35.04 -46.85
C ALA A 510 -28.04 36.30 -46.50
N LEU A 511 -28.75 37.31 -46.03
CA LEU A 511 -28.10 38.57 -45.68
C LEU A 511 -27.18 38.40 -44.48
N ALA A 512 -27.62 37.61 -43.49
CA ALA A 512 -26.82 37.36 -42.30
C ALA A 512 -25.44 36.80 -42.69
N THR A 513 -25.45 35.85 -43.63
CA THR A 513 -24.21 35.23 -44.09
C THR A 513 -23.29 36.30 -44.69
N HIS A 514 -23.88 37.27 -45.37
CA HIS A 514 -23.12 38.35 -45.99
C HIS A 514 -22.55 39.31 -44.95
N LEU A 515 -23.36 39.66 -43.94
CA LEU A 515 -22.93 40.58 -42.89
C LEU A 515 -21.73 40.08 -42.11
N LEU A 516 -21.62 38.76 -41.98
CA LEU A 516 -20.52 38.14 -41.25
C LEU A 516 -19.17 38.21 -41.97
N GLN A 517 -19.21 38.45 -43.28
CA GLN A 517 -17.98 38.47 -44.08
C GLN A 517 -17.61 39.77 -44.76
N GLN A 518 -18.52 40.75 -44.78
CA GLN A 518 -18.25 42.02 -45.43
C GLN A 518 -18.92 43.18 -44.72
N SER A 519 -18.24 44.32 -44.67
CA SER A 519 -18.75 45.52 -44.03
C SER A 519 -19.40 46.44 -45.06
N PRO A 520 -20.29 47.35 -44.61
CA PRO A 520 -20.96 48.28 -45.51
C PRO A 520 -20.03 49.38 -45.99
N VAL A 521 -19.50 49.22 -47.20
CA VAL A 521 -18.57 50.20 -47.76
C VAL A 521 -18.77 50.33 -49.27
N PRO B 7 -49.37 -4.84 -40.53
CA PRO B 7 -50.57 -4.47 -39.74
C PRO B 7 -50.26 -3.31 -38.79
N LYS B 8 -49.63 -2.27 -39.32
CA LYS B 8 -49.27 -1.10 -38.52
C LYS B 8 -50.38 -0.67 -37.57
N PRO B 9 -50.05 -0.49 -36.28
CA PRO B 9 -51.02 -0.09 -35.26
C PRO B 9 -51.72 1.21 -35.66
N ALA B 10 -52.95 1.40 -35.18
CA ALA B 10 -53.71 2.60 -35.51
C ALA B 10 -54.21 3.30 -34.26
N VAL B 11 -54.04 4.63 -34.24
CA VAL B 11 -54.51 5.43 -33.12
C VAL B 11 -55.76 6.15 -33.57
N GLU B 12 -56.88 5.87 -32.91
CA GLU B 12 -58.14 6.51 -33.28
C GLU B 12 -58.36 7.72 -32.39
N LEU B 13 -58.19 8.89 -32.98
CA LEU B 13 -58.34 10.14 -32.25
C LEU B 13 -59.79 10.60 -32.11
N ASP B 14 -60.22 10.78 -30.86
CA ASP B 14 -61.56 11.28 -30.58
C ASP B 14 -61.35 12.56 -29.79
N ARG B 15 -61.12 12.43 -28.48
CA ARG B 15 -60.91 13.57 -27.61
C ARG B 15 -59.52 13.55 -26.97
N HIS B 16 -59.20 12.43 -26.32
CA HIS B 16 -57.94 12.30 -25.62
C HIS B 16 -56.93 11.34 -26.25
N ILE B 17 -55.68 11.77 -26.27
CA ILE B 17 -54.60 10.96 -26.79
C ILE B 17 -53.52 11.02 -25.70
N ASP B 18 -52.93 9.89 -25.31
CA ASP B 18 -51.88 9.94 -24.30
C ASP B 18 -50.53 10.15 -24.98
N LEU B 19 -49.50 10.45 -24.20
CA LEU B 19 -48.16 10.71 -24.76
C LEU B 19 -47.55 9.59 -25.60
N ASP B 20 -47.78 8.32 -25.22
CA ASP B 20 -47.24 7.21 -25.98
C ASP B 20 -47.89 7.10 -27.36
N GLN B 21 -49.21 7.26 -27.39
CA GLN B 21 -49.94 7.21 -28.66
C GLN B 21 -49.46 8.33 -29.56
N ALA B 22 -49.33 9.52 -28.96
CA ALA B 22 -48.88 10.69 -29.69
C ALA B 22 -47.51 10.47 -30.31
N HIS B 23 -46.58 9.91 -29.54
CA HIS B 23 -45.26 9.67 -30.07
C HIS B 23 -45.27 8.54 -31.10
N ALA B 24 -46.16 7.57 -30.95
CA ALA B 24 -46.25 6.46 -31.90
C ALA B 24 -46.63 7.01 -33.28
N VAL B 25 -47.57 7.96 -33.29
CA VAL B 25 -48.01 8.57 -34.54
C VAL B 25 -46.91 9.46 -35.11
N ALA B 26 -46.35 10.31 -34.28
CA ALA B 26 -45.29 11.22 -34.69
C ALA B 26 -44.07 10.47 -35.25
N SER B 27 -43.74 9.34 -34.64
CA SER B 27 -42.58 8.56 -35.10
C SER B 27 -42.92 7.63 -36.26
N GLY B 28 -44.18 7.65 -36.69
CA GLY B 28 -44.58 6.79 -37.80
C GLY B 28 -44.78 5.34 -37.41
N GLY B 29 -44.80 5.07 -36.11
CA GLY B 29 -45.00 3.71 -35.63
C GLY B 29 -46.45 3.30 -35.71
N ALA B 30 -47.34 4.29 -35.70
CA ALA B 30 -48.77 4.03 -35.78
C ALA B 30 -49.43 5.00 -36.76
N ARG B 31 -50.50 4.54 -37.41
CA ARG B 31 -51.23 5.40 -38.33
C ARG B 31 -52.30 6.08 -37.49
N ILE B 32 -52.92 7.13 -38.02
CA ILE B 32 -53.93 7.82 -37.24
C ILE B 32 -55.24 7.96 -38.01
N VAL B 33 -56.34 7.89 -37.27
CA VAL B 33 -57.67 8.03 -37.84
C VAL B 33 -58.51 8.89 -36.94
N LEU B 34 -59.37 9.70 -37.54
CA LEU B 34 -60.24 10.56 -36.76
C LEU B 34 -61.51 9.77 -36.46
N ALA B 35 -61.84 9.62 -35.18
CA ALA B 35 -63.03 8.87 -34.79
C ALA B 35 -64.29 9.60 -35.25
N PRO B 36 -65.36 8.84 -35.56
CA PRO B 36 -66.63 9.42 -36.02
C PRO B 36 -67.15 10.58 -35.15
N PRO B 37 -67.15 10.42 -33.82
CA PRO B 37 -67.65 11.50 -32.95
C PRO B 37 -66.86 12.79 -33.17
N ALA B 38 -65.55 12.65 -33.36
CA ALA B 38 -64.69 13.81 -33.57
C ALA B 38 -64.99 14.41 -34.94
N ARG B 39 -65.21 13.54 -35.93
CA ARG B 39 -65.51 14.01 -37.27
C ARG B 39 -66.77 14.87 -37.24
N ASP B 40 -67.76 14.44 -36.46
CA ASP B 40 -69.00 15.19 -36.35
C ASP B 40 -68.83 16.50 -35.62
N ARG B 41 -68.00 16.52 -34.58
CA ARG B 41 -67.77 17.75 -33.84
C ARG B 41 -67.08 18.76 -34.75
N CYS B 42 -66.19 18.28 -35.60
CA CYS B 42 -65.47 19.17 -36.51
C CYS B 42 -66.38 19.69 -37.61
N ARG B 43 -67.25 18.84 -38.13
CA ARG B 43 -68.19 19.27 -39.16
C ARG B 43 -69.08 20.35 -38.58
N ALA B 44 -69.45 20.17 -37.31
CA ALA B 44 -70.29 21.14 -36.62
C ALA B 44 -69.57 22.47 -36.43
N SER B 45 -68.28 22.41 -36.12
CA SER B 45 -67.50 23.63 -35.93
C SER B 45 -67.25 24.33 -37.27
N GLU B 46 -67.13 23.52 -38.33
CA GLU B 46 -66.90 24.06 -39.66
C GLU B 46 -68.11 24.90 -40.05
N ALA B 47 -69.29 24.41 -39.68
CA ALA B 47 -70.54 25.09 -39.98
C ALA B 47 -70.67 26.39 -39.19
N ARG B 48 -70.13 26.40 -37.97
CA ARG B 48 -70.19 27.59 -37.14
C ARG B 48 -69.30 28.69 -37.71
N LEU B 49 -68.13 28.30 -38.21
CA LEU B 49 -67.21 29.27 -38.80
C LEU B 49 -67.92 29.91 -39.99
N GLY B 50 -68.52 29.08 -40.82
CA GLY B 50 -69.23 29.58 -41.99
C GLY B 50 -70.31 30.59 -41.62
N ALA B 51 -71.04 30.32 -40.55
CA ALA B 51 -72.08 31.22 -40.10
C ALA B 51 -71.48 32.53 -39.59
N VAL B 52 -70.43 32.41 -38.78
CA VAL B 52 -69.73 33.58 -38.24
C VAL B 52 -69.30 34.49 -39.38
N ILE B 53 -68.81 33.89 -40.46
CA ILE B 53 -68.35 34.64 -41.61
C ILE B 53 -69.51 35.28 -42.38
N ARG B 54 -70.58 34.51 -42.59
CA ARG B 54 -71.74 35.03 -43.30
C ARG B 54 -72.37 36.20 -42.55
N GLU B 55 -72.36 36.11 -41.22
CA GLU B 55 -72.96 37.14 -40.37
C GLU B 55 -72.05 38.35 -40.15
N ALA B 56 -70.85 38.30 -40.72
CA ALA B 56 -69.89 39.40 -40.60
C ALA B 56 -69.56 39.77 -39.15
N ARG B 57 -69.44 38.76 -38.29
CA ARG B 57 -69.12 38.96 -36.89
C ARG B 57 -67.72 39.54 -36.75
N HIS B 58 -67.52 40.41 -35.76
CA HIS B 58 -66.21 41.01 -35.50
C HIS B 58 -65.36 39.88 -34.89
N VAL B 59 -64.51 39.28 -35.71
CA VAL B 59 -63.65 38.18 -35.24
C VAL B 59 -62.22 38.34 -35.75
N TYR B 60 -61.27 38.19 -34.84
CA TYR B 60 -59.85 38.31 -35.17
C TYR B 60 -59.46 37.37 -36.31
N GLY B 61 -58.79 37.91 -37.33
CA GLY B 61 -58.37 37.08 -38.45
C GLY B 61 -59.41 36.82 -39.51
N LEU B 62 -60.65 37.17 -39.22
CA LEU B 62 -61.75 36.98 -40.18
C LEU B 62 -62.24 38.33 -40.69
N THR B 63 -62.16 39.34 -39.83
CA THR B 63 -62.59 40.69 -40.18
C THR B 63 -61.65 41.76 -39.63
N THR B 64 -60.51 41.34 -39.13
CA THR B 64 -59.54 42.28 -38.56
C THR B 64 -58.13 41.94 -38.99
N GLY B 65 -57.22 42.89 -38.79
CA GLY B 65 -55.82 42.67 -39.10
C GLY B 65 -55.24 41.86 -37.95
N PHE B 66 -53.94 41.65 -37.96
CA PHE B 66 -53.29 40.85 -36.92
C PHE B 66 -52.50 41.65 -35.90
N GLY B 67 -52.36 41.08 -34.70
CA GLY B 67 -51.63 41.76 -33.64
C GLY B 67 -52.22 43.13 -33.37
N PRO B 68 -51.38 44.16 -33.23
CA PRO B 68 -51.81 45.54 -32.96
C PRO B 68 -52.57 46.13 -34.15
N LEU B 69 -52.47 45.48 -35.31
CA LEU B 69 -53.18 45.95 -36.49
C LEU B 69 -54.61 45.43 -36.52
N ALA B 70 -55.03 44.81 -35.43
CA ALA B 70 -56.38 44.26 -35.34
C ALA B 70 -57.46 45.34 -35.30
N ASN B 71 -57.05 46.59 -35.10
CA ASN B 71 -58.01 47.69 -35.06
C ASN B 71 -58.34 48.10 -36.49
N ARG B 72 -57.68 47.45 -37.45
CA ARG B 72 -57.94 47.68 -38.87
C ARG B 72 -58.91 46.58 -39.28
N LEU B 73 -60.17 46.96 -39.53
CA LEU B 73 -61.16 45.98 -39.94
C LEU B 73 -60.98 45.65 -41.42
N ILE B 74 -61.33 44.43 -41.81
CA ILE B 74 -61.17 43.97 -43.17
C ILE B 74 -62.51 43.54 -43.80
N SER B 75 -62.74 43.98 -45.03
CA SER B 75 -63.98 43.64 -45.73
C SER B 75 -63.95 42.16 -46.13
N GLY B 76 -65.10 41.50 -46.03
CA GLY B 76 -65.18 40.08 -46.37
C GLY B 76 -64.53 39.68 -47.67
N GLU B 77 -64.64 40.55 -48.68
CA GLU B 77 -64.07 40.29 -49.99
C GLU B 77 -62.55 40.13 -49.99
N ASN B 78 -61.88 40.61 -48.92
CA ASN B 78 -60.42 40.52 -48.86
C ASN B 78 -59.83 39.58 -47.83
N VAL B 79 -60.67 38.72 -47.26
CA VAL B 79 -60.21 37.79 -46.23
C VAL B 79 -59.26 36.68 -46.75
N ARG B 80 -59.48 36.16 -47.97
CA ARG B 80 -58.59 35.13 -48.49
C ARG B 80 -57.22 35.77 -48.67
N THR B 81 -57.19 37.04 -49.08
CA THR B 81 -55.92 37.74 -49.24
C THR B 81 -55.30 37.98 -47.87
N LEU B 82 -56.12 38.41 -46.92
CA LEU B 82 -55.66 38.67 -45.56
C LEU B 82 -54.97 37.42 -44.98
N GLN B 83 -55.62 36.27 -45.09
CA GLN B 83 -55.06 35.03 -44.56
C GLN B 83 -53.86 34.52 -45.34
N ALA B 84 -53.78 34.83 -46.63
CA ALA B 84 -52.65 34.42 -47.44
C ALA B 84 -51.44 35.24 -47.00
N ASN B 85 -51.66 36.53 -46.71
CA ASN B 85 -50.56 37.39 -46.27
C ASN B 85 -50.09 37.02 -44.88
N LEU B 86 -50.99 36.46 -44.07
CA LEU B 86 -50.68 36.02 -42.72
C LEU B 86 -49.58 34.97 -42.79
N VAL B 87 -49.80 33.95 -43.61
CA VAL B 87 -48.82 32.88 -43.78
C VAL B 87 -47.51 33.46 -44.30
N HIS B 88 -47.63 34.46 -45.17
CA HIS B 88 -46.47 35.12 -45.76
C HIS B 88 -45.58 35.89 -44.79
N PHE B 89 -46.15 36.87 -44.11
CA PHE B 89 -45.35 37.67 -43.20
C PHE B 89 -44.84 36.92 -41.99
N LEU B 90 -45.46 35.78 -41.66
CA LEU B 90 -45.03 34.99 -40.50
C LEU B 90 -43.88 34.04 -40.83
N ALA B 91 -43.68 33.77 -42.13
CA ALA B 91 -42.62 32.86 -42.57
C ALA B 91 -41.24 33.50 -42.56
N SER B 92 -40.82 33.94 -41.37
CA SER B 92 -39.53 34.59 -41.21
C SER B 92 -38.58 33.75 -40.37
N GLY B 93 -38.91 32.46 -40.22
CA GLY B 93 -38.09 31.58 -39.43
C GLY B 93 -36.72 31.32 -40.02
N VAL B 94 -35.75 31.04 -39.15
CA VAL B 94 -34.39 30.76 -39.57
C VAL B 94 -33.82 29.65 -38.71
N GLY B 95 -32.64 29.17 -39.08
CA GLY B 95 -32.00 28.12 -38.30
C GLY B 95 -32.26 26.72 -38.83
N PRO B 96 -31.61 25.70 -38.25
CA PRO B 96 -31.81 24.32 -38.70
C PRO B 96 -33.27 23.89 -38.56
N VAL B 97 -33.73 23.06 -39.49
CA VAL B 97 -35.11 22.60 -39.45
C VAL B 97 -35.32 21.59 -38.32
N LEU B 98 -36.54 21.53 -37.81
CA LEU B 98 -36.87 20.59 -36.75
C LEU B 98 -36.66 19.20 -37.34
N ASP B 99 -36.29 18.23 -36.51
CA ASP B 99 -36.09 16.87 -37.02
C ASP B 99 -37.42 16.26 -37.47
N TRP B 100 -37.34 15.22 -38.27
CA TRP B 100 -38.51 14.53 -38.82
C TRP B 100 -39.62 14.24 -37.81
N THR B 101 -39.28 13.53 -36.73
CA THR B 101 -40.25 13.18 -35.71
C THR B 101 -40.87 14.39 -35.01
N THR B 102 -40.04 15.38 -34.70
CA THR B 102 -40.51 16.59 -34.02
C THR B 102 -41.44 17.44 -34.88
N ALA B 103 -41.12 17.58 -36.16
CA ALA B 103 -41.98 18.36 -37.06
C ALA B 103 -43.34 17.68 -37.15
N ARG B 104 -43.33 16.35 -37.21
CA ARG B 104 -44.57 15.60 -37.28
C ARG B 104 -45.34 15.72 -35.97
N ALA B 105 -44.62 15.77 -34.85
CA ALA B 105 -45.27 15.90 -33.55
C ALA B 105 -45.99 17.25 -33.49
N MET B 106 -45.42 18.26 -34.16
CA MET B 106 -46.02 19.58 -34.20
C MET B 106 -47.34 19.53 -34.97
N VAL B 107 -47.32 18.84 -36.11
CA VAL B 107 -48.53 18.71 -36.93
C VAL B 107 -49.60 17.99 -36.11
N LEU B 108 -49.19 16.95 -35.39
CA LEU B 108 -50.13 16.18 -34.57
C LEU B 108 -50.75 17.04 -33.47
N ALA B 109 -49.94 17.89 -32.85
CA ALA B 109 -50.44 18.75 -31.79
C ALA B 109 -51.52 19.69 -32.33
N ARG B 110 -51.28 20.26 -33.50
CA ARG B 110 -52.26 21.18 -34.10
C ARG B 110 -53.54 20.39 -34.40
N LEU B 111 -53.38 19.16 -34.89
CA LEU B 111 -54.52 18.30 -35.21
C LEU B 111 -55.37 17.95 -33.98
N VAL B 112 -54.71 17.56 -32.88
CA VAL B 112 -55.44 17.21 -31.67
C VAL B 112 -56.27 18.39 -31.17
N SER B 113 -55.71 19.60 -31.27
CA SER B 113 -56.42 20.80 -30.83
C SER B 113 -57.68 20.96 -31.69
N ILE B 114 -57.50 20.88 -33.01
CA ILE B 114 -58.60 21.02 -33.96
C ILE B 114 -59.68 19.96 -33.72
N ALA B 115 -59.23 18.73 -33.45
CA ALA B 115 -60.15 17.61 -33.22
C ALA B 115 -61.15 17.84 -32.09
N GLN B 116 -60.90 18.83 -31.23
CA GLN B 116 -61.82 19.10 -30.14
C GLN B 116 -63.08 19.76 -30.69
N GLY B 117 -62.99 20.29 -31.91
CA GLY B 117 -64.15 20.92 -32.54
C GLY B 117 -64.49 22.34 -32.13
N ALA B 118 -63.47 23.19 -32.02
CA ALA B 118 -63.69 24.58 -31.63
C ALA B 118 -62.84 25.51 -32.49
N SER B 119 -62.21 24.95 -33.52
CA SER B 119 -61.34 25.73 -34.40
C SER B 119 -61.94 26.11 -35.75
N GLY B 120 -63.02 25.46 -36.14
CA GLY B 120 -63.67 25.76 -37.40
C GLY B 120 -62.96 25.22 -38.63
N ALA B 121 -61.93 24.39 -38.43
CA ALA B 121 -61.19 23.82 -39.55
C ALA B 121 -62.11 23.01 -40.46
N SER B 122 -61.88 23.11 -41.76
CA SER B 122 -62.70 22.37 -42.72
C SER B 122 -62.20 20.94 -42.85
N GLU B 123 -63.06 20.06 -43.36
CA GLU B 123 -62.70 18.66 -43.54
C GLU B 123 -61.40 18.51 -44.32
N GLY B 124 -61.30 19.25 -45.43
CA GLY B 124 -60.12 19.18 -46.26
C GLY B 124 -58.86 19.52 -45.49
N THR B 125 -58.93 20.57 -44.67
CA THR B 125 -57.78 21.01 -43.88
C THR B 125 -57.37 19.91 -42.91
N ILE B 126 -58.35 19.34 -42.21
CA ILE B 126 -58.07 18.28 -41.26
C ILE B 126 -57.50 17.06 -41.99
N ALA B 127 -58.03 16.78 -43.17
CA ALA B 127 -57.58 15.64 -43.97
C ALA B 127 -56.12 15.78 -44.38
N ARG B 128 -55.70 17.01 -44.69
CA ARG B 128 -54.32 17.24 -45.10
C ARG B 128 -53.35 16.93 -43.95
N LEU B 129 -53.75 17.23 -42.73
CA LEU B 129 -52.89 16.98 -41.57
C LEU B 129 -52.79 15.47 -41.31
N ILE B 130 -53.92 14.80 -41.40
CA ILE B 130 -53.96 13.36 -41.20
C ILE B 130 -53.12 12.67 -42.28
N ASP B 131 -53.25 13.14 -43.51
CA ASP B 131 -52.48 12.56 -44.61
C ASP B 131 -50.99 12.68 -44.36
N LEU B 132 -50.56 13.86 -43.90
CA LEU B 132 -49.15 14.08 -43.62
C LEU B 132 -48.70 13.07 -42.56
N LEU B 133 -49.47 12.98 -41.49
CA LEU B 133 -49.16 12.07 -40.39
C LEU B 133 -49.15 10.60 -40.78
N ASN B 134 -49.95 10.24 -41.78
CA ASN B 134 -49.97 8.84 -42.22
C ASN B 134 -48.93 8.56 -43.28
N SER B 135 -48.32 9.61 -43.83
CA SER B 135 -47.30 9.47 -44.84
C SER B 135 -45.96 9.28 -44.12
N GLU B 136 -44.90 9.09 -44.89
CA GLU B 136 -43.55 8.91 -44.36
C GLU B 136 -42.81 10.25 -44.36
N LEU B 137 -43.53 11.34 -44.58
CA LEU B 137 -42.91 12.65 -44.65
C LEU B 137 -43.17 13.56 -43.47
N ALA B 138 -42.44 14.67 -43.44
CA ALA B 138 -42.56 15.68 -42.41
C ALA B 138 -42.23 17.01 -43.06
N PRO B 139 -42.92 18.09 -42.66
CA PRO B 139 -42.60 19.37 -43.28
C PRO B 139 -41.25 19.84 -42.77
N ALA B 140 -40.51 20.56 -43.61
CA ALA B 140 -39.19 21.08 -43.23
C ALA B 140 -39.43 22.49 -42.71
N VAL B 141 -39.38 22.65 -41.40
CA VAL B 141 -39.63 23.95 -40.78
C VAL B 141 -38.46 24.45 -39.93
N PRO B 142 -38.06 25.71 -40.13
CA PRO B 142 -36.95 26.29 -39.35
C PRO B 142 -37.28 26.26 -37.87
N SER B 143 -36.27 25.96 -37.04
CA SER B 143 -36.47 25.86 -35.59
C SER B 143 -36.55 27.17 -34.83
N ARG B 144 -36.02 28.26 -35.39
CA ARG B 144 -36.05 29.55 -34.72
C ARG B 144 -36.98 30.60 -35.32
N GLY B 145 -37.41 31.54 -34.49
CA GLY B 145 -38.28 32.60 -34.98
C GLY B 145 -39.49 32.94 -34.14
N THR B 146 -39.97 31.99 -33.33
CA THR B 146 -41.15 32.24 -32.52
C THR B 146 -40.83 32.52 -31.05
N VAL B 147 -41.68 33.32 -30.41
CA VAL B 147 -41.52 33.65 -29.00
C VAL B 147 -42.49 32.80 -28.19
N GLY B 148 -43.16 31.89 -28.88
CA GLY B 148 -44.11 30.99 -28.22
C GLY B 148 -45.34 31.66 -27.67
N ASP B 150 -46.90 29.56 -31.35
CA ASP B 150 -45.91 29.15 -32.35
C ASP B 150 -46.30 29.46 -33.80
N LEU B 151 -46.61 30.73 -34.07
CA LEU B 151 -47.04 31.14 -35.39
C LEU B 151 -46.05 30.95 -36.53
N THR B 152 -44.79 31.34 -36.31
CA THR B 152 -43.79 31.22 -37.36
C THR B 152 -43.57 29.81 -37.90
N PRO B 153 -43.24 28.84 -37.01
CA PRO B 153 -43.03 27.49 -37.51
C PRO B 153 -44.29 26.91 -38.15
N LEU B 154 -45.45 27.31 -37.65
CA LEU B 154 -46.71 26.81 -38.20
C LEU B 154 -47.00 27.42 -39.56
N ALA B 155 -46.55 28.66 -39.76
CA ALA B 155 -46.77 29.33 -41.05
C ALA B 155 -45.92 28.57 -42.07
N HIS B 156 -44.70 28.22 -41.67
CA HIS B 156 -43.81 27.46 -42.57
C HIS B 156 -44.42 26.10 -42.87
N MET B 157 -45.08 25.50 -41.89
CA MET B 157 -45.74 24.21 -42.08
C MET B 157 -46.81 24.35 -43.16
N VAL B 158 -47.59 25.41 -43.06
CA VAL B 158 -48.65 25.68 -44.03
C VAL B 158 -48.06 25.75 -45.43
N LEU B 159 -46.99 26.51 -45.59
CA LEU B 159 -46.33 26.65 -46.89
C LEU B 159 -45.91 25.29 -47.42
N CYS B 160 -45.37 24.45 -46.55
CA CYS B 160 -44.93 23.11 -46.95
C CYS B 160 -46.11 22.29 -47.44
N LEU B 161 -47.20 22.30 -46.69
CA LEU B 161 -48.40 21.54 -47.04
C LEU B 161 -49.06 22.02 -48.33
N GLN B 162 -48.68 23.22 -48.76
CA GLN B 162 -49.23 23.77 -50.00
C GLN B 162 -48.28 23.48 -51.14
N GLY B 163 -47.18 22.79 -50.82
CA GLY B 163 -46.18 22.47 -51.83
C GLY B 163 -45.25 23.64 -52.10
N ARG B 164 -45.28 24.62 -51.21
CA ARG B 164 -44.44 25.82 -51.34
C ARG B 164 -43.31 25.81 -50.31
N GLY B 165 -42.97 24.63 -49.83
CA GLY B 165 -41.92 24.49 -48.85
C GLY B 165 -41.37 23.07 -48.93
N ASP B 166 -40.19 22.85 -48.35
CA ASP B 166 -39.59 21.53 -48.38
C ASP B 166 -40.18 20.53 -47.40
N PHE B 167 -39.93 19.26 -47.69
CA PHE B 167 -40.38 18.16 -46.87
C PHE B 167 -39.13 17.38 -46.49
N LEU B 168 -39.23 16.60 -45.42
CA LEU B 168 -38.11 15.79 -44.98
C LEU B 168 -38.55 14.34 -44.96
N ASP B 169 -37.65 13.44 -45.32
CA ASP B 169 -37.94 12.02 -45.27
C ASP B 169 -37.41 11.59 -43.91
N ARG B 170 -37.57 10.31 -43.56
CA ARG B 170 -37.10 9.84 -42.25
C ARG B 170 -35.62 10.12 -41.96
N ASP B 171 -34.81 10.17 -43.01
CA ASP B 171 -33.37 10.41 -42.85
C ASP B 171 -32.95 11.86 -42.72
N GLY B 172 -33.88 12.78 -42.97
CA GLY B 172 -33.55 14.19 -42.87
C GLY B 172 -33.22 14.80 -44.22
N THR B 173 -33.28 13.98 -45.27
CA THR B 173 -33.00 14.47 -46.62
C THR B 173 -34.21 15.26 -47.10
N ARG B 174 -33.95 16.45 -47.63
CA ARG B 174 -35.02 17.33 -48.08
C ARG B 174 -35.52 17.08 -49.50
N LEU B 175 -36.81 17.28 -49.68
CA LEU B 175 -37.49 17.11 -50.96
C LEU B 175 -38.19 18.44 -51.18
N ASP B 176 -38.28 18.90 -52.43
CA ASP B 176 -38.97 20.17 -52.68
C ASP B 176 -40.46 19.94 -52.49
N GLY B 177 -41.22 21.01 -52.35
CA GLY B 177 -42.66 20.90 -52.15
C GLY B 177 -43.40 19.98 -53.09
N ALA B 178 -43.26 20.21 -54.39
CA ALA B 178 -43.92 19.39 -55.40
C ALA B 178 -43.61 17.90 -55.23
N GLU B 179 -42.33 17.59 -55.07
CA GLU B 179 -41.89 16.21 -54.89
C GLU B 179 -42.50 15.59 -53.63
N GLY B 180 -42.61 16.39 -52.58
CA GLY B 180 -43.18 15.90 -51.33
C GLY B 180 -44.63 15.50 -51.48
N LEU B 181 -45.43 16.37 -52.09
CA LEU B 181 -46.85 16.10 -52.29
C LEU B 181 -46.99 14.86 -53.16
N ARG B 182 -46.14 14.77 -54.16
CA ARG B 182 -46.14 13.64 -55.10
C ARG B 182 -45.82 12.32 -54.40
N ARG B 183 -44.62 12.24 -53.85
CA ARG B 183 -44.16 11.03 -53.17
C ARG B 183 -45.07 10.56 -52.06
N GLY B 184 -45.53 11.49 -51.22
CA GLY B 184 -46.39 11.10 -50.11
C GLY B 184 -47.87 11.07 -50.45
N ARG B 185 -48.20 11.32 -51.71
CA ARG B 185 -49.59 11.35 -52.16
C ARG B 185 -50.39 12.32 -51.30
N LEU B 186 -49.90 13.55 -51.22
CA LEU B 186 -50.56 14.58 -50.44
C LEU B 186 -51.21 15.58 -51.38
N GLN B 187 -52.39 16.06 -51.01
CA GLN B 187 -53.09 17.04 -51.82
C GLN B 187 -52.70 18.42 -51.30
N PRO B 188 -52.48 19.38 -52.21
CA PRO B 188 -52.11 20.72 -51.76
C PRO B 188 -53.17 21.30 -50.82
N LEU B 189 -52.71 21.88 -49.73
CA LEU B 189 -53.62 22.48 -48.74
C LEU B 189 -54.41 23.61 -49.38
N ASP B 190 -55.73 23.62 -49.15
CA ASP B 190 -56.61 24.66 -49.70
C ASP B 190 -57.33 25.38 -48.58
N LEU B 191 -57.00 26.66 -48.40
CA LEU B 191 -57.60 27.46 -47.34
C LEU B 191 -58.75 28.36 -47.78
N SER B 192 -59.45 27.96 -48.84
CA SER B 192 -60.57 28.75 -49.36
C SER B 192 -61.68 28.98 -48.34
N HIS B 193 -61.82 28.07 -47.38
CA HIS B 193 -62.87 28.20 -46.37
C HIS B 193 -62.55 29.26 -45.32
N ARG B 194 -61.40 29.90 -45.46
CA ARG B 194 -60.96 30.96 -44.55
C ARG B 194 -60.69 30.40 -43.15
N ASP B 195 -60.17 29.18 -43.10
CA ASP B 195 -59.86 28.53 -41.83
C ASP B 195 -58.34 28.48 -41.58
N ALA B 196 -57.63 29.48 -42.09
CA ALA B 196 -56.18 29.55 -41.93
C ALA B 196 -55.76 29.64 -40.46
N LEU B 197 -56.56 30.30 -39.63
CA LEU B 197 -56.22 30.44 -38.22
C LEU B 197 -56.32 29.13 -37.45
N ALA B 198 -56.85 28.11 -38.10
CA ALA B 198 -56.98 26.80 -37.46
C ALA B 198 -55.64 26.08 -37.56
N LEU B 199 -54.80 26.54 -38.48
CA LEU B 199 -53.48 25.94 -38.70
C LEU B 199 -52.35 26.76 -38.10
N VAL B 200 -52.47 28.09 -38.19
CA VAL B 200 -51.47 28.99 -37.65
C VAL B 200 -52.04 29.47 -36.33
N ASN B 201 -51.79 28.72 -35.27
CA ASN B 201 -52.33 29.06 -33.96
C ASN B 201 -51.83 28.09 -32.91
N GLY B 202 -51.99 28.48 -31.64
CA GLY B 202 -51.61 27.60 -30.55
C GLY B 202 -50.14 27.38 -30.22
N THR B 203 -49.92 26.35 -29.42
CA THR B 203 -48.60 25.98 -28.93
C THR B 203 -48.13 24.65 -29.51
N SER B 204 -48.49 24.39 -30.76
CA SER B 204 -48.17 23.15 -31.44
C SER B 204 -46.69 22.77 -31.53
N ALA B 205 -45.84 23.74 -31.80
CA ALA B 205 -44.40 23.48 -31.93
C ALA B 205 -43.74 23.11 -30.62
N MET B 206 -43.93 23.93 -29.59
CA MET B 206 -43.31 23.64 -28.31
C MET B 206 -43.89 22.33 -27.75
N THR B 207 -45.18 22.11 -27.96
CA THR B 207 -45.83 20.88 -27.49
C THR B 207 -45.24 19.68 -28.24
N GLY B 208 -45.04 19.84 -29.54
CA GLY B 208 -44.47 18.75 -30.34
C GLY B 208 -43.06 18.43 -29.88
N ILE B 209 -42.24 19.47 -29.68
CA ILE B 209 -40.87 19.29 -29.23
C ILE B 209 -40.85 18.63 -27.84
N ALA B 210 -41.74 19.09 -26.96
CA ALA B 210 -41.81 18.55 -25.60
C ALA B 210 -42.25 17.09 -25.54
N LEU B 211 -43.13 16.67 -26.44
CA LEU B 211 -43.57 15.28 -26.41
C LEU B 211 -42.42 14.35 -26.83
N VAL B 212 -41.58 14.83 -27.74
CA VAL B 212 -40.43 14.04 -28.15
C VAL B 212 -39.43 14.01 -26.98
N ASN B 213 -39.29 15.14 -26.28
CA ASN B 213 -38.40 15.21 -25.12
C ASN B 213 -38.86 14.21 -24.06
N ALA B 214 -40.17 14.15 -23.84
CA ALA B 214 -40.74 13.25 -22.85
C ALA B 214 -40.43 11.78 -23.14
N HIS B 215 -40.59 11.39 -24.40
CA HIS B 215 -40.32 10.01 -24.81
C HIS B 215 -38.84 9.68 -24.64
N ALA B 216 -37.97 10.58 -25.07
CA ALA B 216 -36.52 10.37 -24.97
C ALA B 216 -36.07 10.25 -23.50
N CYS B 217 -36.62 11.09 -22.65
CA CYS B 217 -36.26 11.06 -21.23
C CYS B 217 -36.66 9.75 -20.57
N ARG B 218 -37.77 9.17 -21.01
CA ARG B 218 -38.21 7.91 -20.43
C ARG B 218 -37.14 6.86 -20.70
N HIS B 219 -36.66 6.80 -21.94
CA HIS B 219 -35.63 5.85 -22.30
C HIS B 219 -34.30 6.13 -21.61
N LEU B 220 -33.89 7.39 -21.57
CA LEU B 220 -32.64 7.75 -20.92
C LEU B 220 -32.72 7.44 -19.43
N GLY B 221 -33.90 7.67 -18.84
CA GLY B 221 -34.09 7.39 -17.43
C GLY B 221 -33.88 5.90 -17.16
N ASN B 222 -34.36 5.05 -18.07
CA ASN B 222 -34.21 3.62 -17.91
C ASN B 222 -32.73 3.23 -18.00
N TRP B 223 -31.99 3.87 -18.90
CA TRP B 223 -30.57 3.58 -19.04
C TRP B 223 -29.83 4.07 -17.78
N ALA B 224 -30.22 5.23 -17.27
CA ALA B 224 -29.58 5.78 -16.07
C ALA B 224 -29.70 4.78 -14.92
N VAL B 225 -30.86 4.13 -14.84
CA VAL B 225 -31.09 3.13 -13.80
C VAL B 225 -30.27 1.87 -14.08
N ALA B 226 -30.35 1.38 -15.31
CA ALA B 226 -29.63 0.17 -15.70
C ALA B 226 -28.12 0.32 -15.53
N LEU B 227 -27.59 1.49 -15.88
CA LEU B 227 -26.15 1.71 -15.76
C LEU B 227 -25.72 1.90 -14.32
N THR B 228 -26.57 2.51 -13.50
CA THR B 228 -26.23 2.69 -12.08
C THR B 228 -26.16 1.30 -11.45
N ALA B 229 -27.09 0.43 -11.83
CA ALA B 229 -27.14 -0.93 -11.31
C ALA B 229 -25.88 -1.69 -11.73
N LEU B 230 -25.50 -1.56 -12.99
CA LEU B 230 -24.32 -2.24 -13.49
C LEU B 230 -23.06 -1.68 -12.82
N LEU B 231 -23.07 -0.38 -12.53
CA LEU B 231 -21.95 0.26 -11.85
C LEU B 231 -21.76 -0.41 -10.49
N ALA B 232 -22.86 -0.68 -9.80
CA ALA B 232 -22.83 -1.32 -8.49
C ALA B 232 -22.23 -2.72 -8.61
N GLU B 233 -22.49 -3.39 -9.73
CA GLU B 233 -21.94 -4.72 -9.94
C GLU B 233 -20.46 -4.69 -10.27
N CYS B 234 -19.96 -3.54 -10.71
CA CYS B 234 -18.54 -3.41 -11.05
C CYS B 234 -17.72 -2.85 -9.88
N LEU B 235 -18.38 -2.24 -8.91
CA LEU B 235 -17.71 -1.64 -7.77
C LEU B 235 -18.17 -2.19 -6.41
N ARG B 236 -18.68 -3.42 -6.41
CA ARG B 236 -19.16 -4.05 -5.18
C ARG B 236 -20.10 -3.12 -4.41
N GLY B 237 -21.04 -2.51 -5.12
CA GLY B 237 -21.98 -1.59 -4.49
C GLY B 237 -22.86 -2.27 -3.45
N ARG B 238 -23.30 -1.49 -2.46
CA ARG B 238 -24.15 -1.98 -1.38
C ARG B 238 -25.62 -1.76 -1.70
N THR B 239 -26.38 -2.85 -1.77
CA THR B 239 -27.81 -2.77 -2.09
C THR B 239 -28.70 -2.28 -0.96
N GLU B 240 -28.22 -2.27 0.28
CA GLU B 240 -29.08 -1.83 1.37
C GLU B 240 -29.50 -0.37 1.23
N ALA B 241 -28.71 0.44 0.53
CA ALA B 241 -29.07 1.84 0.34
C ALA B 241 -30.30 1.95 -0.56
N TRP B 242 -30.57 0.89 -1.31
CA TRP B 242 -31.69 0.84 -2.24
C TRP B 242 -32.89 0.08 -1.68
N ALA B 243 -32.87 -0.18 -0.38
CA ALA B 243 -33.96 -0.90 0.29
C ALA B 243 -35.29 -0.18 0.20
N ALA B 244 -36.36 -0.95 -0.01
CA ALA B 244 -37.71 -0.39 -0.09
C ALA B 244 -38.08 0.31 1.22
N ALA B 245 -37.58 -0.20 2.34
CA ALA B 245 -37.89 0.39 3.64
C ALA B 245 -37.44 1.85 3.69
N LEU B 246 -36.33 2.16 3.04
CA LEU B 246 -35.82 3.54 3.01
C LEU B 246 -36.76 4.42 2.20
N SER B 247 -37.27 3.89 1.09
CA SER B 247 -38.19 4.62 0.24
C SER B 247 -39.45 4.97 1.01
N ASP B 248 -39.96 4.01 1.78
CA ASP B 248 -41.17 4.23 2.55
C ASP B 248 -41.02 5.38 3.56
N LEU B 249 -39.82 5.54 4.10
CA LEU B 249 -39.57 6.60 5.06
C LEU B 249 -39.58 8.00 4.43
N ARG B 250 -39.31 8.06 3.13
CA ARG B 250 -39.30 9.33 2.39
C ARG B 250 -40.01 9.00 1.09
N PRO B 251 -41.33 8.80 1.16
CA PRO B 251 -42.23 8.44 0.07
C PRO B 251 -42.43 9.29 -1.18
N HIS B 252 -41.35 9.77 -1.80
CA HIS B 252 -41.50 10.51 -3.05
C HIS B 252 -41.73 9.39 -4.06
N PRO B 253 -42.77 9.50 -4.90
CA PRO B 253 -43.06 8.46 -5.90
C PRO B 253 -41.85 8.11 -6.77
N GLY B 254 -41.21 9.14 -7.31
CA GLY B 254 -40.07 8.92 -8.18
C GLY B 254 -38.94 8.17 -7.50
N GLN B 255 -38.73 8.43 -6.22
CA GLN B 255 -37.67 7.77 -5.48
C GLN B 255 -38.00 6.29 -5.24
N LYS B 256 -39.22 6.03 -4.80
CA LYS B 256 -39.65 4.67 -4.54
C LYS B 256 -39.51 3.87 -5.83
N ASP B 257 -39.88 4.49 -6.95
CA ASP B 257 -39.80 3.85 -8.24
C ASP B 257 -38.35 3.58 -8.65
N ALA B 258 -37.48 4.58 -8.50
CA ALA B 258 -36.08 4.40 -8.87
C ALA B 258 -35.45 3.27 -8.06
N ALA B 259 -35.66 3.30 -6.75
CA ALA B 259 -35.11 2.26 -5.88
C ALA B 259 -35.61 0.87 -6.27
N ALA B 260 -36.90 0.76 -6.53
CA ALA B 260 -37.48 -0.53 -6.92
C ALA B 260 -36.88 -1.03 -8.24
N ARG B 261 -36.69 -0.12 -9.19
CA ARG B 261 -36.11 -0.49 -10.48
C ARG B 261 -34.65 -0.88 -10.34
N LEU B 262 -33.93 -0.20 -9.45
CA LEU B 262 -32.52 -0.52 -9.23
C LEU B 262 -32.41 -1.92 -8.62
N ARG B 263 -33.24 -2.21 -7.63
CA ARG B 263 -33.23 -3.53 -6.99
C ARG B 263 -33.48 -4.63 -8.01
N ALA B 264 -34.43 -4.39 -8.92
CA ALA B 264 -34.76 -5.37 -9.95
C ALA B 264 -33.58 -5.62 -10.89
N ARG B 265 -32.88 -4.56 -11.25
CA ARG B 265 -31.74 -4.68 -12.17
C ARG B 265 -30.64 -5.58 -11.62
N VAL B 266 -30.37 -5.49 -10.32
CA VAL B 266 -29.30 -6.32 -9.75
C VAL B 266 -29.78 -7.62 -9.11
N ASP B 267 -31.05 -7.94 -9.29
CA ASP B 267 -31.58 -9.17 -8.74
C ASP B 267 -30.81 -10.34 -9.37
N GLY B 268 -30.29 -11.24 -8.54
CA GLY B 268 -29.55 -12.37 -9.05
C GLY B 268 -28.05 -12.14 -9.14
N SER B 269 -27.62 -10.93 -8.80
CA SER B 269 -26.20 -10.59 -8.84
C SER B 269 -25.45 -11.14 -7.64
N ALA B 270 -24.23 -11.61 -7.88
CA ALA B 270 -23.37 -12.12 -6.81
C ALA B 270 -22.20 -11.14 -6.69
N ARG B 271 -22.30 -10.03 -7.40
CA ARG B 271 -21.24 -9.02 -7.42
C ARG B 271 -21.48 -7.82 -6.51
N VAL B 272 -22.70 -7.66 -6.03
CA VAL B 272 -23.02 -6.55 -5.14
C VAL B 272 -22.96 -7.03 -3.69
N VAL B 273 -22.89 -6.10 -2.75
CA VAL B 273 -22.87 -6.45 -1.33
C VAL B 273 -24.30 -6.34 -0.83
N ARG B 274 -24.85 -7.44 -0.35
CA ARG B 274 -26.24 -7.43 0.11
C ARG B 274 -26.43 -7.40 1.62
N HIS B 275 -25.33 -7.40 2.37
CA HIS B 275 -25.44 -7.41 3.82
C HIS B 275 -25.76 -6.05 4.44
N VAL B 276 -26.70 -6.04 5.39
CA VAL B 276 -27.06 -4.83 6.10
C VAL B 276 -25.97 -4.71 7.16
N ILE B 277 -25.21 -3.62 7.15
CA ILE B 277 -24.11 -3.50 8.12
C ILE B 277 -24.50 -3.53 9.58
N ALA B 278 -25.66 -2.97 9.93
CA ALA B 278 -26.09 -2.93 11.32
C ALA B 278 -26.37 -4.31 11.91
N GLU B 279 -26.38 -5.34 11.09
CA GLU B 279 -26.63 -6.68 11.61
C GLU B 279 -25.38 -7.19 12.31
N ARG B 280 -24.24 -6.59 11.98
CA ARG B 280 -22.96 -6.96 12.57
C ARG B 280 -22.80 -6.39 13.98
N ARG B 281 -22.45 -7.26 14.93
CA ARG B 281 -22.24 -6.84 16.31
C ARG B 281 -20.73 -6.73 16.47
N LEU B 282 -20.26 -5.55 16.88
CA LEU B 282 -18.83 -5.32 17.05
C LEU B 282 -18.36 -5.66 18.46
N ASP B 283 -17.11 -6.11 18.57
CA ASP B 283 -16.52 -6.39 19.87
C ASP B 283 -15.23 -5.58 19.90
N ALA B 284 -14.53 -5.59 21.03
CA ALA B 284 -13.30 -4.81 21.18
C ALA B 284 -12.26 -5.05 20.09
N GLY B 285 -12.20 -6.28 19.57
CA GLY B 285 -11.24 -6.59 18.54
C GLY B 285 -11.53 -5.98 17.18
N ASP B 286 -12.75 -5.44 17.02
CA ASP B 286 -13.13 -4.85 15.75
C ASP B 286 -12.79 -3.36 15.68
N ILE B 287 -12.47 -2.77 16.82
CA ILE B 287 -12.15 -1.34 16.85
C ILE B 287 -10.81 -1.04 16.21
N GLY B 288 -10.88 -0.35 15.08
CA GLY B 288 -9.68 0.01 14.34
C GLY B 288 -10.09 0.59 13.01
N THR B 289 -9.17 0.61 12.05
CA THR B 289 -9.48 1.15 10.75
C THR B 289 -9.70 0.03 9.74
N GLU B 290 -10.88 0.02 9.13
CA GLU B 290 -11.18 -1.00 8.13
C GLU B 290 -10.82 -0.46 6.75
N PRO B 291 -10.64 -1.35 5.77
CA PRO B 291 -10.28 -0.96 4.40
C PRO B 291 -11.26 -0.01 3.72
N GLU B 292 -12.56 -0.30 3.84
CA GLU B 292 -13.60 0.53 3.22
C GLU B 292 -14.63 0.95 4.25
N ALA B 293 -15.34 2.04 3.97
CA ALA B 293 -16.39 2.51 4.88
C ALA B 293 -17.59 1.60 4.68
N GLY B 294 -18.53 1.64 5.63
CA GLY B 294 -19.71 0.81 5.53
C GLY B 294 -20.78 1.29 4.56
N GLN B 295 -20.56 2.42 3.91
CA GLN B 295 -21.53 2.96 2.94
C GLN B 295 -20.78 3.44 1.70
N ASP B 296 -21.45 3.40 0.54
CA ASP B 296 -20.83 3.84 -0.72
C ASP B 296 -20.84 5.35 -0.90
N ALA B 297 -20.08 5.81 -1.89
CA ALA B 297 -20.05 7.22 -2.22
C ALA B 297 -21.45 7.52 -2.76
N TYR B 298 -21.82 8.80 -2.79
CA TYR B 298 -23.14 9.20 -3.24
C TYR B 298 -23.60 8.78 -4.64
N SER B 299 -22.68 8.69 -5.59
CA SER B 299 -23.07 8.29 -6.94
C SER B 299 -23.76 6.93 -7.00
N LEU B 300 -23.67 6.18 -5.89
CA LEU B 300 -24.34 4.88 -5.79
C LEU B 300 -25.39 4.90 -4.69
N ARG B 301 -24.98 5.35 -3.50
CA ARG B 301 -25.87 5.38 -2.35
C ARG B 301 -27.08 6.31 -2.48
N CYS B 302 -26.89 7.45 -3.13
CA CYS B 302 -27.98 8.42 -3.28
C CYS B 302 -28.64 8.38 -4.66
N ALA B 303 -28.43 7.30 -5.40
CA ALA B 303 -29.03 7.18 -6.73
C ALA B 303 -30.55 7.24 -6.70
N PRO B 304 -31.19 6.55 -5.74
CA PRO B 304 -32.66 6.59 -5.69
C PRO B 304 -33.17 8.02 -5.52
N GLN B 305 -32.51 8.77 -4.65
CA GLN B 305 -32.88 10.15 -4.38
C GLN B 305 -32.60 11.12 -5.54
N VAL B 306 -31.47 10.95 -6.21
CA VAL B 306 -31.14 11.84 -7.33
C VAL B 306 -31.99 11.47 -8.55
N LEU B 307 -32.01 10.20 -8.91
CA LEU B 307 -32.80 9.75 -10.05
C LEU B 307 -34.28 10.01 -9.75
N GLY B 308 -34.68 9.74 -8.51
CA GLY B 308 -36.07 9.95 -8.11
C GLY B 308 -36.56 11.37 -8.29
N ALA B 309 -35.74 12.34 -7.90
CA ALA B 309 -36.12 13.74 -8.04
C ALA B 309 -36.32 14.05 -9.52
N GLY B 310 -35.45 13.50 -10.36
CA GLY B 310 -35.57 13.72 -11.79
C GLY B 310 -36.85 13.09 -12.32
N PHE B 311 -37.15 11.87 -11.88
CA PHE B 311 -38.36 11.19 -12.33
C PHE B 311 -39.62 11.97 -11.92
N ASP B 312 -39.59 12.59 -10.75
CA ASP B 312 -40.76 13.35 -10.31
C ASP B 312 -40.90 14.62 -11.14
N THR B 313 -39.80 15.17 -11.62
CA THR B 313 -39.87 16.37 -12.45
C THR B 313 -40.47 15.99 -13.80
N LEU B 314 -40.05 14.85 -14.33
CA LEU B 314 -40.55 14.37 -15.61
C LEU B 314 -42.04 14.07 -15.49
N ALA B 315 -42.44 13.48 -14.36
CA ALA B 315 -43.84 13.17 -14.12
C ALA B 315 -44.69 14.44 -14.18
N TRP B 316 -44.21 15.50 -13.55
CA TRP B 316 -44.93 16.77 -13.55
C TRP B 316 -44.99 17.31 -14.97
N HIS B 317 -43.85 17.29 -15.65
CA HIS B 317 -43.74 17.76 -17.03
C HIS B 317 -44.77 17.04 -17.91
N ASP B 318 -44.84 15.71 -17.77
CA ASP B 318 -45.77 14.91 -18.55
C ASP B 318 -47.24 15.17 -18.21
N ARG B 319 -47.54 15.41 -16.93
CA ARG B 319 -48.91 15.70 -16.53
C ARG B 319 -49.36 16.99 -17.20
N VAL B 320 -48.50 18.00 -17.16
CA VAL B 320 -48.79 19.29 -17.76
C VAL B 320 -48.89 19.17 -19.29
N LEU B 321 -47.96 18.43 -19.88
CA LEU B 321 -47.92 18.25 -21.33
C LEU B 321 -49.14 17.50 -21.84
N THR B 322 -49.61 16.53 -21.08
CA THR B 322 -50.77 15.75 -21.48
C THR B 322 -51.98 16.69 -21.60
N ILE B 323 -52.11 17.62 -20.65
CA ILE B 323 -53.21 18.57 -20.68
C ILE B 323 -53.07 19.49 -21.89
N GLU B 324 -51.87 20.02 -22.10
CA GLU B 324 -51.61 20.93 -23.20
C GLU B 324 -51.86 20.28 -24.57
N LEU B 325 -51.40 19.04 -24.74
CA LEU B 325 -51.56 18.33 -26.00
C LEU B 325 -53.02 18.10 -26.37
N ASN B 326 -53.85 17.86 -25.37
CA ASN B 326 -55.26 17.60 -25.60
C ASN B 326 -56.16 18.81 -25.45
N ALA B 327 -55.55 19.98 -25.35
CA ALA B 327 -56.32 21.21 -25.18
C ALA B 327 -56.47 21.97 -26.49
N VAL B 328 -57.27 23.02 -26.44
CA VAL B 328 -57.47 23.88 -27.60
C VAL B 328 -56.71 25.16 -27.27
N THR B 329 -55.57 25.37 -27.93
CA THR B 329 -54.76 26.56 -27.66
C THR B 329 -54.95 27.65 -28.71
N ASP B 330 -56.04 27.56 -29.45
CA ASP B 330 -56.38 28.50 -30.51
C ASP B 330 -56.95 29.82 -30.00
N ASN B 331 -56.85 30.84 -30.86
CA ASN B 331 -57.44 32.15 -30.62
C ASN B 331 -57.66 32.75 -32.00
N PRO B 332 -58.91 33.11 -32.33
CA PRO B 332 -60.09 32.95 -31.47
C PRO B 332 -60.59 31.50 -31.49
N VAL B 333 -61.61 31.23 -30.69
CA VAL B 333 -62.23 29.91 -30.64
C VAL B 333 -63.73 30.05 -30.83
N PHE B 334 -64.37 28.99 -31.32
CA PHE B 334 -65.80 29.02 -31.56
C PHE B 334 -66.47 27.96 -30.68
N PRO B 335 -67.05 28.40 -29.55
CA PRO B 335 -67.74 27.54 -28.57
C PRO B 335 -68.72 26.55 -29.19
N PRO B 336 -68.52 25.25 -28.96
CA PRO B 336 -69.38 24.20 -29.48
C PRO B 336 -70.84 24.34 -29.05
N ASP B 337 -71.07 24.83 -27.83
CA ASP B 337 -72.43 24.99 -27.33
C ASP B 337 -73.18 26.11 -28.04
N GLY B 338 -72.45 27.01 -28.70
CA GLY B 338 -73.10 28.10 -29.41
C GLY B 338 -73.55 29.25 -28.54
N SER B 339 -73.01 29.34 -27.32
CA SER B 339 -73.36 30.41 -26.39
C SER B 339 -73.06 31.79 -26.96
N VAL B 340 -71.92 31.91 -27.65
CA VAL B 340 -71.50 33.16 -28.28
C VAL B 340 -70.87 32.75 -29.60
N PRO B 341 -70.88 33.64 -30.60
CA PRO B 341 -70.30 33.32 -31.91
C PRO B 341 -68.82 32.92 -31.83
N ALA B 342 -68.09 33.55 -30.91
CA ALA B 342 -66.67 33.26 -30.75
C ALA B 342 -66.14 33.91 -29.48
N LEU B 343 -64.99 33.43 -29.02
CA LEU B 343 -64.35 33.98 -27.83
C LEU B 343 -62.91 34.36 -28.14
N HIS B 344 -62.48 35.49 -27.59
CA HIS B 344 -61.12 35.97 -27.79
C HIS B 344 -60.36 35.98 -26.47
N GLY B 345 -59.20 35.35 -26.46
CA GLY B 345 -58.39 35.30 -25.25
C GLY B 345 -56.94 35.04 -25.58
N GLY B 346 -56.23 34.36 -24.67
CA GLY B 346 -54.84 34.07 -24.90
C GLY B 346 -54.41 32.63 -24.64
N ASN B 347 -55.23 31.67 -25.05
CA ASN B 347 -54.87 30.27 -24.82
C ASN B 347 -53.65 29.82 -25.61
N PHE B 348 -53.10 30.73 -26.41
CA PHE B 348 -51.91 30.43 -27.20
C PHE B 348 -50.63 30.71 -26.41
N MET B 349 -50.77 31.31 -25.24
CA MET B 349 -49.61 31.64 -24.40
C MET B 349 -49.05 30.35 -23.82
N GLY B 350 -47.88 29.94 -24.33
CA GLY B 350 -47.28 28.70 -23.87
C GLY B 350 -46.43 28.72 -22.63
N GLN B 351 -46.90 29.39 -21.58
CA GLN B 351 -46.14 29.48 -20.34
C GLN B 351 -46.01 28.13 -19.64
N HIS B 352 -47.02 27.28 -19.77
CA HIS B 352 -46.97 25.96 -19.13
C HIS B 352 -45.85 25.09 -19.67
N VAL B 353 -45.75 24.98 -21.00
CA VAL B 353 -44.68 24.16 -21.57
C VAL B 353 -43.33 24.85 -21.35
N ALA B 354 -43.35 26.18 -21.27
CA ALA B 354 -42.11 26.92 -21.06
C ALA B 354 -41.53 26.59 -19.68
N LEU B 355 -42.37 26.65 -18.65
CA LEU B 355 -41.91 26.37 -17.30
C LEU B 355 -41.57 24.90 -17.04
N THR B 356 -42.32 23.98 -17.63
CA THR B 356 -42.02 22.56 -17.43
C THR B 356 -40.78 22.14 -18.20
N SER B 357 -40.57 22.74 -19.37
CA SER B 357 -39.39 22.41 -20.18
C SER B 357 -38.14 22.89 -19.44
N ASP B 358 -38.20 24.08 -18.87
CA ASP B 358 -37.06 24.63 -18.13
C ASP B 358 -36.77 23.75 -16.92
N ALA B 359 -37.81 23.28 -16.24
CA ALA B 359 -37.65 22.44 -15.07
C ALA B 359 -37.04 21.09 -15.46
N LEU B 360 -37.53 20.51 -16.55
CA LEU B 360 -37.02 19.24 -17.02
C LEU B 360 -35.55 19.39 -17.44
N ALA B 361 -35.24 20.53 -18.07
CA ALA B 361 -33.88 20.80 -18.51
C ALA B 361 -32.92 20.76 -17.33
N THR B 362 -33.32 21.38 -16.23
CA THR B 362 -32.49 21.38 -15.02
C THR B 362 -32.34 19.96 -14.49
N ALA B 363 -33.43 19.21 -14.47
CA ALA B 363 -33.40 17.84 -14.00
C ALA B 363 -32.45 16.99 -14.85
N VAL B 364 -32.50 17.19 -16.17
CA VAL B 364 -31.65 16.45 -17.09
C VAL B 364 -30.17 16.77 -16.85
N THR B 365 -29.88 18.03 -16.57
CA THR B 365 -28.51 18.45 -16.31
C THR B 365 -28.01 17.79 -15.03
N VAL B 366 -28.87 17.74 -14.01
CA VAL B 366 -28.53 17.10 -12.74
C VAL B 366 -28.24 15.60 -12.94
N LEU B 367 -29.10 14.91 -13.68
CA LEU B 367 -28.91 13.48 -13.90
C LEU B 367 -27.68 13.21 -14.78
N ALA B 368 -27.40 14.10 -15.71
CA ALA B 368 -26.23 13.94 -16.56
C ALA B 368 -24.99 14.10 -15.70
N GLY B 369 -25.09 14.95 -14.68
CA GLY B 369 -23.98 15.18 -13.78
C GLY B 369 -23.70 13.91 -12.99
N LEU B 370 -24.77 13.19 -12.62
CA LEU B 370 -24.62 11.94 -11.89
C LEU B 370 -23.88 10.93 -12.75
N ALA B 371 -24.30 10.76 -14.00
CA ALA B 371 -23.66 9.81 -14.91
C ALA B 371 -22.20 10.17 -15.13
N GLU B 372 -21.94 11.46 -15.26
CA GLU B 372 -20.59 11.96 -15.48
C GLU B 372 -19.70 11.61 -14.28
N ARG B 373 -20.23 11.78 -13.07
CA ARG B 373 -19.45 11.45 -11.87
C ARG B 373 -19.29 9.94 -11.72
N GLN B 374 -20.26 9.18 -12.23
CA GLN B 374 -20.16 7.72 -12.15
C GLN B 374 -19.01 7.28 -13.06
N ILE B 375 -18.88 7.95 -14.21
CA ILE B 375 -17.81 7.65 -15.14
C ILE B 375 -16.49 8.02 -14.48
N ALA B 376 -16.43 9.21 -13.88
CA ALA B 376 -15.21 9.69 -13.23
C ALA B 376 -14.72 8.76 -12.13
N ARG B 377 -15.65 8.15 -11.40
CA ARG B 377 -15.28 7.24 -10.31
C ARG B 377 -14.85 5.87 -10.86
N LEU B 378 -15.62 5.35 -11.81
CA LEU B 378 -15.33 4.05 -12.42
C LEU B 378 -13.95 3.98 -13.10
N THR B 379 -13.52 5.08 -13.70
CA THR B 379 -12.25 5.12 -14.41
C THR B 379 -11.03 5.57 -13.59
N ASP B 380 -11.26 5.98 -12.35
CA ASP B 380 -10.18 6.44 -11.47
C ASP B 380 -9.57 5.27 -10.70
N GLU B 381 -8.32 4.91 -11.02
CA GLU B 381 -7.67 3.80 -10.35
C GLU B 381 -7.63 3.93 -8.82
N ARG B 382 -7.74 5.15 -8.31
CA ARG B 382 -7.72 5.35 -6.87
C ARG B 382 -9.11 5.17 -6.24
N LEU B 383 -10.15 5.15 -7.07
CA LEU B 383 -11.51 5.02 -6.57
C LEU B 383 -12.28 3.80 -7.09
N ASN B 384 -11.78 3.15 -8.13
CA ASN B 384 -12.49 2.02 -8.72
C ASN B 384 -12.22 0.64 -8.15
N ARG B 385 -11.65 0.61 -6.95
CA ARG B 385 -11.38 -0.62 -6.23
C ARG B 385 -10.71 -1.77 -6.98
N GLY B 386 -9.54 -1.50 -7.57
CA GLY B 386 -8.82 -2.56 -8.25
C GLY B 386 -8.90 -2.65 -9.76
N LEU B 387 -9.72 -1.82 -10.38
CA LEU B 387 -9.82 -1.87 -11.84
C LEU B 387 -8.68 -1.08 -12.47
N PRO B 388 -8.28 -1.44 -13.69
CA PRO B 388 -7.18 -0.73 -14.36
C PRO B 388 -7.52 0.75 -14.54
N PRO B 389 -6.51 1.62 -14.52
CA PRO B 389 -6.79 3.05 -14.70
C PRO B 389 -7.43 3.28 -16.07
N PHE B 390 -8.57 3.97 -16.07
CA PHE B 390 -9.31 4.26 -17.29
C PHE B 390 -9.73 3.00 -18.04
N LEU B 391 -9.82 1.89 -17.30
CA LEU B 391 -10.26 0.60 -17.82
C LEU B 391 -9.55 0.14 -19.09
N HIS B 392 -8.26 0.43 -19.19
CA HIS B 392 -7.49 0.04 -20.37
C HIS B 392 -7.16 -1.44 -20.32
N ARG B 393 -6.77 -1.96 -21.47
CA ARG B 393 -6.32 -3.34 -21.61
C ARG B 393 -4.98 -3.16 -22.31
N GLY B 394 -4.15 -4.19 -22.29
CA GLY B 394 -2.83 -4.06 -22.89
C GLY B 394 -1.94 -3.41 -21.84
N PRO B 395 -0.67 -3.13 -22.16
CA PRO B 395 0.25 -2.51 -21.19
C PRO B 395 -0.16 -1.10 -20.77
N ALA B 396 -0.15 -0.83 -19.47
CA ALA B 396 -0.50 0.49 -18.96
C ALA B 396 0.51 1.53 -19.44
N GLY B 397 0.05 2.74 -19.70
CA GLY B 397 0.93 3.77 -20.20
C GLY B 397 0.89 3.77 -21.71
N LEU B 398 1.20 2.62 -22.30
CA LEU B 398 1.17 2.46 -23.75
C LEU B 398 -0.29 2.59 -24.18
N ASN B 399 -1.18 2.12 -23.31
CA ASN B 399 -2.62 2.18 -23.56
C ASN B 399 -3.26 3.05 -22.48
N SER B 400 -4.19 3.91 -22.89
CA SER B 400 -4.86 4.80 -21.95
C SER B 400 -6.34 4.47 -21.84
N GLY B 401 -6.79 3.50 -22.63
CA GLY B 401 -8.18 3.08 -22.59
C GLY B 401 -9.22 4.16 -22.83
N PHE B 402 -10.07 4.39 -21.83
CA PHE B 402 -11.13 5.39 -21.92
C PHE B 402 -10.75 6.77 -21.38
N MET B 403 -9.44 7.01 -21.20
CA MET B 403 -9.00 8.28 -20.66
C MET B 403 -9.53 9.49 -21.44
N GLY B 404 -9.54 9.39 -22.77
CA GLY B 404 -10.03 10.48 -23.58
C GLY B 404 -11.54 10.62 -23.46
N ALA B 405 -12.24 9.49 -23.59
CA ALA B 405 -13.70 9.49 -23.49
C ALA B 405 -14.18 10.05 -22.15
N GLN B 406 -13.43 9.83 -21.08
CA GLN B 406 -13.81 10.32 -19.77
C GLN B 406 -13.85 11.84 -19.73
N VAL B 407 -12.85 12.48 -20.35
CA VAL B 407 -12.81 13.93 -20.38
C VAL B 407 -13.90 14.46 -21.30
N THR B 408 -14.18 13.73 -22.36
CA THR B 408 -15.24 14.12 -23.29
C THR B 408 -16.57 14.22 -22.56
N ALA B 409 -16.85 13.24 -21.68
CA ALA B 409 -18.10 13.26 -20.93
C ALA B 409 -18.17 14.53 -20.09
N THR B 410 -17.07 14.88 -19.45
CA THR B 410 -17.02 16.09 -18.63
C THR B 410 -17.27 17.34 -19.48
N ALA B 411 -16.68 17.35 -20.68
CA ALA B 411 -16.84 18.48 -21.60
C ALA B 411 -18.29 18.65 -22.01
N LEU B 412 -18.98 17.52 -22.25
CA LEU B 412 -20.38 17.57 -22.65
C LEU B 412 -21.22 18.10 -21.50
N LEU B 413 -20.92 17.67 -20.29
CA LEU B 413 -21.66 18.14 -19.13
C LEU B 413 -21.45 19.64 -18.92
N ALA B 414 -20.19 20.07 -18.98
CA ALA B 414 -19.87 21.48 -18.79
C ALA B 414 -20.65 22.35 -19.78
N GLU B 415 -20.81 21.88 -21.01
CA GLU B 415 -21.55 22.65 -22.01
C GLU B 415 -23.02 22.74 -21.64
N MET B 416 -23.59 21.63 -21.16
CA MET B 416 -24.99 21.61 -20.75
C MET B 416 -25.24 22.69 -19.70
N ARG B 417 -24.34 22.79 -18.73
CA ARG B 417 -24.47 23.75 -17.64
C ARG B 417 -24.44 25.22 -18.05
N ALA B 418 -23.81 25.52 -19.18
CA ALA B 418 -23.71 26.90 -19.63
C ALA B 418 -25.04 27.51 -20.06
N THR B 419 -26.03 26.66 -20.36
CA THR B 419 -27.33 27.14 -20.78
C THR B 419 -28.38 26.99 -19.68
N GLY B 420 -29.06 28.09 -19.36
CA GLY B 420 -30.07 28.07 -18.32
C GLY B 420 -31.50 28.15 -18.84
N PRO B 421 -32.48 28.42 -17.96
CA PRO B 421 -33.89 28.53 -18.35
C PRO B 421 -34.13 29.59 -19.42
N ALA B 422 -35.06 29.32 -20.32
CA ALA B 422 -35.38 30.27 -21.38
C ALA B 422 -36.49 31.22 -20.95
N SER B 423 -37.39 30.72 -20.10
CA SER B 423 -38.57 31.46 -19.61
C SER B 423 -38.35 32.83 -18.99
N ILE B 424 -37.21 33.02 -18.33
CA ILE B 424 -36.96 34.29 -17.65
C ILE B 424 -36.57 35.44 -18.57
N HIS B 425 -36.44 35.18 -19.86
CA HIS B 425 -36.02 36.22 -20.80
C HIS B 425 -37.11 36.88 -21.63
N SER B 426 -38.30 37.01 -21.05
CA SER B 426 -39.38 37.64 -21.78
C SER B 426 -39.04 39.08 -22.11
N ILE B 427 -39.33 39.48 -23.33
CA ILE B 427 -39.05 40.83 -23.80
C ILE B 427 -40.30 41.34 -24.50
N SER B 428 -40.74 42.54 -24.12
CA SER B 428 -41.93 43.15 -24.72
C SER B 428 -41.66 43.34 -26.21
N THR B 429 -42.56 42.83 -27.05
CA THR B 429 -42.37 42.96 -28.48
C THR B 429 -43.69 43.17 -29.22
N ASN B 430 -43.66 43.17 -30.55
CA ASN B 430 -44.85 43.37 -31.36
C ASN B 430 -45.48 44.73 -31.00
N ALA B 431 -44.67 45.78 -31.01
CA ALA B 431 -45.14 47.13 -30.68
C ALA B 431 -45.80 47.15 -29.29
N ALA B 432 -45.22 46.40 -28.36
CA ALA B 432 -45.70 46.31 -26.99
C ALA B 432 -47.01 45.55 -26.79
N ASN B 433 -47.59 45.04 -27.88
CA ASN B 433 -48.84 44.28 -27.78
C ASN B 433 -48.54 42.95 -27.07
N GLN B 434 -47.41 42.34 -27.43
CA GLN B 434 -46.99 41.10 -26.79
C GLN B 434 -45.99 41.54 -25.73
N ASP B 435 -46.48 42.26 -24.71
CA ASP B 435 -45.56 42.75 -23.70
C ASP B 435 -44.95 41.68 -22.80
N VAL B 436 -45.52 40.48 -22.86
CA VAL B 436 -44.99 39.32 -22.13
C VAL B 436 -45.11 38.13 -23.08
N VAL B 437 -44.05 37.32 -23.17
CA VAL B 437 -44.04 36.14 -24.05
C VAL B 437 -43.48 34.95 -23.29
N SER B 438 -43.89 33.74 -23.68
CA SER B 438 -43.45 32.54 -22.96
C SER B 438 -42.09 31.97 -23.33
N LEU B 439 -41.71 32.09 -24.60
CA LEU B 439 -40.44 31.53 -25.08
C LEU B 439 -40.44 30.02 -24.82
N GLY B 440 -41.63 29.44 -24.83
CA GLY B 440 -41.77 28.00 -24.60
C GLY B 440 -41.14 27.11 -25.64
N THR B 441 -41.15 27.57 -26.89
CA THR B 441 -40.55 26.80 -27.97
C THR B 441 -39.06 26.73 -27.76
N ILE B 442 -38.47 27.87 -27.38
CA ILE B 442 -37.05 27.96 -27.10
C ILE B 442 -36.72 27.08 -25.90
N ALA B 443 -37.56 27.15 -24.87
CA ALA B 443 -37.34 26.36 -23.67
C ALA B 443 -37.34 24.86 -24.00
N ALA B 444 -38.26 24.44 -24.85
CA ALA B 444 -38.35 23.03 -25.22
C ALA B 444 -37.14 22.59 -26.04
N ARG B 445 -36.67 23.46 -26.93
CA ARG B 445 -35.51 23.17 -27.76
C ARG B 445 -34.23 23.09 -26.93
N LEU B 446 -34.11 23.95 -25.93
CA LEU B 446 -32.91 23.95 -25.08
C LEU B 446 -32.89 22.66 -24.26
N CYS B 447 -34.07 22.21 -23.84
CA CYS B 447 -34.18 20.99 -23.07
C CYS B 447 -33.78 19.82 -23.95
N ARG B 448 -34.19 19.87 -25.22
CA ARG B 448 -33.85 18.81 -26.17
C ARG B 448 -32.34 18.67 -26.31
N GLU B 449 -31.65 19.80 -26.44
CA GLU B 449 -30.20 19.77 -26.59
C GLU B 449 -29.55 19.09 -25.39
N LYS B 450 -30.04 19.41 -24.20
CA LYS B 450 -29.50 18.81 -22.99
C LYS B 450 -29.76 17.31 -22.98
N ILE B 451 -30.93 16.91 -23.47
CA ILE B 451 -31.29 15.49 -23.53
C ILE B 451 -30.30 14.78 -24.45
N ASP B 452 -29.93 15.43 -25.56
CA ASP B 452 -28.99 14.82 -26.49
C ASP B 452 -27.61 14.68 -25.85
N ARG B 453 -27.19 15.67 -25.07
CA ARG B 453 -25.89 15.60 -24.40
C ARG B 453 -25.90 14.49 -23.36
N TRP B 454 -27.02 14.37 -22.64
CA TRP B 454 -27.16 13.34 -21.61
C TRP B 454 -27.05 11.93 -22.22
N ALA B 455 -27.60 11.76 -23.41
CA ALA B 455 -27.53 10.46 -24.08
C ALA B 455 -26.09 10.11 -24.44
N GLU B 456 -25.31 11.11 -24.80
CA GLU B 456 -23.91 10.89 -25.16
C GLU B 456 -23.11 10.54 -23.91
N ILE B 457 -23.41 11.20 -22.79
CA ILE B 457 -22.71 10.93 -21.54
C ILE B 457 -23.05 9.50 -21.09
N LEU B 458 -24.33 9.14 -21.18
CA LEU B 458 -24.77 7.79 -20.81
C LEU B 458 -24.13 6.75 -21.74
N ALA B 459 -23.96 7.12 -23.00
CA ALA B 459 -23.35 6.22 -23.98
C ALA B 459 -21.92 5.91 -23.55
N ILE B 460 -21.19 6.94 -23.12
CA ILE B 460 -19.82 6.76 -22.68
C ILE B 460 -19.80 5.88 -21.43
N LEU B 461 -20.73 6.12 -20.52
CA LEU B 461 -20.81 5.33 -19.29
C LEU B 461 -21.11 3.86 -19.63
N ALA B 462 -21.99 3.64 -20.60
CA ALA B 462 -22.35 2.28 -20.99
C ALA B 462 -21.15 1.54 -21.56
N LEU B 463 -20.39 2.19 -22.43
CA LEU B 463 -19.22 1.54 -23.02
C LEU B 463 -18.18 1.27 -21.94
N CYS B 464 -18.04 2.19 -21.00
CA CYS B 464 -17.10 2.00 -19.90
C CYS B 464 -17.50 0.80 -19.06
N LEU B 465 -18.79 0.70 -18.74
CA LEU B 465 -19.29 -0.40 -17.93
C LEU B 465 -19.16 -1.78 -18.59
N ALA B 466 -19.36 -1.82 -19.91
CA ALA B 466 -19.21 -3.10 -20.63
C ALA B 466 -17.79 -3.59 -20.43
N GLN B 467 -16.82 -2.69 -20.57
CA GLN B 467 -15.41 -3.02 -20.39
C GLN B 467 -15.10 -3.37 -18.94
N ALA B 468 -15.62 -2.57 -18.01
CA ALA B 468 -15.38 -2.79 -16.59
C ALA B 468 -15.94 -4.12 -16.13
N ALA B 469 -17.13 -4.47 -16.62
CA ALA B 469 -17.78 -5.73 -16.26
C ALA B 469 -16.91 -6.92 -16.65
N GLU B 470 -16.29 -6.84 -17.82
CA GLU B 470 -15.44 -7.94 -18.30
C GLU B 470 -14.10 -7.97 -17.56
N LEU B 471 -13.55 -6.80 -17.25
CA LEU B 471 -12.29 -6.72 -16.52
C LEU B 471 -12.45 -7.28 -15.12
N ARG B 472 -13.57 -6.95 -14.49
CA ARG B 472 -13.85 -7.40 -13.14
C ARG B 472 -14.31 -8.85 -13.04
N CYS B 473 -15.17 -9.25 -13.97
CA CYS B 473 -15.76 -10.59 -13.93
C CYS B 473 -15.35 -11.55 -15.03
N GLY B 474 -14.43 -11.15 -15.90
CA GLY B 474 -14.02 -12.00 -16.98
C GLY B 474 -15.01 -11.92 -18.14
N SER B 475 -14.60 -12.37 -19.31
CA SER B 475 -15.46 -12.32 -20.50
C SER B 475 -16.78 -13.06 -20.27
N GLY B 476 -16.76 -14.03 -19.37
CA GLY B 476 -17.97 -14.79 -19.08
C GLY B 476 -18.91 -14.07 -18.12
N LEU B 477 -18.49 -12.90 -17.64
CA LEU B 477 -19.29 -12.09 -16.73
C LEU B 477 -19.79 -12.91 -15.53
N ASP B 478 -18.89 -13.64 -14.89
CA ASP B 478 -19.25 -14.47 -13.76
C ASP B 478 -19.76 -13.68 -12.56
N GLY B 479 -20.94 -14.03 -12.07
CA GLY B 479 -21.51 -13.34 -10.92
C GLY B 479 -22.40 -12.18 -11.30
N VAL B 480 -22.33 -11.74 -12.55
CA VAL B 480 -23.16 -10.63 -13.01
C VAL B 480 -24.62 -11.05 -13.12
N SER B 481 -25.50 -10.15 -12.71
CA SER B 481 -26.94 -10.38 -12.75
C SER B 481 -27.41 -10.73 -14.16
N PRO B 482 -28.57 -11.39 -14.27
CA PRO B 482 -29.11 -11.75 -15.59
C PRO B 482 -29.35 -10.50 -16.44
N ALA B 483 -29.92 -9.47 -15.81
CA ALA B 483 -30.20 -8.23 -16.51
C ALA B 483 -28.88 -7.59 -16.95
N GLY B 484 -27.89 -7.59 -16.06
CA GLY B 484 -26.60 -7.02 -16.38
C GLY B 484 -25.92 -7.76 -17.53
N LYS B 485 -25.99 -9.08 -17.52
CA LYS B 485 -25.38 -9.90 -18.56
C LYS B 485 -26.03 -9.61 -19.93
N LYS B 486 -27.35 -9.50 -19.93
CA LYS B 486 -28.09 -9.24 -21.16
C LYS B 486 -27.75 -7.89 -21.76
N LEU B 487 -27.54 -6.89 -20.90
CA LEU B 487 -27.21 -5.55 -21.35
C LEU B 487 -25.82 -5.52 -21.97
N VAL B 488 -24.85 -6.13 -21.31
CA VAL B 488 -23.49 -6.15 -21.83
C VAL B 488 -23.43 -6.97 -23.11
N GLN B 489 -24.10 -8.12 -23.12
CA GLN B 489 -24.11 -8.98 -24.30
C GLN B 489 -24.70 -8.24 -25.50
N ALA B 490 -25.77 -7.47 -25.25
CA ALA B 490 -26.41 -6.71 -26.31
C ALA B 490 -25.47 -5.63 -26.85
N LEU B 491 -24.77 -4.95 -25.96
CA LEU B 491 -23.83 -3.91 -26.38
C LEU B 491 -22.69 -4.53 -27.19
N ARG B 492 -22.21 -5.68 -26.73
CA ARG B 492 -21.11 -6.36 -27.41
C ARG B 492 -21.49 -6.89 -28.80
N GLU B 493 -22.78 -6.89 -29.10
CA GLU B 493 -23.22 -7.34 -30.41
C GLU B 493 -22.82 -6.30 -31.46
N GLN B 494 -22.73 -5.04 -31.04
CA GLN B 494 -22.37 -3.96 -31.96
C GLN B 494 -21.07 -3.23 -31.58
N PHE B 495 -20.70 -3.28 -30.31
CA PHE B 495 -19.50 -2.59 -29.84
C PHE B 495 -18.49 -3.55 -29.20
N PRO B 496 -17.38 -3.82 -29.91
CA PRO B 496 -16.30 -4.72 -29.46
C PRO B 496 -15.57 -4.23 -28.22
N PRO B 497 -14.93 -5.15 -27.49
CA PRO B 497 -14.18 -4.79 -26.29
C PRO B 497 -13.03 -3.87 -26.70
N LEU B 498 -12.55 -3.06 -25.75
CA LEU B 498 -11.43 -2.17 -26.04
C LEU B 498 -10.16 -2.92 -25.63
N GLU B 499 -9.63 -3.74 -26.54
CA GLU B 499 -8.44 -4.52 -26.27
C GLU B 499 -7.19 -3.68 -26.43
N THR B 500 -7.31 -2.63 -27.24
CA THR B 500 -6.23 -1.70 -27.49
C THR B 500 -6.90 -0.37 -27.82
N ASP B 501 -6.23 0.74 -27.56
CA ASP B 501 -6.81 2.05 -27.82
C ASP B 501 -7.27 2.21 -29.26
N ARG B 502 -8.42 2.85 -29.43
CA ARG B 502 -8.98 3.11 -30.76
C ARG B 502 -9.95 4.28 -30.65
N PRO B 503 -10.22 4.98 -31.77
CA PRO B 503 -11.15 6.11 -31.74
C PRO B 503 -12.54 5.65 -31.29
N LEU B 504 -13.12 6.37 -30.34
CA LEU B 504 -14.44 6.00 -29.82
C LEU B 504 -15.55 6.98 -30.20
N GLY B 505 -15.17 8.12 -30.76
CA GLY B 505 -16.15 9.14 -31.13
C GLY B 505 -17.37 8.65 -31.90
N GLN B 506 -17.15 7.91 -32.98
CA GLN B 506 -18.26 7.43 -33.78
C GLN B 506 -19.13 6.41 -33.04
N GLU B 507 -18.50 5.55 -32.26
CA GLU B 507 -19.25 4.55 -31.50
C GLU B 507 -20.11 5.24 -30.44
N ILE B 508 -19.56 6.28 -29.81
CA ILE B 508 -20.29 7.03 -28.79
C ILE B 508 -21.53 7.67 -29.43
N ALA B 509 -21.36 8.29 -30.58
CA ALA B 509 -22.48 8.93 -31.27
C ALA B 509 -23.53 7.89 -31.69
N ALA B 510 -23.06 6.75 -32.19
CA ALA B 510 -23.95 5.69 -32.63
C ALA B 510 -24.77 5.14 -31.46
N LEU B 511 -24.10 4.85 -30.35
CA LEU B 511 -24.79 4.31 -29.19
C LEU B 511 -25.79 5.33 -28.62
N ALA B 512 -25.40 6.59 -28.57
CA ALA B 512 -26.28 7.64 -28.05
C ALA B 512 -27.60 7.72 -28.82
N THR B 513 -27.54 7.55 -30.13
CA THR B 513 -28.74 7.60 -30.96
C THR B 513 -29.68 6.46 -30.56
N HIS B 514 -29.10 5.32 -30.21
CA HIS B 514 -29.86 4.16 -29.80
C HIS B 514 -30.50 4.36 -28.43
N LEU B 515 -29.73 4.91 -27.49
CA LEU B 515 -30.23 5.14 -26.14
C LEU B 515 -31.47 6.02 -26.11
N LEU B 516 -31.52 6.99 -27.00
CA LEU B 516 -32.66 7.91 -27.09
C LEU B 516 -33.96 7.27 -27.56
N GLN B 517 -33.85 6.14 -28.26
CA GLN B 517 -35.03 5.48 -28.81
C GLN B 517 -35.44 4.14 -28.20
N GLN B 518 -34.53 3.50 -27.49
CA GLN B 518 -34.85 2.20 -26.89
C GLN B 518 -34.25 2.03 -25.51
N SER B 519 -34.99 1.34 -24.64
CA SER B 519 -34.53 1.08 -23.28
C SER B 519 -33.89 -0.30 -23.19
N PRO B 520 -33.07 -0.53 -22.15
CA PRO B 520 -32.42 -1.82 -21.99
C PRO B 520 -33.38 -2.83 -21.36
N VAL B 521 -33.73 -3.87 -22.09
CA VAL B 521 -34.64 -4.89 -21.59
C VAL B 521 -34.28 -6.25 -22.19
N LYS C 8 -53.98 31.56 21.82
CA LYS C 8 -53.12 31.11 20.69
C LYS C 8 -53.47 29.68 20.29
N PRO C 9 -53.80 29.46 19.01
CA PRO C 9 -54.16 28.15 18.48
C PRO C 9 -53.03 27.13 18.70
N ALA C 10 -53.37 25.85 18.68
CA ALA C 10 -52.37 24.82 18.87
C ALA C 10 -52.40 23.79 17.76
N VAL C 11 -51.22 23.42 17.28
CA VAL C 11 -51.11 22.41 16.22
C VAL C 11 -50.64 21.14 16.89
N GLU C 12 -51.46 20.09 16.84
CA GLU C 12 -51.09 18.82 17.44
C GLU C 12 -50.40 17.97 16.39
N LEU C 13 -49.12 17.72 16.61
CA LEU C 13 -48.33 16.93 15.67
C LEU C 13 -48.35 15.44 15.98
N ASP C 14 -48.87 14.66 15.04
CA ASP C 14 -48.89 13.21 15.19
C ASP C 14 -47.96 12.69 14.10
N ARG C 15 -48.52 12.45 12.91
CA ARG C 15 -47.72 11.97 11.79
C ARG C 15 -47.60 13.00 10.67
N HIS C 16 -48.73 13.58 10.28
CA HIS C 16 -48.77 14.54 9.19
C HIS C 16 -49.13 15.97 9.59
N ILE C 17 -48.50 16.93 8.95
CA ILE C 17 -48.75 18.34 9.21
C ILE C 17 -48.76 19.03 7.84
N ASP C 18 -49.74 19.88 7.56
CA ASP C 18 -49.76 20.54 6.25
C ASP C 18 -48.92 21.81 6.28
N LEU C 19 -48.65 22.36 5.10
CA LEU C 19 -47.82 23.55 5.00
C LEU C 19 -48.34 24.75 5.79
N ASP C 20 -49.66 24.93 5.86
CA ASP C 20 -50.21 26.06 6.62
C ASP C 20 -49.97 25.89 8.12
N GLN C 21 -50.15 24.67 8.62
CA GLN C 21 -49.91 24.41 10.03
C GLN C 21 -48.44 24.62 10.34
N ALA C 22 -47.58 24.17 9.42
CA ALA C 22 -46.14 24.30 9.59
C ALA C 22 -45.74 25.77 9.70
N HIS C 23 -46.24 26.60 8.79
CA HIS C 23 -45.89 28.01 8.83
C HIS C 23 -46.49 28.70 10.06
N ALA C 24 -47.68 28.26 10.47
CA ALA C 24 -48.32 28.83 11.65
C ALA C 24 -47.42 28.65 12.86
N VAL C 25 -46.83 27.46 12.99
CA VAL C 25 -45.93 27.20 14.11
C VAL C 25 -44.63 27.97 13.96
N ALA C 26 -44.04 27.90 12.78
CA ALA C 26 -42.79 28.60 12.50
C ALA C 26 -42.91 30.12 12.72
N SER C 27 -44.04 30.70 12.34
CA SER C 27 -44.25 32.13 12.50
C SER C 27 -44.71 32.53 13.90
N GLY C 28 -44.93 31.54 14.76
CA GLY C 28 -45.35 31.82 16.13
C GLY C 28 -46.85 32.05 16.27
N GLY C 29 -47.59 31.88 15.19
CA GLY C 29 -49.03 32.08 15.23
C GLY C 29 -49.75 30.97 15.99
N ALA C 30 -49.11 29.81 16.11
CA ALA C 30 -49.71 28.68 16.81
C ALA C 30 -48.67 27.96 17.67
N ARG C 31 -49.13 27.38 18.78
CA ARG C 31 -48.26 26.62 19.66
C ARG C 31 -48.17 25.24 19.02
N ILE C 32 -47.24 24.43 19.51
CA ILE C 32 -47.10 23.09 18.97
C ILE C 32 -47.10 22.08 20.10
N VAL C 33 -47.79 20.97 19.88
CA VAL C 33 -47.87 19.91 20.87
C VAL C 33 -47.68 18.58 20.16
N LEU C 34 -46.93 17.68 20.78
CA LEU C 34 -46.71 16.36 20.20
C LEU C 34 -47.83 15.44 20.68
N ALA C 35 -48.59 14.89 19.75
CA ALA C 35 -49.69 14.00 20.08
C ALA C 35 -49.20 12.76 20.82
N PRO C 36 -50.04 12.17 21.68
CA PRO C 36 -49.67 10.97 22.43
C PRO C 36 -49.10 9.84 21.56
N PRO C 37 -49.74 9.56 20.42
CA PRO C 37 -49.26 8.49 19.53
C PRO C 37 -47.83 8.75 19.05
N ALA C 38 -47.51 10.01 18.80
CA ALA C 38 -46.18 10.40 18.34
C ALA C 38 -45.18 10.22 19.49
N ARG C 39 -45.59 10.62 20.70
CA ARG C 39 -44.72 10.48 21.86
C ARG C 39 -44.42 9.00 22.09
N ASP C 40 -45.44 8.15 21.93
CA ASP C 40 -45.27 6.72 22.11
C ASP C 40 -44.32 6.16 21.07
N ARG C 41 -44.49 6.56 19.81
CA ARG C 41 -43.59 6.07 18.76
C ARG C 41 -42.15 6.51 19.00
N CYS C 42 -41.99 7.75 19.47
CA CYS C 42 -40.64 8.24 19.72
C CYS C 42 -40.01 7.53 20.89
N ARG C 43 -40.78 7.24 21.92
CA ARG C 43 -40.24 6.51 23.07
C ARG C 43 -39.80 5.13 22.61
N ALA C 44 -40.56 4.53 21.71
CA ALA C 44 -40.22 3.20 21.19
C ALA C 44 -38.92 3.27 20.39
N SER C 45 -38.72 4.36 19.66
CA SER C 45 -37.51 4.53 18.86
C SER C 45 -36.31 4.80 19.77
N GLU C 46 -36.55 5.54 20.85
CA GLU C 46 -35.49 5.83 21.81
C GLU C 46 -35.00 4.51 22.38
N ALA C 47 -35.94 3.62 22.68
CA ALA C 47 -35.60 2.31 23.22
C ALA C 47 -34.81 1.49 22.21
N ARG C 48 -35.17 1.59 20.93
CA ARG C 48 -34.46 0.87 19.88
C ARG C 48 -33.03 1.35 19.74
N LEU C 49 -32.81 2.64 19.88
CA LEU C 49 -31.46 3.19 19.78
C LEU C 49 -30.65 2.65 20.96
N GLY C 50 -31.29 2.62 22.13
CA GLY C 50 -30.62 2.11 23.32
C GLY C 50 -30.12 0.71 23.09
N ALA C 51 -30.98 -0.13 22.51
CA ALA C 51 -30.62 -1.52 22.23
C ALA C 51 -29.52 -1.62 21.18
N VAL C 52 -29.60 -0.81 20.14
CA VAL C 52 -28.60 -0.80 19.09
C VAL C 52 -27.22 -0.48 19.68
N ILE C 53 -27.20 0.42 20.66
CA ILE C 53 -25.96 0.80 21.30
C ILE C 53 -25.46 -0.32 22.21
N ARG C 54 -26.36 -0.89 23.01
CA ARG C 54 -26.00 -1.97 23.91
C ARG C 54 -25.46 -3.17 23.15
N GLU C 55 -26.04 -3.43 21.98
CA GLU C 55 -25.64 -4.56 21.14
C GLU C 55 -24.39 -4.27 20.31
N ALA C 56 -23.90 -3.04 20.37
CA ALA C 56 -22.70 -2.64 19.63
C ALA C 56 -22.81 -2.91 18.12
N ARG C 57 -23.98 -2.66 17.56
CA ARG C 57 -24.19 -2.87 16.14
C ARG C 57 -23.36 -1.86 15.36
N HIS C 58 -22.90 -2.25 14.18
CA HIS C 58 -22.10 -1.37 13.32
C HIS C 58 -23.07 -0.35 12.74
N VAL C 59 -23.07 0.85 13.31
CA VAL C 59 -23.96 1.92 12.87
C VAL C 59 -23.23 3.26 12.76
N TYR C 60 -23.42 3.93 11.63
CA TYR C 60 -22.79 5.23 11.37
C TYR C 60 -23.08 6.23 12.48
N GLY C 61 -22.02 6.87 12.99
CA GLY C 61 -22.20 7.86 14.04
C GLY C 61 -22.31 7.32 15.45
N LEU C 62 -22.49 6.01 15.57
CA LEU C 62 -22.59 5.36 16.88
C LEU C 62 -21.33 4.52 17.12
N THR C 63 -20.78 3.98 16.04
CA THR C 63 -19.58 3.15 16.13
C THR C 63 -18.59 3.49 15.02
N THR C 64 -18.84 4.57 14.29
CA THR C 64 -17.95 4.95 13.20
C THR C 64 -17.68 6.45 13.16
N GLY C 65 -16.65 6.82 12.42
CA GLY C 65 -16.33 8.22 12.24
C GLY C 65 -17.31 8.73 11.20
N PHE C 66 -17.09 9.95 10.70
CA PHE C 66 -18.01 10.54 9.74
C PHE C 66 -17.47 10.65 8.32
N GLY C 67 -18.39 10.70 7.36
CA GLY C 67 -18.00 10.81 5.96
C GLY C 67 -17.08 9.66 5.59
N PRO C 68 -16.01 9.94 4.84
CA PRO C 68 -15.05 8.91 4.42
C PRO C 68 -14.27 8.37 5.61
N LEU C 69 -14.44 8.99 6.77
CA LEU C 69 -13.74 8.53 7.97
C LEU C 69 -14.57 7.49 8.72
N ALA C 70 -15.66 7.06 8.09
CA ALA C 70 -16.53 6.05 8.70
C ALA C 70 -15.82 4.70 8.76
N ASN C 71 -14.69 4.56 8.07
CA ASN C 71 -13.97 3.30 8.11
C ASN C 71 -13.17 3.19 9.41
N ARG C 72 -13.15 4.27 10.18
CA ARG C 72 -12.47 4.27 11.47
C ARG C 72 -13.56 3.94 12.51
N LEU C 73 -13.49 2.73 13.07
CA LEU C 73 -14.50 2.33 14.05
C LEU C 73 -14.17 2.95 15.40
N ILE C 74 -15.22 3.28 16.16
CA ILE C 74 -15.08 3.94 17.45
C ILE C 74 -15.64 3.12 18.61
N SER C 75 -14.88 3.07 19.71
CA SER C 75 -15.30 2.33 20.87
C SER C 75 -16.36 3.12 21.64
N GLY C 76 -17.30 2.40 22.24
CA GLY C 76 -18.40 3.02 22.97
C GLY C 76 -18.05 4.13 23.94
N GLU C 77 -16.98 3.97 24.71
CA GLU C 77 -16.58 4.97 25.69
C GLU C 77 -16.26 6.32 25.06
N ASN C 78 -16.00 6.33 23.76
CA ASN C 78 -15.65 7.57 23.06
C ASN C 78 -16.74 8.19 22.21
N VAL C 79 -17.94 7.61 22.22
CA VAL C 79 -19.03 8.12 21.42
C VAL C 79 -19.51 9.51 21.79
N ARG C 80 -19.63 9.83 23.09
CA ARG C 80 -20.09 11.17 23.46
C ARG C 80 -19.10 12.22 22.92
N THR C 81 -17.79 11.90 22.97
CA THR C 81 -16.77 12.82 22.48
C THR C 81 -16.89 12.92 20.95
N LEU C 82 -17.12 11.76 20.33
CA LEU C 82 -17.28 11.68 18.89
C LEU C 82 -18.40 12.60 18.40
N GLN C 83 -19.56 12.50 19.05
CA GLN C 83 -20.70 13.31 18.67
C GLN C 83 -20.57 14.78 19.05
N ALA C 84 -19.74 15.07 20.04
CA ALA C 84 -19.52 16.45 20.45
C ALA C 84 -18.64 17.07 19.36
N ASN C 85 -17.68 16.30 18.87
CA ASN C 85 -16.78 16.78 17.83
C ASN C 85 -17.53 16.94 16.51
N LEU C 86 -18.53 16.10 16.30
CA LEU C 86 -19.34 16.18 15.09
C LEU C 86 -19.95 17.58 15.00
N VAL C 87 -20.59 18.02 16.08
CA VAL C 87 -21.18 19.34 16.10
C VAL C 87 -20.13 20.42 15.89
N HIS C 88 -18.96 20.24 16.50
CA HIS C 88 -17.87 21.19 16.38
C HIS C 88 -17.34 21.39 14.95
N PHE C 89 -16.89 20.31 14.32
CA PHE C 89 -16.31 20.45 12.99
C PHE C 89 -17.30 20.86 11.91
N LEU C 90 -18.59 20.66 12.16
CA LEU C 90 -19.62 21.04 11.20
C LEU C 90 -20.03 22.50 11.31
N ALA C 91 -19.68 23.15 12.43
CA ALA C 91 -20.03 24.54 12.66
C ALA C 91 -19.12 25.54 11.95
N SER C 92 -19.00 25.39 10.62
CA SER C 92 -18.16 26.29 9.84
C SER C 92 -18.99 27.20 8.94
N GLY C 93 -20.25 27.37 9.31
CA GLY C 93 -21.14 28.22 8.51
C GLY C 93 -20.77 29.69 8.57
N VAL C 94 -21.08 30.41 7.50
CA VAL C 94 -20.81 31.84 7.40
C VAL C 94 -22.00 32.53 6.72
N GLY C 95 -21.95 33.86 6.68
CA GLY C 95 -23.02 34.62 6.05
C GLY C 95 -24.10 35.08 6.99
N PRO C 96 -25.07 35.88 6.51
CA PRO C 96 -26.16 36.39 7.33
C PRO C 96 -26.94 35.22 7.92
N VAL C 97 -27.44 35.39 9.14
CA VAL C 97 -28.21 34.33 9.77
C VAL C 97 -29.57 34.21 9.10
N LEU C 98 -30.17 33.03 9.18
CA LEU C 98 -31.50 32.82 8.61
C LEU C 98 -32.45 33.70 9.41
N ASP C 99 -33.50 34.19 8.78
CA ASP C 99 -34.43 35.05 9.50
C ASP C 99 -35.17 34.21 10.54
N TRP C 100 -35.74 34.90 11.54
CA TRP C 100 -36.47 34.29 12.65
C TRP C 100 -37.42 33.16 12.25
N THR C 101 -38.36 33.46 11.35
CA THR C 101 -39.34 32.46 10.92
C THR C 101 -38.72 31.26 10.23
N THR C 102 -37.77 31.51 9.33
CA THR C 102 -37.13 30.43 8.60
C THR C 102 -36.29 29.53 9.50
N ALA C 103 -35.56 30.12 10.45
CA ALA C 103 -34.73 29.33 11.37
C ALA C 103 -35.64 28.41 12.20
N ARG C 104 -36.79 28.94 12.61
CA ARG C 104 -37.74 28.15 13.40
C ARG C 104 -38.36 27.06 12.52
N ALA C 105 -38.58 27.38 11.24
CA ALA C 105 -39.15 26.42 10.31
C ALA C 105 -38.20 25.22 10.17
N MET C 106 -36.90 25.51 10.23
CA MET C 106 -35.87 24.47 10.14
C MET C 106 -35.99 23.57 11.36
N VAL C 107 -36.13 24.18 12.54
CA VAL C 107 -36.28 23.42 13.78
C VAL C 107 -37.52 22.53 13.66
N LEU C 108 -38.61 23.11 13.17
CA LEU C 108 -39.86 22.36 13.00
C LEU C 108 -39.65 21.18 12.05
N ALA C 109 -38.99 21.43 10.92
CA ALA C 109 -38.75 20.36 9.95
C ALA C 109 -38.03 19.17 10.57
N ARG C 110 -37.01 19.44 11.39
CA ARG C 110 -36.28 18.36 12.04
C ARG C 110 -37.23 17.62 12.99
N LEU C 111 -38.02 18.36 13.74
CA LEU C 111 -38.97 17.76 14.68
C LEU C 111 -39.98 16.85 13.99
N VAL C 112 -40.56 17.29 12.88
CA VAL C 112 -41.54 16.48 12.18
C VAL C 112 -40.92 15.16 11.72
N SER C 113 -39.68 15.23 11.28
CA SER C 113 -38.97 14.03 10.84
C SER C 113 -38.85 13.08 12.03
N ILE C 114 -38.37 13.60 13.15
CA ILE C 114 -38.19 12.81 14.37
C ILE C 114 -39.49 12.20 14.87
N ALA C 115 -40.58 12.96 14.78
CA ALA C 115 -41.88 12.50 15.23
C ALA C 115 -42.37 11.23 14.52
N GLN C 116 -41.76 10.90 13.38
CA GLN C 116 -42.19 9.70 12.66
C GLN C 116 -41.75 8.46 13.44
N GLY C 117 -40.81 8.63 14.37
CA GLY C 117 -40.36 7.53 15.20
C GLY C 117 -39.30 6.58 14.65
N ALA C 118 -38.34 7.11 13.90
CA ALA C 118 -37.28 6.27 13.36
C ALA C 118 -35.90 6.91 13.54
N SER C 119 -35.84 7.95 14.37
CA SER C 119 -34.59 8.67 14.62
C SER C 119 -33.91 8.37 15.95
N GLY C 120 -34.63 7.76 16.88
CA GLY C 120 -34.04 7.43 18.16
C GLY C 120 -33.87 8.59 19.13
N ALA C 121 -34.39 9.76 18.78
CA ALA C 121 -34.28 10.94 19.63
C ALA C 121 -34.89 10.71 21.02
N SER C 122 -34.19 11.17 22.05
CA SER C 122 -34.67 11.01 23.42
C SER C 122 -35.78 12.02 23.70
N GLU C 123 -36.56 11.76 24.74
CA GLU C 123 -37.65 12.65 25.11
C GLU C 123 -37.15 14.06 25.38
N GLY C 124 -35.98 14.16 26.01
CA GLY C 124 -35.40 15.46 26.31
C GLY C 124 -35.04 16.24 25.06
N THR C 125 -34.45 15.55 24.09
CA THR C 125 -34.05 16.20 22.85
C THR C 125 -35.29 16.73 22.13
N ILE C 126 -36.34 15.93 22.11
CA ILE C 126 -37.59 16.34 21.47
C ILE C 126 -38.19 17.54 22.21
N ALA C 127 -38.11 17.51 23.53
CA ALA C 127 -38.65 18.59 24.35
C ALA C 127 -37.97 19.92 24.07
N ARG C 128 -36.67 19.87 23.79
CA ARG C 128 -35.91 21.08 23.50
C ARG C 128 -36.40 21.71 22.20
N LEU C 129 -36.73 20.88 21.22
CA LEU C 129 -37.20 21.41 19.94
C LEU C 129 -38.58 22.02 20.13
N ILE C 130 -39.45 21.31 20.85
CA ILE C 130 -40.80 21.81 21.10
C ILE C 130 -40.77 23.10 21.89
N ASP C 131 -39.89 23.17 22.90
CA ASP C 131 -39.75 24.36 23.71
C ASP C 131 -39.35 25.56 22.87
N LEU C 132 -38.36 25.36 22.00
CA LEU C 132 -37.91 26.46 21.13
C LEU C 132 -39.09 26.99 20.31
N LEU C 133 -39.83 26.09 19.68
CA LEU C 133 -40.96 26.48 18.83
C LEU C 133 -42.09 27.17 19.61
N ASN C 134 -42.27 26.82 20.88
CA ASN C 134 -43.31 27.45 21.68
C ASN C 134 -42.84 28.77 22.29
N SER C 135 -41.53 29.04 22.21
CA SER C 135 -40.99 30.29 22.74
C SER C 135 -41.07 31.34 21.64
N GLU C 136 -40.61 32.55 21.94
CA GLU C 136 -40.62 33.62 20.95
C GLU C 136 -39.23 33.78 20.33
N LEU C 137 -38.40 32.76 20.50
CA LEU C 137 -37.04 32.82 19.97
C LEU C 137 -36.78 31.89 18.80
N ALA C 138 -35.65 32.12 18.13
CA ALA C 138 -35.19 31.31 17.02
C ALA C 138 -33.68 31.21 17.18
N PRO C 139 -33.09 30.07 16.79
CA PRO C 139 -31.64 29.97 16.93
C PRO C 139 -31.01 30.86 15.86
N ALA C 140 -29.85 31.44 16.16
CA ALA C 140 -29.16 32.30 15.18
C ALA C 140 -28.23 31.37 14.39
N VAL C 141 -28.62 31.08 13.16
CA VAL C 141 -27.86 30.16 12.30
C VAL C 141 -27.41 30.81 10.98
N PRO C 142 -26.11 30.70 10.66
CA PRO C 142 -25.59 31.27 9.41
C PRO C 142 -26.26 30.59 8.23
N SER C 143 -26.55 31.37 7.19
CA SER C 143 -27.23 30.84 6.02
C SER C 143 -26.38 30.04 5.03
N ARG C 144 -25.07 30.28 5.02
CA ARG C 144 -24.20 29.57 4.08
C ARG C 144 -23.30 28.52 4.69
N GLY C 145 -22.92 27.53 3.88
CA GLY C 145 -22.04 26.48 4.35
C GLY C 145 -22.40 25.06 3.97
N THR C 146 -23.67 24.80 3.66
CA THR C 146 -24.11 23.44 3.33
C THR C 146 -24.35 23.20 1.84
N VAL C 147 -24.02 22.00 1.38
CA VAL C 147 -24.25 21.63 0.00
C VAL C 147 -25.55 20.82 -0.10
N GLY C 148 -26.30 20.81 0.99
CA GLY C 148 -27.59 20.13 1.03
C GLY C 148 -27.60 18.62 0.88
N ASP C 150 -28.45 19.05 5.39
CA ASP C 150 -28.12 20.38 5.94
C ASP C 150 -27.41 20.32 7.28
N LEU C 151 -26.29 19.61 7.31
CA LEU C 151 -25.52 19.42 8.52
C LEU C 151 -24.96 20.67 9.18
N THR C 152 -24.37 21.57 8.40
CA THR C 152 -23.79 22.78 8.96
C THR C 152 -24.80 23.66 9.71
N PRO C 153 -25.90 24.05 9.06
CA PRO C 153 -26.85 24.90 9.79
C PRO C 153 -27.45 24.20 11.02
N LEU C 154 -27.66 22.90 10.92
CA LEU C 154 -28.23 22.15 12.04
C LEU C 154 -27.20 22.04 13.17
N ALA C 155 -25.92 21.94 12.82
CA ALA C 155 -24.88 21.87 13.83
C ALA C 155 -24.91 23.17 14.63
N HIS C 156 -25.07 24.29 13.92
CA HIS C 156 -25.14 25.60 14.56
C HIS C 156 -26.38 25.66 15.45
N MET C 157 -27.47 25.06 14.98
CA MET C 157 -28.71 25.02 15.75
C MET C 157 -28.44 24.31 17.09
N VAL C 158 -27.75 23.18 17.03
CA VAL C 158 -27.43 22.42 18.24
C VAL C 158 -26.62 23.28 19.22
N LEU C 159 -25.61 23.99 18.71
CA LEU C 159 -24.80 24.83 19.58
C LEU C 159 -25.66 25.89 20.27
N CYS C 160 -26.59 26.48 19.51
CA CYS C 160 -27.48 27.49 20.08
C CYS C 160 -28.34 26.87 21.17
N LEU C 161 -28.89 25.69 20.89
CA LEU C 161 -29.75 25.01 21.86
C LEU C 161 -29.00 24.59 23.13
N GLN C 162 -27.68 24.60 23.09
CA GLN C 162 -26.87 24.25 24.26
C GLN C 162 -26.44 25.53 24.95
N GLY C 163 -26.86 26.66 24.40
CA GLY C 163 -26.49 27.95 24.96
C GLY C 163 -25.10 28.38 24.53
N ARG C 164 -24.59 27.74 23.48
CA ARG C 164 -23.26 28.05 22.96
C ARG C 164 -23.34 28.78 21.62
N GLY C 165 -24.47 29.42 21.37
CA GLY C 165 -24.69 30.15 20.13
C GLY C 165 -25.78 31.17 20.37
N ASP C 166 -25.85 32.19 19.53
CA ASP C 166 -26.87 33.23 19.70
C ASP C 166 -28.29 32.81 19.34
N PHE C 167 -29.23 33.65 19.76
CA PHE C 167 -30.65 33.45 19.49
C PHE C 167 -31.14 34.73 18.85
N LEU C 168 -32.32 34.68 18.24
CA LEU C 168 -32.92 35.85 17.62
C LEU C 168 -34.30 36.04 18.22
N ASP C 169 -34.66 37.28 18.50
CA ASP C 169 -36.00 37.56 19.02
C ASP C 169 -36.81 37.83 17.74
N ARG C 170 -38.13 37.94 17.85
CA ARG C 170 -38.95 38.18 16.67
C ARG C 170 -38.44 39.31 15.78
N ASP C 171 -37.88 40.34 16.39
CA ASP C 171 -37.36 41.50 15.66
C ASP C 171 -36.04 41.25 14.97
N GLY C 172 -35.38 40.15 15.30
CA GLY C 172 -34.11 39.84 14.70
C GLY C 172 -32.94 40.28 15.57
N THR C 173 -33.26 40.92 16.69
CA THR C 173 -32.21 41.37 17.61
C THR C 173 -31.57 40.11 18.20
N ARG C 174 -30.24 40.08 18.23
CA ARG C 174 -29.53 38.92 18.73
C ARG C 174 -29.27 38.92 20.22
N LEU C 175 -29.34 37.73 20.81
CA LEU C 175 -29.11 37.53 22.24
C LEU C 175 -28.04 36.46 22.33
N ASP C 176 -27.18 36.53 23.34
CA ASP C 176 -26.15 35.50 23.46
C ASP C 176 -26.84 34.23 23.94
N GLY C 177 -26.13 33.10 23.84
CA GLY C 177 -26.68 31.83 24.25
C GLY C 177 -27.29 31.79 25.65
N ALA C 178 -26.54 32.25 26.64
CA ALA C 178 -27.01 32.23 28.03
C ALA C 178 -28.29 33.04 28.19
N GLU C 179 -28.31 34.22 27.60
CA GLU C 179 -29.47 35.10 27.67
C GLU C 179 -30.67 34.44 26.97
N GLY C 180 -30.39 33.80 25.83
CA GLY C 180 -31.43 33.14 25.07
C GLY C 180 -32.13 32.06 25.88
N LEU C 181 -31.34 31.19 26.51
CA LEU C 181 -31.93 30.10 27.28
C LEU C 181 -32.81 30.65 28.41
N ARG C 182 -32.37 31.73 29.05
CA ARG C 182 -33.15 32.32 30.13
C ARG C 182 -34.41 33.04 29.62
N ARG C 183 -34.24 33.93 28.65
CA ARG C 183 -35.40 34.65 28.13
C ARG C 183 -36.46 33.74 27.53
N GLY C 184 -36.03 32.68 26.86
CA GLY C 184 -37.01 31.77 26.26
C GLY C 184 -37.46 30.67 27.19
N ARG C 185 -36.85 30.63 28.38
CA ARG C 185 -37.15 29.60 29.37
C ARG C 185 -36.89 28.22 28.74
N LEU C 186 -35.68 28.08 28.21
CA LEU C 186 -35.25 26.85 27.57
C LEU C 186 -34.16 26.18 28.39
N GLN C 187 -34.18 24.86 28.42
CA GLN C 187 -33.16 24.11 29.14
C GLN C 187 -32.08 23.74 28.12
N PRO C 188 -30.81 23.70 28.56
CA PRO C 188 -29.74 23.36 27.63
C PRO C 188 -29.89 21.95 27.06
N LEU C 189 -29.61 21.82 25.78
CA LEU C 189 -29.70 20.53 25.11
C LEU C 189 -28.65 19.58 25.67
N ASP C 190 -29.08 18.37 26.01
CA ASP C 190 -28.19 17.35 26.57
C ASP C 190 -28.22 16.11 25.68
N LEU C 191 -27.10 15.82 25.02
CA LEU C 191 -27.03 14.68 24.12
C LEU C 191 -26.36 13.43 24.70
N SER C 192 -26.51 13.24 26.01
CA SER C 192 -25.91 12.09 26.67
C SER C 192 -26.43 10.74 26.17
N HIS C 193 -27.61 10.73 25.56
CA HIS C 193 -28.19 9.48 25.04
C HIS C 193 -27.55 9.04 23.71
N ARG C 194 -26.63 9.86 23.20
CA ARG C 194 -25.95 9.58 21.93
C ARG C 194 -26.90 9.70 20.74
N ASP C 195 -27.87 10.60 20.87
CA ASP C 195 -28.87 10.84 19.82
C ASP C 195 -28.58 12.11 19.03
N ALA C 196 -27.31 12.49 18.95
CA ALA C 196 -26.92 13.70 18.22
C ALA C 196 -27.30 13.66 16.73
N LEU C 197 -27.23 12.48 16.12
CA LEU C 197 -27.57 12.40 14.70
C LEU C 197 -29.05 12.60 14.43
N ALA C 198 -29.85 12.66 15.49
CA ALA C 198 -31.28 12.90 15.32
C ALA C 198 -31.49 14.39 15.06
N LEU C 199 -30.50 15.20 15.44
CA LEU C 199 -30.58 16.64 15.26
C LEU C 199 -29.75 17.15 14.09
N VAL C 200 -28.61 16.52 13.86
CA VAL C 200 -27.71 16.90 12.78
C VAL C 200 -27.95 15.88 11.68
N ASN C 201 -28.99 16.11 10.89
CA ASN C 201 -29.34 15.17 9.84
C ASN C 201 -30.45 15.72 8.95
N GLY C 202 -30.66 15.06 7.82
CA GLY C 202 -31.74 15.43 6.93
C GLY C 202 -31.67 16.71 6.12
N THR C 203 -32.84 17.11 5.64
CA THR C 203 -33.00 18.28 4.79
C THR C 203 -33.81 19.39 5.48
N SER C 204 -33.69 19.48 6.80
CA SER C 204 -34.42 20.45 7.60
C SER C 204 -34.30 21.92 7.21
N ALA C 205 -33.09 22.37 6.89
CA ALA C 205 -32.89 23.77 6.53
C ALA C 205 -33.57 24.14 5.21
N MET C 206 -33.30 23.38 4.15
CA MET C 206 -33.91 23.69 2.85
C MET C 206 -35.43 23.53 2.93
N THR C 207 -35.90 22.57 3.72
CA THR C 207 -37.33 22.37 3.86
C THR C 207 -37.95 23.55 4.60
N GLY C 208 -37.28 24.02 5.64
CA GLY C 208 -37.79 25.16 6.40
C GLY C 208 -37.84 26.41 5.54
N ILE C 209 -36.78 26.63 4.76
CA ILE C 209 -36.73 27.78 3.87
C ILE C 209 -37.82 27.67 2.82
N ALA C 210 -37.95 26.49 2.22
CA ALA C 210 -38.95 26.27 1.18
C ALA C 210 -40.38 26.43 1.67
N LEU C 211 -40.67 26.01 2.89
CA LEU C 211 -42.04 26.15 3.38
C LEU C 211 -42.38 27.62 3.62
N VAL C 212 -41.36 28.43 3.94
CA VAL C 212 -41.61 29.85 4.12
C VAL C 212 -41.81 30.45 2.73
N ASN C 213 -41.10 29.92 1.74
CA ASN C 213 -41.26 30.40 0.36
C ASN C 213 -42.66 30.09 -0.12
N ALA C 214 -43.15 28.90 0.20
CA ALA C 214 -44.49 28.48 -0.21
C ALA C 214 -45.57 29.42 0.32
N HIS C 215 -45.49 29.77 1.59
CA HIS C 215 -46.46 30.66 2.23
C HIS C 215 -46.42 32.06 1.60
N ALA C 216 -45.22 32.58 1.39
CA ALA C 216 -45.07 33.91 0.80
C ALA C 216 -45.62 33.93 -0.63
N CYS C 217 -45.36 32.86 -1.39
CA CYS C 217 -45.83 32.78 -2.76
C CYS C 217 -47.36 32.75 -2.86
N ARG C 218 -48.02 32.13 -1.90
CA ARG C 218 -49.48 32.08 -1.92
C ARG C 218 -50.04 33.50 -1.79
N HIS C 219 -49.45 34.28 -0.89
CA HIS C 219 -49.91 35.65 -0.68
C HIS C 219 -49.59 36.53 -1.88
N LEU C 220 -48.36 36.44 -2.39
CA LEU C 220 -47.99 37.25 -3.53
C LEU C 220 -48.82 36.89 -4.76
N GLY C 221 -49.20 35.61 -4.86
CA GLY C 221 -50.02 35.17 -5.97
C GLY C 221 -51.39 35.81 -5.87
N ASN C 222 -51.90 35.94 -4.65
CA ASN C 222 -53.21 36.57 -4.46
C ASN C 222 -53.12 38.05 -4.86
N TRP C 223 -52.00 38.69 -4.55
CA TRP C 223 -51.80 40.08 -4.92
C TRP C 223 -51.65 40.23 -6.43
N ALA C 224 -50.93 39.30 -7.06
CA ALA C 224 -50.72 39.35 -8.50
C ALA C 224 -52.08 39.34 -9.22
N VAL C 225 -53.00 38.53 -8.70
CA VAL C 225 -54.35 38.42 -9.24
C VAL C 225 -55.14 39.69 -8.95
N ALA C 226 -55.13 40.13 -7.70
CA ALA C 226 -55.85 41.34 -7.31
C ALA C 226 -55.38 42.58 -8.05
N LEU C 227 -54.07 42.69 -8.27
CA LEU C 227 -53.54 43.86 -8.97
C LEU C 227 -53.81 43.78 -10.47
N THR C 228 -53.86 42.57 -11.01
CA THR C 228 -54.16 42.40 -12.43
C THR C 228 -55.60 42.84 -12.64
N ALA C 229 -56.45 42.48 -11.69
CA ALA C 229 -57.87 42.84 -11.74
C ALA C 229 -58.05 44.34 -11.67
N LEU C 230 -57.36 44.98 -10.72
CA LEU C 230 -57.47 46.41 -10.57
C LEU C 230 -56.88 47.10 -11.80
N LEU C 231 -55.87 46.50 -12.41
CA LEU C 231 -55.27 47.06 -13.62
C LEU C 231 -56.35 47.15 -14.70
N ALA C 232 -57.14 46.09 -14.79
CA ALA C 232 -58.23 46.02 -15.77
C ALA C 232 -59.24 47.13 -15.53
N GLU C 233 -59.49 47.45 -14.27
CA GLU C 233 -60.44 48.49 -13.93
C GLU C 233 -59.90 49.88 -14.23
N CYS C 234 -58.58 50.01 -14.30
CA CYS C 234 -57.95 51.29 -14.59
C CYS C 234 -57.71 51.50 -16.08
N LEU C 235 -57.65 50.40 -16.84
CA LEU C 235 -57.40 50.49 -18.28
C LEU C 235 -58.52 49.97 -19.16
N ARG C 236 -59.73 49.89 -18.60
CA ARG C 236 -60.90 49.39 -19.35
C ARG C 236 -60.64 48.01 -19.95
N GLY C 237 -60.08 47.11 -19.15
CA GLY C 237 -59.78 45.77 -19.63
C GLY C 237 -60.99 44.95 -20.04
N ARG C 238 -60.80 44.03 -20.97
CA ARG C 238 -61.87 43.18 -21.48
C ARG C 238 -61.94 41.86 -20.70
N THR C 239 -63.06 41.64 -20.00
CA THR C 239 -63.23 40.42 -19.22
C THR C 239 -63.48 39.16 -20.02
N GLU C 240 -63.85 39.27 -21.29
CA GLU C 240 -64.12 38.06 -22.05
C GLU C 240 -62.89 37.16 -22.15
N ALA C 241 -61.69 37.74 -22.02
CA ALA C 241 -60.47 36.95 -22.08
C ALA C 241 -60.34 36.08 -20.82
N TRP C 242 -61.08 36.43 -19.78
CA TRP C 242 -61.01 35.68 -18.53
C TRP C 242 -62.20 34.73 -18.36
N ALA C 243 -62.97 34.57 -19.43
CA ALA C 243 -64.15 33.70 -19.42
C ALA C 243 -63.84 32.25 -19.05
N ALA C 244 -64.71 31.65 -18.25
CA ALA C 244 -64.52 30.27 -17.83
C ALA C 244 -64.49 29.32 -19.04
N ALA C 245 -65.25 29.64 -20.07
CA ALA C 245 -65.29 28.80 -21.26
C ALA C 245 -63.89 28.62 -21.87
N LEU C 246 -63.07 29.66 -21.81
CA LEU C 246 -61.72 29.56 -22.35
C LEU C 246 -60.89 28.62 -21.50
N SER C 247 -61.07 28.71 -20.18
CA SER C 247 -60.34 27.85 -19.25
C SER C 247 -60.66 26.39 -19.55
N ASP C 248 -61.94 26.11 -19.76
CA ASP C 248 -62.37 24.74 -20.03
C ASP C 248 -61.75 24.17 -21.29
N LEU C 249 -61.43 25.03 -22.26
CA LEU C 249 -60.81 24.56 -23.50
C LEU C 249 -59.34 24.18 -23.33
N ARG C 250 -58.69 24.75 -22.32
CA ARG C 250 -57.29 24.47 -22.00
C ARG C 250 -57.28 24.33 -20.48
N PRO C 251 -57.85 23.22 -19.98
CA PRO C 251 -57.99 22.86 -18.56
C PRO C 251 -56.82 22.73 -17.60
N HIS C 252 -55.86 23.65 -17.64
CA HIS C 252 -54.77 23.58 -16.66
C HIS C 252 -55.41 24.08 -15.36
N PRO C 253 -55.27 23.31 -14.27
CA PRO C 253 -55.85 23.71 -12.97
C PRO C 253 -55.51 25.13 -12.54
N GLY C 254 -54.24 25.49 -12.67
CA GLY C 254 -53.79 26.82 -12.27
C GLY C 254 -54.45 27.91 -13.11
N GLN C 255 -54.60 27.65 -14.40
CA GLN C 255 -55.22 28.64 -15.28
C GLN C 255 -56.69 28.82 -14.98
N LYS C 256 -57.40 27.70 -14.77
CA LYS C 256 -58.82 27.78 -14.46
C LYS C 256 -59.01 28.58 -13.17
N ASP C 257 -58.17 28.28 -12.19
CA ASP C 257 -58.22 28.94 -10.90
C ASP C 257 -57.90 30.44 -11.03
N ALA C 258 -56.86 30.75 -11.78
CA ALA C 258 -56.47 32.15 -11.98
C ALA C 258 -57.61 32.94 -12.61
N ALA C 259 -58.17 32.40 -13.70
CA ALA C 259 -59.26 33.06 -14.40
C ALA C 259 -60.48 33.28 -13.48
N ALA C 260 -60.83 32.27 -12.70
CA ALA C 260 -61.96 32.38 -11.80
C ALA C 260 -61.75 33.48 -10.75
N ARG C 261 -60.55 33.51 -10.19
CA ARG C 261 -60.21 34.52 -9.17
C ARG C 261 -60.18 35.92 -9.78
N LEU C 262 -59.77 36.01 -11.04
CA LEU C 262 -59.74 37.30 -11.72
C LEU C 262 -61.16 37.80 -11.92
N ARG C 263 -62.04 36.90 -12.36
CA ARG C 263 -63.44 37.25 -12.58
C ARG C 263 -64.08 37.72 -11.27
N ALA C 264 -63.79 37.00 -10.19
CA ALA C 264 -64.33 37.35 -8.87
C ALA C 264 -63.86 38.74 -8.44
N ARG C 265 -62.60 39.06 -8.68
CA ARG C 265 -62.06 40.36 -8.29
C ARG C 265 -62.78 41.52 -8.97
N VAL C 266 -63.16 41.36 -10.24
CA VAL C 266 -63.83 42.44 -10.95
C VAL C 266 -65.35 42.34 -10.97
N ASP C 267 -65.90 41.44 -10.16
CA ASP C 267 -67.35 41.30 -10.10
C ASP C 267 -67.94 42.61 -9.57
N GLY C 268 -68.98 43.11 -10.24
CA GLY C 268 -69.59 44.35 -9.79
C GLY C 268 -68.92 45.61 -10.33
N SER C 269 -67.87 45.44 -11.12
CA SER C 269 -67.16 46.60 -11.69
C SER C 269 -67.87 47.14 -12.91
N ALA C 270 -67.88 48.47 -13.04
CA ALA C 270 -68.50 49.11 -14.19
C ALA C 270 -67.38 49.75 -15.02
N ARG C 271 -66.15 49.49 -14.63
CA ARG C 271 -64.99 50.04 -15.30
C ARG C 271 -64.35 49.11 -16.33
N VAL C 272 -64.77 47.85 -16.35
CA VAL C 272 -64.22 46.89 -17.30
C VAL C 272 -65.19 46.72 -18.47
N VAL C 273 -64.69 46.18 -19.57
CA VAL C 273 -65.50 45.94 -20.77
C VAL C 273 -65.95 44.49 -20.73
N ARG C 274 -67.25 44.26 -20.67
CA ARG C 274 -67.78 42.90 -20.60
C ARG C 274 -68.36 42.36 -21.89
N HIS C 275 -68.49 43.23 -22.89
CA HIS C 275 -69.03 42.81 -24.18
C HIS C 275 -68.14 41.81 -24.89
N VAL C 276 -68.74 40.79 -25.48
CA VAL C 276 -68.01 39.78 -26.25
C VAL C 276 -68.00 40.39 -27.66
N ILE C 277 -66.81 40.70 -28.19
CA ILE C 277 -66.73 41.36 -29.50
C ILE C 277 -67.39 40.64 -30.67
N ALA C 278 -67.35 39.31 -30.68
CA ALA C 278 -67.94 38.55 -31.77
C ALA C 278 -69.46 38.74 -31.88
N GLU C 279 -70.05 39.38 -30.86
CA GLU C 279 -71.50 39.61 -30.87
C GLU C 279 -71.85 40.70 -31.87
N ARG C 280 -70.87 41.55 -32.16
CA ARG C 280 -71.03 42.66 -33.10
C ARG C 280 -71.01 42.23 -34.56
N ARG C 281 -72.02 42.66 -35.31
CA ARG C 281 -72.11 42.37 -36.74
C ARG C 281 -71.61 43.62 -37.46
N LEU C 282 -70.62 43.47 -38.32
CA LEU C 282 -70.06 44.60 -39.03
C LEU C 282 -70.76 44.92 -40.35
N ASP C 283 -70.79 46.20 -40.69
CA ASP C 283 -71.39 46.68 -41.94
C ASP C 283 -70.25 47.25 -42.76
N ALA C 284 -70.50 47.44 -44.05
CA ALA C 284 -69.48 47.98 -44.95
C ALA C 284 -68.96 49.33 -44.46
N GLY C 285 -69.86 50.12 -43.87
CA GLY C 285 -69.48 51.43 -43.38
C GLY C 285 -68.51 51.40 -42.21
N ASP C 286 -68.44 50.29 -41.48
CA ASP C 286 -67.55 50.19 -40.34
C ASP C 286 -66.10 49.87 -40.72
N ILE C 287 -65.91 49.38 -41.94
CA ILE C 287 -64.58 49.01 -42.40
C ILE C 287 -63.62 50.18 -42.46
N GLY C 288 -62.53 50.05 -41.70
CA GLY C 288 -61.52 51.09 -41.62
C GLY C 288 -60.76 50.89 -40.33
N THR C 289 -60.07 51.93 -39.87
CA THR C 289 -59.29 51.84 -38.65
C THR C 289 -60.07 52.39 -37.46
N GLU C 290 -60.31 51.53 -36.47
CA GLU C 290 -61.03 51.94 -35.28
C GLU C 290 -60.04 52.44 -34.23
N PRO C 291 -60.52 53.22 -33.25
CA PRO C 291 -59.66 53.76 -32.19
C PRO C 291 -58.85 52.71 -31.43
N GLU C 292 -59.48 51.61 -31.05
CA GLU C 292 -58.78 50.57 -30.31
C GLU C 292 -59.04 49.18 -30.88
N ALA C 293 -58.12 48.25 -30.61
CA ALA C 293 -58.26 46.89 -31.09
C ALA C 293 -59.30 46.17 -30.23
N GLY C 294 -59.83 45.06 -30.74
CA GLY C 294 -60.82 44.31 -30.00
C GLY C 294 -60.29 43.41 -28.89
N GLN C 295 -58.96 43.39 -28.74
CA GLN C 295 -58.33 42.57 -27.70
C GLN C 295 -57.26 43.40 -26.97
N ASP C 296 -57.03 43.08 -25.70
CA ASP C 296 -56.03 43.79 -24.91
C ASP C 296 -54.65 43.20 -25.11
N ALA C 297 -53.64 43.93 -24.67
CA ALA C 297 -52.26 43.45 -24.77
C ALA C 297 -52.15 42.25 -23.83
N TYR C 298 -51.10 41.45 -24.01
CA TYR C 298 -50.91 40.25 -23.21
C TYR C 298 -50.90 40.41 -21.69
N SER C 299 -50.38 41.53 -21.19
CA SER C 299 -50.32 41.74 -19.74
C SER C 299 -51.69 41.66 -19.06
N LEU C 300 -52.75 41.73 -19.86
CA LEU C 300 -54.10 41.61 -19.35
C LEU C 300 -54.78 40.37 -19.93
N ARG C 301 -54.77 40.26 -21.26
CA ARG C 301 -55.41 39.14 -21.95
C ARG C 301 -54.86 37.75 -21.62
N CYS C 302 -53.55 37.66 -21.41
CA CYS C 302 -52.93 36.36 -21.10
C CYS C 302 -52.62 36.15 -19.63
N ALA C 303 -53.19 36.98 -18.76
CA ALA C 303 -52.94 36.85 -17.33
C ALA C 303 -53.32 35.46 -16.80
N PRO C 304 -54.47 34.92 -17.23
CA PRO C 304 -54.83 33.59 -16.73
C PRO C 304 -53.77 32.55 -17.07
N GLN C 305 -53.27 32.62 -18.31
CA GLN C 305 -52.25 31.68 -18.77
C GLN C 305 -50.90 31.83 -18.09
N VAL C 306 -50.46 33.07 -17.88
CA VAL C 306 -49.17 33.31 -17.24
C VAL C 306 -49.26 33.03 -15.74
N LEU C 307 -50.26 33.61 -15.07
CA LEU C 307 -50.41 33.39 -13.65
C LEU C 307 -50.68 31.90 -13.39
N GLY C 308 -51.47 31.30 -14.27
CA GLY C 308 -51.81 29.90 -14.12
C GLY C 308 -50.63 28.94 -14.15
N ALA C 309 -49.70 29.19 -15.07
CA ALA C 309 -48.50 28.37 -15.19
C ALA C 309 -47.71 28.50 -13.90
N GLY C 310 -47.68 29.72 -13.37
CA GLY C 310 -46.98 29.95 -12.13
C GLY C 310 -47.66 29.22 -10.99
N PHE C 311 -49.00 29.24 -10.98
CA PHE C 311 -49.74 28.55 -9.92
C PHE C 311 -49.55 27.04 -9.98
N ASP C 312 -49.47 26.48 -11.19
CA ASP C 312 -49.27 25.05 -11.33
C ASP C 312 -47.86 24.64 -10.88
N THR C 313 -46.91 25.55 -11.05
CA THR C 313 -45.53 25.28 -10.62
C THR C 313 -45.52 25.27 -9.09
N LEU C 314 -46.18 26.24 -8.48
CA LEU C 314 -46.25 26.32 -7.02
C LEU C 314 -46.97 25.11 -6.44
N ALA C 315 -47.99 24.62 -7.15
CA ALA C 315 -48.74 23.45 -6.70
C ALA C 315 -47.83 22.21 -6.70
N TRP C 316 -46.97 22.10 -7.70
CA TRP C 316 -46.04 20.96 -7.78
C TRP C 316 -45.05 21.06 -6.63
N HIS C 317 -44.49 22.26 -6.48
CA HIS C 317 -43.54 22.57 -5.43
C HIS C 317 -44.11 22.17 -4.06
N ASP C 318 -45.34 22.58 -3.82
CA ASP C 318 -46.01 22.29 -2.55
C ASP C 318 -46.32 20.80 -2.35
N ARG C 319 -46.65 20.07 -3.41
CA ARG C 319 -46.92 18.64 -3.28
C ARG C 319 -45.63 17.94 -2.84
N VAL C 320 -44.54 18.25 -3.54
CA VAL C 320 -43.25 17.66 -3.23
C VAL C 320 -42.78 18.06 -1.83
N LEU C 321 -42.93 19.33 -1.47
CA LEU C 321 -42.52 19.82 -0.16
C LEU C 321 -43.30 19.16 0.98
N THR C 322 -44.59 18.95 0.77
CA THR C 322 -45.42 18.33 1.79
C THR C 322 -44.89 16.93 2.12
N ILE C 323 -44.47 16.20 1.08
CA ILE C 323 -43.91 14.86 1.29
C ILE C 323 -42.59 14.95 2.05
N GLU C 324 -41.72 15.86 1.61
CA GLU C 324 -40.41 16.06 2.22
C GLU C 324 -40.53 16.47 3.69
N LEU C 325 -41.44 17.39 3.97
CA LEU C 325 -41.64 17.86 5.33
C LEU C 325 -42.10 16.76 6.28
N ASN C 326 -42.94 15.87 5.77
CA ASN C 326 -43.47 14.78 6.58
C ASN C 326 -42.70 13.46 6.45
N ALA C 327 -41.53 13.52 5.85
CA ALA C 327 -40.70 12.33 5.67
C ALA C 327 -39.58 12.27 6.70
N VAL C 328 -38.87 11.15 6.70
CA VAL C 328 -37.72 10.98 7.58
C VAL C 328 -36.55 11.04 6.62
N THR C 329 -35.78 12.12 6.70
CA THR C 329 -34.65 12.30 5.80
C THR C 329 -33.33 11.97 6.49
N ASP C 330 -33.44 11.29 7.63
CA ASP C 330 -32.29 10.89 8.45
C ASP C 330 -31.46 9.76 7.86
N ASN C 331 -30.22 9.67 8.35
CA ASN C 331 -29.30 8.60 8.02
C ASN C 331 -28.28 8.56 9.16
N PRO C 332 -28.17 7.41 9.83
CA PRO C 332 -28.95 6.19 9.57
C PRO C 332 -30.36 6.31 10.14
N VAL C 333 -31.18 5.28 9.93
CA VAL C 333 -32.53 5.26 10.44
C VAL C 333 -32.76 3.93 11.15
N PHE C 334 -33.69 3.92 12.09
CA PHE C 334 -33.99 2.74 12.87
C PHE C 334 -35.43 2.29 12.62
N PRO C 335 -35.60 1.30 11.72
CA PRO C 335 -36.91 0.73 11.35
C PRO C 335 -37.80 0.41 12.54
N PRO C 336 -38.97 1.05 12.61
CA PRO C 336 -39.91 0.82 13.71
C PRO C 336 -40.33 -0.64 13.84
N ASP C 337 -40.48 -1.33 12.70
CA ASP C 337 -40.89 -2.73 12.71
C ASP C 337 -39.84 -3.69 13.27
N GLY C 338 -38.61 -3.18 13.46
CA GLY C 338 -37.55 -4.02 13.99
C GLY C 338 -36.98 -5.04 13.01
N SER C 339 -37.35 -4.93 11.73
CA SER C 339 -36.87 -5.85 10.70
C SER C 339 -35.35 -5.98 10.73
N VAL C 340 -34.66 -4.84 10.79
CA VAL C 340 -33.20 -4.80 10.87
C VAL C 340 -32.89 -3.74 11.92
N PRO C 341 -31.73 -3.84 12.59
CA PRO C 341 -31.38 -2.85 13.61
C PRO C 341 -31.34 -1.42 13.09
N ALA C 342 -30.79 -1.23 11.90
CA ALA C 342 -30.70 0.11 11.31
C ALA C 342 -30.47 0.00 9.82
N LEU C 343 -30.83 1.06 9.10
CA LEU C 343 -30.65 1.13 7.66
C LEU C 343 -29.76 2.31 7.32
N HIS C 344 -28.85 2.10 6.36
CA HIS C 344 -27.95 3.16 5.93
C HIS C 344 -28.23 3.47 4.46
N GLY C 345 -28.49 4.73 4.16
CA GLY C 345 -28.78 5.13 2.80
C GLY C 345 -28.54 6.61 2.59
N GLY C 346 -29.29 7.22 1.66
CA GLY C 346 -29.09 8.63 1.41
C GLY C 346 -30.33 9.49 1.38
N ASN C 347 -31.25 9.29 2.32
CA ASN C 347 -32.46 10.10 2.35
C ASN C 347 -32.24 11.56 2.69
N PHE C 348 -30.99 11.90 3.00
CA PHE C 348 -30.63 13.28 3.33
C PHE C 348 -30.33 14.07 2.05
N MET C 349 -30.33 13.39 0.91
CA MET C 349 -30.03 14.04 -0.38
C MET C 349 -31.21 14.92 -0.77
N GLY C 350 -31.03 16.23 -0.66
CA GLY C 350 -32.10 17.17 -0.94
C GLY C 350 -32.37 17.51 -2.40
N GLN C 351 -32.33 16.52 -3.29
CA GLN C 351 -32.56 16.80 -4.69
C GLN C 351 -33.98 17.24 -5.00
N HIS C 352 -34.97 16.70 -4.28
CA HIS C 352 -36.36 17.10 -4.52
C HIS C 352 -36.60 18.58 -4.24
N VAL C 353 -36.14 19.08 -3.10
CA VAL C 353 -36.34 20.48 -2.77
C VAL C 353 -35.51 21.35 -3.69
N ALA C 354 -34.34 20.84 -4.09
CA ALA C 354 -33.48 21.60 -4.99
C ALA C 354 -34.18 21.88 -6.32
N LEU C 355 -34.70 20.82 -6.94
CA LEU C 355 -35.38 20.95 -8.23
C LEU C 355 -36.67 21.76 -8.18
N THR C 356 -37.46 21.58 -7.12
CA THR C 356 -38.71 22.34 -7.03
C THR C 356 -38.43 23.81 -6.71
N SER C 357 -37.41 24.06 -5.90
CA SER C 357 -37.06 25.44 -5.56
C SER C 357 -36.58 26.19 -6.79
N ASP C 358 -35.79 25.52 -7.63
CA ASP C 358 -35.30 26.13 -8.86
C ASP C 358 -36.45 26.38 -9.81
N ALA C 359 -37.37 25.42 -9.92
CA ALA C 359 -38.52 25.56 -10.80
C ALA C 359 -39.41 26.71 -10.33
N LEU C 360 -39.62 26.81 -9.02
CA LEU C 360 -40.44 27.88 -8.46
C LEU C 360 -39.76 29.23 -8.68
N ALA C 361 -38.43 29.26 -8.52
CA ALA C 361 -37.69 30.50 -8.71
C ALA C 361 -37.90 31.04 -10.12
N THR C 362 -37.95 30.14 -11.11
CA THR C 362 -38.17 30.56 -12.49
C THR C 362 -39.58 31.12 -12.64
N ALA C 363 -40.56 30.41 -12.08
CA ALA C 363 -41.95 30.85 -12.15
C ALA C 363 -42.08 32.23 -11.50
N VAL C 364 -41.43 32.41 -10.35
CA VAL C 364 -41.49 33.68 -9.64
C VAL C 364 -40.92 34.80 -10.52
N THR C 365 -39.80 34.53 -11.18
CA THR C 365 -39.18 35.53 -12.04
C THR C 365 -40.10 35.87 -13.22
N VAL C 366 -40.79 34.85 -13.74
CA VAL C 366 -41.73 35.06 -14.83
C VAL C 366 -42.89 35.94 -14.39
N LEU C 367 -43.47 35.62 -13.23
CA LEU C 367 -44.60 36.40 -12.71
C LEU C 367 -44.20 37.82 -12.32
N ALA C 368 -42.98 37.99 -11.84
CA ALA C 368 -42.49 39.32 -11.47
C ALA C 368 -42.37 40.11 -12.77
N GLY C 369 -41.98 39.42 -13.84
CA GLY C 369 -41.85 40.06 -15.14
C GLY C 369 -43.20 40.59 -15.60
N LEU C 370 -44.27 39.83 -15.35
CA LEU C 370 -45.61 40.25 -15.74
C LEU C 370 -45.98 41.53 -14.97
N ALA C 371 -45.77 41.51 -13.65
CA ALA C 371 -46.08 42.67 -12.84
C ALA C 371 -45.29 43.89 -13.31
N GLU C 372 -44.02 43.67 -13.64
CA GLU C 372 -43.14 44.75 -14.10
C GLU C 372 -43.63 45.36 -15.41
N ARG C 373 -44.13 44.51 -16.31
CA ARG C 373 -44.65 45.00 -17.59
C ARG C 373 -46.01 45.70 -17.37
N GLN C 374 -46.75 45.27 -16.36
CA GLN C 374 -48.03 45.91 -16.07
C GLN C 374 -47.79 47.34 -15.57
N ILE C 375 -46.71 47.53 -14.82
CA ILE C 375 -46.36 48.86 -14.32
C ILE C 375 -45.94 49.72 -15.51
N ALA C 376 -45.10 49.15 -16.35
CA ALA C 376 -44.59 49.84 -17.54
C ALA C 376 -45.70 50.31 -18.47
N ARG C 377 -46.77 49.53 -18.55
CA ARG C 377 -47.90 49.87 -19.41
C ARG C 377 -48.79 50.93 -18.75
N LEU C 378 -49.06 50.75 -17.47
CA LEU C 378 -49.89 51.66 -16.71
C LEU C 378 -49.32 53.08 -16.63
N THR C 379 -48.00 53.19 -16.50
CA THR C 379 -47.35 54.50 -16.37
C THR C 379 -46.95 55.18 -17.69
N ASP C 380 -47.19 54.51 -18.80
CA ASP C 380 -46.86 55.03 -20.13
C ASP C 380 -48.04 55.79 -20.73
N GLU C 381 -47.91 57.10 -20.87
CA GLU C 381 -49.00 57.92 -21.41
C GLU C 381 -49.45 57.51 -22.82
N ARG C 382 -48.60 56.82 -23.56
CA ARG C 382 -48.97 56.39 -24.91
C ARG C 382 -49.75 55.07 -24.84
N LEU C 383 -49.69 54.40 -23.69
CA LEU C 383 -50.36 53.11 -23.54
C LEU C 383 -51.43 53.03 -22.46
N ASN C 384 -51.45 54.00 -21.54
CA ASN C 384 -52.44 53.93 -20.46
C ASN C 384 -53.81 54.54 -20.74
N ARG C 385 -54.11 54.72 -22.02
CA ARG C 385 -55.41 55.24 -22.43
C ARG C 385 -55.92 56.49 -21.70
N GLY C 386 -55.17 57.59 -21.78
CA GLY C 386 -55.63 58.81 -21.15
C GLY C 386 -55.18 59.17 -19.75
N LEU C 387 -54.43 58.29 -19.08
CA LEU C 387 -53.97 58.61 -17.74
C LEU C 387 -52.72 59.48 -17.82
N PRO C 388 -52.47 60.29 -16.78
CA PRO C 388 -51.29 61.16 -16.79
C PRO C 388 -49.99 60.35 -16.92
N PRO C 389 -48.96 60.94 -17.54
CA PRO C 389 -47.69 60.21 -17.67
C PRO C 389 -47.13 59.90 -16.29
N PHE C 390 -46.86 58.62 -16.04
CA PHE C 390 -46.32 58.17 -14.76
C PHE C 390 -47.25 58.46 -13.59
N LEU C 391 -48.53 58.61 -13.91
CA LEU C 391 -49.57 58.84 -12.90
C LEU C 391 -49.29 59.98 -11.95
N HIS C 392 -48.67 61.05 -12.45
CA HIS C 392 -48.36 62.19 -11.60
C HIS C 392 -49.58 63.05 -11.36
N ARG C 393 -49.50 63.88 -10.34
CA ARG C 393 -50.54 64.84 -10.02
C ARG C 393 -49.80 66.17 -9.98
N GLY C 394 -50.53 67.27 -9.98
CA GLY C 394 -49.88 68.56 -9.97
C GLY C 394 -49.42 68.86 -11.39
N PRO C 395 -48.68 69.96 -11.61
CA PRO C 395 -48.20 70.31 -12.96
C PRO C 395 -47.25 69.27 -13.55
N ALA C 396 -47.46 68.92 -14.82
CA ALA C 396 -46.62 67.95 -15.50
C ALA C 396 -45.24 68.55 -15.74
N GLY C 397 -44.21 67.71 -15.74
CA GLY C 397 -42.87 68.22 -15.94
C GLY C 397 -42.32 68.58 -14.57
N LEU C 398 -43.01 69.48 -13.87
CA LEU C 398 -42.59 69.88 -12.54
C LEU C 398 -42.68 68.63 -11.67
N ASN C 399 -43.67 67.79 -11.97
CA ASN C 399 -43.89 66.55 -11.23
C ASN C 399 -43.72 65.36 -12.17
N SER C 400 -43.06 64.31 -11.68
CA SER C 400 -42.82 63.13 -12.49
C SER C 400 -43.53 61.90 -11.93
N GLY C 401 -44.19 62.08 -10.80
CA GLY C 401 -44.93 60.99 -10.17
C GLY C 401 -44.14 59.72 -9.86
N PHE C 402 -44.57 58.62 -10.48
CA PHE C 402 -43.93 57.33 -10.27
C PHE C 402 -42.85 57.00 -11.30
N MET C 403 -42.35 58.02 -12.00
CA MET C 403 -41.32 57.78 -13.01
C MET C 403 -40.09 57.08 -12.43
N GLY C 404 -39.70 57.46 -11.21
CA GLY C 404 -38.56 56.83 -10.58
C GLY C 404 -38.88 55.41 -10.15
N ALA C 405 -40.02 55.24 -9.50
CA ALA C 405 -40.45 53.93 -9.02
C ALA C 405 -40.56 52.92 -10.16
N GLN C 406 -41.01 53.38 -11.32
CA GLN C 406 -41.17 52.49 -12.47
C GLN C 406 -39.82 51.91 -12.90
N VAL C 407 -38.79 52.74 -12.94
CA VAL C 407 -37.46 52.28 -13.33
C VAL C 407 -36.90 51.34 -12.26
N THR C 408 -37.21 51.64 -11.00
CA THR C 408 -36.76 50.83 -9.88
C THR C 408 -37.32 49.40 -10.00
N ALA C 409 -38.57 49.29 -10.44
CA ALA C 409 -39.19 47.98 -10.60
C ALA C 409 -38.45 47.18 -11.69
N THR C 410 -38.04 47.88 -12.75
CA THR C 410 -37.31 47.25 -13.84
C THR C 410 -35.96 46.78 -13.33
N ALA C 411 -35.33 47.61 -12.49
CA ALA C 411 -34.03 47.26 -11.93
C ALA C 411 -34.14 46.01 -11.05
N LEU C 412 -35.17 45.94 -10.23
CA LEU C 412 -35.37 44.79 -9.37
C LEU C 412 -35.53 43.51 -10.21
N LEU C 413 -36.32 43.61 -11.27
CA LEU C 413 -36.53 42.47 -12.15
C LEU C 413 -35.24 42.02 -12.83
N ALA C 414 -34.51 42.99 -13.40
CA ALA C 414 -33.26 42.66 -14.08
C ALA C 414 -32.33 41.91 -13.14
N GLU C 415 -32.28 42.33 -11.88
CA GLU C 415 -31.42 41.68 -10.90
C GLU C 415 -31.86 40.24 -10.67
N MET C 416 -33.17 40.02 -10.58
CA MET C 416 -33.71 38.67 -10.36
C MET C 416 -33.22 37.74 -11.47
N ARG C 417 -33.28 38.23 -12.71
CA ARG C 417 -32.89 37.44 -13.88
C ARG C 417 -31.42 37.02 -13.93
N ALA C 418 -30.55 37.73 -13.23
CA ALA C 418 -29.12 37.42 -13.24
C ALA C 418 -28.78 36.12 -12.54
N THR C 419 -29.66 35.66 -11.66
CA THR C 419 -29.43 34.43 -10.92
C THR C 419 -30.27 33.28 -11.44
N GLY C 420 -29.61 32.18 -11.80
CA GLY C 420 -30.32 31.02 -12.30
C GLY C 420 -30.44 29.89 -11.31
N PRO C 421 -30.78 28.67 -11.78
CA PRO C 421 -30.94 27.49 -10.92
C PRO C 421 -29.64 27.15 -10.17
N ALA C 422 -29.79 26.65 -8.95
CA ALA C 422 -28.63 26.29 -8.13
C ALA C 422 -28.26 24.82 -8.33
N SER C 423 -29.25 23.98 -8.61
CA SER C 423 -29.07 22.54 -8.77
C SER C 423 -28.06 22.04 -9.79
N ILE C 424 -27.84 22.81 -10.85
CA ILE C 424 -26.91 22.40 -11.90
C ILE C 424 -25.43 22.55 -11.55
N HIS C 425 -25.13 23.13 -10.39
CA HIS C 425 -23.75 23.36 -10.01
C HIS C 425 -23.13 22.36 -9.03
N SER C 426 -23.56 21.11 -9.09
CA SER C 426 -23.02 20.10 -8.20
C SER C 426 -21.52 19.93 -8.44
N ILE C 427 -20.77 19.84 -7.36
CA ILE C 427 -19.33 19.66 -7.42
C ILE C 427 -18.93 18.56 -6.44
N SER C 428 -18.16 17.59 -6.92
CA SER C 428 -17.70 16.47 -6.10
C SER C 428 -16.86 17.03 -4.94
N THR C 429 -17.21 16.66 -3.72
CA THR C 429 -16.50 17.17 -2.55
C THR C 429 -16.39 16.11 -1.44
N ASN C 430 -15.81 16.50 -0.29
CA ASN C 430 -15.65 15.56 0.82
C ASN C 430 -14.78 14.39 0.38
N ALA C 431 -13.63 14.70 -0.22
CA ALA C 431 -12.69 13.69 -0.70
C ALA C 431 -13.38 12.72 -1.67
N ALA C 432 -14.27 13.27 -2.50
CA ALA C 432 -15.02 12.51 -3.51
C ALA C 432 -16.13 11.61 -2.95
N ASN C 433 -16.31 11.60 -1.63
CA ASN C 433 -17.37 10.78 -1.02
C ASN C 433 -18.72 11.36 -1.45
N GLN C 434 -18.82 12.68 -1.39
CA GLN C 434 -20.03 13.38 -1.81
C GLN C 434 -19.76 13.78 -3.25
N ASP C 435 -19.70 12.82 -4.15
CA ASP C 435 -19.39 13.16 -5.53
C ASP C 435 -20.49 13.88 -6.29
N VAL C 436 -21.69 13.86 -5.70
CA VAL C 436 -22.84 14.59 -6.26
C VAL C 436 -23.56 15.19 -5.05
N VAL C 437 -23.95 16.45 -5.14
CA VAL C 437 -24.65 17.13 -4.06
C VAL C 437 -25.87 17.87 -4.62
N SER C 438 -26.91 18.03 -3.81
CA SER C 438 -28.14 18.68 -4.25
C SER C 438 -28.12 20.20 -4.31
N LEU C 439 -27.44 20.84 -3.37
CA LEU C 439 -27.39 22.29 -3.29
C LEU C 439 -28.81 22.82 -3.06
N GLY C 440 -29.64 21.99 -2.43
CA GLY C 440 -31.03 22.35 -2.17
C GLY C 440 -31.26 23.57 -1.30
N THR C 441 -30.40 23.75 -0.31
CA THR C 441 -30.50 24.88 0.61
C THR C 441 -30.23 26.17 -0.16
N ILE C 442 -29.22 26.13 -1.01
CA ILE C 442 -28.86 27.29 -1.83
C ILE C 442 -30.03 27.58 -2.76
N ALA C 443 -30.56 26.53 -3.39
CA ALA C 443 -31.70 26.68 -4.30
C ALA C 443 -32.87 27.38 -3.63
N ALA C 444 -33.23 26.92 -2.43
CA ALA C 444 -34.35 27.50 -1.70
C ALA C 444 -34.06 28.96 -1.32
N ARG C 445 -32.81 29.26 -0.96
CA ARG C 445 -32.42 30.61 -0.58
C ARG C 445 -32.47 31.56 -1.77
N LEU C 446 -32.05 31.08 -2.94
CA LEU C 446 -32.08 31.93 -4.14
C LEU C 446 -33.52 32.21 -4.52
N CYS C 447 -34.38 31.21 -4.32
CA CYS C 447 -35.80 31.38 -4.62
C CYS C 447 -36.38 32.42 -3.66
N ARG C 448 -35.95 32.38 -2.40
CA ARG C 448 -36.43 33.35 -1.42
C ARG C 448 -36.08 34.77 -1.83
N GLU C 449 -34.87 34.96 -2.35
CA GLU C 449 -34.45 36.29 -2.77
C GLU C 449 -35.31 36.82 -3.91
N LYS C 450 -35.68 35.94 -4.85
CA LYS C 450 -36.52 36.35 -5.97
C LYS C 450 -37.91 36.68 -5.46
N ILE C 451 -38.36 35.91 -4.49
CA ILE C 451 -39.68 36.14 -3.89
C ILE C 451 -39.69 37.53 -3.24
N ASP C 452 -38.61 37.89 -2.57
CA ASP C 452 -38.54 39.21 -1.94
C ASP C 452 -38.57 40.33 -2.98
N ARG C 453 -37.90 40.11 -4.11
CA ARG C 453 -37.88 41.12 -5.18
C ARG C 453 -39.28 41.25 -5.80
N TRP C 454 -39.95 40.12 -5.98
CA TRP C 454 -41.30 40.09 -6.56
C TRP C 454 -42.25 40.91 -5.67
N ALA C 455 -42.10 40.78 -4.35
CA ALA C 455 -42.93 41.51 -3.40
C ALA C 455 -42.76 43.01 -3.56
N GLU C 456 -41.53 43.43 -3.81
CA GLU C 456 -41.24 44.84 -4.00
C GLU C 456 -41.80 45.35 -5.31
N ILE C 457 -41.77 44.51 -6.35
CA ILE C 457 -42.31 44.90 -7.65
C ILE C 457 -43.83 45.02 -7.53
N LEU C 458 -44.46 44.08 -6.84
CA LEU C 458 -45.91 44.12 -6.64
C LEU C 458 -46.30 45.32 -5.79
N ALA C 459 -45.45 45.68 -4.83
CA ALA C 459 -45.73 46.83 -3.97
C ALA C 459 -45.75 48.10 -4.82
N ILE C 460 -44.83 48.19 -5.77
CA ILE C 460 -44.78 49.35 -6.65
C ILE C 460 -46.03 49.38 -7.52
N LEU C 461 -46.43 48.22 -8.04
CA LEU C 461 -47.62 48.14 -8.87
C LEU C 461 -48.86 48.55 -8.09
N ALA C 462 -48.95 48.09 -6.84
CA ALA C 462 -50.09 48.41 -5.99
C ALA C 462 -50.20 49.92 -5.71
N LEU C 463 -49.07 50.57 -5.43
CA LEU C 463 -49.09 52.00 -5.16
C LEU C 463 -49.46 52.75 -6.44
N CYS C 464 -49.00 52.26 -7.59
CA CYS C 464 -49.32 52.88 -8.86
C CYS C 464 -50.82 52.76 -9.15
N LEU C 465 -51.37 51.59 -8.91
CA LEU C 465 -52.79 51.32 -9.15
C LEU C 465 -53.72 52.11 -8.25
N ALA C 466 -53.32 52.31 -6.99
CA ALA C 466 -54.16 53.09 -6.08
C ALA C 466 -54.25 54.51 -6.66
N GLN C 467 -53.12 55.02 -7.14
CA GLN C 467 -53.11 56.36 -7.72
C GLN C 467 -53.92 56.39 -9.01
N ALA C 468 -53.70 55.39 -9.87
CA ALA C 468 -54.40 55.31 -11.15
C ALA C 468 -55.91 55.19 -11.00
N ALA C 469 -56.35 54.41 -10.02
CA ALA C 469 -57.79 54.23 -9.81
C ALA C 469 -58.45 55.56 -9.45
N GLU C 470 -57.77 56.35 -8.64
CA GLU C 470 -58.29 57.65 -8.22
C GLU C 470 -58.24 58.66 -9.35
N LEU C 471 -57.21 58.57 -10.19
CA LEU C 471 -57.09 59.49 -11.31
C LEU C 471 -58.15 59.17 -12.36
N ARG C 472 -58.45 57.89 -12.52
CA ARG C 472 -59.44 57.45 -13.49
C ARG C 472 -60.87 57.59 -13.00
N CYS C 473 -61.11 57.16 -11.76
CA CYS C 473 -62.46 57.17 -11.20
C CYS C 473 -62.76 58.19 -10.12
N GLY C 474 -61.81 59.08 -9.84
CA GLY C 474 -62.03 60.07 -8.79
C GLY C 474 -61.80 59.44 -7.43
N SER C 475 -61.63 60.29 -6.41
CA SER C 475 -61.38 59.80 -5.06
C SER C 475 -62.47 58.87 -4.56
N GLY C 476 -63.67 59.02 -5.10
CA GLY C 476 -64.79 58.18 -4.72
C GLY C 476 -64.74 56.79 -5.34
N LEU C 477 -63.84 56.62 -6.32
CA LEU C 477 -63.67 55.35 -7.03
C LEU C 477 -64.95 54.87 -7.70
N ASP C 478 -65.60 55.80 -8.39
CA ASP C 478 -66.84 55.51 -9.09
C ASP C 478 -66.72 54.41 -10.15
N GLY C 479 -67.58 53.40 -10.05
CA GLY C 479 -67.57 52.31 -11.01
C GLY C 479 -66.62 51.18 -10.66
N VAL C 480 -65.80 51.40 -9.63
CA VAL C 480 -64.84 50.39 -9.21
C VAL C 480 -65.54 49.29 -8.42
N SER C 481 -65.14 48.05 -8.66
CA SER C 481 -65.71 46.89 -7.99
C SER C 481 -65.56 46.98 -6.47
N PRO C 482 -66.40 46.25 -5.73
CA PRO C 482 -66.34 46.25 -4.27
C PRO C 482 -64.96 45.79 -3.78
N ALA C 483 -64.42 44.77 -4.44
CA ALA C 483 -63.11 44.25 -4.06
C ALA C 483 -62.02 45.28 -4.38
N GLY C 484 -62.15 45.93 -5.54
CA GLY C 484 -61.18 46.93 -5.92
C GLY C 484 -61.21 48.10 -4.95
N LYS C 485 -62.41 48.54 -4.59
CA LYS C 485 -62.57 49.65 -3.66
C LYS C 485 -61.97 49.31 -2.30
N LYS C 486 -62.27 48.12 -1.80
CA LYS C 486 -61.77 47.69 -0.51
C LYS C 486 -60.24 47.65 -0.49
N LEU C 487 -59.63 47.20 -1.59
CA LEU C 487 -58.18 47.12 -1.67
C LEU C 487 -57.54 48.52 -1.64
N VAL C 488 -58.05 49.44 -2.45
CA VAL C 488 -57.51 50.80 -2.49
C VAL C 488 -57.70 51.52 -1.17
N GLN C 489 -58.88 51.38 -0.56
CA GLN C 489 -59.16 52.02 0.71
C GLN C 489 -58.21 51.50 1.78
N ALA C 490 -57.96 50.19 1.75
CA ALA C 490 -57.05 49.58 2.73
C ALA C 490 -55.66 50.18 2.58
N LEU C 491 -55.18 50.28 1.34
CA LEU C 491 -53.87 50.85 1.09
C LEU C 491 -53.81 52.30 1.55
N ARG C 492 -54.86 53.06 1.21
CA ARG C 492 -54.92 54.47 1.58
C ARG C 492 -54.95 54.74 3.07
N GLU C 493 -55.10 53.70 3.87
CA GLU C 493 -55.11 53.88 5.33
C GLU C 493 -53.69 54.13 5.82
N GLN C 494 -52.71 53.63 5.07
CA GLN C 494 -51.30 53.78 5.44
C GLN C 494 -50.48 54.50 4.39
N PHE C 495 -50.95 54.50 3.15
CA PHE C 495 -50.21 55.13 2.05
C PHE C 495 -51.04 56.21 1.37
N PRO C 496 -50.70 57.48 1.63
CA PRO C 496 -51.38 58.65 1.06
C PRO C 496 -51.24 58.75 -0.45
N PRO C 497 -52.19 59.42 -1.12
CA PRO C 497 -52.10 59.56 -2.57
C PRO C 497 -50.87 60.42 -2.90
N LEU C 498 -50.38 60.33 -4.12
CA LEU C 498 -49.22 61.11 -4.52
C LEU C 498 -49.70 62.41 -5.19
N GLU C 499 -49.93 63.44 -4.39
CA GLU C 499 -50.41 64.72 -4.91
C GLU C 499 -49.24 65.56 -5.41
N THR C 500 -48.05 65.25 -4.91
CA THR C 500 -46.83 65.94 -5.31
C THR C 500 -45.69 64.96 -5.07
N ASP C 501 -44.69 64.98 -5.95
CA ASP C 501 -43.55 64.08 -5.83
C ASP C 501 -42.96 63.99 -4.43
N ARG C 502 -42.64 62.77 -4.01
CA ARG C 502 -42.05 62.53 -2.70
C ARG C 502 -41.29 61.21 -2.73
N PRO C 503 -40.36 61.00 -1.79
CA PRO C 503 -39.58 59.76 -1.74
C PRO C 503 -40.52 58.57 -1.49
N LEU C 504 -40.39 57.54 -2.32
CA LEU C 504 -41.24 56.36 -2.21
C LEU C 504 -40.52 55.11 -1.70
N GLY C 505 -39.19 55.17 -1.65
CA GLY C 505 -38.41 54.03 -1.19
C GLY C 505 -38.91 53.34 0.06
N GLN C 506 -39.07 54.09 1.14
CA GLN C 506 -39.52 53.51 2.39
C GLN C 506 -40.94 52.95 2.35
N GLU C 507 -41.83 53.58 1.58
CA GLU C 507 -43.20 53.09 1.47
C GLU C 507 -43.21 51.78 0.69
N ILE C 508 -42.42 51.71 -0.38
CA ILE C 508 -42.34 50.50 -1.19
C ILE C 508 -41.85 49.35 -0.30
N ALA C 509 -40.82 49.61 0.49
CA ALA C 509 -40.27 48.60 1.38
C ALA C 509 -41.28 48.15 2.42
N ALA C 510 -41.97 49.09 3.04
CA ALA C 510 -42.96 48.77 4.05
C ALA C 510 -44.12 47.95 3.48
N LEU C 511 -44.59 48.33 2.30
CA LEU C 511 -45.70 47.62 1.67
C LEU C 511 -45.29 46.20 1.26
N ALA C 512 -44.09 46.06 0.71
CA ALA C 512 -43.61 44.75 0.29
C ALA C 512 -43.62 43.77 1.47
N THR C 513 -43.23 44.26 2.65
CA THR C 513 -43.22 43.44 3.85
C THR C 513 -44.61 42.92 4.16
N HIS C 514 -45.62 43.76 3.93
CA HIS C 514 -47.01 43.42 4.16
C HIS C 514 -47.51 42.37 3.15
N LEU C 515 -47.23 42.59 1.87
CA LEU C 515 -47.67 41.67 0.82
C LEU C 515 -47.22 40.23 1.05
N LEU C 516 -46.03 40.07 1.62
CA LEU C 516 -45.48 38.74 1.88
C LEU C 516 -46.21 37.97 2.97
N GLN C 517 -46.90 38.68 3.85
CA GLN C 517 -47.58 38.04 4.97
C GLN C 517 -49.11 38.07 4.96
N GLN C 518 -49.70 38.88 4.10
CA GLN C 518 -51.16 38.98 4.04
C GLN C 518 -51.68 39.17 2.62
N SER C 519 -52.88 38.65 2.37
CA SER C 519 -53.52 38.75 1.06
C SER C 519 -54.62 39.82 1.08
N PRO C 520 -55.03 40.29 -0.12
CA PRO C 520 -56.07 41.31 -0.23
C PRO C 520 -57.44 40.66 -0.05
N VAL C 521 -57.99 40.71 1.16
CA VAL C 521 -59.30 40.10 1.40
C VAL C 521 -60.22 41.10 2.11
N LYS D 8 -3.60 63.26 8.67
CA LYS D 8 -3.41 62.08 7.78
C LYS D 8 -3.00 62.52 6.38
N PRO D 9 -2.55 61.59 5.53
CA PRO D 9 -2.13 61.91 4.17
C PRO D 9 -3.23 62.68 3.44
N ALA D 10 -2.86 63.43 2.42
CA ALA D 10 -3.83 64.21 1.67
C ALA D 10 -3.70 64.05 0.16
N VAL D 11 -4.80 63.71 -0.50
CA VAL D 11 -4.81 63.55 -1.94
C VAL D 11 -5.29 64.88 -2.54
N GLU D 12 -4.42 65.52 -3.32
CA GLU D 12 -4.78 66.79 -3.94
C GLU D 12 -5.34 66.50 -5.32
N LEU D 13 -6.63 66.78 -5.49
CA LEU D 13 -7.31 66.53 -6.75
C LEU D 13 -7.20 67.67 -7.74
N ASP D 14 -6.62 67.38 -8.91
CA ASP D 14 -6.52 68.38 -9.96
C ASP D 14 -7.37 67.86 -11.12
N ARG D 15 -6.81 66.96 -11.92
CA ARG D 15 -7.53 66.38 -13.05
C ARG D 15 -7.61 64.85 -13.00
N HIS D 16 -6.51 64.21 -12.63
CA HIS D 16 -6.46 62.74 -12.58
C HIS D 16 -6.17 62.18 -11.20
N ILE D 17 -6.86 61.08 -10.88
CA ILE D 17 -6.67 60.38 -9.60
C ILE D 17 -6.62 58.89 -9.93
N ASP D 18 -5.65 58.16 -9.40
CA ASP D 18 -5.58 56.72 -9.70
C ASP D 18 -6.44 55.93 -8.72
N LEU D 19 -6.63 54.65 -9.01
CA LEU D 19 -7.46 53.80 -8.17
C LEU D 19 -6.99 53.69 -6.71
N ASP D 20 -5.68 53.66 -6.48
CA ASP D 20 -5.18 53.57 -5.10
C ASP D 20 -5.50 54.84 -4.33
N GLN D 21 -5.32 56.00 -4.96
CA GLN D 21 -5.61 57.27 -4.32
C GLN D 21 -7.10 57.35 -4.01
N ALA D 22 -7.91 56.92 -4.97
CA ALA D 22 -9.35 56.95 -4.80
C ALA D 22 -9.78 56.08 -3.62
N HIS D 23 -9.24 54.87 -3.53
CA HIS D 23 -9.61 54.00 -2.42
C HIS D 23 -9.11 54.53 -1.08
N ALA D 24 -7.99 55.25 -1.11
CA ALA D 24 -7.42 55.82 0.11
C ALA D 24 -8.39 56.85 0.70
N VAL D 25 -8.95 57.68 -0.17
CA VAL D 25 -9.90 58.70 0.25
C VAL D 25 -11.21 58.04 0.69
N ALA D 26 -11.74 57.16 -0.15
CA ALA D 26 -12.99 56.48 0.15
C ALA D 26 -12.95 55.71 1.45
N SER D 27 -11.79 55.13 1.77
CA SER D 27 -11.62 54.34 2.99
C SER D 27 -11.21 55.17 4.20
N GLY D 28 -11.09 56.48 4.02
CA GLY D 28 -10.71 57.36 5.12
C GLY D 28 -9.23 57.35 5.45
N GLY D 29 -8.42 56.70 4.62
CA GLY D 29 -6.99 56.65 4.87
C GLY D 29 -6.30 57.95 4.49
N ALA D 30 -6.97 58.74 3.65
CA ALA D 30 -6.42 60.01 3.21
C ALA D 30 -7.50 61.06 3.10
N ARG D 31 -7.12 62.32 3.28
CA ARG D 31 -8.05 63.43 3.16
C ARG D 31 -8.01 63.82 1.70
N ILE D 32 -8.97 64.63 1.26
CA ILE D 32 -8.97 65.07 -0.12
C ILE D 32 -9.06 66.59 -0.17
N VAL D 33 -8.30 67.17 -1.07
CA VAL D 33 -8.29 68.61 -1.23
C VAL D 33 -8.34 68.96 -2.72
N LEU D 34 -9.14 69.97 -3.04
CA LEU D 34 -9.26 70.40 -4.42
C LEU D 34 -8.06 71.30 -4.72
N ALA D 35 -7.29 70.96 -5.75
CA ALA D 35 -6.13 71.76 -6.13
C ALA D 35 -6.59 73.06 -6.75
N PRO D 36 -5.77 74.12 -6.64
CA PRO D 36 -6.11 75.44 -7.21
C PRO D 36 -6.64 75.38 -8.64
N PRO D 37 -5.99 74.61 -9.52
CA PRO D 37 -6.45 74.50 -10.92
C PRO D 37 -7.86 73.94 -11.03
N ALA D 38 -8.18 73.02 -10.12
CA ALA D 38 -9.50 72.38 -10.11
C ALA D 38 -10.54 73.37 -9.60
N ARG D 39 -10.20 74.08 -8.53
CA ARG D 39 -11.11 75.05 -7.94
C ARG D 39 -11.45 76.11 -8.99
N ASP D 40 -10.44 76.54 -9.74
CA ASP D 40 -10.66 77.56 -10.76
C ASP D 40 -11.44 77.10 -11.98
N ARG D 41 -11.22 75.88 -12.44
CA ARG D 41 -11.98 75.43 -13.60
C ARG D 41 -13.42 75.16 -13.17
N CYS D 42 -13.61 74.85 -11.90
CA CYS D 42 -14.97 74.61 -11.38
C CYS D 42 -15.70 75.93 -11.22
N ARG D 43 -14.99 76.97 -10.75
CA ARG D 43 -15.61 78.27 -10.60
C ARG D 43 -16.05 78.77 -11.96
N ALA D 44 -15.24 78.47 -12.97
CA ALA D 44 -15.54 78.87 -14.34
C ALA D 44 -16.79 78.16 -14.84
N SER D 45 -16.93 76.88 -14.49
CA SER D 45 -18.10 76.11 -14.91
C SER D 45 -19.33 76.67 -14.21
N GLU D 46 -19.19 77.00 -12.93
CA GLU D 46 -20.28 77.57 -12.14
C GLU D 46 -20.78 78.82 -12.86
N ALA D 47 -19.84 79.61 -13.37
CA ALA D 47 -20.16 80.84 -14.09
C ALA D 47 -20.93 80.54 -15.36
N ARG D 48 -20.51 79.50 -16.09
CA ARG D 48 -21.20 79.14 -17.32
C ARG D 48 -22.64 78.72 -17.07
N LEU D 49 -22.86 77.98 -15.97
CA LEU D 49 -24.20 77.54 -15.64
C LEU D 49 -25.07 78.78 -15.38
N GLY D 50 -24.51 79.74 -14.66
CA GLY D 50 -25.23 80.97 -14.37
C GLY D 50 -25.65 81.68 -15.64
N ALA D 51 -24.75 81.69 -16.62
CA ALA D 51 -25.01 82.34 -17.90
C ALA D 51 -26.09 81.60 -18.70
N VAL D 52 -26.01 80.27 -18.70
CA VAL D 52 -26.99 79.48 -19.41
C VAL D 52 -28.38 79.77 -18.86
N ILE D 53 -28.46 79.91 -17.53
CA ILE D 53 -29.72 80.20 -16.87
C ILE D 53 -30.21 81.62 -17.17
N ARG D 54 -29.30 82.58 -17.16
CA ARG D 54 -29.67 83.96 -17.45
C ARG D 54 -30.17 84.12 -18.88
N GLU D 55 -29.57 83.36 -19.80
CA GLU D 55 -29.93 83.44 -21.21
C GLU D 55 -31.13 82.57 -21.57
N ALA D 56 -31.68 81.87 -20.58
CA ALA D 56 -32.84 81.01 -20.79
C ALA D 56 -32.60 79.97 -21.88
N ARG D 57 -31.38 79.43 -21.94
CA ARG D 57 -31.04 78.42 -22.93
C ARG D 57 -31.88 77.18 -22.72
N HIS D 58 -32.24 76.50 -23.81
CA HIS D 58 -33.03 75.27 -23.72
C HIS D 58 -32.10 74.17 -23.21
N VAL D 59 -32.17 73.89 -21.92
CA VAL D 59 -31.31 72.87 -21.33
C VAL D 59 -32.08 71.92 -20.40
N TYR D 60 -31.84 70.62 -20.59
CA TYR D 60 -32.47 69.57 -19.78
C TYR D 60 -32.23 69.83 -18.30
N GLY D 61 -33.30 69.81 -17.51
CA GLY D 61 -33.18 70.01 -16.08
C GLY D 61 -33.18 71.46 -15.61
N LEU D 62 -33.06 72.39 -16.55
CA LEU D 62 -33.04 73.81 -16.22
C LEU D 62 -34.28 74.49 -16.79
N THR D 63 -34.76 73.99 -17.92
CA THR D 63 -35.93 74.56 -18.56
C THR D 63 -36.83 73.47 -19.16
N THR D 64 -36.64 72.24 -18.72
CA THR D 64 -37.44 71.11 -19.22
C THR D 64 -37.77 70.11 -18.11
N GLY D 65 -38.66 69.19 -18.42
CA GLY D 65 -39.01 68.15 -17.47
C GLY D 65 -37.96 67.06 -17.57
N PHE D 66 -38.15 65.96 -16.86
CA PHE D 66 -37.19 64.86 -16.87
C PHE D 66 -37.64 63.65 -17.68
N GLY D 67 -36.67 62.92 -18.23
CA GLY D 67 -36.99 61.76 -19.02
C GLY D 67 -37.89 62.12 -20.18
N PRO D 68 -38.90 61.30 -20.49
CA PRO D 68 -39.81 61.59 -21.60
C PRO D 68 -40.69 62.82 -21.35
N LEU D 69 -40.63 63.35 -20.14
CA LEU D 69 -41.41 64.54 -19.80
C LEU D 69 -40.63 65.80 -20.15
N ALA D 70 -39.46 65.62 -20.76
CA ALA D 70 -38.61 66.73 -21.15
C ALA D 70 -39.25 67.63 -22.22
N ASN D 71 -40.31 67.14 -22.86
CA ASN D 71 -40.97 67.93 -23.88
C ASN D 71 -41.83 69.01 -23.21
N ARG D 72 -41.91 68.96 -21.89
CA ARG D 72 -42.64 69.95 -21.11
C ARG D 72 -41.65 71.02 -20.66
N LEU D 73 -41.62 72.15 -21.36
CA LEU D 73 -40.72 73.24 -21.00
C LEU D 73 -41.15 73.85 -19.68
N ILE D 74 -40.19 74.32 -18.89
CA ILE D 74 -40.46 74.91 -17.58
C ILE D 74 -39.92 76.34 -17.44
N SER D 75 -40.64 77.19 -16.70
CA SER D 75 -40.23 78.57 -16.45
C SER D 75 -39.26 78.68 -15.32
N GLY D 76 -38.38 79.66 -15.44
CA GLY D 76 -37.34 79.86 -14.44
C GLY D 76 -37.81 79.98 -13.01
N GLU D 77 -38.99 80.55 -12.85
CA GLU D 77 -39.58 80.74 -11.53
C GLU D 77 -39.94 79.43 -10.85
N ASN D 78 -39.86 78.33 -11.59
CA ASN D 78 -40.20 77.01 -11.06
C ASN D 78 -39.06 76.00 -11.07
N VAL D 79 -37.86 76.42 -11.46
CA VAL D 79 -36.73 75.49 -11.54
C VAL D 79 -36.33 74.88 -10.20
N ARG D 80 -36.35 75.67 -9.12
CA ARG D 80 -35.99 75.14 -7.82
C ARG D 80 -36.95 74.04 -7.38
N THR D 81 -38.23 74.20 -7.72
CA THR D 81 -39.24 73.22 -7.39
C THR D 81 -38.97 71.99 -8.23
N LEU D 82 -38.66 72.23 -9.50
CA LEU D 82 -38.35 71.16 -10.45
C LEU D 82 -37.23 70.28 -9.92
N GLN D 83 -36.11 70.89 -9.57
CA GLN D 83 -34.97 70.12 -9.08
C GLN D 83 -35.22 69.53 -7.70
N ALA D 84 -36.10 70.16 -6.93
CA ALA D 84 -36.42 69.64 -5.61
C ALA D 84 -37.26 68.37 -5.80
N ASN D 85 -38.14 68.39 -6.79
CA ASN D 85 -38.98 67.23 -7.07
C ASN D 85 -38.17 66.12 -7.71
N LEU D 86 -37.11 66.48 -8.42
CA LEU D 86 -36.24 65.51 -9.06
C LEU D 86 -35.68 64.57 -8.00
N VAL D 87 -35.09 65.15 -6.96
CA VAL D 87 -34.50 64.36 -5.88
C VAL D 87 -35.55 63.51 -5.18
N HIS D 88 -36.77 64.02 -5.13
CA HIS D 88 -37.89 63.31 -4.50
C HIS D 88 -38.39 62.08 -5.25
N PHE D 89 -38.77 62.24 -6.51
CA PHE D 89 -39.30 61.12 -7.26
C PHE D 89 -38.28 60.03 -7.56
N LEU D 90 -37.00 60.37 -7.43
CA LEU D 90 -35.91 59.42 -7.67
C LEU D 90 -35.53 58.61 -6.43
N ALA D 91 -35.90 59.11 -5.25
CA ALA D 91 -35.58 58.43 -4.01
C ALA D 91 -36.50 57.25 -3.74
N SER D 92 -36.52 56.30 -4.68
CA SER D 92 -37.36 55.12 -4.56
C SER D 92 -36.51 53.86 -4.32
N GLY D 93 -35.29 54.07 -3.84
CA GLY D 93 -34.39 52.96 -3.58
C GLY D 93 -34.81 52.04 -2.46
N VAL D 94 -34.41 50.77 -2.57
CA VAL D 94 -34.73 49.76 -1.57
C VAL D 94 -33.52 48.84 -1.38
N GLY D 95 -33.60 47.97 -0.38
CA GLY D 95 -32.51 47.04 -0.14
C GLY D 95 -31.47 47.53 0.85
N PRO D 96 -30.54 46.66 1.25
CA PRO D 96 -29.49 47.02 2.22
C PRO D 96 -28.70 48.22 1.71
N VAL D 97 -28.24 49.07 2.62
CA VAL D 97 -27.46 50.24 2.23
C VAL D 97 -26.08 49.83 1.76
N LEU D 98 -25.43 50.67 0.96
CA LEU D 98 -24.09 50.38 0.50
C LEU D 98 -23.20 50.50 1.74
N ASP D 99 -22.11 49.73 1.78
CA ASP D 99 -21.22 49.78 2.93
C ASP D 99 -20.53 51.17 2.99
N TRP D 100 -20.08 51.52 4.18
CA TRP D 100 -19.41 52.79 4.45
C TRP D 100 -18.43 53.22 3.37
N THR D 101 -17.45 52.37 3.07
CA THR D 101 -16.43 52.69 2.06
C THR D 101 -16.99 52.88 0.65
N THR D 102 -17.91 51.99 0.25
CA THR D 102 -18.50 52.07 -1.09
C THR D 102 -19.37 53.31 -1.27
N ALA D 103 -20.12 53.68 -0.25
CA ALA D 103 -20.96 54.86 -0.32
C ALA D 103 -20.07 56.10 -0.49
N ARG D 104 -18.94 56.11 0.20
CA ARG D 104 -18.01 57.23 0.10
C ARG D 104 -17.31 57.22 -1.26
N ALA D 105 -17.06 56.04 -1.81
CA ALA D 105 -16.43 55.93 -3.12
C ALA D 105 -17.35 56.55 -4.15
N MET D 106 -18.65 56.41 -3.95
CA MET D 106 -19.65 56.97 -4.85
C MET D 106 -19.58 58.50 -4.79
N VAL D 107 -19.52 59.05 -3.57
CA VAL D 107 -19.44 60.49 -3.39
C VAL D 107 -18.18 61.01 -4.09
N LEU D 108 -17.09 60.26 -3.97
CA LEU D 108 -15.83 60.63 -4.59
C LEU D 108 -15.88 60.62 -6.12
N ALA D 109 -16.53 59.60 -6.68
CA ALA D 109 -16.65 59.48 -8.13
C ALA D 109 -17.40 60.69 -8.69
N ARG D 110 -18.45 61.11 -7.98
CA ARG D 110 -19.22 62.26 -8.42
C ARG D 110 -18.34 63.51 -8.37
N LEU D 111 -17.57 63.64 -7.29
CA LEU D 111 -16.67 64.78 -7.10
C LEU D 111 -15.59 64.85 -8.19
N VAL D 112 -14.97 63.72 -8.49
CA VAL D 112 -13.93 63.72 -9.53
C VAL D 112 -14.54 64.15 -10.86
N SER D 113 -15.75 63.68 -11.13
CA SER D 113 -16.44 64.06 -12.37
C SER D 113 -16.60 65.58 -12.40
N ILE D 114 -17.09 66.13 -11.30
CA ILE D 114 -17.31 67.57 -11.16
C ILE D 114 -16.02 68.39 -11.27
N ALA D 115 -14.93 67.84 -10.76
CA ALA D 115 -13.64 68.53 -10.79
C ALA D 115 -13.13 68.76 -12.22
N GLN D 116 -13.76 68.11 -13.19
CA GLN D 116 -13.35 68.28 -14.59
C GLN D 116 -13.84 69.63 -15.11
N GLY D 117 -14.73 70.25 -14.35
CA GLY D 117 -15.24 71.56 -14.71
C GLY D 117 -16.24 71.67 -15.85
N ALA D 118 -17.18 70.72 -15.93
CA ALA D 118 -18.18 70.75 -16.98
C ALA D 118 -19.58 70.50 -16.42
N SER D 119 -19.71 70.53 -15.09
CA SER D 119 -20.99 70.26 -14.44
C SER D 119 -21.73 71.48 -13.87
N GLY D 120 -21.02 72.61 -13.75
CA GLY D 120 -21.65 73.81 -13.23
C GLY D 120 -21.90 73.82 -11.73
N ALA D 121 -21.34 72.85 -11.01
CA ALA D 121 -21.54 72.77 -9.57
C ALA D 121 -20.99 74.02 -8.86
N SER D 122 -21.76 74.54 -7.91
CA SER D 122 -21.34 75.72 -7.15
C SER D 122 -20.26 75.34 -6.15
N GLU D 123 -19.53 76.33 -5.64
CA GLU D 123 -18.48 76.06 -4.67
C GLU D 123 -19.05 75.39 -3.44
N GLY D 124 -20.25 75.82 -3.04
CA GLY D 124 -20.88 75.25 -1.87
C GLY D 124 -21.17 73.76 -2.04
N THR D 125 -21.68 73.39 -3.21
CA THR D 125 -21.99 72.00 -3.50
C THR D 125 -20.73 71.14 -3.45
N ILE D 126 -19.64 71.67 -4.00
CA ILE D 126 -18.37 70.96 -4.01
C ILE D 126 -17.87 70.78 -2.58
N ALA D 127 -18.01 71.84 -1.78
CA ALA D 127 -17.56 71.79 -0.38
C ALA D 127 -18.28 70.71 0.43
N ARG D 128 -19.57 70.52 0.17
CA ARG D 128 -20.34 69.52 0.88
C ARG D 128 -19.79 68.11 0.61
N LEU D 129 -19.40 67.87 -0.64
CA LEU D 129 -18.85 66.56 -1.01
C LEU D 129 -17.50 66.36 -0.36
N ILE D 130 -16.67 67.39 -0.39
CA ILE D 130 -15.33 67.33 0.21
C ILE D 130 -15.44 67.16 1.72
N ASP D 131 -16.34 67.91 2.35
CA ASP D 131 -16.51 67.81 3.79
C ASP D 131 -16.92 66.40 4.18
N LEU D 132 -17.80 65.79 3.40
CA LEU D 132 -18.26 64.45 3.68
C LEU D 132 -17.07 63.50 3.64
N LEU D 133 -16.31 63.57 2.55
CA LEU D 133 -15.15 62.70 2.39
C LEU D 133 -14.09 62.89 3.47
N ASN D 134 -13.99 64.11 4.00
CA ASN D 134 -13.01 64.39 5.05
C ASN D 134 -13.55 64.06 6.43
N SER D 135 -14.82 63.67 6.50
CA SER D 135 -15.42 63.30 7.78
C SER D 135 -15.24 61.80 7.95
N GLU D 136 -15.78 61.25 9.03
CA GLU D 136 -15.71 59.83 9.31
C GLU D 136 -17.04 59.19 8.96
N LEU D 137 -17.86 59.92 8.20
CA LEU D 137 -19.18 59.44 7.83
C LEU D 137 -19.35 59.12 6.35
N ALA D 138 -20.48 58.49 6.06
CA ALA D 138 -20.86 58.11 4.71
C ALA D 138 -22.38 58.21 4.65
N PRO D 139 -22.93 58.58 3.48
CA PRO D 139 -24.39 58.65 3.42
C PRO D 139 -24.95 57.23 3.41
N ALA D 140 -26.15 57.04 3.97
CA ALA D 140 -26.78 55.73 3.98
C ALA D 140 -27.65 55.67 2.74
N VAL D 141 -27.19 54.93 1.73
CA VAL D 141 -27.89 54.84 0.47
C VAL D 141 -28.33 53.42 0.12
N PRO D 142 -29.61 53.24 -0.28
CA PRO D 142 -30.12 51.91 -0.65
C PRO D 142 -29.29 51.39 -1.82
N SER D 143 -29.04 50.09 -1.86
CA SER D 143 -28.23 49.51 -2.92
C SER D 143 -28.99 49.23 -4.22
N ARG D 144 -30.29 49.01 -4.13
CA ARG D 144 -31.09 48.70 -5.31
C ARG D 144 -31.98 49.84 -5.78
N GLY D 145 -32.31 49.83 -7.08
CA GLY D 145 -33.19 50.84 -7.62
C GLY D 145 -32.81 51.39 -8.98
N THR D 146 -31.52 51.44 -9.29
CA THR D 146 -31.08 51.99 -10.57
C THR D 146 -30.76 50.97 -11.65
N VAL D 147 -30.99 51.36 -12.90
CA VAL D 147 -30.70 50.51 -14.04
C VAL D 147 -29.38 50.97 -14.66
N GLY D 148 -28.67 51.82 -13.92
CA GLY D 148 -27.38 52.33 -14.37
C GLY D 148 -27.38 53.12 -15.66
N ASP D 150 -26.79 56.36 -12.46
CA ASP D 150 -27.17 55.98 -11.10
C ASP D 150 -27.95 57.07 -10.38
N LEU D 151 -29.07 57.50 -10.96
CA LEU D 151 -29.87 58.57 -10.38
C LEU D 151 -30.48 58.28 -9.02
N THR D 152 -31.05 57.08 -8.85
CA THR D 152 -31.67 56.73 -7.59
C THR D 152 -30.74 56.82 -6.38
N PRO D 153 -29.61 56.09 -6.38
CA PRO D 153 -28.73 56.18 -5.22
C PRO D 153 -28.17 57.58 -4.98
N LEU D 154 -27.90 58.32 -6.04
CA LEU D 154 -27.38 59.67 -5.90
C LEU D 154 -28.45 60.61 -5.33
N ALA D 155 -29.71 60.35 -5.64
CA ALA D 155 -30.79 61.17 -5.12
C ALA D 155 -30.84 60.96 -3.60
N HIS D 156 -30.67 59.72 -3.16
CA HIS D 156 -30.67 59.41 -1.74
C HIS D 156 -29.46 60.08 -1.07
N MET D 157 -28.37 60.18 -1.82
CA MET D 157 -27.16 60.84 -1.31
C MET D 157 -27.47 62.31 -1.04
N VAL D 158 -28.13 62.96 -1.98
CA VAL D 158 -28.49 64.37 -1.83
C VAL D 158 -29.33 64.57 -0.58
N LEU D 159 -30.34 63.72 -0.40
CA LEU D 159 -31.21 63.83 0.78
C LEU D 159 -30.40 63.72 2.06
N CYS D 160 -29.44 62.80 2.07
CA CYS D 160 -28.60 62.61 3.24
C CYS D 160 -27.79 63.87 3.50
N LEU D 161 -27.19 64.42 2.45
CA LEU D 161 -26.37 65.63 2.58
C LEU D 161 -27.17 66.84 3.01
N GLN D 162 -28.49 66.79 2.82
CA GLN D 162 -29.36 67.89 3.23
C GLN D 162 -29.85 67.66 4.65
N GLY D 163 -29.48 66.53 5.21
CA GLY D 163 -29.89 66.20 6.57
C GLY D 163 -31.25 65.53 6.59
N ARG D 164 -31.71 65.10 5.42
CA ARG D 164 -33.00 64.43 5.28
C ARG D 164 -32.83 62.95 4.98
N GLY D 165 -31.69 62.40 5.38
CA GLY D 165 -31.41 61.00 5.16
C GLY D 165 -30.38 60.55 6.18
N ASP D 166 -30.32 59.24 6.43
CA ASP D 166 -29.39 58.71 7.40
C ASP D 166 -27.93 58.72 6.94
N PHE D 167 -27.03 58.61 7.92
CA PHE D 167 -25.60 58.56 7.70
C PHE D 167 -25.11 57.28 8.36
N LEU D 168 -23.91 56.86 8.00
CA LEU D 168 -23.30 55.67 8.58
C LEU D 168 -21.93 56.03 9.12
N ASP D 169 -21.56 55.44 10.25
CA ASP D 169 -20.24 55.66 10.83
C ASP D 169 -19.42 54.50 10.28
N ARG D 170 -18.13 54.44 10.59
CA ARG D 170 -17.28 53.36 10.10
C ARG D 170 -17.80 51.95 10.40
N ASP D 171 -18.51 51.81 11.52
CA ASP D 171 -19.05 50.51 11.95
C ASP D 171 -20.35 50.10 11.27
N GLY D 172 -20.91 50.98 10.46
CA GLY D 172 -22.16 50.66 9.83
C GLY D 172 -23.31 51.08 10.70
N THR D 173 -23.00 51.57 11.90
CA THR D 173 -24.06 51.99 12.81
C THR D 173 -24.71 53.19 12.19
N ARG D 174 -26.02 53.17 12.14
CA ARG D 174 -26.77 54.25 11.50
C ARG D 174 -27.11 55.48 12.35
N LEU D 175 -26.98 56.65 11.75
CA LEU D 175 -27.30 57.89 12.44
C LEU D 175 -28.36 58.60 11.61
N ASP D 176 -29.22 59.39 12.26
CA ASP D 176 -30.24 60.14 11.52
C ASP D 176 -29.60 61.38 10.89
N GLY D 177 -30.29 61.96 9.91
CA GLY D 177 -29.78 63.12 9.20
C GLY D 177 -29.23 64.24 10.06
N ALA D 178 -30.04 64.69 11.00
CA ALA D 178 -29.63 65.79 11.88
C ALA D 178 -28.38 65.43 12.66
N GLU D 179 -28.32 64.22 13.20
CA GLU D 179 -27.16 63.78 13.97
C GLU D 179 -25.93 63.63 13.08
N GLY D 180 -26.14 63.26 11.82
CA GLY D 180 -25.04 63.10 10.90
C GLY D 180 -24.35 64.42 10.64
N LEU D 181 -25.14 65.44 10.33
CA LEU D 181 -24.60 66.77 10.06
C LEU D 181 -23.91 67.32 11.31
N ARG D 182 -24.48 67.05 12.47
CA ARG D 182 -23.92 67.51 13.73
C ARG D 182 -22.60 66.81 14.06
N ARG D 183 -22.65 65.47 14.16
CA ARG D 183 -21.46 64.70 14.48
C ARG D 183 -20.33 64.92 13.48
N GLY D 184 -20.67 64.99 12.20
CA GLY D 184 -19.66 65.20 11.18
C GLY D 184 -19.27 66.65 10.98
N ARG D 185 -19.92 67.55 11.71
CA ARG D 185 -19.65 68.98 11.61
C ARG D 185 -19.81 69.37 10.14
N LEU D 186 -20.91 68.93 9.53
CA LEU D 186 -21.20 69.21 8.14
C LEU D 186 -22.29 70.27 8.01
N GLN D 187 -22.28 70.99 6.89
CA GLN D 187 -23.31 72.00 6.62
C GLN D 187 -24.34 71.36 5.71
N PRO D 188 -25.62 71.71 5.88
CA PRO D 188 -26.66 71.12 5.03
C PRO D 188 -26.50 71.56 3.58
N LEU D 189 -26.65 70.62 2.65
CA LEU D 189 -26.52 70.93 1.23
C LEU D 189 -27.62 71.87 0.74
N ASP D 190 -27.22 72.93 0.05
CA ASP D 190 -28.16 73.92 -0.48
C ASP D 190 -28.06 73.96 -2.01
N LEU D 191 -29.15 73.66 -2.68
CA LEU D 191 -29.18 73.64 -4.15
C LEU D 191 -29.81 74.88 -4.78
N SER D 192 -29.70 76.01 -4.11
CA SER D 192 -30.28 77.26 -4.61
C SER D 192 -29.69 77.70 -5.95
N HIS D 193 -28.46 77.30 -6.25
CA HIS D 193 -27.83 77.68 -7.52
C HIS D 193 -28.33 76.87 -8.71
N ARG D 194 -29.30 75.99 -8.46
CA ARG D 194 -29.89 75.16 -9.51
C ARG D 194 -28.88 74.19 -10.14
N ASP D 195 -27.97 73.68 -9.32
CA ASP D 195 -26.96 72.74 -9.78
C ASP D 195 -27.23 71.32 -9.28
N ALA D 196 -28.49 70.98 -9.10
CA ALA D 196 -28.86 69.65 -8.63
C ALA D 196 -28.37 68.54 -9.58
N LEU D 197 -28.42 68.82 -10.88
CA LEU D 197 -27.98 67.83 -11.87
C LEU D 197 -26.48 67.52 -11.77
N ALA D 198 -25.73 68.35 -11.05
CA ALA D 198 -24.31 68.08 -10.89
C ALA D 198 -24.14 66.95 -9.87
N LEU D 199 -25.17 66.74 -9.06
CA LEU D 199 -25.13 65.70 -8.04
C LEU D 199 -25.90 64.44 -8.44
N VAL D 200 -27.02 64.61 -9.11
CA VAL D 200 -27.83 63.49 -9.55
C VAL D 200 -27.50 63.31 -11.02
N ASN D 201 -26.46 62.53 -11.29
CA ASN D 201 -26.01 62.34 -12.66
C ASN D 201 -24.85 61.36 -12.71
N GLY D 202 -24.57 60.85 -13.90
CA GLY D 202 -23.43 59.95 -14.08
C GLY D 202 -23.51 58.53 -13.58
N THR D 203 -22.35 57.90 -13.57
CA THR D 203 -22.20 56.50 -13.16
C THR D 203 -21.44 56.38 -11.84
N SER D 204 -21.63 57.35 -10.95
CA SER D 204 -20.92 57.38 -9.67
C SER D 204 -21.08 56.16 -8.76
N ALA D 205 -22.28 55.62 -8.66
CA ALA D 205 -22.48 54.46 -7.79
C ALA D 205 -21.74 53.22 -8.30
N MET D 206 -21.96 52.84 -9.55
CA MET D 206 -21.29 51.66 -10.08
C MET D 206 -19.78 51.85 -10.09
N THR D 207 -19.34 53.08 -10.31
CA THR D 207 -17.92 53.38 -10.33
C THR D 207 -17.32 53.23 -8.93
N GLY D 208 -18.05 53.73 -7.93
CA GLY D 208 -17.58 53.60 -6.56
C GLY D 208 -17.50 52.14 -6.16
N ILE D 209 -18.55 51.38 -6.49
CA ILE D 209 -18.57 49.95 -6.16
C ILE D 209 -17.41 49.24 -6.84
N ALA D 210 -17.21 49.53 -8.12
CA ALA D 210 -16.13 48.91 -8.89
C ALA D 210 -14.73 49.24 -8.38
N LEU D 211 -14.52 50.47 -7.90
CA LEU D 211 -13.19 50.82 -7.42
C LEU D 211 -12.92 50.07 -6.12
N VAL D 212 -13.96 49.79 -5.36
CA VAL D 212 -13.78 49.03 -4.13
C VAL D 212 -13.50 47.59 -4.55
N ASN D 213 -14.18 47.12 -5.61
CA ASN D 213 -13.97 45.77 -6.12
C ASN D 213 -12.51 45.60 -6.56
N ALA D 214 -12.00 46.58 -7.29
CA ALA D 214 -10.63 46.54 -7.80
C ALA D 214 -9.60 46.41 -6.66
N HIS D 215 -9.79 47.18 -5.60
CA HIS D 215 -8.88 47.16 -4.46
C HIS D 215 -8.88 45.78 -3.80
N ALA D 216 -10.08 45.26 -3.52
CA ALA D 216 -10.21 43.95 -2.89
C ALA D 216 -9.58 42.85 -3.73
N CYS D 217 -9.82 42.88 -5.04
CA CYS D 217 -9.26 41.87 -5.92
C CYS D 217 -7.75 41.87 -5.93
N ARG D 218 -7.13 43.03 -5.77
CA ARG D 218 -5.68 43.08 -5.76
C ARG D 218 -5.17 42.28 -4.56
N HIS D 219 -5.78 42.51 -3.40
CA HIS D 219 -5.38 41.80 -2.19
C HIS D 219 -5.68 40.31 -2.27
N LEU D 220 -6.88 39.95 -2.75
CA LEU D 220 -7.22 38.53 -2.85
C LEU D 220 -6.30 37.85 -3.86
N GLY D 221 -5.92 38.58 -4.90
CA GLY D 221 -5.02 38.03 -5.91
C GLY D 221 -3.68 37.70 -5.27
N ASN D 222 -3.21 38.58 -4.37
CA ASN D 222 -1.95 38.35 -3.69
C ASN D 222 -2.08 37.12 -2.79
N TRP D 223 -3.24 36.95 -2.17
CA TRP D 223 -3.44 35.78 -1.32
C TRP D 223 -3.53 34.52 -2.18
N ALA D 224 -4.16 34.63 -3.34
CA ALA D 224 -4.27 33.48 -4.23
C ALA D 224 -2.88 32.96 -4.60
N VAL D 225 -1.98 33.89 -4.89
CA VAL D 225 -0.60 33.55 -5.26
C VAL D 225 0.13 32.97 -4.05
N ALA D 226 0.06 33.66 -2.92
CA ALA D 226 0.74 33.22 -1.71
C ALA D 226 0.28 31.85 -1.22
N LEU D 227 -1.01 31.58 -1.29
CA LEU D 227 -1.52 30.30 -0.84
C LEU D 227 -1.19 29.19 -1.83
N THR D 228 -1.14 29.52 -3.12
CA THR D 228 -0.78 28.51 -4.12
C THR D 228 0.67 28.10 -3.86
N ALA D 229 1.51 29.08 -3.53
CA ALA D 229 2.92 28.83 -3.26
C ALA D 229 3.09 27.95 -2.02
N LEU D 230 2.34 28.27 -0.97
CA LEU D 230 2.42 27.48 0.25
C LEU D 230 1.88 26.07 0.00
N LEU D 231 0.88 25.95 -0.86
CA LEU D 231 0.32 24.64 -1.19
C LEU D 231 1.46 23.80 -1.77
N ALA D 232 2.27 24.42 -2.63
CA ALA D 232 3.39 23.74 -3.25
C ALA D 232 4.37 23.23 -2.18
N GLU D 233 4.57 24.03 -1.13
CA GLU D 233 5.48 23.64 -0.07
C GLU D 233 4.89 22.53 0.80
N CYS D 234 3.57 22.37 0.77
CA CYS D 234 2.93 21.32 1.56
C CYS D 234 2.76 20.02 0.77
N LEU D 235 2.82 20.11 -0.55
CA LEU D 235 2.64 18.93 -1.40
C LEU D 235 3.84 18.60 -2.28
N ARG D 236 5.02 19.07 -1.91
CA ARG D 236 6.22 18.81 -2.71
C ARG D 236 5.99 19.25 -4.16
N GLY D 237 5.44 20.44 -4.35
CA GLY D 237 5.17 20.94 -5.69
C GLY D 237 6.42 21.17 -6.51
N ARG D 238 6.27 21.08 -7.83
CA ARG D 238 7.38 21.27 -8.76
C ARG D 238 7.47 22.69 -9.30
N THR D 239 8.57 23.37 -9.01
CA THR D 239 8.74 24.74 -9.46
C THR D 239 9.05 24.91 -10.95
N GLU D 240 9.44 23.85 -11.64
CA GLU D 240 9.78 24.02 -13.04
C GLU D 240 8.57 24.47 -13.87
N ALA D 241 7.36 24.20 -13.39
CA ALA D 241 6.15 24.62 -14.11
C ALA D 241 5.98 26.13 -14.02
N TRP D 242 6.64 26.75 -13.05
CA TRP D 242 6.55 28.20 -12.86
C TRP D 242 7.77 28.92 -13.42
N ALA D 243 8.54 28.22 -14.25
CA ALA D 243 9.75 28.78 -14.86
C ALA D 243 9.48 30.00 -15.73
N ALA D 244 10.37 30.98 -15.66
CA ALA D 244 10.22 32.20 -16.47
C ALA D 244 10.25 31.86 -17.96
N ALA D 245 11.03 30.85 -18.33
CA ALA D 245 11.14 30.47 -19.74
C ALA D 245 9.78 30.08 -20.32
N LEU D 246 8.95 29.44 -19.50
CA LEU D 246 7.62 29.04 -19.96
C LEU D 246 6.76 30.27 -20.19
N SER D 247 6.84 31.23 -19.27
CA SER D 247 6.08 32.47 -19.37
C SER D 247 6.46 33.18 -20.67
N ASP D 248 7.75 33.19 -20.98
CA ASP D 248 8.22 33.85 -22.19
C ASP D 248 7.70 33.23 -23.49
N LEU D 249 7.43 31.92 -23.46
CA LEU D 249 6.91 31.24 -24.64
C LEU D 249 5.44 31.55 -24.90
N ARG D 250 4.74 32.01 -23.85
CA ARG D 250 3.32 32.38 -23.93
C ARG D 250 3.24 33.66 -23.11
N PRO D 251 3.78 34.76 -23.65
CA PRO D 251 3.85 36.10 -23.06
C PRO D 251 2.63 36.91 -22.62
N HIS D 252 1.65 36.27 -21.98
CA HIS D 252 0.51 37.04 -21.47
C HIS D 252 1.08 37.75 -20.24
N PRO D 253 0.95 39.08 -20.15
CA PRO D 253 1.48 39.83 -19.00
C PRO D 253 1.05 39.27 -17.64
N GLY D 254 -0.23 38.98 -17.49
CA GLY D 254 -0.72 38.46 -16.23
C GLY D 254 -0.07 37.13 -15.84
N GLN D 255 0.19 36.28 -16.83
CA GLN D 255 0.81 34.98 -16.58
C GLN D 255 2.26 35.15 -16.16
N LYS D 256 2.98 36.00 -16.88
CA LYS D 256 4.38 36.24 -16.56
C LYS D 256 4.48 36.76 -15.14
N ASP D 257 3.55 37.64 -14.76
CA ASP D 257 3.52 38.21 -13.43
C ASP D 257 3.17 37.17 -12.37
N ALA D 258 2.18 36.33 -12.66
CA ALA D 258 1.77 35.29 -11.71
C ALA D 258 2.93 34.33 -11.42
N ALA D 259 3.59 33.86 -12.48
CA ALA D 259 4.71 32.93 -12.34
C ALA D 259 5.87 33.57 -11.56
N ALA D 260 6.18 34.82 -11.86
CA ALA D 260 7.28 35.50 -11.18
C ALA D 260 6.96 35.65 -9.69
N ARG D 261 5.71 35.98 -9.38
CA ARG D 261 5.31 36.14 -7.98
C ARG D 261 5.31 34.81 -7.26
N LEU D 262 4.94 33.74 -7.95
CA LEU D 262 4.94 32.40 -7.37
C LEU D 262 6.37 31.97 -7.06
N ARG D 263 7.30 32.25 -7.98
CA ARG D 263 8.69 31.89 -7.75
C ARG D 263 9.25 32.64 -6.56
N ALA D 264 8.88 33.91 -6.43
CA ALA D 264 9.35 34.72 -5.32
C ALA D 264 8.82 34.19 -3.98
N ARG D 265 7.57 33.74 -3.96
CA ARG D 265 6.99 33.23 -2.72
C ARG D 265 7.72 31.98 -2.21
N VAL D 266 8.17 31.11 -3.10
CA VAL D 266 8.85 29.90 -2.67
C VAL D 266 10.37 29.99 -2.64
N ASP D 267 10.90 31.18 -2.86
CA ASP D 267 12.35 31.34 -2.83
C ASP D 267 12.86 30.97 -1.44
N GLY D 268 13.91 30.16 -1.39
CA GLY D 268 14.46 29.76 -0.11
C GLY D 268 13.82 28.51 0.46
N SER D 269 12.79 28.00 -0.21
CA SER D 269 12.11 26.79 0.24
C SER D 269 12.91 25.53 -0.03
N ALA D 270 12.87 24.60 0.92
CA ALA D 270 13.54 23.32 0.78
C ALA D 270 12.46 22.24 0.69
N ARG D 271 11.20 22.68 0.62
CA ARG D 271 10.06 21.77 0.55
C ARG D 271 9.51 21.53 -0.86
N VAL D 272 9.92 22.36 -1.82
CA VAL D 272 9.44 22.17 -3.18
C VAL D 272 10.48 21.38 -3.99
N VAL D 273 10.06 20.86 -5.14
CA VAL D 273 10.96 20.12 -6.02
C VAL D 273 11.43 21.09 -7.08
N ARG D 274 12.74 21.30 -7.15
CA ARG D 274 13.30 22.26 -8.12
C ARG D 274 13.97 21.62 -9.34
N HIS D 275 14.10 20.30 -9.34
CA HIS D 275 14.75 19.63 -10.47
C HIS D 275 13.91 19.56 -11.74
N VAL D 276 14.49 19.99 -12.86
CA VAL D 276 13.83 19.92 -14.16
C VAL D 276 13.96 18.45 -14.52
N ILE D 277 12.83 17.77 -14.71
CA ILE D 277 12.89 16.33 -15.00
C ILE D 277 13.60 15.91 -16.28
N ALA D 278 13.58 16.75 -17.30
CA ALA D 278 14.23 16.41 -18.56
C ALA D 278 15.75 16.33 -18.45
N GLU D 279 16.30 16.81 -17.33
CA GLU D 279 17.74 16.75 -17.11
C GLU D 279 18.17 15.30 -16.87
N ARG D 280 17.25 14.51 -16.33
CA ARG D 280 17.50 13.11 -16.04
C ARG D 280 17.57 12.25 -17.29
N ARG D 281 18.63 11.47 -17.42
CA ARG D 281 18.79 10.57 -18.56
C ARG D 281 18.41 9.19 -18.06
N LEU D 282 17.46 8.56 -18.75
CA LEU D 282 16.99 7.25 -18.36
C LEU D 282 17.77 6.12 -19.02
N ASP D 283 17.88 5.00 -18.31
CA ASP D 283 18.52 3.83 -18.87
C ASP D 283 17.53 2.70 -18.69
N ALA D 284 17.84 1.52 -19.21
CA ALA D 284 16.95 0.37 -19.12
C ALA D 284 16.44 0.08 -17.71
N GLY D 285 17.25 0.38 -16.70
CA GLY D 285 16.86 0.12 -15.33
C GLY D 285 15.82 1.05 -14.75
N ASP D 286 15.52 2.14 -15.45
CA ASP D 286 14.53 3.10 -14.96
C ASP D 286 13.14 2.84 -15.54
N ILE D 287 13.06 2.02 -16.58
CA ILE D 287 11.78 1.73 -17.18
C ILE D 287 10.91 0.91 -16.23
N GLY D 288 9.80 1.51 -15.82
CA GLY D 288 8.88 0.87 -14.91
C GLY D 288 7.90 1.91 -14.41
N THR D 289 7.13 1.57 -13.39
CA THR D 289 6.15 2.50 -12.83
C THR D 289 6.75 3.20 -11.63
N GLU D 290 6.81 4.53 -11.68
CA GLU D 290 7.35 5.30 -10.58
C GLU D 290 6.23 5.69 -9.62
N PRO D 291 6.58 6.00 -8.36
CA PRO D 291 5.57 6.39 -7.37
C PRO D 291 4.69 7.54 -7.85
N GLU D 292 5.32 8.61 -8.33
CA GLU D 292 4.58 9.78 -8.78
C GLU D 292 4.92 10.19 -10.21
N ALA D 293 4.01 10.92 -10.84
CA ALA D 293 4.21 11.40 -12.20
C ALA D 293 5.23 12.55 -12.13
N GLY D 294 5.87 12.84 -13.26
CA GLY D 294 6.85 13.91 -13.29
C GLY D 294 6.29 15.32 -13.34
N GLN D 295 4.96 15.45 -13.35
CA GLN D 295 4.30 16.76 -13.38
C GLN D 295 3.19 16.78 -12.34
N ASP D 296 2.89 17.95 -11.79
CA ASP D 296 1.84 18.10 -10.79
C ASP D 296 0.45 18.19 -11.43
N ALA D 297 -0.58 18.01 -10.61
CA ALA D 297 -1.95 18.15 -11.07
C ALA D 297 -2.09 19.62 -11.46
N TYR D 298 -3.14 19.97 -12.19
CA TYR D 298 -3.34 21.35 -12.65
C TYR D 298 -3.44 22.45 -11.59
N SER D 299 -4.00 22.15 -10.42
CA SER D 299 -4.14 23.18 -9.39
C SER D 299 -2.81 23.78 -8.96
N LEU D 300 -1.70 23.15 -9.37
CA LEU D 300 -0.37 23.66 -9.07
C LEU D 300 0.38 23.99 -10.38
N ARG D 301 0.40 23.03 -11.29
CA ARG D 301 1.10 23.19 -12.56
C ARG D 301 0.56 24.30 -13.46
N CYS D 302 -0.76 24.50 -13.45
CA CYS D 302 -1.38 25.50 -14.30
C CYS D 302 -1.76 26.79 -13.58
N ALA D 303 -1.26 26.97 -12.35
CA ALA D 303 -1.56 28.16 -11.58
C ALA D 303 -1.17 29.45 -12.30
N PRO D 304 0.01 29.48 -12.95
CA PRO D 304 0.40 30.72 -13.64
C PRO D 304 -0.61 31.08 -14.72
N GLN D 305 -1.11 30.07 -15.43
CA GLN D 305 -2.06 30.28 -16.50
C GLN D 305 -3.44 30.69 -16.01
N VAL D 306 -3.91 30.06 -14.94
CA VAL D 306 -5.23 30.39 -14.41
C VAL D 306 -5.22 31.74 -13.72
N LEU D 307 -4.29 31.92 -12.79
CA LEU D 307 -4.17 33.19 -12.07
C LEU D 307 -3.88 34.32 -13.05
N GLY D 308 -2.99 34.05 -14.00
CA GLY D 308 -2.61 35.04 -14.99
C GLY D 308 -3.78 35.54 -15.84
N ALA D 309 -4.68 34.65 -16.23
CA ALA D 309 -5.83 35.05 -17.03
C ALA D 309 -6.72 35.96 -16.17
N GLY D 310 -6.83 35.62 -14.89
CA GLY D 310 -7.62 36.41 -13.99
C GLY D 310 -6.97 37.78 -13.80
N PHE D 311 -5.64 37.80 -13.71
CA PHE D 311 -4.92 39.05 -13.54
C PHE D 311 -5.05 39.96 -14.76
N ASP D 312 -5.07 39.36 -15.95
CA ASP D 312 -5.21 40.14 -17.17
C ASP D 312 -6.63 40.71 -17.26
N THR D 313 -7.60 40.00 -16.69
CA THR D 313 -8.97 40.49 -16.70
C THR D 313 -9.06 41.68 -15.74
N LEU D 314 -8.43 41.54 -14.59
CA LEU D 314 -8.43 42.62 -13.60
C LEU D 314 -7.72 43.84 -14.17
N ALA D 315 -6.68 43.62 -14.95
CA ALA D 315 -5.92 44.72 -15.55
C ALA D 315 -6.82 45.48 -16.53
N TRP D 316 -7.60 44.75 -17.31
CA TRP D 316 -8.50 45.38 -18.28
C TRP D 316 -9.57 46.15 -17.52
N HIS D 317 -10.13 45.51 -16.50
CA HIS D 317 -11.17 46.12 -15.67
C HIS D 317 -10.66 47.45 -15.11
N ASP D 318 -9.44 47.44 -14.57
CA ASP D 318 -8.85 48.64 -14.00
C ASP D 318 -8.51 49.74 -15.00
N ARG D 319 -8.16 49.35 -16.23
CA ARG D 319 -7.86 50.36 -17.26
C ARG D 319 -9.14 51.13 -17.60
N VAL D 320 -10.22 50.38 -17.80
CA VAL D 320 -11.51 50.96 -18.13
C VAL D 320 -12.05 51.78 -16.96
N LEU D 321 -11.92 51.25 -15.75
CA LEU D 321 -12.40 51.94 -14.56
C LEU D 321 -11.65 53.26 -14.33
N THR D 322 -10.35 53.26 -14.57
CA THR D 322 -9.55 54.47 -14.39
C THR D 322 -10.08 55.58 -15.30
N ILE D 323 -10.40 55.24 -16.54
CA ILE D 323 -10.94 56.22 -17.46
C ILE D 323 -12.31 56.70 -16.97
N GLU D 324 -13.17 55.76 -16.59
CA GLU D 324 -14.51 56.10 -16.12
C GLU D 324 -14.50 57.00 -14.89
N LEU D 325 -13.63 56.69 -13.93
CA LEU D 325 -13.54 57.48 -12.70
C LEU D 325 -13.12 58.92 -12.95
N ASN D 326 -12.23 59.12 -13.91
CA ASN D 326 -11.74 60.46 -14.22
C ASN D 326 -12.48 61.18 -15.34
N ALA D 327 -13.58 60.58 -15.79
CA ALA D 327 -14.36 61.18 -16.87
C ALA D 327 -15.57 61.95 -16.34
N VAL D 328 -16.24 62.65 -17.24
CA VAL D 328 -17.44 63.38 -16.89
C VAL D 328 -18.57 62.53 -17.47
N THR D 329 -19.38 61.95 -16.59
CA THR D 329 -20.48 61.11 -17.06
C THR D 329 -21.83 61.81 -16.93
N ASP D 330 -21.77 63.13 -16.75
CA ASP D 330 -22.97 63.96 -16.61
C ASP D 330 -23.73 64.19 -17.91
N ASN D 331 -24.96 64.66 -17.75
CA ASN D 331 -25.83 65.04 -18.86
C ASN D 331 -26.90 65.93 -18.29
N PRO D 332 -27.02 67.16 -18.80
CA PRO D 332 -26.18 67.70 -19.88
C PRO D 332 -24.79 68.07 -19.35
N VAL D 333 -23.96 68.61 -20.22
CA VAL D 333 -22.62 69.06 -19.83
C VAL D 333 -22.39 70.44 -20.42
N PHE D 334 -21.55 71.22 -19.75
CA PHE D 334 -21.25 72.57 -20.19
C PHE D 334 -19.78 72.63 -20.60
N PRO D 335 -19.51 72.53 -21.92
CA PRO D 335 -18.15 72.55 -22.49
C PRO D 335 -17.27 73.65 -21.94
N PRO D 336 -16.12 73.27 -21.34
CA PRO D 336 -15.17 74.22 -20.76
C PRO D 336 -14.61 75.24 -21.78
N ASP D 337 -14.59 74.87 -23.06
CA ASP D 337 -14.08 75.76 -24.08
C ASP D 337 -15.10 76.82 -24.51
N GLY D 338 -16.37 76.58 -24.18
CA GLY D 338 -17.40 77.52 -24.54
C GLY D 338 -17.89 77.42 -25.97
N SER D 339 -17.53 76.34 -26.66
CA SER D 339 -17.93 76.14 -28.05
C SER D 339 -19.45 76.27 -28.18
N VAL D 340 -20.18 75.67 -27.25
CA VAL D 340 -21.63 75.72 -27.23
C VAL D 340 -22.04 75.89 -25.77
N PRO D 341 -23.25 76.43 -25.52
CA PRO D 341 -23.71 76.60 -24.14
C PRO D 341 -23.79 75.29 -23.35
N ALA D 342 -24.26 74.24 -24.00
CA ALA D 342 -24.38 72.94 -23.36
C ALA D 342 -24.55 71.83 -24.40
N LEU D 343 -24.22 70.61 -24.00
CA LEU D 343 -24.34 69.46 -24.88
C LEU D 343 -25.23 68.41 -24.23
N HIS D 344 -26.06 67.75 -25.02
CA HIS D 344 -26.94 66.70 -24.53
C HIS D 344 -26.59 65.37 -25.21
N GLY D 345 -26.28 64.36 -24.40
CA GLY D 345 -25.93 63.07 -24.94
C GLY D 345 -26.21 61.97 -23.93
N GLY D 346 -25.41 60.92 -23.96
CA GLY D 346 -25.62 59.82 -23.03
C GLY D 346 -24.39 59.30 -22.31
N ASN D 347 -23.53 60.19 -21.82
CA ASN D 347 -22.33 59.74 -21.12
C ASN D 347 -22.63 59.09 -19.77
N PHE D 348 -23.91 59.02 -19.42
CA PHE D 348 -24.33 58.41 -18.16
C PHE D 348 -24.56 56.91 -18.33
N MET D 349 -24.51 56.44 -19.58
CA MET D 349 -24.72 55.02 -19.90
C MET D 349 -23.51 54.22 -19.41
N GLY D 350 -23.68 53.53 -18.30
CA GLY D 350 -22.57 52.77 -17.72
C GLY D 350 -22.28 51.41 -18.32
N GLN D 351 -22.30 51.32 -19.64
CA GLN D 351 -22.04 50.04 -20.30
C GLN D 351 -20.61 49.56 -20.05
N HIS D 352 -19.66 50.49 -19.96
CA HIS D 352 -18.28 50.11 -19.74
C HIS D 352 -18.06 49.42 -18.40
N VAL D 353 -18.58 49.99 -17.32
CA VAL D 353 -18.42 49.37 -16.01
C VAL D 353 -19.25 48.09 -15.96
N ALA D 354 -20.38 48.08 -16.66
CA ALA D 354 -21.22 46.89 -16.68
C ALA D 354 -20.48 45.69 -17.28
N LEU D 355 -19.88 45.87 -18.45
CA LEU D 355 -19.17 44.77 -19.10
C LEU D 355 -17.89 44.34 -18.38
N THR D 356 -17.14 45.29 -17.84
CA THR D 356 -15.92 44.93 -17.13
C THR D 356 -16.24 44.28 -15.79
N SER D 357 -17.32 44.73 -15.14
CA SER D 357 -17.73 44.12 -13.87
C SER D 357 -18.13 42.67 -14.12
N ASP D 358 -18.87 42.42 -15.19
CA ASP D 358 -19.29 41.05 -15.50
C ASP D 358 -18.08 40.18 -15.84
N ALA D 359 -17.13 40.72 -16.60
CA ALA D 359 -15.93 39.97 -16.96
C ALA D 359 -15.13 39.64 -15.71
N LEU D 360 -15.01 40.61 -14.80
CA LEU D 360 -14.28 40.41 -13.57
C LEU D 360 -14.98 39.37 -12.71
N ALA D 361 -16.32 39.41 -12.69
CA ALA D 361 -17.09 38.47 -11.89
C ALA D 361 -16.78 37.03 -12.35
N THR D 362 -16.68 36.83 -13.65
CA THR D 362 -16.38 35.51 -14.20
C THR D 362 -14.99 35.06 -13.77
N ALA D 363 -14.01 35.96 -13.91
CA ALA D 363 -12.64 35.67 -13.52
C ALA D 363 -12.56 35.31 -12.04
N VAL D 364 -13.25 36.09 -11.21
CA VAL D 364 -13.25 35.84 -9.77
C VAL D 364 -13.82 34.45 -9.47
N THR D 365 -14.86 34.07 -10.20
CA THR D 365 -15.48 32.75 -9.99
C THR D 365 -14.52 31.65 -10.41
N VAL D 366 -13.75 31.92 -11.48
CA VAL D 366 -12.78 30.96 -11.96
C VAL D 366 -11.67 30.76 -10.92
N LEU D 367 -11.11 31.87 -10.44
CA LEU D 367 -10.04 31.81 -9.44
C LEU D 367 -10.52 31.21 -8.11
N ALA D 368 -11.77 31.47 -7.74
CA ALA D 368 -12.32 30.91 -6.51
C ALA D 368 -12.42 29.40 -6.70
N GLY D 369 -12.69 28.98 -7.93
CA GLY D 369 -12.79 27.56 -8.23
C GLY D 369 -11.44 26.88 -8.07
N LEU D 370 -10.38 27.60 -8.43
CA LEU D 370 -9.02 27.08 -8.29
C LEU D 370 -8.72 26.88 -6.80
N ALA D 371 -9.03 27.88 -5.99
CA ALA D 371 -8.80 27.81 -4.55
C ALA D 371 -9.60 26.65 -3.93
N GLU D 372 -10.85 26.51 -4.36
CA GLU D 372 -11.69 25.44 -3.82
C GLU D 372 -11.11 24.07 -4.16
N ARG D 373 -10.56 23.92 -5.37
CA ARG D 373 -9.95 22.64 -5.75
C ARG D 373 -8.63 22.41 -5.02
N GLN D 374 -7.93 23.49 -4.68
CA GLN D 374 -6.68 23.34 -3.95
C GLN D 374 -7.01 22.81 -2.55
N ILE D 375 -8.12 23.28 -1.98
CA ILE D 375 -8.57 22.81 -0.68
C ILE D 375 -8.94 21.33 -0.78
N ALA D 376 -9.71 20.99 -1.81
CA ALA D 376 -10.14 19.61 -2.01
C ALA D 376 -8.96 18.64 -2.14
N ARG D 377 -7.90 19.08 -2.79
CA ARG D 377 -6.72 18.23 -2.97
C ARG D 377 -5.92 18.12 -1.68
N LEU D 378 -5.71 19.25 -1.01
CA LEU D 378 -4.95 19.29 0.23
C LEU D 378 -5.57 18.46 1.36
N THR D 379 -6.89 18.44 1.43
CA THR D 379 -7.60 17.71 2.49
C THR D 379 -7.95 16.24 2.19
N ASP D 380 -7.67 15.79 0.98
CA ASP D 380 -7.98 14.42 0.56
C ASP D 380 -6.79 13.49 0.84
N GLU D 381 -6.95 12.56 1.78
CA GLU D 381 -5.84 11.67 2.12
C GLU D 381 -5.34 10.80 0.96
N ARG D 382 -6.13 10.68 -0.10
CA ARG D 382 -5.69 9.91 -1.25
C ARG D 382 -4.86 10.76 -2.21
N LEU D 383 -4.94 12.08 -2.05
CA LEU D 383 -4.23 13.00 -2.92
C LEU D 383 -3.21 13.92 -2.25
N ASN D 384 -3.25 14.03 -0.93
CA ASN D 384 -2.34 14.96 -0.23
C ASN D 384 -0.98 14.41 0.20
N ARG D 385 -0.54 13.35 -0.45
CA ARG D 385 0.76 12.74 -0.19
C ARG D 385 1.19 12.56 1.26
N GLY D 386 0.43 11.75 2.00
CA GLY D 386 0.80 11.46 3.37
C GLY D 386 0.25 12.32 4.48
N LEU D 387 -0.48 13.38 4.17
CA LEU D 387 -1.04 14.22 5.21
C LEU D 387 -2.31 13.59 5.77
N PRO D 388 -2.65 13.88 7.02
CA PRO D 388 -3.86 13.32 7.65
C PRO D 388 -5.10 13.71 6.88
N PRO D 389 -6.12 12.82 6.86
CA PRO D 389 -7.36 13.16 6.15
C PRO D 389 -7.98 14.42 6.74
N PHE D 390 -8.27 15.39 5.88
CA PHE D 390 -8.85 16.66 6.30
C PHE D 390 -7.97 17.39 7.31
N LEU D 391 -6.68 17.07 7.30
CA LEU D 391 -5.68 17.71 8.15
C LEU D 391 -6.03 17.73 9.64
N HIS D 392 -6.67 16.68 10.13
CA HIS D 392 -7.05 16.63 11.53
C HIS D 392 -5.85 16.31 12.43
N ARG D 393 -6.01 16.58 13.71
CA ARG D 393 -5.00 16.24 14.71
C ARG D 393 -5.79 15.43 15.72
N GLY D 394 -5.11 14.70 16.59
CA GLY D 394 -5.82 13.88 17.55
C GLY D 394 -6.22 12.59 16.85
N PRO D 395 -6.91 11.67 17.53
CA PRO D 395 -7.33 10.40 16.91
C PRO D 395 -8.24 10.59 15.69
N ALA D 396 -7.94 9.89 14.61
CA ALA D 396 -8.74 9.95 13.38
C ALA D 396 -10.11 9.31 13.62
N GLY D 397 -11.15 9.91 13.05
CA GLY D 397 -12.49 9.37 13.24
C GLY D 397 -13.13 10.19 14.34
N LEU D 398 -12.52 10.16 15.54
CA LEU D 398 -13.01 10.95 16.66
C LEU D 398 -12.92 12.41 16.24
N ASN D 399 -11.86 12.72 15.49
CA ASN D 399 -11.61 14.07 15.00
C ASN D 399 -11.72 14.08 13.48
N SER D 400 -12.35 15.11 12.94
CA SER D 400 -12.53 15.23 11.50
C SER D 400 -11.82 16.44 10.92
N GLY D 401 -11.22 17.24 11.79
CA GLY D 401 -10.49 18.41 11.35
C GLY D 401 -11.27 19.42 10.53
N PHE D 402 -10.80 19.64 9.30
CA PHE D 402 -11.42 20.61 8.38
C PHE D 402 -12.43 19.98 7.43
N MET D 403 -12.91 18.78 7.75
CA MET D 403 -13.88 18.12 6.86
C MET D 403 -15.12 18.97 6.60
N GLY D 404 -15.58 19.70 7.61
CA GLY D 404 -16.75 20.54 7.43
C GLY D 404 -16.42 21.78 6.62
N ALA D 405 -15.31 22.43 6.97
CA ALA D 405 -14.88 23.64 6.28
C ALA D 405 -14.66 23.39 4.79
N GLN D 406 -14.20 22.20 4.44
CA GLN D 406 -13.97 21.85 3.03
C GLN D 406 -15.26 21.89 2.24
N VAL D 407 -16.32 21.30 2.81
CA VAL D 407 -17.62 21.29 2.16
C VAL D 407 -18.19 22.70 2.09
N THR D 408 -17.93 23.49 3.14
CA THR D 408 -18.41 24.87 3.17
C THR D 408 -17.79 25.64 2.01
N ALA D 409 -16.52 25.39 1.71
CA ALA D 409 -15.86 26.09 0.59
C ALA D 409 -16.55 25.72 -0.72
N THR D 410 -16.91 24.45 -0.86
CA THR D 410 -17.58 23.97 -2.07
C THR D 410 -18.94 24.64 -2.19
N ALA D 411 -19.67 24.72 -1.08
CA ALA D 411 -20.97 25.35 -1.04
C ALA D 411 -20.89 26.81 -1.45
N LEU D 412 -19.86 27.51 -0.97
CA LEU D 412 -19.70 28.92 -1.30
C LEU D 412 -19.45 29.12 -2.79
N LEU D 413 -18.66 28.23 -3.39
CA LEU D 413 -18.35 28.29 -4.81
C LEU D 413 -19.58 27.98 -5.65
N ALA D 414 -20.32 26.94 -5.27
CA ALA D 414 -21.52 26.57 -6.01
C ALA D 414 -22.48 27.75 -6.05
N GLU D 415 -22.59 28.48 -4.95
CA GLU D 415 -23.49 29.62 -4.90
C GLU D 415 -23.02 30.73 -5.84
N MET D 416 -21.70 30.93 -5.91
CA MET D 416 -21.13 31.95 -6.79
C MET D 416 -21.52 31.66 -8.24
N ARG D 417 -21.44 30.39 -8.63
CA ARG D 417 -21.75 29.99 -10.01
C ARG D 417 -23.21 30.18 -10.42
N ALA D 418 -24.11 30.25 -9.45
CA ALA D 418 -25.53 30.40 -9.77
C ALA D 418 -25.87 31.75 -10.37
N THR D 419 -25.05 32.76 -10.11
CA THR D 419 -25.28 34.10 -10.63
C THR D 419 -24.39 34.41 -11.82
N GLY D 420 -25.02 34.83 -12.92
CA GLY D 420 -24.27 35.17 -14.12
C GLY D 420 -24.17 36.65 -14.35
N PRO D 421 -23.74 37.08 -15.56
CA PRO D 421 -23.60 38.49 -15.92
C PRO D 421 -24.91 39.26 -15.78
N ALA D 422 -24.81 40.52 -15.37
CA ALA D 422 -26.00 41.35 -15.21
C ALA D 422 -26.35 42.10 -16.50
N SER D 423 -25.33 42.42 -17.29
CA SER D 423 -25.47 43.19 -18.52
C SER D 423 -26.39 42.67 -19.61
N ILE D 424 -26.59 41.37 -19.68
CA ILE D 424 -27.44 40.81 -20.72
C ILE D 424 -28.93 40.93 -20.45
N HIS D 425 -29.32 41.54 -19.33
CA HIS D 425 -30.72 41.65 -18.99
C HIS D 425 -31.39 42.99 -19.23
N SER D 426 -30.87 43.78 -20.16
CA SER D 426 -31.47 45.07 -20.42
C SER D 426 -32.94 44.92 -20.77
N ILE D 427 -33.77 45.79 -20.21
CA ILE D 427 -35.21 45.78 -20.43
C ILE D 427 -35.61 47.21 -20.75
N SER D 428 -36.38 47.39 -21.82
CA SER D 428 -36.84 48.73 -22.21
C SER D 428 -37.73 49.29 -21.10
N THR D 429 -37.41 50.49 -20.62
CA THR D 429 -38.20 51.06 -19.54
C THR D 429 -38.34 52.59 -19.67
N ASN D 430 -38.96 53.21 -18.66
CA ASN D 430 -39.17 54.66 -18.68
C ASN D 430 -39.98 55.05 -19.93
N ALA D 431 -41.12 54.38 -20.11
CA ALA D 431 -42.00 54.62 -21.26
C ALA D 431 -41.25 54.44 -22.58
N ALA D 432 -40.30 53.52 -22.58
CA ALA D 432 -39.48 53.20 -23.75
C ALA D 432 -38.39 54.23 -24.08
N ASN D 433 -38.32 55.31 -23.31
CA ASN D 433 -37.29 56.32 -23.53
C ASN D 433 -35.92 55.69 -23.27
N GLN D 434 -35.86 54.85 -22.23
CA GLN D 434 -34.64 54.14 -21.88
C GLN D 434 -34.82 52.73 -22.45
N ASP D 435 -34.84 52.61 -23.77
CA ASP D 435 -35.05 51.30 -24.37
C ASP D 435 -33.88 50.34 -24.23
N VAL D 436 -32.76 50.83 -23.72
CA VAL D 436 -31.58 50.02 -23.44
C VAL D 436 -30.94 50.61 -22.19
N VAL D 437 -30.60 49.77 -21.23
CA VAL D 437 -29.98 50.22 -19.98
C VAL D 437 -28.77 49.33 -19.71
N SER D 438 -27.78 49.87 -19.00
CA SER D 438 -26.55 49.11 -18.74
C SER D 438 -26.60 48.10 -17.60
N LEU D 439 -27.32 48.44 -16.53
CA LEU D 439 -27.40 47.58 -15.36
C LEU D 439 -26.01 47.45 -14.74
N GLY D 440 -25.17 48.46 -14.98
CA GLY D 440 -23.82 48.45 -14.46
C GLY D 440 -23.69 48.40 -12.96
N THR D 441 -24.61 49.05 -12.26
CA THR D 441 -24.60 49.08 -10.81
C THR D 441 -24.87 47.67 -10.29
N ILE D 442 -25.80 46.98 -10.92
CA ILE D 442 -26.12 45.61 -10.54
C ILE D 442 -24.92 44.72 -10.83
N ALA D 443 -24.30 44.92 -11.99
CA ALA D 443 -23.13 44.14 -12.38
C ALA D 443 -22.02 44.28 -11.35
N ALA D 444 -21.74 45.51 -10.95
CA ALA D 444 -20.69 45.77 -9.96
C ALA D 444 -21.03 45.15 -8.60
N ARG D 445 -22.30 45.22 -8.21
CA ARG D 445 -22.74 44.65 -6.94
C ARG D 445 -22.68 43.12 -6.94
N LEU D 446 -22.99 42.50 -8.08
CA LEU D 446 -22.95 41.04 -8.18
C LEU D 446 -21.49 40.60 -8.13
N CYS D 447 -20.60 41.41 -8.69
CA CYS D 447 -19.18 41.10 -8.69
C CYS D 447 -18.67 41.19 -7.25
N ARG D 448 -19.15 42.18 -6.51
CA ARG D 448 -18.74 42.35 -5.12
C ARG D 448 -19.09 41.13 -4.29
N GLU D 449 -20.31 40.61 -4.49
CA GLU D 449 -20.74 39.44 -3.75
C GLU D 449 -19.81 38.25 -4.02
N LYS D 450 -19.43 38.07 -5.27
CA LYS D 450 -18.53 36.97 -5.63
C LYS D 450 -17.15 37.17 -5.01
N ILE D 451 -16.70 38.42 -4.95
CA ILE D 451 -15.42 38.74 -4.35
C ILE D 451 -15.45 38.36 -2.86
N ASP D 452 -16.57 38.64 -2.20
CA ASP D 452 -16.70 38.30 -0.79
C ASP D 452 -16.67 36.78 -0.59
N ARG D 453 -17.26 36.03 -1.51
CA ARG D 453 -17.27 34.57 -1.42
C ARG D 453 -15.86 34.05 -1.65
N TRP D 454 -15.16 34.66 -2.60
CA TRP D 454 -13.79 34.27 -2.92
C TRP D 454 -12.92 34.44 -1.68
N ALA D 455 -13.13 35.53 -0.94
CA ALA D 455 -12.35 35.81 0.26
C ALA D 455 -12.57 34.74 1.33
N GLU D 456 -13.80 34.25 1.43
CA GLU D 456 -14.13 33.22 2.40
C GLU D 456 -13.50 31.89 2.02
N ILE D 457 -13.53 31.57 0.73
CA ILE D 457 -12.91 30.34 0.25
C ILE D 457 -11.40 30.42 0.50
N LEU D 458 -10.79 31.57 0.21
CA LEU D 458 -9.36 31.73 0.44
C LEU D 458 -9.02 31.63 1.93
N ALA D 459 -9.91 32.15 2.78
CA ALA D 459 -9.70 32.09 4.22
C ALA D 459 -9.65 30.62 4.67
N ILE D 460 -10.55 29.81 4.12
CA ILE D 460 -10.56 28.39 4.46
C ILE D 460 -9.27 27.74 4.00
N LEU D 461 -8.82 28.09 2.79
CA LEU D 461 -7.58 27.53 2.27
C LEU D 461 -6.38 27.95 3.13
N ALA D 462 -6.38 29.20 3.58
CA ALA D 462 -5.28 29.70 4.42
C ALA D 462 -5.20 28.95 5.75
N LEU D 463 -6.34 28.72 6.37
CA LEU D 463 -6.37 27.99 7.65
C LEU D 463 -5.93 26.55 7.43
N CYS D 464 -6.31 25.98 6.29
CA CYS D 464 -5.94 24.60 5.98
C CYS D 464 -4.43 24.50 5.76
N LEU D 465 -3.88 25.46 5.02
CA LEU D 465 -2.45 25.46 4.74
C LEU D 465 -1.60 25.68 6.00
N ALA D 466 -2.08 26.53 6.91
CA ALA D 466 -1.36 26.77 8.15
C ALA D 466 -1.24 25.45 8.90
N GLN D 467 -2.34 24.71 8.96
CA GLN D 467 -2.35 23.42 9.63
C GLN D 467 -1.48 22.40 8.88
N ALA D 468 -1.63 22.36 7.56
CA ALA D 468 -0.87 21.42 6.74
C ALA D 468 0.64 21.66 6.81
N ALA D 469 1.03 22.94 6.84
CA ALA D 469 2.44 23.29 6.90
C ALA D 469 3.05 22.74 8.19
N GLU D 470 2.32 22.90 9.30
CA GLU D 470 2.79 22.41 10.60
C GLU D 470 2.81 20.88 10.63
N LEU D 471 1.78 20.26 10.07
CA LEU D 471 1.70 18.81 10.04
C LEU D 471 2.83 18.23 9.22
N ARG D 472 3.12 18.88 8.09
CA ARG D 472 4.18 18.42 7.20
C ARG D 472 5.59 18.72 7.69
N CYS D 473 5.81 19.94 8.17
CA CYS D 473 7.13 20.37 8.58
C CYS D 473 7.40 20.55 10.06
N GLY D 474 6.40 20.29 10.90
CA GLY D 474 6.59 20.46 12.33
C GLY D 474 6.25 21.88 12.76
N SER D 475 6.09 22.10 14.05
CA SER D 475 5.76 23.42 14.56
C SER D 475 6.81 24.47 14.17
N GLY D 476 8.03 24.01 13.92
CA GLY D 476 9.08 24.93 13.53
C GLY D 476 9.09 25.25 12.04
N LEU D 477 8.21 24.61 11.28
CA LEU D 477 8.12 24.83 9.85
C LEU D 477 9.48 24.69 9.16
N ASP D 478 10.16 23.58 9.44
CA ASP D 478 11.47 23.31 8.87
C ASP D 478 11.45 23.13 7.36
N GLY D 479 12.30 23.88 6.67
CA GLY D 479 12.37 23.79 5.23
C GLY D 479 11.41 24.71 4.50
N VAL D 480 10.51 25.34 5.23
CA VAL D 480 9.55 26.25 4.62
C VAL D 480 10.21 27.58 4.26
N SER D 481 9.84 28.14 3.11
CA SER D 481 10.39 29.41 2.66
C SER D 481 10.17 30.53 3.67
N PRO D 482 11.02 31.56 3.64
CA PRO D 482 10.88 32.69 4.55
C PRO D 482 9.51 33.36 4.43
N ALA D 483 9.01 33.48 3.20
CA ALA D 483 7.71 34.12 2.99
C ALA D 483 6.60 33.24 3.56
N GLY D 484 6.71 31.93 3.35
CA GLY D 484 5.73 30.99 3.86
C GLY D 484 5.71 30.98 5.38
N LYS D 485 6.90 31.02 5.99
CA LYS D 485 6.99 31.05 7.45
C LYS D 485 6.32 32.31 8.00
N LYS D 486 6.64 33.44 7.38
CA LYS D 486 6.10 34.72 7.81
C LYS D 486 4.57 34.75 7.72
N LEU D 487 4.04 34.11 6.68
CA LEU D 487 2.59 34.07 6.47
C LEU D 487 1.93 33.22 7.57
N VAL D 488 2.44 32.01 7.78
CA VAL D 488 1.89 31.13 8.79
C VAL D 488 2.01 31.75 10.19
N GLN D 489 3.15 32.36 10.45
CA GLN D 489 3.38 33.00 11.75
C GLN D 489 2.37 34.13 11.98
N ALA D 490 2.09 34.88 10.92
CA ALA D 490 1.15 35.99 11.00
C ALA D 490 -0.24 35.45 11.33
N LEU D 491 -0.65 34.39 10.62
CA LEU D 491 -1.96 33.79 10.86
C LEU D 491 -2.08 33.26 12.28
N ARG D 492 -1.04 32.58 12.75
CA ARG D 492 -1.04 32.00 14.08
C ARG D 492 -1.11 33.02 15.21
N GLU D 493 -0.92 34.30 14.89
CA GLU D 493 -1.01 35.35 15.89
C GLU D 493 -2.48 35.45 16.36
N GLN D 494 -3.40 35.21 15.44
CA GLN D 494 -4.83 35.30 15.73
C GLN D 494 -5.61 34.00 15.59
N PHE D 495 -5.11 33.07 14.80
CA PHE D 495 -5.81 31.80 14.57
C PHE D 495 -4.96 30.61 15.00
N PRO D 496 -5.31 30.00 16.15
CA PRO D 496 -4.62 28.86 16.73
C PRO D 496 -4.72 27.60 15.88
N PRO D 497 -3.76 26.68 16.03
CA PRO D 497 -3.81 25.44 15.24
C PRO D 497 -5.05 24.63 15.66
N LEU D 498 -5.46 23.71 14.81
CA LEU D 498 -6.62 22.87 15.11
C LEU D 498 -6.15 21.60 15.79
N GLU D 499 -5.96 21.66 17.09
CA GLU D 499 -5.49 20.51 17.85
C GLU D 499 -6.62 19.51 18.05
N THR D 500 -7.84 20.02 18.14
CA THR D 500 -9.02 19.19 18.29
C THR D 500 -10.14 19.94 17.57
N ASP D 501 -11.16 19.22 17.12
CA ASP D 501 -12.27 19.83 16.40
C ASP D 501 -12.93 20.97 17.15
N ARG D 502 -13.21 22.06 16.43
CA ARG D 502 -13.87 23.22 17.00
C ARG D 502 -14.61 24.00 15.91
N PRO D 503 -15.59 24.83 16.30
CA PRO D 503 -16.32 25.61 15.31
C PRO D 503 -15.35 26.57 14.61
N LEU D 504 -15.39 26.59 13.28
CA LEU D 504 -14.48 27.44 12.50
C LEU D 504 -15.17 28.60 11.79
N GLY D 505 -16.50 28.59 11.80
CA GLY D 505 -17.27 29.63 11.14
C GLY D 505 -16.89 31.07 11.46
N GLN D 506 -16.75 31.40 12.73
CA GLN D 506 -16.40 32.76 13.11
C GLN D 506 -14.97 33.11 12.68
N GLU D 507 -14.06 32.16 12.77
CA GLU D 507 -12.69 32.39 12.36
C GLU D 507 -12.59 32.60 10.86
N ILE D 508 -13.36 31.83 10.09
CA ILE D 508 -13.35 31.96 8.63
C ILE D 508 -13.81 33.37 8.25
N ALA D 509 -14.92 33.81 8.86
CA ALA D 509 -15.46 35.13 8.57
C ALA D 509 -14.47 36.24 8.93
N ALA D 510 -13.81 36.09 10.07
CA ALA D 510 -12.86 37.09 10.53
C ALA D 510 -11.65 37.19 9.61
N LEU D 511 -11.12 36.04 9.21
CA LEU D 511 -9.96 36.04 8.33
C LEU D 511 -10.35 36.60 6.96
N ALA D 512 -11.53 36.23 6.46
CA ALA D 512 -11.97 36.71 5.17
C ALA D 512 -11.97 38.25 5.15
N THR D 513 -12.46 38.84 6.23
CA THR D 513 -12.51 40.30 6.35
C THR D 513 -11.10 40.88 6.20
N HIS D 514 -10.13 40.19 6.79
CA HIS D 514 -8.74 40.62 6.73
C HIS D 514 -8.16 40.51 5.32
N LEU D 515 -8.38 39.37 4.68
CA LEU D 515 -7.86 39.14 3.32
C LEU D 515 -8.29 40.21 2.32
N LEU D 516 -9.50 40.71 2.45
CA LEU D 516 -10.00 41.74 1.54
C LEU D 516 -9.31 43.09 1.69
N GLN D 517 -8.66 43.31 2.84
CA GLN D 517 -8.03 44.59 3.11
C GLN D 517 -6.50 44.65 3.18
N GLN D 518 -5.85 43.50 3.32
CA GLN D 518 -4.40 43.47 3.42
C GLN D 518 -3.84 42.26 2.69
N SER D 519 -2.63 42.39 2.18
CA SER D 519 -1.97 41.31 1.46
C SER D 519 -0.91 40.67 2.35
N PRO D 520 -0.48 39.45 1.99
CA PRO D 520 0.55 38.75 2.76
C PRO D 520 1.94 39.21 2.34
N VAL D 521 2.43 40.29 2.94
CA VAL D 521 3.74 40.82 2.61
C VAL D 521 4.70 40.74 3.80
N LYS E 8 57.00 0.31 33.56
CA LYS E 8 56.23 -0.66 32.74
C LYS E 8 56.48 -0.42 31.24
N PRO E 9 56.80 -1.48 30.49
CA PRO E 9 57.06 -1.36 29.05
C PRO E 9 55.85 -0.80 28.31
N ALA E 10 56.09 -0.12 27.19
CA ALA E 10 55.00 0.45 26.43
C ALA E 10 54.96 0.00 24.97
N VAL E 11 53.74 -0.25 24.48
CA VAL E 11 53.53 -0.66 23.11
C VAL E 11 53.09 0.60 22.37
N GLU E 12 53.82 0.97 21.33
CA GLU E 12 53.49 2.15 20.55
C GLU E 12 52.67 1.77 19.33
N LEU E 13 51.42 2.22 19.33
CA LEU E 13 50.51 1.91 18.23
C LEU E 13 50.47 3.01 17.18
N ASP E 14 50.77 2.63 15.95
CA ASP E 14 50.72 3.56 14.83
C ASP E 14 49.67 2.96 13.89
N ARG E 15 50.10 1.99 13.08
CA ARG E 15 49.19 1.33 12.14
C ARG E 15 49.04 -0.17 12.43
N HIS E 16 50.15 -0.81 12.80
CA HIS E 16 50.14 -2.24 13.04
C HIS E 16 50.65 -2.68 14.41
N ILE E 17 49.99 -3.69 14.97
CA ILE E 17 50.37 -4.25 16.25
C ILE E 17 50.26 -5.77 16.04
N ASP E 18 51.23 -6.52 16.54
CA ASP E 18 51.16 -7.97 16.38
C ASP E 18 50.41 -8.56 17.55
N LEU E 19 50.06 -9.83 17.46
CA LEU E 19 49.30 -10.50 18.52
C LEU E 19 49.95 -10.50 19.90
N ASP E 20 51.27 -10.62 19.96
CA ASP E 20 51.96 -10.61 21.25
C ASP E 20 51.84 -9.24 21.91
N GLN E 21 51.99 -8.18 21.13
CA GLN E 21 51.88 -6.82 21.66
C GLN E 21 50.45 -6.57 22.13
N ALA E 22 49.48 -7.05 21.36
CA ALA E 22 48.08 -6.87 21.70
C ALA E 22 47.76 -7.52 23.04
N HIS E 23 48.24 -8.75 23.25
CA HIS E 23 47.99 -9.43 24.51
C HIS E 23 48.74 -8.74 25.66
N ALA E 24 49.91 -8.21 25.38
CA ALA E 24 50.69 -7.53 26.42
C ALA E 24 49.89 -6.36 26.99
N VAL E 25 49.27 -5.59 26.11
CA VAL E 25 48.46 -4.45 26.52
C VAL E 25 47.18 -4.95 27.21
N ALA E 26 46.50 -5.90 26.58
CA ALA E 26 45.27 -6.45 27.13
C ALA E 26 45.44 -7.06 28.52
N SER E 27 46.55 -7.75 28.74
CA SER E 27 46.81 -8.38 30.04
C SER E 27 47.41 -7.41 31.05
N GLY E 28 47.60 -6.16 30.64
CA GLY E 28 48.15 -5.16 31.55
C GLY E 28 49.66 -5.25 31.74
N GLY E 29 50.31 -6.06 30.92
CA GLY E 29 51.76 -6.20 31.03
C GLY E 29 52.50 -5.02 30.43
N ALA E 30 51.83 -4.30 29.53
CA ALA E 30 52.43 -3.15 28.89
C ALA E 30 51.43 -2.01 28.76
N ARG E 31 51.94 -0.79 28.77
CA ARG E 31 51.10 0.38 28.61
C ARG E 31 50.96 0.57 27.10
N ILE E 32 50.00 1.39 26.69
CA ILE E 32 49.84 1.64 25.27
C ILE E 32 49.93 3.13 25.01
N VAL E 33 50.60 3.47 23.92
CA VAL E 33 50.75 4.86 23.53
C VAL E 33 50.39 4.98 22.07
N LEU E 34 49.68 6.04 21.72
CA LEU E 34 49.29 6.26 20.35
C LEU E 34 50.36 7.15 19.72
N ALA E 35 51.05 6.61 18.72
CA ALA E 35 52.11 7.35 18.04
C ALA E 35 51.56 8.59 17.35
N PRO E 36 52.38 9.64 17.22
CA PRO E 36 51.97 10.89 16.57
C PRO E 36 51.31 10.70 15.20
N PRO E 37 51.85 9.81 14.36
CA PRO E 37 51.26 9.59 13.04
C PRO E 37 49.80 9.15 13.14
N ALA E 38 49.50 8.29 14.13
CA ALA E 38 48.15 7.80 14.34
C ALA E 38 47.26 8.93 14.88
N ARG E 39 47.79 9.70 15.83
CA ARG E 39 47.02 10.81 16.38
C ARG E 39 46.69 11.80 15.25
N ASP E 40 47.64 12.02 14.36
CA ASP E 40 47.42 12.95 13.25
C ASP E 40 46.34 12.43 12.30
N ARG E 41 46.43 11.16 11.91
CA ARG E 41 45.42 10.59 11.02
C ARG E 41 44.03 10.65 11.66
N CYS E 42 43.98 10.40 12.96
CA CYS E 42 42.70 10.44 13.66
C CYS E 42 42.13 11.84 13.74
N ARG E 43 42.98 12.84 13.98
CA ARG E 43 42.49 14.21 14.02
C ARG E 43 41.94 14.56 12.64
N ALA E 44 42.61 14.08 11.60
CA ALA E 44 42.17 14.34 10.23
C ALA E 44 40.82 13.67 9.97
N SER E 45 40.64 12.46 10.52
CA SER E 45 39.38 11.74 10.33
C SER E 45 38.29 12.48 11.10
N GLU E 46 38.64 12.96 12.29
CA GLU E 46 37.70 13.70 13.11
C GLU E 46 37.21 14.91 12.32
N ALA E 47 38.12 15.55 11.59
CA ALA E 47 37.78 16.71 10.78
C ALA E 47 36.83 16.34 9.64
N ARG E 48 37.05 15.17 9.04
CA ARG E 48 36.20 14.71 7.96
C ARG E 48 34.79 14.41 8.44
N LEU E 49 34.68 13.82 9.63
CA LEU E 49 33.37 13.53 10.20
C LEU E 49 32.64 14.85 10.42
N GLY E 50 33.37 15.84 10.93
CA GLY E 50 32.77 17.14 11.18
C GLY E 50 32.21 17.74 9.90
N ALA E 51 32.95 17.60 8.80
CA ALA E 51 32.51 18.13 7.51
C ALA E 51 31.29 17.37 6.99
N VAL E 52 31.30 16.05 7.16
CA VAL E 52 30.20 15.21 6.72
C VAL E 52 28.90 15.62 7.40
N ILE E 53 28.98 15.91 8.70
CA ILE E 53 27.81 16.33 9.46
C ILE E 53 27.35 17.72 9.04
N ARG E 54 28.32 18.61 8.87
CA ARG E 54 28.06 20.00 8.48
C ARG E 54 27.39 20.08 7.10
N GLU E 55 27.79 19.20 6.20
CA GLU E 55 27.26 19.17 4.84
C GLU E 55 25.97 18.36 4.73
N ALA E 56 25.54 17.78 5.84
CA ALA E 56 24.32 16.97 5.88
C ALA E 56 24.30 15.82 4.88
N ARG E 57 25.43 15.14 4.75
CA ARG E 57 25.53 14.01 3.82
C ARG E 57 24.67 12.86 4.35
N HIS E 58 24.09 12.10 3.42
CA HIS E 58 23.26 10.97 3.79
C HIS E 58 24.23 9.88 4.27
N VAL E 59 24.32 9.72 5.59
CA VAL E 59 25.22 8.73 6.19
C VAL E 59 24.54 7.97 7.33
N TYR E 60 24.71 6.66 7.32
CA TYR E 60 24.13 5.78 8.34
C TYR E 60 24.55 6.21 9.75
N GLY E 61 23.57 6.38 10.64
CA GLY E 61 23.87 6.76 12.01
C GLY E 61 24.08 8.25 12.25
N LEU E 62 24.16 9.02 11.18
CA LEU E 62 24.35 10.45 11.30
C LEU E 62 23.08 11.16 10.83
N THR E 63 22.43 10.58 9.83
CA THR E 63 21.21 11.14 9.27
C THR E 63 20.15 10.06 9.04
N THR E 64 20.33 8.90 9.66
CA THR E 64 19.35 7.82 9.48
C THR E 64 19.15 7.00 10.73
N GLY E 65 18.09 6.21 10.72
CA GLY E 65 17.81 5.31 11.82
C GLY E 65 18.75 4.13 11.68
N PHE E 66 18.57 3.11 12.51
CA PHE E 66 19.45 1.94 12.46
C PHE E 66 18.80 0.69 11.85
N GLY E 67 19.64 -0.21 11.36
CA GLY E 67 19.14 -1.44 10.76
C GLY E 67 18.13 -1.13 9.68
N PRO E 68 17.01 -1.87 9.63
CA PRO E 68 15.98 -1.64 8.61
C PRO E 68 15.25 -0.32 8.82
N LEU E 69 15.55 0.36 9.91
CA LEU E 69 14.91 1.64 10.19
C LEU E 69 15.72 2.78 9.58
N ALA E 70 16.78 2.41 8.87
CA ALA E 70 17.65 3.40 8.25
C ALA E 70 16.90 4.21 7.19
N ASN E 71 15.70 3.76 6.82
CA ASN E 71 14.93 4.48 5.82
C ASN E 71 14.25 5.69 6.43
N ARG E 72 14.30 5.79 7.77
CA ARG E 72 13.75 6.93 8.48
C ARG E 72 14.90 7.94 8.61
N LEU E 73 14.85 9.03 7.84
CA LEU E 73 15.91 10.02 7.90
C LEU E 73 15.74 10.90 9.14
N ILE E 74 16.86 11.26 9.75
CA ILE E 74 16.84 12.05 10.98
C ILE E 74 17.48 13.43 10.82
N SER E 75 16.83 14.43 11.40
CA SER E 75 17.31 15.80 11.32
C SER E 75 18.49 16.02 12.26
N GLY E 76 19.42 16.87 11.84
CA GLY E 76 20.61 17.17 12.62
C GLY E 76 20.47 17.40 14.11
N GLU E 77 19.47 18.16 14.52
CA GLU E 77 19.28 18.46 15.95
C GLU E 77 18.94 17.23 16.79
N ASN E 78 18.54 16.12 16.16
CA ASN E 78 18.18 14.92 16.91
C ASN E 78 19.24 13.83 16.90
N VAL E 79 20.39 14.10 16.31
CA VAL E 79 21.45 13.10 16.23
C VAL E 79 22.00 12.70 17.60
N ARG E 80 22.12 13.66 18.51
CA ARG E 80 22.62 13.35 19.85
C ARG E 80 21.69 12.33 20.49
N THR E 81 20.38 12.59 20.38
CA THR E 81 19.37 11.69 20.95
C THR E 81 19.42 10.33 20.23
N LEU E 82 19.56 10.37 18.91
CA LEU E 82 19.64 9.15 18.11
C LEU E 82 20.76 8.22 18.58
N GLN E 83 21.96 8.76 18.72
CA GLN E 83 23.10 7.95 19.15
C GLN E 83 23.03 7.54 20.62
N ALA E 84 22.31 8.32 21.42
CA ALA E 84 22.15 8.00 22.83
C ALA E 84 21.22 6.78 22.90
N ASN E 85 20.21 6.77 22.04
CA ASN E 85 19.26 5.66 22.00
C ASN E 85 19.91 4.40 21.44
N LEU E 86 20.87 4.60 20.53
CA LEU E 86 21.59 3.48 19.92
C LEU E 86 22.22 2.65 21.03
N VAL E 87 23.00 3.31 21.88
CA VAL E 87 23.67 2.64 22.98
C VAL E 87 22.65 1.96 23.91
N HIS E 88 21.53 2.62 24.15
CA HIS E 88 20.47 2.09 25.01
C HIS E 88 19.80 0.82 24.51
N PHE E 89 19.26 0.86 23.30
CA PHE E 89 18.54 -0.30 22.77
C PHE E 89 19.44 -1.49 22.51
N LEU E 90 20.74 -1.24 22.32
CA LEU E 90 21.69 -2.34 22.07
C LEU E 90 22.18 -3.03 23.34
N ALA E 91 22.00 -2.37 24.49
CA ALA E 91 22.46 -2.94 25.76
C ALA E 91 21.53 -4.00 26.32
N SER E 92 21.29 -5.05 25.54
CA SER E 92 20.41 -6.12 25.97
C SER E 92 21.20 -7.40 26.21
N GLY E 93 22.50 -7.24 26.44
CA GLY E 93 23.35 -8.39 26.69
C GLY E 93 23.05 -9.12 27.98
N VAL E 94 23.32 -10.43 27.99
CA VAL E 94 23.11 -11.25 29.18
C VAL E 94 24.27 -12.25 29.30
N GLY E 95 24.28 -13.00 30.39
CA GLY E 95 25.32 -14.00 30.59
C GLY E 95 26.48 -13.48 31.40
N PRO E 96 27.38 -14.37 31.84
CA PRO E 96 28.54 -13.95 32.63
C PRO E 96 29.37 -12.93 31.86
N VAL E 97 29.99 -11.99 32.56
CA VAL E 97 30.81 -10.98 31.91
C VAL E 97 32.09 -11.57 31.32
N LEU E 98 32.64 -10.90 30.31
CA LEU E 98 33.89 -11.35 29.71
C LEU E 98 34.94 -11.17 30.80
N ASP E 99 35.97 -12.01 30.81
CA ASP E 99 36.98 -11.87 31.84
C ASP E 99 37.77 -10.58 31.60
N TRP E 100 38.45 -10.13 32.65
CA TRP E 100 39.25 -8.91 32.64
C TRP E 100 40.12 -8.71 31.40
N THR E 101 40.93 -9.71 31.07
CA THR E 101 41.82 -9.62 29.92
C THR E 101 41.08 -9.55 28.59
N THR E 102 40.04 -10.36 28.45
CA THR E 102 39.27 -10.39 27.21
C THR E 102 38.49 -9.11 26.99
N ALA E 103 37.94 -8.55 28.06
CA ALA E 103 37.18 -7.31 27.97
C ALA E 103 38.13 -6.20 27.48
N ARG E 104 39.32 -6.17 28.04
CA ARG E 104 40.32 -5.17 27.65
C ARG E 104 40.80 -5.40 26.23
N ALA E 105 40.88 -6.67 25.82
CA ALA E 105 41.30 -7.00 24.47
C ALA E 105 40.30 -6.43 23.47
N MET E 106 39.02 -6.43 23.84
CA MET E 106 37.96 -5.89 23.00
C MET E 106 38.16 -4.38 22.86
N VAL E 107 38.45 -3.72 23.98
CA VAL E 107 38.67 -2.28 23.97
C VAL E 107 39.83 -1.98 23.01
N LEU E 108 40.91 -2.73 23.15
CA LEU E 108 42.07 -2.55 22.30
C LEU E 108 41.75 -2.76 20.82
N ALA E 109 40.97 -3.80 20.51
CA ALA E 109 40.60 -4.09 19.13
C ALA E 109 39.90 -2.88 18.50
N ARG E 110 38.99 -2.27 19.24
CA ARG E 110 38.27 -1.10 18.73
C ARG E 110 39.25 0.05 18.52
N LEU E 111 40.17 0.23 19.47
CA LEU E 111 41.17 1.29 19.37
C LEU E 111 42.08 1.12 18.15
N VAL E 112 42.54 -0.10 17.90
CA VAL E 112 43.42 -0.33 16.75
C VAL E 112 42.65 -0.02 15.47
N SER E 113 41.37 -0.33 15.44
CA SER E 113 40.55 -0.05 14.27
C SER E 113 40.51 1.47 14.06
N ILE E 114 40.18 2.20 15.13
CA ILE E 114 40.10 3.65 15.08
C ILE E 114 41.43 4.29 14.67
N ALA E 115 42.53 3.70 15.13
CA ALA E 115 43.88 4.20 14.84
C ALA E 115 44.20 4.30 13.36
N GLN E 116 43.46 3.57 12.53
CA GLN E 116 43.70 3.61 11.08
C GLN E 116 43.24 4.94 10.46
N GLY E 117 42.47 5.71 11.22
CA GLY E 117 42.02 7.00 10.74
C GLY E 117 40.86 7.08 9.76
N ALA E 118 39.86 6.22 9.89
CA ALA E 118 38.71 6.26 9.00
C ALA E 118 37.39 6.15 9.76
N SER E 119 37.45 6.29 11.07
CA SER E 119 36.27 6.17 11.92
C SER E 119 35.69 7.49 12.42
N GLY E 120 36.46 8.57 12.33
CA GLY E 120 35.98 9.86 12.78
C GLY E 120 35.93 10.07 14.29
N ALA E 121 36.52 9.15 15.06
CA ALA E 121 36.53 9.27 16.51
C ALA E 121 37.25 10.52 17.00
N SER E 122 36.67 11.22 17.96
CA SER E 122 37.26 12.43 18.51
C SER E 122 38.45 12.09 19.41
N GLU E 123 39.30 13.09 19.67
CA GLU E 123 40.47 12.87 20.52
C GLU E 123 40.07 12.44 21.91
N GLY E 124 38.95 12.98 22.41
CA GLY E 124 38.50 12.63 23.74
C GLY E 124 38.06 11.18 23.81
N THR E 125 37.37 10.72 22.77
CA THR E 125 36.89 9.35 22.69
C THR E 125 38.08 8.39 22.68
N ILE E 126 39.09 8.73 21.88
CA ILE E 126 40.29 7.91 21.79
C ILE E 126 40.99 7.89 23.15
N ALA E 127 41.02 9.04 23.81
CA ALA E 127 41.67 9.15 25.12
C ALA E 127 41.02 8.25 26.16
N ARG E 128 39.70 8.08 26.08
CA ARG E 128 38.99 7.24 27.04
C ARG E 128 39.41 5.77 26.90
N LEU E 129 39.59 5.32 25.67
CA LEU E 129 40.00 3.94 25.42
C LEU E 129 41.43 3.71 25.89
N ILE E 130 42.32 4.65 25.58
CA ILE E 130 43.71 4.56 25.97
C ILE E 130 43.83 4.58 27.50
N ASP E 131 43.08 5.47 28.14
CA ASP E 131 43.10 5.57 29.60
C ASP E 131 42.66 4.26 30.25
N LEU E 132 41.59 3.66 29.71
CA LEU E 132 41.09 2.40 30.26
C LEU E 132 42.21 1.35 30.19
N LEU E 133 42.82 1.22 29.01
CA LEU E 133 43.88 0.24 28.81
C LEU E 133 45.10 0.47 29.70
N ASN E 134 45.38 1.72 30.05
CA ASN E 134 46.52 2.00 30.90
C ASN E 134 46.19 1.89 32.39
N SER E 135 44.91 1.68 32.68
CA SER E 135 44.46 1.53 34.07
C SER E 135 44.48 0.05 34.40
N GLU E 136 44.13 -0.28 35.64
CA GLU E 136 44.09 -1.67 36.09
C GLU E 136 42.68 -2.25 35.96
N LEU E 137 41.81 -1.53 35.26
CA LEU E 137 40.42 -1.97 35.14
C LEU E 137 40.00 -2.46 33.75
N ALA E 138 38.81 -3.04 33.71
CA ALA E 138 38.21 -3.53 32.47
C ALA E 138 36.71 -3.29 32.59
N PRO E 139 36.05 -3.00 31.46
CA PRO E 139 34.60 -2.78 31.55
C PRO E 139 33.94 -4.13 31.80
N ALA E 140 32.84 -4.15 32.56
CA ALA E 140 32.13 -5.39 32.83
C ALA E 140 31.05 -5.55 31.77
N VAL E 141 31.28 -6.41 30.80
CA VAL E 141 30.30 -6.58 29.72
C VAL E 141 29.81 -8.01 29.60
N PRO E 142 28.48 -8.19 29.45
CA PRO E 142 27.92 -9.54 29.30
C PRO E 142 28.48 -10.23 28.07
N SER E 143 28.71 -11.54 28.18
CA SER E 143 29.28 -12.30 27.08
C SER E 143 28.33 -12.66 25.95
N ARG E 144 27.03 -12.73 26.23
CA ARG E 144 26.06 -13.11 25.21
C ARG E 144 25.17 -11.97 24.72
N GLY E 145 24.67 -12.12 23.49
CA GLY E 145 23.78 -11.11 22.94
C GLY E 145 24.05 -10.71 21.51
N THR E 146 25.27 -10.93 21.02
CA THR E 146 25.59 -10.54 19.66
C THR E 146 25.66 -11.71 18.66
N VAL E 147 25.26 -11.44 17.43
CA VAL E 147 25.30 -12.45 16.37
C VAL E 147 26.56 -12.22 15.53
N GLY E 148 27.42 -11.32 16.01
CA GLY E 148 28.67 -11.03 15.32
C GLY E 148 28.56 -10.38 13.96
N ASP E 150 29.91 -6.76 16.58
CA ASP E 150 29.68 -6.92 18.02
C ASP E 150 29.07 -5.69 18.70
N LEU E 151 27.91 -5.27 18.21
CA LEU E 151 27.26 -4.07 18.75
C LEU E 151 26.83 -4.13 20.21
N THR E 152 26.21 -5.24 20.63
CA THR E 152 25.76 -5.36 22.01
C THR E 152 26.87 -5.25 23.06
N PRO E 153 27.92 -6.07 22.98
CA PRO E 153 28.96 -5.92 24.01
C PRO E 153 29.64 -4.55 23.98
N LEU E 154 29.76 -3.96 22.80
CA LEU E 154 30.38 -2.65 22.68
C LEU E 154 29.47 -1.55 23.25
N ALA E 155 28.16 -1.74 23.15
CA ALA E 155 27.22 -0.77 23.71
C ALA E 155 27.38 -0.82 25.23
N HIS E 156 27.55 -2.02 25.77
CA HIS E 156 27.74 -2.16 27.22
C HIS E 156 29.05 -1.49 27.63
N MET E 157 30.07 -1.63 26.78
CA MET E 157 31.36 -1.02 27.02
C MET E 157 31.19 0.49 27.14
N VAL E 158 30.45 1.08 26.20
CA VAL E 158 30.20 2.52 26.21
C VAL E 158 29.55 2.96 27.52
N LEU E 159 28.53 2.22 27.96
CA LEU E 159 27.84 2.55 29.21
C LEU E 159 28.83 2.53 30.37
N CYS E 160 29.70 1.52 30.39
CA CYS E 160 30.69 1.42 31.46
C CYS E 160 31.60 2.63 31.44
N LEU E 161 32.10 2.98 30.25
CA LEU E 161 33.01 4.11 30.11
C LEU E 161 32.35 5.44 30.46
N GLN E 162 31.02 5.49 30.45
CA GLN E 162 30.31 6.72 30.81
C GLN E 162 30.05 6.71 32.31
N GLY E 163 30.42 5.62 32.97
CA GLY E 163 30.20 5.50 34.39
C GLY E 163 28.82 4.95 34.69
N ARG E 164 28.16 4.44 33.65
CA ARG E 164 26.81 3.90 33.78
C ARG E 164 26.83 2.37 33.70
N GLY E 165 27.99 1.79 33.99
CA GLY E 165 28.12 0.36 33.95
C GLY E 165 29.23 -0.06 34.88
N ASP E 166 29.24 -1.34 35.27
CA ASP E 166 30.26 -1.87 36.17
C ASP E 166 31.63 -2.01 35.52
N PHE E 167 32.66 -2.12 36.37
CA PHE E 167 34.04 -2.31 35.93
C PHE E 167 34.53 -3.55 36.66
N LEU E 168 35.67 -4.08 36.21
CA LEU E 168 36.26 -5.26 36.85
C LEU E 168 37.71 -4.96 37.19
N ASP E 169 38.17 -5.41 38.36
CA ASP E 169 39.56 -5.23 38.72
C ASP E 169 40.22 -6.51 38.21
N ARG E 170 41.54 -6.60 38.23
CA ARG E 170 42.25 -7.78 37.73
C ARG E 170 41.74 -9.11 38.29
N ASP E 171 41.12 -9.07 39.47
CA ASP E 171 40.61 -10.29 40.12
C ASP E 171 39.20 -10.68 39.73
N GLY E 172 38.53 -9.83 38.94
CA GLY E 172 37.17 -10.15 38.55
C GLY E 172 36.16 -9.51 39.48
N THR E 173 36.66 -8.78 40.49
CA THR E 173 35.80 -8.11 41.45
C THR E 173 35.08 -6.96 40.75
N ARG E 174 33.77 -6.87 40.96
CA ARG E 174 32.99 -5.83 40.32
C ARG E 174 32.91 -4.53 41.11
N LEU E 175 33.01 -3.42 40.37
CA LEU E 175 32.95 -2.08 40.91
C LEU E 175 31.86 -1.34 40.14
N ASP E 176 31.10 -0.47 40.80
CA ASP E 176 30.07 0.26 40.06
C ASP E 176 30.74 1.32 39.20
N GLY E 177 29.98 1.87 38.25
CA GLY E 177 30.51 2.88 37.36
C GLY E 177 31.29 4.01 37.99
N ALA E 178 30.68 4.68 38.96
CA ALA E 178 31.33 5.80 39.65
C ALA E 178 32.63 5.38 40.30
N GLU E 179 32.61 4.25 40.99
CA GLU E 179 33.78 3.72 41.68
C GLU E 179 34.88 3.39 40.67
N GLY E 180 34.49 2.86 39.51
CA GLY E 180 35.44 2.51 38.49
C GLY E 180 36.15 3.73 37.92
N LEU E 181 35.39 4.78 37.61
CA LEU E 181 35.97 5.99 37.06
C LEU E 181 36.91 6.62 38.08
N ARG E 182 36.52 6.51 39.35
CA ARG E 182 37.30 7.05 40.45
C ARG E 182 38.61 6.27 40.64
N ARG E 183 38.49 4.98 40.91
CA ARG E 183 39.67 4.14 41.13
C ARG E 183 40.64 4.13 39.95
N GLY E 184 40.11 4.11 38.74
CA GLY E 184 40.99 4.09 37.57
C GLY E 184 41.41 5.48 37.12
N ARG E 185 40.94 6.50 37.83
CA ARG E 185 41.26 7.89 37.48
C ARG E 185 40.88 8.15 36.03
N LEU E 186 39.66 7.74 35.67
CA LEU E 186 39.15 7.91 34.32
C LEU E 186 38.16 9.06 34.25
N GLN E 187 37.97 9.58 33.04
CA GLN E 187 37.03 10.66 32.79
C GLN E 187 35.83 10.02 32.10
N PRO E 188 34.61 10.47 32.43
CA PRO E 188 33.44 9.87 31.78
C PRO E 188 33.43 10.13 30.28
N LEU E 189 33.10 9.11 29.50
CA LEU E 189 33.04 9.22 28.05
C LEU E 189 31.99 10.24 27.62
N ASP E 190 32.36 11.11 26.68
CA ASP E 190 31.47 12.14 26.16
C ASP E 190 31.33 11.99 24.66
N LEU E 191 30.12 11.67 24.20
CA LEU E 191 29.88 11.46 22.77
C LEU E 191 29.23 12.64 22.04
N SER E 192 29.42 13.84 22.56
CA SER E 192 28.86 15.05 21.96
C SER E 192 29.27 15.29 20.50
N HIS E 193 30.41 14.74 20.08
CA HIS E 193 30.87 14.94 18.70
C HIS E 193 30.13 14.07 17.69
N ARG E 194 29.17 13.30 18.18
CA ARG E 194 28.37 12.42 17.34
C ARG E 194 29.24 11.31 16.72
N ASP E 195 30.22 10.86 17.48
CA ASP E 195 31.13 9.80 17.04
C ASP E 195 30.84 8.47 17.74
N ALA E 196 29.58 8.25 18.10
CA ALA E 196 29.18 7.03 18.78
C ALA E 196 29.44 5.78 17.95
N LEU E 197 29.29 5.88 16.63
CA LEU E 197 29.52 4.71 15.78
C LEU E 197 30.99 4.32 15.68
N ALA E 198 31.88 5.13 16.25
CA ALA E 198 33.29 4.79 16.23
C ALA E 198 33.56 3.78 17.35
N LEU E 199 32.64 3.70 18.32
CA LEU E 199 32.78 2.79 19.45
C LEU E 199 31.88 1.57 19.35
N VAL E 200 30.69 1.76 18.80
CA VAL E 200 29.74 0.68 18.65
C VAL E 200 29.81 0.28 17.18
N ASN E 201 30.78 -0.57 16.87
CA ASN E 201 31.00 -0.99 15.50
C ASN E 201 32.06 -2.08 15.40
N GLY E 202 32.12 -2.73 14.24
CA GLY E 202 33.13 -3.75 14.02
C GLY E 202 33.02 -5.09 14.71
N THR E 203 34.14 -5.81 14.70
CA THR E 203 34.25 -7.15 15.27
C THR E 203 35.18 -7.15 16.48
N SER E 204 35.17 -6.05 17.23
CA SER E 204 36.04 -5.90 18.39
C SER E 204 35.94 -6.99 19.46
N ALA E 205 34.73 -7.45 19.75
CA ALA E 205 34.54 -8.47 20.78
C ALA E 205 35.13 -9.82 20.39
N MET E 206 34.76 -10.32 19.22
CA MET E 206 35.26 -11.61 18.77
C MET E 206 36.77 -11.55 18.53
N THR E 207 37.26 -10.41 18.06
CA THR E 207 38.69 -10.26 17.82
C THR E 207 39.44 -10.28 19.16
N GLY E 208 38.89 -9.60 20.16
CA GLY E 208 39.54 -9.58 21.47
C GLY E 208 39.56 -10.99 22.07
N ILE E 209 38.45 -11.69 21.99
CA ILE E 209 38.37 -13.04 22.51
C ILE E 209 39.37 -13.93 21.78
N ALA E 210 39.39 -13.81 20.46
CA ALA E 210 40.29 -14.60 19.61
C ALA E 210 41.77 -14.36 19.87
N LEU E 211 42.15 -13.11 20.16
CA LEU E 211 43.56 -12.85 20.40
C LEU E 211 43.97 -13.48 21.73
N VAL E 212 43.04 -13.52 22.68
CA VAL E 212 43.33 -14.14 23.97
C VAL E 212 43.47 -15.64 23.74
N ASN E 213 42.62 -16.19 22.87
CA ASN E 213 42.68 -17.62 22.54
C ASN E 213 44.01 -17.94 21.89
N ALA E 214 44.45 -17.07 20.98
CA ALA E 214 45.70 -17.27 20.27
C ALA E 214 46.88 -17.36 21.25
N HIS E 215 46.91 -16.46 22.23
CA HIS E 215 47.99 -16.45 23.20
C HIS E 215 47.98 -17.72 24.05
N ALA E 216 46.80 -18.10 24.53
CA ALA E 216 46.68 -19.30 25.35
C ALA E 216 47.11 -20.54 24.59
N CYS E 217 46.74 -20.64 23.32
CA CYS E 217 47.11 -21.80 22.52
C CYS E 217 48.61 -21.96 22.33
N ARG E 218 49.33 -20.84 22.27
CA ARG E 218 50.77 -20.92 22.10
C ARG E 218 51.39 -21.59 23.32
N HIS E 219 50.97 -21.17 24.52
CA HIS E 219 51.51 -21.77 25.73
C HIS E 219 51.10 -23.23 25.88
N LEU E 220 49.82 -23.52 25.63
CA LEU E 220 49.36 -24.90 25.73
C LEU E 220 50.08 -25.76 24.70
N GLY E 221 50.37 -25.18 23.55
CA GLY E 221 51.08 -25.94 22.52
C GLY E 221 52.47 -26.30 23.01
N ASN E 222 53.12 -25.37 23.71
CA ASN E 222 54.45 -25.64 24.24
C ASN E 222 54.37 -26.73 25.32
N TRP E 223 53.29 -26.72 26.09
CA TRP E 223 53.12 -27.74 27.11
C TRP E 223 52.85 -29.10 26.48
N ALA E 224 52.04 -29.12 25.43
CA ALA E 224 51.73 -30.38 24.74
C ALA E 224 53.03 -31.02 24.23
N VAL E 225 53.94 -30.20 23.72
CA VAL E 225 55.23 -30.68 23.22
C VAL E 225 56.11 -31.17 24.36
N ALA E 226 56.22 -30.37 25.42
CA ALA E 226 57.05 -30.72 26.57
C ALA E 226 56.60 -32.00 27.27
N LEU E 227 55.29 -32.15 27.42
CA LEU E 227 54.75 -33.33 28.09
C LEU E 227 54.88 -34.57 27.21
N THR E 228 54.76 -34.40 25.89
CA THR E 228 54.90 -35.54 24.99
C THR E 228 56.35 -36.04 25.09
N ALA E 229 57.28 -35.10 25.17
CA ALA E 229 58.70 -35.44 25.28
C ALA E 229 58.96 -36.15 26.60
N LEU E 230 58.42 -35.61 27.70
CA LEU E 230 58.62 -36.22 29.00
C LEU E 230 57.97 -37.61 29.01
N LEU E 231 56.86 -37.75 28.29
CA LEU E 231 56.18 -39.05 28.20
C LEU E 231 57.15 -40.08 27.60
N ALA E 232 57.89 -39.66 26.57
CA ALA E 232 58.85 -40.53 25.92
C ALA E 232 59.92 -40.97 26.92
N GLU E 233 60.34 -40.05 27.78
CA GLU E 233 61.35 -40.36 28.77
C GLU E 233 60.83 -41.32 29.85
N CYS E 234 59.52 -41.38 30.02
CA CYS E 234 58.93 -42.28 31.02
C CYS E 234 58.56 -43.65 30.46
N LEU E 235 58.42 -43.73 29.15
CA LEU E 235 58.05 -44.99 28.50
C LEU E 235 59.09 -45.51 27.52
N ARG E 236 60.34 -45.07 27.67
CA ARG E 236 61.41 -45.49 26.77
C ARG E 236 61.02 -45.28 25.30
N GLY E 237 60.47 -44.11 25.01
CA GLY E 237 60.05 -43.80 23.66
C GLY E 237 61.19 -43.73 22.64
N ARG E 238 60.87 -44.01 21.39
CA ARG E 238 61.85 -43.99 20.30
C ARG E 238 61.89 -42.64 19.60
N THR E 239 63.06 -42.01 19.60
CA THR E 239 63.24 -40.70 18.98
C THR E 239 63.35 -40.74 17.46
N GLU E 240 63.60 -41.91 16.87
CA GLU E 240 63.72 -41.95 15.42
C GLU E 240 62.45 -41.50 14.72
N ALA E 241 61.30 -41.67 15.39
CA ALA E 241 60.04 -41.24 14.80
C ALA E 241 59.99 -39.72 14.70
N TRP E 242 60.83 -39.04 15.48
CA TRP E 242 60.84 -37.59 15.46
C TRP E 242 62.01 -37.02 14.62
N ALA E 243 62.63 -37.88 13.83
CA ALA E 243 63.76 -37.49 12.99
C ALA E 243 63.42 -36.38 12.00
N ALA E 244 64.35 -35.45 11.82
CA ALA E 244 64.16 -34.35 10.89
C ALA E 244 63.93 -34.86 9.47
N ALA E 245 64.59 -35.96 9.12
CA ALA E 245 64.46 -36.53 7.78
C ALA E 245 63.01 -36.86 7.45
N LEU E 246 62.26 -37.32 8.45
CA LEU E 246 60.85 -37.65 8.24
C LEU E 246 60.06 -36.40 7.92
N SER E 247 60.38 -35.32 8.62
CA SER E 247 59.71 -34.04 8.42
C SER E 247 59.95 -33.51 7.02
N ASP E 248 61.18 -33.63 6.54
CA ASP E 248 61.52 -33.14 5.21
C ASP E 248 60.76 -33.91 4.13
N LEU E 249 60.40 -35.16 4.42
CA LEU E 249 59.67 -35.97 3.45
C LEU E 249 58.21 -35.54 3.36
N ARG E 250 57.70 -34.94 4.44
CA ARG E 250 56.32 -34.45 4.50
C ARG E 250 56.44 -33.08 5.15
N PRO E 251 57.00 -32.10 4.40
CA PRO E 251 57.25 -30.71 4.77
C PRO E 251 56.16 -29.75 5.28
N HIS E 252 55.24 -30.23 6.09
CA HIS E 252 54.23 -29.34 6.66
C HIS E 252 55.01 -28.51 7.70
N PRO E 253 54.94 -27.17 7.60
CA PRO E 253 55.65 -26.30 8.55
C PRO E 253 55.40 -26.66 10.02
N GLY E 254 54.14 -26.87 10.36
CA GLY E 254 53.81 -27.20 11.73
C GLY E 254 54.41 -28.50 12.21
N GLN E 255 54.45 -29.49 11.34
CA GLN E 255 55.02 -30.80 11.70
C GLN E 255 56.52 -30.72 11.87
N LYS E 256 57.19 -30.02 10.95
CA LYS E 256 58.64 -29.87 11.02
C LYS E 256 59.01 -29.19 12.33
N ASP E 257 58.23 -28.18 12.69
CA ASP E 257 58.45 -27.43 13.92
C ASP E 257 58.20 -28.30 15.16
N ALA E 258 57.09 -29.05 15.15
CA ALA E 258 56.77 -29.91 16.28
C ALA E 258 57.88 -30.96 16.48
N ALA E 259 58.28 -31.60 15.39
CA ALA E 259 59.33 -32.61 15.47
C ALA E 259 60.61 -32.01 16.04
N ALA E 260 60.99 -30.83 15.53
CA ALA E 260 62.19 -30.16 16.00
C ALA E 260 62.11 -29.84 17.49
N ARG E 261 60.97 -29.31 17.92
CA ARG E 261 60.78 -28.97 19.32
C ARG E 261 60.79 -30.22 20.20
N LEU E 262 60.27 -31.32 19.68
CA LEU E 262 60.25 -32.57 20.42
C LEU E 262 61.68 -33.08 20.59
N ARG E 263 62.47 -33.01 19.53
CA ARG E 263 63.87 -33.46 19.60
C ARG E 263 64.64 -32.63 20.61
N ALA E 264 64.40 -31.32 20.60
CA ALA E 264 65.09 -30.41 21.52
C ALA E 264 64.75 -30.74 22.98
N ARG E 265 63.48 -31.03 23.25
CA ARG E 265 63.05 -31.33 24.62
C ARG E 265 63.75 -32.56 25.22
N VAL E 266 64.01 -33.58 24.40
CA VAL E 266 64.65 -34.79 24.92
C VAL E 266 66.16 -34.84 24.71
N ASP E 267 66.74 -33.74 24.23
CA ASP E 267 68.17 -33.68 24.03
C ASP E 267 68.87 -33.87 25.37
N GLY E 268 69.84 -34.77 25.41
CA GLY E 268 70.55 -35.03 26.66
C GLY E 268 69.91 -36.13 27.48
N SER E 269 68.80 -36.66 27.00
CA SER E 269 68.11 -37.74 27.72
C SER E 269 68.75 -39.10 27.48
N ALA E 270 68.83 -39.90 28.54
CA ALA E 270 69.39 -41.24 28.46
C ALA E 270 68.26 -42.25 28.65
N ARG E 271 67.03 -41.74 28.78
CA ARG E 271 65.85 -42.59 28.97
C ARG E 271 65.13 -42.96 27.69
N VAL E 272 65.36 -42.20 26.62
CA VAL E 272 64.71 -42.50 25.35
C VAL E 272 65.58 -43.45 24.54
N VAL E 273 64.97 -44.11 23.57
CA VAL E 273 65.69 -45.04 22.69
C VAL E 273 66.03 -44.28 21.42
N ARG E 274 67.31 -44.14 21.14
CA ARG E 274 67.76 -43.40 19.96
C ARG E 274 68.21 -44.28 18.79
N HIS E 275 68.22 -45.59 18.98
CA HIS E 275 68.66 -46.49 17.91
C HIS E 275 67.64 -46.64 16.79
N VAL E 276 68.10 -46.42 15.55
CA VAL E 276 67.25 -46.58 14.37
C VAL E 276 67.18 -48.09 14.13
N ILE E 277 65.99 -48.67 14.25
CA ILE E 277 65.83 -50.11 14.10
C ILE E 277 66.33 -50.75 12.81
N ALA E 278 66.30 -50.01 11.71
CA ALA E 278 66.74 -50.55 10.42
C ALA E 278 68.25 -50.77 10.35
N GLU E 279 68.98 -50.23 11.32
CA GLU E 279 70.44 -50.39 11.35
C GLU E 279 70.80 -51.83 11.70
N ARG E 280 69.89 -52.48 12.43
CA ARG E 280 70.07 -53.84 12.87
C ARG E 280 69.90 -54.88 11.77
N ARG E 281 70.90 -55.74 11.61
CA ARG E 281 70.85 -56.80 10.61
C ARG E 281 70.42 -58.06 11.35
N LEU E 282 69.30 -58.65 10.92
CA LEU E 282 68.77 -59.85 11.54
C LEU E 282 69.39 -61.14 11.00
N ASP E 283 69.53 -62.14 11.87
CA ASP E 283 70.08 -63.44 11.48
C ASP E 283 69.04 -64.51 11.78
N ALA E 284 69.20 -65.70 11.20
CA ALA E 284 68.25 -66.78 11.42
C ALA E 284 67.81 -66.91 12.89
N GLY E 285 68.76 -66.72 13.81
CA GLY E 285 68.45 -66.84 15.22
C GLY E 285 67.59 -65.73 15.82
N ASP E 286 67.32 -64.68 15.06
CA ASP E 286 66.51 -63.57 15.55
C ASP E 286 65.03 -63.76 15.24
N ILE E 287 64.72 -64.65 14.30
CA ILE E 287 63.33 -64.89 13.92
C ILE E 287 62.53 -65.47 15.09
N GLY E 288 61.51 -64.74 15.50
CA GLY E 288 60.67 -65.15 16.61
C GLY E 288 59.82 -63.99 17.09
N THR E 289 59.29 -64.10 18.32
CA THR E 289 58.48 -63.03 18.88
C THR E 289 59.25 -62.23 19.94
N GLU E 290 59.45 -60.94 19.69
CA GLU E 290 60.18 -60.07 20.63
C GLU E 290 59.21 -59.47 21.64
N PRO E 291 59.71 -59.04 22.81
CA PRO E 291 58.89 -58.46 23.86
C PRO E 291 58.08 -57.26 23.38
N GLU E 292 58.71 -56.39 22.59
CA GLU E 292 58.03 -55.18 22.13
C GLU E 292 58.28 -54.91 20.65
N ALA E 293 57.33 -54.23 20.02
CA ALA E 293 57.42 -53.90 18.58
C ALA E 293 58.51 -52.86 18.39
N GLY E 294 58.96 -52.73 17.16
CA GLY E 294 59.99 -51.77 16.83
C GLY E 294 59.56 -50.32 16.73
N GLN E 295 58.26 -50.06 16.89
CA GLN E 295 57.74 -48.69 16.83
C GLN E 295 56.77 -48.46 17.99
N ASP E 296 56.61 -47.20 18.40
CA ASP E 296 55.70 -46.89 19.51
C ASP E 296 54.27 -46.70 19.03
N ALA E 297 53.35 -46.69 19.99
CA ALA E 297 51.94 -46.46 19.70
C ALA E 297 51.88 -45.04 19.14
N TYR E 298 50.78 -44.71 18.47
CA TYR E 298 50.63 -43.40 17.85
C TYR E 298 50.76 -42.18 18.77
N SER E 299 50.34 -42.30 20.03
CA SER E 299 50.41 -41.16 20.93
C SER E 299 51.84 -40.63 21.12
N LEU E 300 52.81 -41.40 20.63
CA LEU E 300 54.21 -40.99 20.68
C LEU E 300 54.77 -40.89 19.27
N ARG E 301 54.62 -41.95 18.51
CA ARG E 301 55.14 -42.00 17.14
C ARG E 301 54.53 -40.97 16.18
N CYS E 302 53.26 -40.66 16.37
CA CYS E 302 52.58 -39.72 15.49
C CYS E 302 52.40 -38.32 16.11
N ALA E 303 53.10 -38.06 17.20
CA ALA E 303 52.99 -36.76 17.86
C ALA E 303 53.31 -35.59 16.94
N PRO E 304 54.40 -35.70 16.15
CA PRO E 304 54.75 -34.60 15.24
C PRO E 304 53.64 -34.28 14.24
N GLN E 305 52.98 -35.33 13.73
CA GLN E 305 51.92 -35.18 12.76
C GLN E 305 50.64 -34.59 13.36
N VAL E 306 50.26 -35.06 14.55
CA VAL E 306 49.06 -34.57 15.21
C VAL E 306 49.27 -33.14 15.71
N LEU E 307 50.34 -32.94 16.47
CA LEU E 307 50.66 -31.61 16.99
C LEU E 307 50.89 -30.63 15.84
N GLY E 308 51.55 -31.11 14.79
CA GLY E 308 51.83 -30.28 13.62
C GLY E 308 50.60 -29.77 12.89
N ALA E 309 49.58 -30.62 12.76
CA ALA E 309 48.34 -30.21 12.10
C ALA E 309 47.66 -29.14 12.94
N GLY E 310 47.77 -29.29 14.26
CA GLY E 310 47.20 -28.31 15.16
C GLY E 310 47.95 -26.99 15.06
N PHE E 311 49.27 -27.07 15.00
CA PHE E 311 50.09 -25.86 14.90
C PHE E 311 49.85 -25.14 13.58
N ASP E 312 49.60 -25.90 12.51
CA ASP E 312 49.34 -25.27 11.22
C ASP E 312 47.95 -24.60 11.23
N THR E 313 47.03 -25.15 12.01
CA THR E 313 45.70 -24.55 12.10
C THR E 313 45.83 -23.24 12.89
N LEU E 314 46.61 -23.28 13.97
CA LEU E 314 46.81 -22.08 14.78
C LEU E 314 47.51 -21.00 13.96
N ALA E 315 48.43 -21.42 13.09
CA ALA E 315 49.15 -20.47 12.24
C ALA E 315 48.18 -19.76 11.30
N TRP E 316 47.22 -20.51 10.75
CA TRP E 316 46.23 -19.91 9.84
C TRP E 316 45.33 -18.97 10.64
N HIS E 317 44.90 -19.42 11.81
CA HIS E 317 44.06 -18.63 12.69
C HIS E 317 44.74 -17.29 12.98
N ASP E 318 46.02 -17.37 13.36
CA ASP E 318 46.78 -16.15 13.67
C ASP E 318 47.01 -15.21 12.49
N ARG E 319 47.19 -15.76 11.28
CA ARG E 319 47.39 -14.90 10.11
C ARG E 319 46.14 -14.06 9.86
N VAL E 320 44.99 -14.75 9.85
CA VAL E 320 43.72 -14.11 9.62
C VAL E 320 43.39 -13.13 10.75
N LEU E 321 43.67 -13.54 11.98
CA LEU E 321 43.38 -12.69 13.14
C LEU E 321 44.23 -11.41 13.10
N THR E 322 45.49 -11.55 12.69
CA THR E 322 46.38 -10.40 12.62
C THR E 322 45.84 -9.37 11.62
N ILE E 323 45.26 -9.84 10.52
CA ILE E 323 44.69 -8.93 9.55
C ILE E 323 43.45 -8.27 10.14
N GLU E 324 42.58 -9.07 10.75
CA GLU E 324 41.35 -8.56 11.34
C GLU E 324 41.61 -7.50 12.43
N LEU E 325 42.53 -7.80 13.33
CA LEU E 325 42.88 -6.89 14.42
C LEU E 325 43.36 -5.53 13.92
N ASN E 326 44.16 -5.54 12.85
CA ASN E 326 44.71 -4.31 12.30
C ASN E 326 43.89 -3.66 11.19
N ALA E 327 42.67 -4.15 10.99
CA ALA E 327 41.80 -3.61 9.96
C ALA E 327 40.73 -2.67 10.51
N VAL E 328 39.98 -2.04 9.62
CA VAL E 328 38.90 -1.17 10.01
C VAL E 328 37.63 -1.97 9.70
N THR E 329 36.94 -2.43 10.74
CA THR E 329 35.72 -3.22 10.54
C THR E 329 34.46 -2.40 10.75
N ASP E 330 34.62 -1.07 10.74
CA ASP E 330 33.52 -0.13 10.93
C ASP E 330 32.60 0.03 9.72
N ASN E 331 31.40 0.52 10.00
CA ASN E 331 30.41 0.87 8.99
C ASN E 331 29.53 1.93 9.63
N PRO E 332 29.43 3.11 9.00
CA PRO E 332 30.09 3.47 7.74
C PRO E 332 31.55 3.84 8.01
N VAL E 333 32.29 4.13 6.95
CA VAL E 333 33.69 4.53 7.09
C VAL E 333 33.94 5.82 6.31
N PHE E 334 34.95 6.56 6.73
CA PHE E 334 35.29 7.82 6.10
C PHE E 334 36.66 7.76 5.44
N PRO E 335 36.69 7.57 4.11
CA PRO E 335 37.93 7.46 3.31
C PRO E 335 38.91 8.59 3.57
N PRO E 336 40.12 8.26 4.05
CA PRO E 336 41.16 9.25 4.33
C PRO E 336 41.54 10.07 3.11
N ASP E 337 41.45 9.47 1.93
CA ASP E 337 41.80 10.16 0.69
C ASP E 337 40.78 11.21 0.25
N GLY E 338 39.58 11.15 0.81
CA GLY E 338 38.56 12.12 0.46
C GLY E 338 37.85 11.88 -0.86
N SER E 339 38.06 10.71 -1.46
CA SER E 339 37.43 10.37 -2.74
C SER E 339 35.91 10.52 -2.64
N VAL E 340 35.34 9.99 -1.57
CA VAL E 340 33.90 10.09 -1.33
C VAL E 340 33.74 10.47 0.14
N PRO E 341 32.62 11.12 0.49
CA PRO E 341 32.41 11.52 1.89
C PRO E 341 32.43 10.35 2.87
N ALA E 342 31.85 9.23 2.43
CA ALA E 342 31.77 8.03 3.26
C ALA E 342 31.37 6.83 2.43
N LEU E 343 31.68 5.64 2.94
CA LEU E 343 31.35 4.40 2.26
C LEU E 343 30.49 3.53 3.17
N HIS E 344 29.50 2.85 2.59
CA HIS E 344 28.63 1.96 3.35
C HIS E 344 28.80 0.53 2.83
N GLY E 345 29.07 -0.40 3.74
CA GLY E 345 29.26 -1.79 3.36
C GLY E 345 29.06 -2.72 4.54
N GLY E 346 29.75 -3.87 4.51
CA GLY E 346 29.59 -4.82 5.60
C GLY E 346 30.89 -5.31 6.22
N ASN E 347 31.86 -4.42 6.43
CA ASN E 347 33.12 -4.85 7.01
C ASN E 347 33.03 -5.31 8.47
N PHE E 348 31.83 -5.21 9.04
CA PHE E 348 31.57 -5.64 10.40
C PHE E 348 31.19 -7.12 10.45
N MET E 349 31.03 -7.74 9.28
CA MET E 349 30.66 -9.16 9.19
C MET E 349 31.83 -10.02 9.62
N GLY E 350 31.75 -10.58 10.83
CA GLY E 350 32.86 -11.38 11.34
C GLY E 350 32.98 -12.82 10.89
N GLN E 351 32.80 -13.06 9.60
CA GLN E 351 32.89 -14.43 9.09
C GLN E 351 34.31 -14.99 9.19
N HIS E 352 35.32 -14.13 9.06
CA HIS E 352 36.70 -14.60 9.15
C HIS E 352 37.08 -15.13 10.52
N VAL E 353 36.71 -14.40 11.57
CA VAL E 353 37.02 -14.85 12.92
C VAL E 353 36.16 -16.07 13.26
N ALA E 354 34.94 -16.11 12.73
CA ALA E 354 34.06 -17.23 13.00
C ALA E 354 34.61 -18.54 12.44
N LEU E 355 35.05 -18.51 11.18
CA LEU E 355 35.59 -19.73 10.56
C LEU E 355 36.93 -20.16 11.17
N THR E 356 37.81 -19.20 11.43
CA THR E 356 39.10 -19.55 12.03
C THR E 356 38.92 -20.02 13.48
N SER E 357 37.98 -19.41 14.18
CA SER E 357 37.72 -19.82 15.56
C SER E 357 37.18 -21.26 15.59
N ASP E 358 36.28 -21.58 14.66
CA ASP E 358 35.71 -22.91 14.60
C ASP E 358 36.78 -23.95 14.24
N ALA E 359 37.66 -23.62 13.31
CA ALA E 359 38.73 -24.53 12.91
C ALA E 359 39.70 -24.77 14.06
N LEU E 360 40.05 -23.70 14.78
CA LEU E 360 40.96 -23.82 15.91
C LEU E 360 40.33 -24.68 17.00
N ALA E 361 39.05 -24.49 17.25
CA ALA E 361 38.34 -25.28 18.26
C ALA E 361 38.43 -26.77 17.94
N THR E 362 38.34 -27.12 16.66
CA THR E 362 38.43 -28.51 16.27
C THR E 362 39.85 -29.01 16.55
N ALA E 363 40.84 -28.19 16.21
CA ALA E 363 42.24 -28.57 16.42
C ALA E 363 42.52 -28.73 17.91
N VAL E 364 41.96 -27.84 18.73
CA VAL E 364 42.15 -27.91 20.16
C VAL E 364 41.54 -29.20 20.72
N THR E 365 40.37 -29.56 20.21
CA THR E 365 39.71 -30.79 20.66
C THR E 365 40.54 -32.01 20.26
N VAL E 366 41.13 -31.98 19.06
CA VAL E 366 41.98 -33.08 18.58
C VAL E 366 43.23 -33.22 19.45
N LEU E 367 43.89 -32.10 19.73
CA LEU E 367 45.10 -32.15 20.54
C LEU E 367 44.81 -32.55 21.99
N ALA E 368 43.67 -32.09 22.51
CA ALA E 368 43.29 -32.46 23.88
C ALA E 368 43.06 -33.97 23.91
N GLY E 369 42.60 -34.51 22.79
CA GLY E 369 42.36 -35.95 22.70
C GLY E 369 43.68 -36.70 22.77
N LEU E 370 44.72 -36.13 22.16
CA LEU E 370 46.04 -36.74 22.18
C LEU E 370 46.52 -36.77 23.63
N ALA E 371 46.40 -35.63 24.32
CA ALA E 371 46.83 -35.54 25.71
C ALA E 371 46.05 -36.55 26.56
N GLU E 372 44.75 -36.64 26.31
CA GLU E 372 43.91 -37.57 27.08
C GLU E 372 44.36 -39.02 26.87
N ARG E 373 44.72 -39.38 25.63
CA ARG E 373 45.15 -40.75 25.38
C ARG E 373 46.54 -41.01 25.96
N GLN E 374 47.37 -39.97 26.06
CA GLN E 374 48.69 -40.13 26.63
C GLN E 374 48.54 -40.41 28.12
N ILE E 375 47.55 -39.79 28.75
CA ILE E 375 47.30 -40.03 30.16
C ILE E 375 46.82 -41.46 30.31
N ALA E 376 45.90 -41.85 29.44
CA ALA E 376 45.32 -43.19 29.45
C ALA E 376 46.38 -44.29 29.31
N ARG E 377 47.40 -44.03 28.50
CA ARG E 377 48.47 -44.99 28.29
C ARG E 377 49.43 -45.04 29.48
N LEU E 378 49.83 -43.86 29.96
CA LEU E 378 50.75 -43.77 31.08
C LEU E 378 50.22 -44.38 32.38
N THR E 379 48.91 -44.31 32.61
CA THR E 379 48.32 -44.83 33.83
C THR E 379 47.87 -46.29 33.76
N ASP E 380 47.94 -46.89 32.58
CA ASP E 380 47.51 -48.29 32.39
C ASP E 380 48.67 -49.25 32.62
N GLU E 381 48.61 -50.04 33.70
CA GLU E 381 49.70 -50.96 34.01
C GLU E 381 50.00 -51.96 32.91
N ARG E 382 49.04 -52.17 32.00
CA ARG E 382 49.25 -53.10 30.89
C ARG E 382 49.94 -52.44 29.71
N LEU E 383 50.01 -51.11 29.73
CA LEU E 383 50.63 -50.37 28.63
C LEU E 383 51.77 -49.47 29.04
N ASN E 384 51.95 -49.25 30.35
CA ASN E 384 53.00 -48.33 30.79
C ASN E 384 54.36 -48.94 31.09
N ARG E 385 54.61 -50.12 30.52
CA ARG E 385 55.89 -50.81 30.68
C ARG E 385 56.51 -50.85 32.07
N GLY E 386 55.81 -51.47 33.02
CA GLY E 386 56.36 -51.61 34.35
C GLY E 386 56.04 -50.57 35.41
N LEU E 387 55.35 -49.49 35.05
CA LEU E 387 55.01 -48.48 36.05
C LEU E 387 53.80 -48.92 36.86
N PRO E 388 53.66 -48.42 38.10
CA PRO E 388 52.52 -48.80 38.93
C PRO E 388 51.20 -48.42 38.29
N PRO E 389 50.14 -49.21 38.53
CA PRO E 389 48.85 -48.89 37.93
C PRO E 389 48.39 -47.53 38.45
N PHE E 390 48.10 -46.62 37.51
CA PHE E 390 47.65 -45.27 37.84
C PHE E 390 48.71 -44.47 38.61
N LEU E 391 49.95 -44.93 38.50
CA LEU E 391 51.10 -44.27 39.12
C LEU E 391 50.99 -44.06 40.62
N HIS E 392 50.32 -44.97 41.32
CA HIS E 392 50.16 -44.83 42.76
C HIS E 392 51.47 -45.15 43.51
N ARG E 393 51.50 -44.75 44.77
CA ARG E 393 52.63 -45.05 45.64
C ARG E 393 51.98 -45.70 46.85
N GLY E 394 52.76 -46.37 47.70
CA GLY E 394 52.17 -47.04 48.84
C GLY E 394 51.57 -48.35 48.35
N PRO E 395 50.87 -49.11 49.21
CA PRO E 395 50.27 -50.39 48.80
C PRO E 395 49.23 -50.29 47.68
N ALA E 396 49.35 -51.15 46.68
CA ALA E 396 48.42 -51.16 45.56
C ALA E 396 47.03 -51.61 46.01
N GLY E 397 45.99 -50.92 45.54
CA GLY E 397 44.63 -51.27 45.94
C GLY E 397 44.21 -50.36 47.08
N LEU E 398 45.02 -50.32 48.13
CA LEU E 398 44.74 -49.46 49.26
C LEU E 398 44.84 -48.04 48.71
N ASN E 399 45.75 -47.88 47.74
CA ASN E 399 45.98 -46.60 47.07
C ASN E 399 45.65 -46.76 45.59
N SER E 400 45.01 -45.74 45.02
CA SER E 400 44.62 -45.78 43.62
C SER E 400 45.30 -44.70 42.80
N GLY E 401 46.12 -43.88 43.46
CA GLY E 401 46.86 -42.83 42.78
C GLY E 401 46.05 -41.86 41.94
N PHE E 402 46.34 -41.84 40.64
CA PHE E 402 45.66 -40.94 39.71
C PHE E 402 44.46 -41.57 39.02
N MET E 403 43.96 -42.66 39.57
CA MET E 403 42.83 -43.33 38.94
C MET E 403 41.63 -42.40 38.76
N GLY E 404 41.38 -41.54 39.74
CA GLY E 404 40.26 -40.61 39.63
C GLY E 404 40.55 -39.53 38.60
N ALA E 405 41.73 -38.91 38.70
CA ALA E 405 42.12 -37.85 37.79
C ALA E 405 42.10 -38.30 36.33
N GLN E 406 42.44 -39.56 36.09
CA GLN E 406 42.46 -40.10 34.73
C GLN E 406 41.06 -40.08 34.12
N VAL E 407 40.06 -40.49 34.90
CA VAL E 407 38.69 -40.50 34.41
C VAL E 407 38.21 -39.06 34.21
N THR E 408 38.62 -38.16 35.10
CA THR E 408 38.24 -36.76 35.00
C THR E 408 38.74 -36.20 33.66
N ALA E 409 39.95 -36.58 33.27
CA ALA E 409 40.50 -36.11 32.00
C ALA E 409 39.60 -36.57 30.85
N THR E 410 39.13 -37.81 30.92
CA THR E 410 38.25 -38.34 29.88
C THR E 410 36.94 -37.57 29.85
N ALA E 411 36.42 -37.24 31.03
CA ALA E 411 35.17 -36.49 31.14
C ALA E 411 35.28 -35.10 30.54
N LEU E 412 36.41 -34.44 30.77
CA LEU E 412 36.61 -33.09 30.23
C LEU E 412 36.64 -33.14 28.70
N LEU E 413 37.30 -34.15 28.16
CA LEU E 413 37.39 -34.32 26.71
C LEU E 413 36.03 -34.61 26.11
N ALA E 414 35.30 -35.54 26.73
CA ALA E 414 33.98 -35.91 26.25
C ALA E 414 33.11 -34.66 26.17
N GLU E 415 33.22 -33.79 27.17
CA GLU E 415 32.43 -32.57 27.16
C GLU E 415 32.82 -31.65 26.02
N MET E 416 34.12 -31.53 25.75
CA MET E 416 34.61 -30.70 24.66
C MET E 416 33.99 -31.14 23.33
N ARG E 417 33.95 -32.45 23.13
CA ARG E 417 33.41 -33.01 21.88
C ARG E 417 31.93 -32.76 21.63
N ALA E 418 31.18 -32.51 22.71
CA ALA E 418 29.74 -32.26 22.57
C ALA E 418 29.38 -30.98 21.84
N THR E 419 30.28 -30.00 21.87
CA THR E 419 30.02 -28.72 21.19
C THR E 419 30.78 -28.62 19.88
N GLY E 420 30.06 -28.29 18.81
CA GLY E 420 30.69 -28.17 17.50
C GLY E 420 30.83 -26.75 17.01
N PRO E 421 31.05 -26.55 15.70
CA PRO E 421 31.21 -25.22 15.10
C PRO E 421 30.00 -24.32 15.36
N ALA E 422 30.25 -23.03 15.53
CA ALA E 422 29.18 -22.08 15.76
C ALA E 422 28.69 -21.46 14.46
N SER E 423 29.59 -21.30 13.51
CA SER E 423 29.31 -20.66 12.22
C SER E 423 28.21 -21.24 11.34
N ILE E 424 27.93 -22.53 11.48
CA ILE E 424 26.91 -23.16 10.64
C ILE E 424 25.49 -22.86 11.08
N HIS E 425 25.33 -22.11 12.17
CA HIS E 425 23.99 -21.85 12.69
C HIS E 425 23.40 -20.49 12.39
N SER E 426 23.79 -19.89 11.27
CA SER E 426 23.26 -18.58 10.92
C SER E 426 21.74 -18.64 10.79
N ILE E 427 21.07 -17.63 11.34
CA ILE E 427 19.61 -17.53 11.29
C ILE E 427 19.25 -16.11 10.89
N SER E 428 18.35 -15.97 9.92
CA SER E 428 17.92 -14.65 9.44
C SER E 428 17.26 -13.90 10.59
N THR E 429 17.73 -12.69 10.85
CA THR E 429 17.17 -11.92 11.95
C THR E 429 17.09 -10.42 11.62
N ASN E 430 16.69 -9.61 12.59
CA ASN E 430 16.56 -8.17 12.39
C ASN E 430 15.58 -7.87 11.25
N ALA E 431 14.39 -8.48 11.32
CA ALA E 431 13.37 -8.30 10.28
C ALA E 431 13.93 -8.65 8.91
N ALA E 432 14.74 -9.71 8.88
CA ALA E 432 15.35 -10.21 7.65
C ALA E 432 16.43 -9.32 7.06
N ASN E 433 16.76 -8.21 7.72
CA ASN E 433 17.80 -7.32 7.22
C ASN E 433 19.15 -8.04 7.37
N GLN E 434 19.35 -8.69 8.51
CA GLN E 434 20.57 -9.45 8.75
C GLN E 434 20.21 -10.89 8.39
N ASP E 435 19.99 -11.16 7.10
CA ASP E 435 19.59 -12.51 6.71
C ASP E 435 20.68 -13.56 6.85
N VAL E 436 21.92 -13.12 7.03
CA VAL E 436 23.06 -14.01 7.26
C VAL E 436 23.90 -13.34 8.35
N VAL E 437 24.35 -14.11 9.34
CA VAL E 437 25.16 -13.56 10.44
C VAL E 437 26.34 -14.50 10.69
N SER E 438 27.47 -13.94 11.15
CA SER E 438 28.65 -14.75 11.35
C SER E 438 28.71 -15.60 12.61
N LEU E 439 28.17 -15.09 13.71
CA LEU E 439 28.21 -15.80 15.00
C LEU E 439 29.68 -15.94 15.42
N GLY E 440 30.53 -15.05 14.92
CA GLY E 440 31.94 -15.11 15.24
C GLY E 440 32.27 -14.99 16.72
N THR E 441 31.49 -14.19 17.43
CA THR E 441 31.71 -13.98 18.86
C THR E 441 31.43 -15.28 19.62
N ILE E 442 30.35 -15.96 19.23
CA ILE E 442 30.00 -17.22 19.86
C ILE E 442 31.10 -18.24 19.52
N ALA E 443 31.54 -18.23 18.26
CA ALA E 443 32.59 -19.15 17.81
C ALA E 443 33.85 -19.00 18.66
N ALA E 444 34.27 -17.76 18.87
CA ALA E 444 35.47 -17.49 19.66
C ALA E 444 35.28 -17.92 21.11
N ARG E 445 34.11 -17.66 21.66
CA ARG E 445 33.83 -18.04 23.04
C ARG E 445 33.83 -19.56 23.21
N LEU E 446 33.25 -20.26 22.24
CA LEU E 446 33.23 -21.72 22.31
C LEU E 446 34.64 -22.28 22.22
N CYS E 447 35.46 -21.67 21.38
CA CYS E 447 36.86 -22.10 21.22
C CYS E 447 37.58 -21.89 22.55
N ARG E 448 37.26 -20.78 23.23
CA ARG E 448 37.86 -20.47 24.52
C ARG E 448 37.56 -21.55 25.56
N GLU E 449 36.30 -21.97 25.63
CA GLU E 449 35.94 -23.00 26.60
C GLU E 449 36.74 -24.27 26.36
N LYS E 450 36.92 -24.62 25.09
CA LYS E 450 37.69 -25.80 24.75
C LYS E 450 39.15 -25.64 25.15
N ILE E 451 39.67 -24.42 25.01
CA ILE E 451 41.04 -24.15 25.40
C ILE E 451 41.17 -24.34 26.92
N ASP E 452 40.17 -23.89 27.68
CA ASP E 452 40.20 -24.05 29.13
C ASP E 452 40.18 -25.53 29.52
N ARG E 453 39.42 -26.34 28.78
CA ARG E 453 39.33 -27.77 29.07
C ARG E 453 40.67 -28.44 28.72
N TRP E 454 41.26 -28.02 27.61
CA TRP E 454 42.55 -28.57 27.19
C TRP E 454 43.62 -28.31 28.25
N ALA E 455 43.59 -27.12 28.85
CA ALA E 455 44.55 -26.76 29.89
C ALA E 455 44.43 -27.68 31.10
N GLU E 456 43.20 -28.04 31.43
CA GLU E 456 42.94 -28.92 32.56
C GLU E 456 43.43 -30.34 32.28
N ILE E 457 43.24 -30.80 31.04
CA ILE E 457 43.69 -32.13 30.65
C ILE E 457 45.22 -32.16 30.66
N LEU E 458 45.85 -31.10 30.15
CA LEU E 458 47.31 -31.00 30.14
C LEU E 458 47.84 -30.96 31.57
N ALA E 459 47.10 -30.32 32.48
CA ALA E 459 47.53 -30.22 33.87
C ALA E 459 47.54 -31.61 34.51
N ILE E 460 46.51 -32.40 34.20
CA ILE E 460 46.44 -33.74 34.75
C ILE E 460 47.62 -34.56 34.22
N LEU E 461 47.88 -34.43 32.92
CA LEU E 461 49.00 -35.15 32.30
C LEU E 461 50.32 -34.72 32.95
N ALA E 462 50.49 -33.42 33.15
CA ALA E 462 51.71 -32.89 33.76
C ALA E 462 51.92 -33.48 35.16
N LEU E 463 50.86 -33.53 35.97
CA LEU E 463 50.98 -34.09 37.32
C LEU E 463 51.30 -35.58 37.27
N CYS E 464 50.73 -36.27 36.28
CA CYS E 464 50.99 -37.70 36.12
C CYS E 464 52.44 -37.95 35.73
N LEU E 465 52.96 -37.14 34.80
CA LEU E 465 54.33 -37.29 34.33
C LEU E 465 55.36 -37.00 35.42
N ALA E 466 55.09 -36.01 36.26
CA ALA E 466 56.02 -35.69 37.34
C ALA E 466 56.13 -36.92 38.23
N GLN E 467 54.99 -37.53 38.54
CA GLN E 467 54.97 -38.73 39.36
C GLN E 467 55.63 -39.90 38.62
N ALA E 468 55.31 -40.06 37.35
CA ALA E 468 55.87 -41.15 36.55
C ALA E 468 57.38 -41.06 36.43
N ALA E 469 57.90 -39.84 36.23
CA ALA E 469 59.34 -39.65 36.10
C ALA E 469 60.07 -40.08 37.37
N GLU E 470 59.55 -39.69 38.53
CA GLU E 470 60.18 -40.06 39.79
C GLU E 470 60.07 -41.56 40.06
N LEU E 471 58.95 -42.16 39.65
CA LEU E 471 58.75 -43.60 39.84
C LEU E 471 59.70 -44.39 38.95
N ARG E 472 59.92 -43.89 37.74
CA ARG E 472 60.79 -44.54 36.78
C ARG E 472 62.27 -44.30 36.99
N CYS E 473 62.63 -43.05 37.27
CA CYS E 473 64.03 -42.66 37.42
C CYS E 473 64.51 -42.28 38.81
N GLY E 474 63.63 -42.39 39.81
CA GLY E 474 64.02 -42.03 41.16
C GLY E 474 63.79 -40.55 41.41
N SER E 475 63.84 -40.14 42.67
CA SER E 475 63.62 -38.74 43.01
C SER E 475 64.65 -37.84 42.34
N GLY E 476 65.84 -38.39 42.09
CA GLY E 476 66.90 -37.62 41.46
C GLY E 476 66.72 -37.50 39.94
N LEU E 477 65.76 -38.21 39.39
CA LEU E 477 65.48 -38.18 37.96
C LEU E 477 66.69 -38.55 37.10
N ASP E 478 67.32 -39.67 37.45
CA ASP E 478 68.48 -40.17 36.74
C ASP E 478 68.20 -40.47 35.28
N GLY E 479 68.99 -39.87 34.40
CA GLY E 479 68.82 -40.12 32.97
C GLY E 479 67.85 -39.20 32.27
N VAL E 480 67.10 -38.41 33.02
CA VAL E 480 66.14 -37.49 32.44
C VAL E 480 66.88 -36.31 31.82
N SER E 481 66.35 -35.82 30.70
CA SER E 481 66.96 -34.69 30.00
C SER E 481 66.98 -33.45 30.87
N PRO E 482 67.88 -32.50 30.55
CA PRO E 482 67.98 -31.26 31.31
C PRO E 482 66.64 -30.51 31.31
N ALA E 483 65.98 -30.50 30.16
CA ALA E 483 64.69 -29.83 30.05
C ALA E 483 63.62 -30.55 30.87
N GLY E 484 63.64 -31.88 30.83
CA GLY E 484 62.68 -32.67 31.59
C GLY E 484 62.86 -32.48 33.08
N LYS E 485 64.12 -32.46 33.52
CA LYS E 485 64.43 -32.27 34.94
C LYS E 485 63.91 -30.90 35.38
N LYS E 486 64.21 -29.88 34.60
CA LYS E 486 63.80 -28.52 34.92
C LYS E 486 62.29 -28.40 35.06
N LEU E 487 61.56 -29.06 34.16
CA LEU E 487 60.09 -29.01 34.19
C LEU E 487 59.55 -29.68 35.46
N VAL E 488 60.03 -30.88 35.75
CA VAL E 488 59.58 -31.60 36.94
C VAL E 488 59.92 -30.85 38.22
N GLN E 489 61.14 -30.30 38.29
CA GLN E 489 61.57 -29.56 39.47
C GLN E 489 60.66 -28.34 39.68
N ALA E 490 60.38 -27.61 38.61
CA ALA E 490 59.53 -26.44 38.69
C ALA E 490 58.15 -26.82 39.22
N LEU E 491 57.61 -27.93 38.74
CA LEU E 491 56.31 -28.39 39.20
C LEU E 491 56.35 -28.75 40.69
N ARG E 492 57.38 -29.50 41.08
CA ARG E 492 57.53 -29.93 42.46
C ARG E 492 57.67 -28.77 43.44
N GLU E 493 57.96 -27.57 42.93
CA GLU E 493 58.08 -26.40 43.78
C GLU E 493 56.72 -26.06 44.37
N GLN E 494 55.66 -26.37 43.62
CA GLN E 494 54.30 -26.07 44.05
C GLN E 494 53.41 -27.31 44.25
N PHE E 495 53.73 -28.39 43.56
CA PHE E 495 52.93 -29.61 43.64
C PHE E 495 53.75 -30.80 44.13
N PRO E 496 53.50 -31.26 45.36
CA PRO E 496 54.18 -32.39 46.01
C PRO E 496 53.89 -33.74 45.35
N PRO E 497 54.79 -34.71 45.56
CA PRO E 497 54.62 -36.05 45.00
C PRO E 497 53.34 -36.65 45.58
N LEU E 498 52.74 -37.60 44.88
CA LEU E 498 51.54 -38.25 45.39
C LEU E 498 51.99 -39.51 46.13
N GLU E 499 52.37 -39.35 47.39
CA GLU E 499 52.86 -40.47 48.19
C GLU E 499 51.70 -41.31 48.68
N THR E 500 50.55 -40.67 48.86
CA THR E 500 49.34 -41.35 49.30
C THR E 500 48.19 -40.58 48.66
N ASP E 501 47.08 -41.26 48.42
CA ASP E 501 45.92 -40.63 47.79
C ASP E 501 45.47 -39.35 48.49
N ARG E 502 45.15 -38.34 47.68
CA ARG E 502 44.67 -37.06 48.19
C ARG E 502 43.86 -36.35 47.10
N PRO E 503 43.01 -35.39 47.49
CA PRO E 503 42.19 -34.65 46.53
C PRO E 503 43.11 -33.90 45.56
N LEU E 504 42.86 -34.00 44.27
CA LEU E 504 43.69 -33.33 43.27
C LEU E 504 42.97 -32.23 42.51
N GLY E 505 41.66 -32.13 42.69
CA GLY E 505 40.88 -31.12 42.00
C GLY E 505 41.43 -29.70 42.07
N GLN E 506 41.76 -29.24 43.27
CA GLN E 506 42.28 -27.88 43.42
C GLN E 506 43.64 -27.68 42.75
N GLU E 507 44.51 -28.69 42.84
CA GLU E 507 45.83 -28.61 42.22
C GLU E 507 45.70 -28.60 40.69
N ILE E 508 44.79 -29.42 40.17
CA ILE E 508 44.56 -29.47 38.73
C ILE E 508 44.15 -28.09 38.22
N ALA E 509 43.17 -27.49 38.91
CA ALA E 509 42.67 -26.17 38.52
C ALA E 509 43.77 -25.11 38.62
N ALA E 510 44.54 -25.15 39.70
CA ALA E 510 45.61 -24.20 39.90
C ALA E 510 46.66 -24.31 38.80
N LEU E 511 47.02 -25.54 38.46
CA LEU E 511 48.03 -25.76 37.42
C LEU E 511 47.50 -25.33 36.05
N ALA E 512 46.25 -25.66 35.77
CA ALA E 512 45.65 -25.28 34.48
C ALA E 512 45.75 -23.78 34.28
N THR E 513 45.50 -23.01 35.33
CA THR E 513 45.58 -21.56 35.25
C THR E 513 46.99 -21.14 34.86
N HIS E 514 47.98 -21.84 35.38
CA HIS E 514 49.37 -21.54 35.08
C HIS E 514 49.75 -21.87 33.64
N LEU E 515 49.32 -23.03 33.15
CA LEU E 515 49.64 -23.47 31.80
C LEU E 515 49.14 -22.53 30.71
N LEU E 516 48.02 -21.86 30.97
CA LEU E 516 47.44 -20.95 30.00
C LEU E 516 48.22 -19.64 29.88
N GLN E 517 49.04 -19.35 30.88
CA GLN E 517 49.80 -18.10 30.89
C GLN E 517 51.31 -18.19 30.76
N GLN E 518 51.89 -19.38 30.96
CA GLN E 518 53.34 -19.54 30.87
C GLN E 518 53.71 -20.88 30.26
N SER E 519 54.83 -20.89 29.53
CA SER E 519 55.32 -22.11 28.90
C SER E 519 56.46 -22.69 29.74
N PRO E 520 56.75 -23.99 29.56
CA PRO E 520 57.84 -24.62 30.32
C PRO E 520 59.18 -24.29 29.70
N VAL E 521 59.93 -23.40 30.36
CA VAL E 521 61.25 -23.00 29.86
C VAL E 521 62.28 -22.92 30.98
N LYS F 8 7.52 -25.83 57.99
CA LYS F 8 7.16 -25.91 56.55
C LYS F 8 6.56 -27.27 56.21
N PRO F 9 5.96 -27.41 55.01
CA PRO F 9 5.35 -28.68 54.56
C PRO F 9 6.38 -29.81 54.62
N ALA F 10 5.92 -31.02 54.87
CA ALA F 10 6.83 -32.15 54.96
C ALA F 10 6.58 -33.25 53.93
N VAL F 11 7.68 -33.80 53.42
CA VAL F 11 7.63 -34.90 52.48
C VAL F 11 8.11 -36.11 53.26
N GLU F 12 7.24 -37.11 53.38
CA GLU F 12 7.61 -38.31 54.12
C GLU F 12 8.17 -39.34 53.14
N LEU F 13 9.43 -39.68 53.33
CA LEU F 13 10.10 -40.64 52.48
C LEU F 13 9.99 -42.06 53.00
N ASP F 14 9.24 -42.88 52.28
CA ASP F 14 9.12 -44.27 52.65
C ASP F 14 9.81 -45.05 51.54
N ARG F 15 9.13 -45.23 50.42
CA ARG F 15 9.68 -45.95 49.29
C ARG F 15 9.69 -45.13 48.00
N HIS F 16 8.61 -44.43 47.73
CA HIS F 16 8.48 -43.65 46.50
C HIS F 16 8.27 -42.15 46.73
N ILE F 17 8.90 -41.35 45.88
CA ILE F 17 8.75 -39.90 45.93
C ILE F 17 8.60 -39.46 44.48
N ASP F 18 7.67 -38.54 44.20
CA ASP F 18 7.50 -38.09 42.83
C ASP F 18 8.40 -36.89 42.57
N LEU F 19 8.48 -36.47 41.32
CA LEU F 19 9.35 -35.35 40.96
C LEU F 19 9.01 -34.03 41.65
N ASP F 20 7.72 -33.76 41.86
CA ASP F 20 7.34 -32.51 42.52
C ASP F 20 7.80 -32.49 43.98
N GLN F 21 7.66 -33.62 44.68
CA GLN F 21 8.07 -33.74 46.07
C GLN F 21 9.59 -33.61 46.19
N ALA F 22 10.29 -34.20 45.23
CA ALA F 22 11.74 -34.18 45.23
C ALA F 22 12.25 -32.75 45.03
N HIS F 23 11.63 -32.01 44.11
CA HIS F 23 12.07 -30.63 43.88
C HIS F 23 11.72 -29.75 45.08
N ALA F 24 10.58 -30.03 45.71
CA ALA F 24 10.16 -29.26 46.87
C ALA F 24 11.22 -29.36 47.97
N VAL F 25 11.74 -30.57 48.18
CA VAL F 25 12.76 -30.78 49.21
C VAL F 25 14.08 -30.16 48.77
N ALA F 26 14.47 -30.42 47.52
CA ALA F 26 15.72 -29.88 47.00
C ALA F 26 15.76 -28.36 47.05
N SER F 27 14.64 -27.73 46.72
CA SER F 27 14.55 -26.27 46.71
C SER F 27 14.30 -25.67 48.09
N GLY F 28 14.15 -26.51 49.10
CA GLY F 28 13.93 -26.03 50.45
C GLY F 28 12.50 -25.64 50.78
N GLY F 29 11.58 -25.86 49.85
CA GLY F 29 10.19 -25.53 50.08
C GLY F 29 9.53 -26.48 51.07
N ALA F 30 10.03 -27.71 51.11
CA ALA F 30 9.50 -28.71 52.03
C ALA F 30 10.62 -29.35 52.81
N ARG F 31 10.31 -29.80 54.02
CA ARG F 31 11.32 -30.49 54.83
C ARG F 31 11.10 -31.96 54.53
N ILE F 32 12.04 -32.80 54.91
CA ILE F 32 11.91 -34.22 54.63
C ILE F 32 12.00 -35.02 55.92
N VAL F 33 11.23 -36.09 56.00
CA VAL F 33 11.22 -36.95 57.18
C VAL F 33 11.31 -38.39 56.70
N LEU F 34 12.07 -39.22 57.41
CA LEU F 34 12.21 -40.61 57.02
C LEU F 34 11.07 -41.37 57.71
N ALA F 35 10.24 -42.06 56.92
CA ALA F 35 9.13 -42.81 57.49
C ALA F 35 9.62 -44.03 58.25
N PRO F 36 8.89 -44.44 59.30
CA PRO F 36 9.29 -45.60 60.10
C PRO F 36 9.69 -46.83 59.27
N PRO F 37 8.90 -47.16 58.23
CA PRO F 37 9.23 -48.33 57.40
C PRO F 37 10.59 -48.20 56.72
N ALA F 38 10.92 -46.99 56.28
CA ALA F 38 12.21 -46.76 55.62
C ALA F 38 13.31 -46.89 56.67
N ARG F 39 13.08 -46.30 57.84
CA ARG F 39 14.06 -46.37 58.91
C ARG F 39 14.34 -47.83 59.30
N ASP F 40 13.28 -48.62 59.38
CA ASP F 40 13.46 -50.03 59.75
C ASP F 40 14.15 -50.86 58.68
N ARG F 41 13.84 -50.65 57.41
CA ARG F 41 14.50 -51.45 56.38
C ARG F 41 15.97 -51.02 56.24
N CYS F 42 16.26 -49.77 56.56
CA CYS F 42 17.64 -49.30 56.47
C CYS F 42 18.42 -49.86 57.66
N ARG F 43 17.77 -49.99 58.80
CA ARG F 43 18.44 -50.55 59.97
C ARG F 43 18.79 -52.01 59.68
N ALA F 44 17.88 -52.70 58.99
CA ALA F 44 18.13 -54.10 58.64
C ALA F 44 19.29 -54.20 57.64
N SER F 45 19.36 -53.27 56.69
CA SER F 45 20.44 -53.30 55.70
C SER F 45 21.77 -53.01 56.41
N GLU F 46 21.74 -52.12 57.39
CA GLU F 46 22.93 -51.76 58.15
C GLU F 46 23.44 -53.04 58.83
N ALA F 47 22.51 -53.82 59.37
CA ALA F 47 22.87 -55.07 60.05
C ALA F 47 23.44 -56.08 59.04
N ARG F 48 22.92 -56.07 57.82
CA ARG F 48 23.42 -57.01 56.80
C ARG F 48 24.85 -56.66 56.41
N LEU F 49 25.16 -55.37 56.32
CA LEU F 49 26.51 -54.94 55.97
C LEU F 49 27.45 -55.41 57.07
N GLY F 50 27.03 -55.22 58.31
CA GLY F 50 27.84 -55.64 59.44
C GLY F 50 28.19 -57.11 59.38
N ALA F 51 27.23 -57.93 58.95
CA ALA F 51 27.45 -59.37 58.85
C ALA F 51 28.37 -59.70 57.68
N VAL F 52 28.23 -58.96 56.58
CA VAL F 52 29.06 -59.18 55.41
C VAL F 52 30.51 -58.90 55.78
N ILE F 53 30.71 -57.87 56.59
CA ILE F 53 32.05 -57.49 57.03
C ILE F 53 32.61 -58.53 58.01
N ARG F 54 31.80 -58.90 59.01
CA ARG F 54 32.25 -59.89 59.99
C ARG F 54 32.59 -61.23 59.35
N GLU F 55 31.84 -61.59 58.32
CA GLU F 55 32.05 -62.86 57.62
C GLU F 55 33.14 -62.80 56.56
N ALA F 56 33.72 -61.61 56.36
CA ALA F 56 34.79 -61.42 55.39
C ALA F 56 34.41 -61.88 53.98
N ARG F 57 33.18 -61.57 53.59
CA ARG F 57 32.70 -61.94 52.26
C ARG F 57 33.47 -61.13 51.22
N HIS F 58 33.70 -61.73 50.06
CA HIS F 58 34.42 -61.05 48.98
C HIS F 58 33.45 -60.03 48.39
N VAL F 59 33.63 -58.77 48.76
CA VAL F 59 32.76 -57.70 48.28
C VAL F 59 33.56 -56.47 47.91
N TYR F 60 33.26 -55.94 46.72
CA TYR F 60 33.92 -54.75 46.20
C TYR F 60 33.85 -53.58 47.19
N GLY F 61 34.99 -52.98 47.48
CA GLY F 61 35.00 -51.84 48.40
C GLY F 61 35.06 -52.21 49.87
N LEU F 62 34.85 -53.48 50.19
CA LEU F 62 34.91 -53.93 51.57
C LEU F 62 36.15 -54.81 51.74
N THR F 63 36.51 -55.54 50.70
CA THR F 63 37.68 -56.42 50.74
C THR F 63 38.48 -56.37 49.43
N THR F 64 38.26 -55.34 48.62
CA THR F 64 38.97 -55.22 47.35
C THR F 64 39.30 -53.77 47.03
N GLY F 65 40.25 -53.59 46.12
CA GLY F 65 40.61 -52.26 45.68
C GLY F 65 39.50 -51.81 44.74
N PHE F 66 39.67 -50.67 44.10
CA PHE F 66 38.64 -50.14 43.20
C PHE F 66 38.98 -50.24 41.73
N GLY F 67 37.95 -50.26 40.89
CA GLY F 67 38.15 -50.34 39.47
C GLY F 67 38.94 -51.59 39.10
N PRO F 68 39.94 -51.47 38.21
CA PRO F 68 40.77 -52.60 37.79
C PRO F 68 41.68 -53.08 38.91
N LEU F 69 41.72 -52.33 40.02
CA LEU F 69 42.55 -52.74 41.15
C LEU F 69 41.77 -53.61 42.12
N ALA F 70 40.54 -53.97 41.75
CA ALA F 70 39.70 -54.81 42.59
C ALA F 70 40.26 -56.21 42.77
N ASN F 71 41.24 -56.59 41.94
CA ASN F 71 41.85 -57.91 42.06
C ASN F 71 42.85 -57.90 43.21
N ARG F 72 43.05 -56.72 43.81
CA ARG F 72 43.92 -56.58 44.96
C ARG F 72 42.99 -56.65 46.17
N LEU F 73 43.04 -57.76 46.91
CA LEU F 73 42.19 -57.92 48.07
C LEU F 73 42.73 -57.12 49.25
N ILE F 74 41.84 -56.66 50.11
CA ILE F 74 42.23 -55.84 51.26
C ILE F 74 41.87 -56.50 52.58
N SER F 75 42.79 -56.44 53.54
CA SER F 75 42.57 -57.03 54.84
C SER F 75 41.66 -56.12 55.67
N GLY F 76 40.80 -56.72 56.48
CA GLY F 76 39.87 -55.97 57.30
C GLY F 76 40.38 -54.76 58.07
N GLU F 77 41.54 -54.87 58.69
CA GLU F 77 42.09 -53.75 59.46
C GLU F 77 42.46 -52.54 58.60
N ASN F 78 42.47 -52.71 57.29
CA ASN F 78 42.83 -51.62 56.40
C ASN F 78 41.63 -51.03 55.64
N VAL F 79 40.43 -51.49 55.95
CA VAL F 79 39.23 -51.01 55.26
C VAL F 79 38.89 -49.53 55.49
N ARG F 80 39.01 -49.04 56.73
CA ARG F 80 38.68 -47.65 56.99
C ARG F 80 39.68 -46.77 56.20
N THR F 81 40.91 -47.23 56.04
CA THR F 81 41.90 -46.48 55.28
C THR F 81 41.55 -46.56 53.79
N LEU F 82 41.15 -47.75 53.36
CA LEU F 82 40.78 -47.96 51.96
C LEU F 82 39.67 -46.99 51.56
N GLN F 83 38.63 -46.90 52.38
CA GLN F 83 37.52 -46.00 52.07
C GLN F 83 37.84 -44.52 52.23
N ALA F 84 38.78 -44.20 53.12
CA ALA F 84 39.19 -42.83 53.30
C ALA F 84 39.94 -42.42 52.02
N ASN F 85 40.73 -43.34 51.47
CA ASN F 85 41.50 -43.08 50.27
C ASN F 85 40.59 -42.96 49.04
N LEU F 86 39.50 -43.71 49.04
CA LEU F 86 38.52 -43.68 47.94
C LEU F 86 38.02 -42.26 47.78
N VAL F 87 37.54 -41.67 48.88
CA VAL F 87 37.02 -40.31 48.88
C VAL F 87 38.08 -39.33 48.37
N HIS F 88 39.31 -39.52 48.81
CA HIS F 88 40.42 -38.65 48.40
C HIS F 88 40.77 -38.71 46.94
N PHE F 89 41.05 -39.91 46.42
CA PHE F 89 41.44 -39.99 45.04
C PHE F 89 40.36 -39.63 44.03
N LEU F 90 39.10 -39.74 44.45
CA LEU F 90 37.97 -39.40 43.58
C LEU F 90 37.69 -37.90 43.54
N ALA F 91 38.18 -37.14 44.53
CA ALA F 91 37.95 -35.69 44.60
C ALA F 91 38.84 -34.89 43.65
N SER F 92 38.74 -35.19 42.36
CA SER F 92 39.54 -34.49 41.35
C SER F 92 38.67 -33.60 40.48
N GLY F 93 37.50 -33.23 40.97
CA GLY F 93 36.59 -32.40 40.21
C GLY F 93 37.04 -30.97 40.01
N VAL F 94 36.62 -30.38 38.90
CA VAL F 94 36.96 -29.00 38.57
C VAL F 94 35.73 -28.30 38.00
N GLY F 95 35.83 -26.99 37.80
CA GLY F 95 34.71 -26.26 37.24
C GLY F 95 33.80 -25.61 38.26
N PRO F 96 32.88 -24.75 37.80
CA PRO F 96 31.95 -24.08 38.72
C PRO F 96 31.16 -25.10 39.53
N VAL F 97 30.83 -24.75 40.77
CA VAL F 97 30.08 -25.67 41.61
C VAL F 97 28.63 -25.76 41.15
N LEU F 98 27.99 -26.87 41.50
CA LEU F 98 26.58 -27.05 41.16
C LEU F 98 25.83 -26.01 41.98
N ASP F 99 24.73 -25.50 41.43
CA ASP F 99 23.94 -24.51 42.16
C ASP F 99 23.33 -25.14 43.40
N TRP F 100 22.98 -24.31 44.37
CA TRP F 100 22.41 -24.73 45.64
C TRP F 100 21.32 -25.80 45.51
N THR F 101 20.32 -25.53 44.68
CA THR F 101 19.22 -26.47 44.50
C THR F 101 19.65 -27.81 43.89
N THR F 102 20.53 -27.75 42.89
CA THR F 102 21.00 -28.94 42.22
C THR F 102 21.87 -29.82 43.11
N ALA F 103 22.75 -29.20 43.88
CA ALA F 103 23.63 -29.94 44.78
C ALA F 103 22.76 -30.68 45.80
N ARG F 104 21.70 -30.02 46.27
CA ARG F 104 20.80 -30.63 47.25
C ARG F 104 19.99 -31.76 46.60
N ALA F 105 19.63 -31.58 45.33
CA ALA F 105 18.88 -32.60 44.61
C ALA F 105 19.73 -33.86 44.50
N MET F 106 21.04 -33.66 44.36
CA MET F 106 21.97 -34.78 44.28
C MET F 106 21.96 -35.53 45.62
N VAL F 107 22.05 -34.78 46.71
CA VAL F 107 22.03 -35.38 48.04
C VAL F 107 20.74 -36.17 48.22
N LEU F 108 19.63 -35.60 47.76
CA LEU F 108 18.33 -36.26 47.87
C LEU F 108 18.30 -37.56 47.05
N ALA F 109 18.87 -37.52 45.85
CA ALA F 109 18.88 -38.72 44.99
C ALA F 109 19.62 -39.87 45.67
N ARG F 110 20.73 -39.57 46.31
CA ARG F 110 21.48 -40.63 47.00
C ARG F 110 20.64 -41.15 48.16
N LEU F 111 20.01 -40.24 48.90
CA LEU F 111 19.16 -40.61 50.03
C LEU F 111 18.01 -41.54 49.62
N VAL F 112 17.31 -41.20 48.54
CA VAL F 112 16.20 -42.03 48.09
C VAL F 112 16.66 -43.43 47.72
N SER F 113 17.85 -43.53 47.12
CA SER F 113 18.41 -44.82 46.74
C SER F 113 18.68 -45.64 48.01
N ILE F 114 19.26 -44.98 49.01
CA ILE F 114 19.59 -45.62 50.28
C ILE F 114 18.33 -46.07 51.02
N ALA F 115 17.28 -45.25 50.95
CA ALA F 115 16.03 -45.57 51.63
C ALA F 115 15.39 -46.87 51.17
N GLN F 116 15.85 -47.42 50.05
CA GLN F 116 15.28 -48.67 49.56
C GLN F 116 15.80 -49.84 50.40
N GLY F 117 16.81 -49.56 51.23
CA GLY F 117 17.37 -50.56 52.11
C GLY F 117 18.27 -51.63 51.53
N ALA F 118 19.13 -51.25 50.58
CA ALA F 118 20.03 -52.22 49.96
C ALA F 118 21.46 -51.69 49.88
N SER F 119 21.73 -50.58 50.57
CA SER F 119 23.05 -49.95 50.54
C SER F 119 23.90 -50.16 51.79
N GLY F 120 23.28 -50.59 52.89
CA GLY F 120 24.02 -50.81 54.12
C GLY F 120 24.35 -49.55 54.92
N ALA F 121 23.87 -48.40 54.47
CA ALA F 121 24.13 -47.13 55.16
C ALA F 121 23.73 -47.15 56.63
N SER F 122 24.60 -46.61 57.49
CA SER F 122 24.34 -46.57 58.93
C SER F 122 23.32 -45.46 59.23
N GLU F 123 22.70 -45.53 60.40
CA GLU F 123 21.72 -44.51 60.79
C GLU F 123 22.34 -43.13 60.76
N GLY F 124 23.60 -43.04 61.21
CA GLY F 124 24.29 -41.77 61.24
C GLY F 124 24.47 -41.18 59.85
N THR F 125 24.91 -42.02 58.91
CA THR F 125 25.12 -41.58 57.54
C THR F 125 23.82 -41.05 56.95
N ILE F 126 22.73 -41.78 57.17
CA ILE F 126 21.43 -41.38 56.67
C ILE F 126 21.00 -40.06 57.31
N ALA F 127 21.29 -39.92 58.60
CA ALA F 127 20.94 -38.71 59.33
C ALA F 127 21.67 -37.48 58.78
N ARG F 128 22.92 -37.67 58.35
CA ARG F 128 23.68 -36.55 57.81
C ARG F 128 23.05 -36.03 56.53
N LEU F 129 22.55 -36.95 55.69
CA LEU F 129 21.91 -36.55 54.43
C LEU F 129 20.60 -35.82 54.71
N ILE F 130 19.80 -36.38 55.60
CA ILE F 130 18.52 -35.76 55.95
C ILE F 130 18.73 -34.40 56.59
N ASP F 131 19.71 -34.29 57.49
CA ASP F 131 19.99 -33.02 58.14
C ASP F 131 20.37 -31.95 57.12
N LEU F 132 21.22 -32.32 56.16
CA LEU F 132 21.65 -31.39 55.13
C LEU F 132 20.41 -30.87 54.40
N LEU F 133 19.55 -31.78 53.98
CA LEU F 133 18.34 -31.40 53.26
C LEU F 133 17.39 -30.53 54.08
N ASN F 134 17.37 -30.74 55.39
CA ASN F 134 16.50 -29.94 56.24
C ASN F 134 17.11 -28.59 56.61
N SER F 135 18.41 -28.44 56.38
CA SER F 135 19.10 -27.18 56.67
C SER F 135 18.89 -26.25 55.47
N GLU F 136 19.45 -25.04 55.54
CA GLU F 136 19.33 -24.09 54.43
C GLU F 136 20.60 -24.13 53.60
N LEU F 137 21.40 -25.17 53.79
CA LEU F 137 22.68 -25.28 53.10
C LEU F 137 22.74 -26.37 52.03
N ALA F 138 23.82 -26.31 51.25
CA ALA F 138 24.07 -27.28 50.21
C ALA F 138 25.57 -27.48 50.14
N PRO F 139 26.00 -28.69 49.75
CA PRO F 139 27.44 -28.91 49.66
C PRO F 139 27.94 -28.18 48.40
N ALA F 140 29.17 -27.71 48.43
CA ALA F 140 29.76 -27.03 47.28
C ALA F 140 30.54 -28.08 46.53
N VAL F 141 30.01 -28.54 45.40
CA VAL F 141 30.68 -29.57 44.63
C VAL F 141 30.96 -29.15 43.19
N PRO F 142 32.17 -29.39 42.70
CA PRO F 142 32.52 -29.03 41.33
C PRO F 142 31.62 -29.77 40.34
N SER F 143 31.23 -29.10 39.27
CA SER F 143 30.33 -29.67 38.27
C SER F 143 30.96 -30.65 37.29
N ARG F 144 32.27 -30.55 37.05
CA ARG F 144 32.93 -31.43 36.09
C ARG F 144 33.84 -32.48 36.74
N GLY F 145 34.05 -33.58 36.02
CA GLY F 145 34.91 -34.63 36.53
C GLY F 145 34.42 -36.06 36.39
N THR F 146 33.12 -36.26 36.26
CA THR F 146 32.59 -37.61 36.15
C THR F 146 32.12 -38.00 34.74
N VAL F 147 32.23 -39.29 34.42
CA VAL F 147 31.79 -39.79 33.12
C VAL F 147 30.44 -40.47 33.32
N GLY F 148 29.87 -40.27 34.50
CA GLY F 148 28.57 -40.83 34.83
C GLY F 148 28.46 -42.33 34.85
N ASP F 150 28.32 -41.33 39.30
CA ASP F 150 28.81 -39.98 39.64
C ASP F 150 29.71 -39.95 40.86
N LEU F 151 30.76 -40.76 40.85
CA LEU F 151 31.67 -40.85 41.97
C LEU F 151 32.40 -39.58 42.37
N THR F 152 32.90 -38.83 41.39
CA THR F 152 33.65 -37.61 41.69
C THR F 152 32.85 -36.56 42.46
N PRO F 153 31.68 -36.14 41.94
CA PRO F 153 30.93 -35.14 42.69
C PRO F 153 30.46 -35.62 44.06
N LEU F 154 30.15 -36.91 44.17
CA LEU F 154 29.70 -37.47 45.43
C LEU F 154 30.85 -37.54 46.44
N ALA F 155 32.08 -37.71 45.95
CA ALA F 155 33.24 -37.74 46.83
C ALA F 155 33.40 -36.35 47.42
N HIS F 156 33.22 -35.32 46.59
CA HIS F 156 33.32 -33.95 47.07
C HIS F 156 32.24 -33.69 48.11
N MET F 157 31.06 -34.26 47.88
CA MET F 157 29.94 -34.12 48.83
C MET F 157 30.34 -34.69 50.19
N VAL F 158 30.93 -35.88 50.17
CA VAL F 158 31.36 -36.52 51.41
C VAL F 158 32.31 -35.60 52.16
N LEU F 159 33.29 -35.04 51.44
CA LEU F 159 34.26 -34.14 52.07
C LEU F 159 33.56 -32.97 52.72
N CYS F 160 32.58 -32.39 52.01
CA CYS F 160 31.83 -31.26 52.55
C CYS F 160 31.10 -31.68 53.82
N LEU F 161 30.44 -32.84 53.76
CA LEU F 161 29.68 -33.34 54.90
C LEU F 161 30.55 -33.70 56.11
N GLN F 162 31.84 -33.90 55.87
CA GLN F 162 32.76 -34.20 56.97
C GLN F 162 33.31 -32.89 57.50
N GLY F 163 32.90 -31.79 56.88
CA GLY F 163 33.38 -30.48 57.28
C GLY F 163 34.73 -30.17 56.64
N ARG F 164 35.07 -30.94 55.60
CA ARG F 164 36.34 -30.77 54.90
C ARG F 164 36.14 -30.21 53.50
N GLY F 165 35.05 -29.48 53.31
CA GLY F 165 34.75 -28.89 52.03
C GLY F 165 33.78 -27.76 52.25
N ASP F 166 33.67 -26.85 51.29
CA ASP F 166 32.77 -25.71 51.43
C ASP F 166 31.29 -26.06 51.30
N PHE F 167 30.46 -25.17 51.82
CA PHE F 167 29.01 -25.31 51.75
C PHE F 167 28.53 -24.06 51.02
N LEU F 168 27.29 -24.09 50.54
CA LEU F 168 26.71 -22.92 49.87
C LEU F 168 25.42 -22.54 50.57
N ASP F 169 25.16 -21.24 50.71
CA ASP F 169 23.91 -20.81 51.31
C ASP F 169 22.99 -20.66 50.08
N ARG F 170 21.70 -20.38 50.28
CA ARG F 170 20.78 -20.22 49.16
C ARG F 170 21.25 -19.24 48.08
N ASP F 171 22.00 -18.22 48.47
CA ASP F 171 22.49 -17.23 47.52
C ASP F 171 23.75 -17.62 46.76
N GLY F 172 24.29 -18.79 47.03
CA GLY F 172 25.50 -19.22 46.34
C GLY F 172 26.76 -18.80 47.06
N THR F 173 26.59 -18.14 48.22
CA THR F 173 27.73 -17.68 49.01
C THR F 173 28.44 -18.89 49.63
N ARG F 174 29.76 -18.94 49.45
CA ARG F 174 30.57 -20.03 49.98
C ARG F 174 30.89 -19.88 51.46
N LEU F 175 30.79 -21.00 52.18
CA LEU F 175 31.08 -21.05 53.61
C LEU F 175 32.09 -22.19 53.76
N ASP F 176 33.09 -22.05 54.61
CA ASP F 176 34.05 -23.13 54.77
C ASP F 176 33.37 -24.28 55.53
N GLY F 177 33.97 -25.46 55.49
CA GLY F 177 33.39 -26.61 56.15
C GLY F 177 32.94 -26.43 57.58
N ALA F 178 33.83 -25.91 58.44
CA ALA F 178 33.50 -25.71 59.84
C ALA F 178 32.31 -24.78 60.02
N GLU F 179 32.31 -23.67 59.28
CA GLU F 179 31.22 -22.70 59.36
C GLU F 179 29.89 -23.30 58.90
N GLY F 180 29.94 -24.14 57.87
CA GLY F 180 28.73 -24.77 57.38
C GLY F 180 28.11 -25.69 58.41
N LEU F 181 28.94 -26.55 59.01
CA LEU F 181 28.44 -27.47 60.03
C LEU F 181 27.82 -26.68 61.19
N ARG F 182 28.46 -25.58 61.55
CA ARG F 182 28.00 -24.71 62.63
C ARG F 182 26.68 -24.05 62.29
N ARG F 183 26.63 -23.35 61.15
CA ARG F 183 25.43 -22.63 60.72
C ARG F 183 24.19 -23.50 60.48
N GLY F 184 24.37 -24.70 59.92
CA GLY F 184 23.22 -25.54 59.66
C GLY F 184 22.93 -26.52 60.79
N ARG F 185 23.68 -26.40 61.88
CA ARG F 185 23.57 -27.28 63.03
C ARG F 185 23.64 -28.72 62.53
N LEU F 186 24.77 -29.03 61.89
CA LEU F 186 25.00 -30.35 61.33
C LEU F 186 26.14 -31.04 62.06
N GLN F 187 26.12 -32.38 62.02
CA GLN F 187 27.19 -33.16 62.64
C GLN F 187 28.14 -33.63 61.55
N PRO F 188 29.43 -33.73 61.86
CA PRO F 188 30.37 -34.17 60.83
C PRO F 188 30.11 -35.64 60.47
N LEU F 189 30.13 -35.94 59.18
CA LEU F 189 29.90 -37.29 58.70
C LEU F 189 30.99 -38.24 59.21
N ASP F 190 30.58 -39.37 59.76
CA ASP F 190 31.52 -40.36 60.28
C ASP F 190 31.30 -41.72 59.59
N LEU F 191 32.29 -42.14 58.82
CA LEU F 191 32.21 -43.40 58.07
C LEU F 191 32.86 -44.62 58.71
N SER F 192 32.96 -44.63 60.03
CA SER F 192 33.59 -45.75 60.73
C SER F 192 32.92 -47.11 60.49
N HIS F 193 31.64 -47.11 60.09
CA HIS F 193 30.92 -48.36 59.84
C HIS F 193 31.30 -49.00 58.50
N ARG F 194 32.21 -48.35 57.78
CA ARG F 194 32.67 -48.83 56.48
C ARG F 194 31.54 -48.79 55.45
N ASP F 195 30.68 -47.79 55.58
CA ASP F 195 29.55 -47.62 54.68
C ASP F 195 29.78 -46.46 53.70
N ALA F 196 31.04 -46.21 53.34
CA ALA F 196 31.36 -45.13 52.41
C ALA F 196 30.76 -45.34 51.01
N LEU F 197 30.66 -46.59 50.57
CA LEU F 197 30.10 -46.87 49.25
C LEU F 197 28.60 -46.61 49.15
N ALA F 198 27.95 -46.31 50.27
CA ALA F 198 26.53 -45.99 50.23
C ALA F 198 26.40 -44.52 49.82
N LEU F 199 27.48 -43.77 49.99
CA LEU F 199 27.49 -42.35 49.64
C LEU F 199 28.17 -42.06 48.31
N VAL F 200 29.22 -42.80 48.00
CA VAL F 200 29.93 -42.61 46.74
C VAL F 200 29.48 -43.74 45.83
N ASN F 201 28.34 -43.54 45.18
CA ASN F 201 27.77 -44.56 44.32
C ASN F 201 26.57 -44.05 43.54
N GLY F 202 26.19 -44.78 42.51
CA GLY F 202 25.02 -44.42 41.73
C GLY F 202 25.08 -43.23 40.79
N THR F 203 23.88 -42.83 40.36
CA THR F 203 23.70 -41.74 39.42
C THR F 203 23.08 -40.51 40.06
N SER F 204 23.38 -40.29 41.33
CA SER F 204 22.81 -39.18 42.10
C SER F 204 22.98 -37.77 41.50
N ALA F 205 24.14 -37.47 40.96
CA ALA F 205 24.37 -36.13 40.41
C ALA F 205 23.54 -35.90 39.14
N MET F 206 23.65 -36.78 38.16
CA MET F 206 22.89 -36.59 36.92
C MET F 206 21.38 -36.59 37.21
N THR F 207 20.95 -37.41 38.17
CA THR F 207 19.55 -37.50 38.54
C THR F 207 19.11 -36.20 39.23
N GLY F 208 19.98 -35.66 40.09
CA GLY F 208 19.65 -34.41 40.75
C GLY F 208 19.53 -33.29 39.73
N ILE F 209 20.49 -33.23 38.83
CA ILE F 209 20.48 -32.19 37.79
C ILE F 209 19.23 -32.31 36.92
N ALA F 210 18.90 -33.55 36.53
CA ALA F 210 17.74 -33.80 35.68
C ALA F 210 16.39 -33.47 36.33
N LEU F 211 16.28 -33.67 37.64
CA LEU F 211 15.01 -33.37 38.28
C LEU F 211 14.83 -31.86 38.39
N VAL F 212 15.92 -31.12 38.46
CA VAL F 212 15.84 -29.67 38.49
C VAL F 212 15.46 -29.23 37.07
N ASN F 213 15.97 -29.96 36.06
CA ASN F 213 15.65 -29.65 34.67
C ASN F 213 14.16 -29.89 34.43
N ALA F 214 13.66 -31.01 34.93
CA ALA F 214 12.24 -31.36 34.76
C ALA F 214 11.31 -30.29 35.30
N HIS F 215 11.62 -29.78 36.50
CA HIS F 215 10.80 -28.76 37.13
C HIS F 215 10.82 -27.46 36.32
N ALA F 216 12.01 -27.05 35.90
CA ALA F 216 12.17 -25.83 35.10
C ALA F 216 11.41 -25.93 33.78
N CYS F 217 11.50 -27.08 33.13
CA CYS F 217 10.81 -27.27 31.87
C CYS F 217 9.31 -27.19 32.00
N ARG F 218 8.77 -27.63 33.14
CA ARG F 218 7.33 -27.57 33.34
C ARG F 218 6.92 -26.10 33.32
N HIS F 219 7.65 -25.26 34.05
CA HIS F 219 7.34 -23.84 34.09
C HIS F 219 7.56 -23.15 32.75
N LEU F 220 8.68 -23.43 32.09
CA LEU F 220 8.94 -22.80 30.79
C LEU F 220 7.89 -23.23 29.76
N GLY F 221 7.44 -24.49 29.87
CA GLY F 221 6.42 -24.98 28.95
C GLY F 221 5.13 -24.20 29.16
N ASN F 222 4.83 -23.86 30.41
CA ASN F 222 3.62 -23.10 30.69
C ASN F 222 3.75 -21.71 30.09
N TRP F 223 4.94 -21.14 30.18
CA TRP F 223 5.16 -19.81 29.59
C TRP F 223 5.09 -19.89 28.07
N ALA F 224 5.64 -20.95 27.49
CA ALA F 224 5.62 -21.12 26.04
C ALA F 224 4.17 -21.10 25.55
N VAL F 225 3.29 -21.78 26.29
CA VAL F 225 1.87 -21.82 25.95
C VAL F 225 1.23 -20.45 26.14
N ALA F 226 1.45 -19.85 27.32
CA ALA F 226 0.86 -18.54 27.61
C ALA F 226 1.29 -17.46 26.62
N LEU F 227 2.55 -17.46 26.23
CA LEU F 227 3.04 -16.45 25.31
C LEU F 227 2.55 -16.72 23.88
N THR F 228 2.38 -17.98 23.52
CA THR F 228 1.87 -18.30 22.19
C THR F 228 0.44 -17.78 22.12
N ALA F 229 -0.30 -17.95 23.20
CA ALA F 229 -1.68 -17.49 23.27
C ALA F 229 -1.76 -15.97 23.19
N LEU F 230 -0.89 -15.28 23.91
CA LEU F 230 -0.90 -13.83 23.91
C LEU F 230 -0.48 -13.33 22.52
N LEU F 231 0.41 -14.07 21.86
CA LEU F 231 0.86 -13.70 20.53
C LEU F 231 -0.34 -13.71 19.58
N ALA F 232 -1.20 -14.71 19.76
CA ALA F 232 -2.40 -14.83 18.94
C ALA F 232 -3.29 -13.61 19.15
N GLU F 233 -3.37 -13.15 20.39
CA GLU F 233 -4.20 -11.98 20.71
C GLU F 233 -3.59 -10.69 20.15
N CYS F 234 -2.30 -10.72 19.83
CA CYS F 234 -1.62 -9.54 19.30
C CYS F 234 -1.58 -9.53 17.77
N LEU F 235 -1.74 -10.69 17.15
CA LEU F 235 -1.69 -10.80 15.69
C LEU F 235 -2.98 -11.34 15.06
N ARG F 236 -4.10 -11.21 15.77
CA ARG F 236 -5.38 -11.69 15.27
C ARG F 236 -5.30 -13.17 14.86
N GLY F 237 -4.65 -13.97 15.70
CA GLY F 237 -4.50 -15.39 15.40
C GLY F 237 -5.82 -16.15 15.33
N ARG F 238 -5.83 -17.22 14.53
CA ARG F 238 -7.02 -18.04 14.35
C ARG F 238 -7.05 -19.23 15.31
N THR F 239 -8.08 -19.29 16.15
CA THR F 239 -8.20 -20.37 17.13
C THR F 239 -8.66 -21.71 16.52
N GLU F 240 -9.18 -21.66 15.29
CA GLU F 240 -9.65 -22.89 14.66
C GLU F 240 -8.54 -23.93 14.55
N ALA F 241 -7.30 -23.47 14.42
CA ALA F 241 -6.15 -24.37 14.32
C ALA F 241 -5.87 -25.09 15.64
N TRP F 242 -6.41 -24.56 16.73
CA TRP F 242 -6.20 -25.15 18.05
C TRP F 242 -7.42 -25.95 18.51
N ALA F 243 -8.33 -26.23 17.58
CA ALA F 243 -9.55 -26.97 17.89
C ALA F 243 -9.29 -28.38 18.43
N ALA F 244 -10.09 -28.79 19.41
CA ALA F 244 -9.94 -30.11 19.99
C ALA F 244 -10.16 -31.19 18.93
N ALA F 245 -11.03 -30.92 17.98
CA ALA F 245 -11.32 -31.88 16.91
C ALA F 245 -10.04 -32.27 16.17
N LEU F 246 -9.16 -31.29 15.94
CA LEU F 246 -7.89 -31.58 15.24
C LEU F 246 -7.00 -32.45 16.09
N SER F 247 -6.99 -32.20 17.40
CA SER F 247 -6.19 -33.00 18.32
C SER F 247 -6.62 -34.46 18.27
N ASP F 248 -7.93 -34.69 18.30
CA ASP F 248 -8.47 -36.05 18.27
C ASP F 248 -8.10 -36.81 17.01
N LEU F 249 -7.87 -36.09 15.92
CA LEU F 249 -7.49 -36.74 14.66
C LEU F 249 -6.03 -37.19 14.70
N ARG F 250 -5.22 -36.54 15.53
CA ARG F 250 -3.81 -36.90 15.67
C ARG F 250 -3.55 -36.90 17.16
N PRO F 251 -4.11 -37.89 17.87
CA PRO F 251 -4.07 -38.14 19.32
C PRO F 251 -2.79 -38.19 20.14
N HIS F 252 -1.77 -37.43 19.79
CA HIS F 252 -0.56 -37.42 20.62
C HIS F 252 -0.97 -36.71 21.91
N PRO F 253 -0.73 -37.33 23.09
CA PRO F 253 -1.08 -36.74 24.38
C PRO F 253 -0.61 -35.30 24.57
N GLY F 254 0.67 -35.07 24.27
CA GLY F 254 1.23 -33.74 24.43
C GLY F 254 0.55 -32.69 23.55
N GLN F 255 0.18 -33.07 22.34
CA GLN F 255 -0.47 -32.14 21.42
C GLN F 255 -1.87 -31.81 21.90
N LYS F 256 -2.60 -32.83 22.32
CA LYS F 256 -3.96 -32.62 22.82
C LYS F 256 -3.90 -31.68 24.00
N ASP F 257 -2.93 -31.89 24.86
CA ASP F 257 -2.75 -31.07 26.06
C ASP F 257 -2.37 -29.64 25.67
N ALA F 258 -1.41 -29.51 24.76
CA ALA F 258 -0.98 -28.18 24.33
C ALA F 258 -2.14 -27.38 23.74
N ALA F 259 -2.92 -28.03 22.87
CA ALA F 259 -4.05 -27.38 22.24
C ALA F 259 -5.12 -26.96 23.27
N ALA F 260 -5.38 -27.84 24.24
CA ALA F 260 -6.38 -27.53 25.26
C ALA F 260 -5.93 -26.35 26.10
N ARG F 261 -4.63 -26.31 26.44
CA ARG F 261 -4.09 -25.21 27.24
C ARG F 261 -4.09 -23.91 26.46
N LEU F 262 -3.83 -23.98 25.16
CA LEU F 262 -3.84 -22.79 24.32
C LEU F 262 -5.27 -22.22 24.26
N ARG F 263 -6.25 -23.10 24.05
CA ARG F 263 -7.64 -22.67 23.99
C ARG F 263 -8.04 -21.99 25.30
N ALA F 264 -7.63 -22.57 26.42
CA ALA F 264 -7.96 -22.02 27.74
C ALA F 264 -7.36 -20.63 27.94
N ARG F 265 -6.12 -20.43 27.52
CA ARG F 265 -5.46 -19.13 27.68
C ARG F 265 -6.21 -18.02 26.97
N VAL F 266 -6.73 -18.29 25.78
CA VAL F 266 -7.45 -17.26 25.03
C VAL F 266 -8.96 -17.23 25.25
N ASP F 267 -9.44 -18.03 26.20
CA ASP F 267 -10.86 -18.02 26.48
C ASP F 267 -11.27 -16.61 26.89
N GLY F 268 -12.35 -16.10 26.31
CA GLY F 268 -12.81 -14.77 26.65
C GLY F 268 -12.15 -13.65 25.83
N SER F 269 -11.20 -14.00 24.97
CA SER F 269 -10.53 -12.99 24.17
C SER F 269 -11.39 -12.52 23.00
N ALA F 270 -11.35 -11.23 22.70
CA ALA F 270 -12.10 -10.68 21.58
C ALA F 270 -11.09 -10.26 20.51
N ARG F 271 -9.83 -10.60 20.72
CA ARG F 271 -8.75 -10.24 19.79
C ARG F 271 -8.37 -11.34 18.81
N VAL F 272 -8.75 -12.57 19.11
CA VAL F 272 -8.44 -13.69 18.23
C VAL F 272 -9.59 -13.86 17.24
N VAL F 273 -9.34 -14.60 16.15
CA VAL F 273 -10.37 -14.88 15.15
C VAL F 273 -10.89 -16.27 15.43
N ARG F 274 -12.18 -16.38 15.69
CA ARG F 274 -12.78 -17.67 16.02
C ARG F 274 -13.60 -18.34 14.91
N HIS F 275 -13.77 -17.67 13.79
CA HIS F 275 -14.56 -18.26 12.71
C HIS F 275 -13.84 -19.38 11.96
N VAL F 276 -14.53 -20.50 11.78
CA VAL F 276 -13.98 -21.62 11.03
C VAL F 276 -14.16 -21.15 9.59
N ILE F 277 -13.07 -21.04 8.82
CA ILE F 277 -13.20 -20.52 7.45
C ILE F 277 -14.09 -21.34 6.51
N ALA F 278 -14.15 -22.65 6.72
CA ALA F 278 -14.97 -23.50 5.85
C ALA F 278 -16.48 -23.26 5.96
N GLU F 279 -16.89 -22.51 6.99
CA GLU F 279 -18.32 -22.23 7.16
C GLU F 279 -18.79 -21.31 6.03
N ARG F 280 -17.88 -20.49 5.54
CA ARG F 280 -18.17 -19.52 4.49
C ARG F 280 -18.38 -20.15 3.12
N ARG F 281 -19.50 -19.82 2.48
CA ARG F 281 -19.80 -20.31 1.14
C ARG F 281 -19.41 -19.19 0.18
N LEU F 282 -18.52 -19.48 -0.75
CA LEU F 282 -18.07 -18.47 -1.70
C LEU F 282 -18.96 -18.42 -2.92
N ASP F 283 -19.02 -17.23 -3.52
CA ASP F 283 -19.79 -17.04 -4.74
C ASP F 283 -18.87 -16.33 -5.73
N ALA F 284 -19.31 -16.16 -6.97
CA ALA F 284 -18.49 -15.51 -8.00
C ALA F 284 -17.84 -14.21 -7.56
N GLY F 285 -18.57 -13.41 -6.78
CA GLY F 285 -18.04 -12.14 -6.33
C GLY F 285 -16.88 -12.20 -5.34
N ASP F 286 -16.67 -13.38 -4.75
CA ASP F 286 -15.60 -13.55 -3.78
C ASP F 286 -14.27 -13.96 -4.39
N ILE F 287 -14.30 -14.45 -5.62
CA ILE F 287 -13.09 -14.89 -6.29
C ILE F 287 -12.15 -13.74 -6.63
N GLY F 288 -10.98 -13.77 -6.00
CA GLY F 288 -9.98 -12.74 -6.22
C GLY F 288 -8.92 -12.86 -5.14
N THR F 289 -8.14 -11.81 -4.94
CA THR F 289 -7.10 -11.83 -3.92
C THR F 289 -7.56 -11.14 -2.64
N GLU F 290 -7.51 -11.87 -1.53
CA GLU F 290 -7.91 -11.30 -0.25
C GLU F 290 -6.67 -10.78 0.47
N PRO F 291 -6.87 -9.86 1.43
CA PRO F 291 -5.76 -9.28 2.19
C PRO F 291 -4.84 -10.30 2.85
N GLU F 292 -5.43 -11.29 3.52
CA GLU F 292 -4.62 -12.30 4.20
C GLU F 292 -5.11 -13.71 3.92
N ALA F 293 -4.21 -14.68 4.07
CA ALA F 293 -4.55 -16.08 3.85
C ALA F 293 -5.49 -16.54 4.95
N GLY F 294 -6.25 -17.59 4.66
CA GLY F 294 -7.19 -18.12 5.64
C GLY F 294 -6.58 -18.90 6.78
N GLN F 295 -5.25 -19.04 6.78
CA GLN F 295 -4.54 -19.77 7.84
C GLN F 295 -3.34 -18.95 8.29
N ASP F 296 -2.94 -19.10 9.55
CA ASP F 296 -1.78 -18.39 10.09
C ASP F 296 -0.46 -19.05 9.72
N ALA F 297 0.62 -18.30 9.91
CA ALA F 297 1.96 -18.84 9.68
C ALA F 297 2.13 -19.94 10.74
N TYR F 298 3.10 -20.82 10.54
CA TYR F 298 3.32 -21.94 11.46
C TYR F 298 3.56 -21.62 12.93
N SER F 299 4.24 -20.51 13.22
CA SER F 299 4.52 -20.15 14.61
C SER F 299 3.27 -20.02 15.46
N LEU F 300 2.10 -20.01 14.81
CA LEU F 300 0.83 -19.96 15.52
C LEU F 300 0.01 -21.21 15.21
N ARG F 301 -0.16 -21.49 13.92
CA ARG F 301 -0.95 -22.63 13.49
C ARG F 301 -0.45 -23.98 13.94
N CYS F 302 0.87 -24.18 13.95
CA CYS F 302 1.43 -25.45 14.34
C CYS F 302 1.96 -25.49 15.77
N ALA F 303 1.55 -24.52 16.59
CA ALA F 303 2.02 -24.49 17.98
C ALA F 303 1.65 -25.76 18.76
N PRO F 304 0.43 -26.29 18.56
CA PRO F 304 0.04 -27.49 19.29
C PRO F 304 0.94 -28.67 18.94
N GLN F 305 1.27 -28.78 17.65
CA GLN F 305 2.11 -29.87 17.17
C GLN F 305 3.56 -29.74 17.61
N VAL F 306 4.10 -28.53 17.61
CA VAL F 306 5.49 -28.31 18.02
C VAL F 306 5.60 -28.38 19.55
N LEU F 307 4.74 -27.65 20.26
CA LEU F 307 4.75 -27.69 21.71
C LEU F 307 4.45 -29.11 22.20
N GLY F 308 3.47 -29.75 21.55
CA GLY F 308 3.09 -31.11 21.93
C GLY F 308 4.20 -32.14 21.83
N ALA F 309 5.02 -32.05 20.80
CA ALA F 309 6.13 -32.99 20.63
C ALA F 309 7.13 -32.78 21.76
N GLY F 310 7.34 -31.52 22.12
CA GLY F 310 8.25 -31.23 23.21
C GLY F 310 7.68 -31.73 24.53
N PHE F 311 6.37 -31.57 24.71
CA PHE F 311 5.73 -32.03 25.94
C PHE F 311 5.79 -33.56 26.06
N ASP F 312 5.64 -34.25 24.94
CA ASP F 312 5.71 -35.71 24.97
C ASP F 312 7.13 -36.16 25.26
N THR F 313 8.11 -35.35 24.87
CA THR F 313 9.51 -35.70 25.13
C THR F 313 9.76 -35.53 26.64
N LEU F 314 9.24 -34.44 27.19
CA LEU F 314 9.38 -34.18 28.62
C LEU F 314 8.68 -35.29 29.43
N ALA F 315 7.52 -35.73 28.96
CA ALA F 315 6.78 -36.78 29.66
C ALA F 315 7.61 -38.06 29.71
N TRP F 316 8.28 -38.39 28.61
CA TRP F 316 9.11 -39.59 28.57
C TRP F 316 10.27 -39.39 29.53
N HIS F 317 10.93 -38.25 29.41
CA HIS F 317 12.05 -37.91 30.27
C HIS F 317 11.64 -38.08 31.73
N ASP F 318 10.48 -37.54 32.10
CA ASP F 318 10.00 -37.63 33.48
C ASP F 318 9.64 -39.05 33.92
N ARG F 319 9.14 -39.88 33.02
CA ARG F 319 8.80 -41.25 33.38
C ARG F 319 10.08 -42.01 33.73
N VAL F 320 11.09 -41.88 32.86
CA VAL F 320 12.37 -42.54 33.08
C VAL F 320 13.05 -42.00 34.34
N LEU F 321 13.00 -40.69 34.52
CA LEU F 321 13.63 -40.05 35.67
C LEU F 321 12.99 -40.50 36.97
N THR F 322 11.67 -40.66 36.97
CA THR F 322 10.97 -41.10 38.18
C THR F 322 11.46 -42.48 38.61
N ILE F 323 11.65 -43.37 37.64
CA ILE F 323 12.15 -44.70 37.94
C ILE F 323 13.56 -44.60 38.51
N GLU F 324 14.40 -43.81 37.86
CA GLU F 324 15.79 -43.65 38.28
C GLU F 324 15.92 -43.07 39.70
N LEU F 325 15.13 -42.05 39.99
CA LEU F 325 15.17 -41.40 41.30
C LEU F 325 14.81 -42.36 42.43
N ASN F 326 13.82 -43.21 42.17
CA ASN F 326 13.37 -44.16 43.18
C ASN F 326 14.04 -45.52 43.12
N ALA F 327 15.12 -45.63 42.36
CA ALA F 327 15.82 -46.90 42.22
C ALA F 327 17.08 -46.92 43.06
N VAL F 328 17.70 -48.10 43.12
CA VAL F 328 18.96 -48.26 43.82
C VAL F 328 19.99 -48.38 42.70
N THR F 329 20.81 -47.35 42.53
CA THR F 329 21.82 -47.36 41.48
C THR F 329 23.20 -47.73 42.02
N ASP F 330 23.23 -48.29 43.22
CA ASP F 330 24.46 -48.68 43.90
C ASP F 330 25.11 -49.95 43.37
N ASN F 331 26.39 -50.07 43.66
CA ASN F 331 27.18 -51.27 43.38
C ASN F 331 28.35 -51.26 44.36
N PRO F 332 28.49 -52.33 45.15
CA PRO F 332 27.60 -53.49 45.14
C PRO F 332 26.30 -53.17 45.90
N VAL F 333 25.39 -54.15 45.95
CA VAL F 333 24.13 -53.99 46.68
C VAL F 333 23.94 -55.18 47.60
N PHE F 334 23.15 -55.00 48.64
CA PHE F 334 22.90 -56.07 49.61
C PHE F 334 21.40 -56.39 49.59
N PRO F 335 21.03 -57.45 48.85
CA PRO F 335 19.63 -57.88 48.72
C PRO F 335 18.87 -57.92 50.05
N PRO F 336 17.77 -57.16 50.13
CA PRO F 336 16.96 -57.11 51.35
C PRO F 336 16.41 -58.48 51.76
N ASP F 337 16.16 -59.36 50.79
CA ASP F 337 15.63 -60.69 51.08
C ASP F 337 16.66 -61.65 51.65
N GLY F 338 17.94 -61.29 51.56
CA GLY F 338 18.99 -62.13 52.10
C GLY F 338 19.33 -63.38 51.28
N SER F 339 18.87 -63.41 50.02
CA SER F 339 19.14 -64.56 49.15
C SER F 339 20.64 -64.79 49.00
N VAL F 340 21.40 -63.71 48.77
CA VAL F 340 22.85 -63.79 48.65
C VAL F 340 23.39 -62.63 49.47
N PRO F 341 24.63 -62.76 49.98
CA PRO F 341 25.21 -61.68 50.80
C PRO F 341 25.27 -60.34 50.05
N ALA F 342 25.62 -60.40 48.78
CA ALA F 342 25.72 -59.19 47.98
C ALA F 342 25.73 -59.52 46.50
N LEU F 343 25.39 -58.54 45.68
CA LEU F 343 25.39 -58.71 44.23
C LEU F 343 26.25 -57.63 43.61
N HIS F 344 26.97 -58.00 42.55
CA HIS F 344 27.83 -57.06 41.84
C HIS F 344 27.35 -56.91 40.40
N GLY F 345 27.16 -55.67 39.99
CA GLY F 345 26.69 -55.40 38.64
C GLY F 345 27.01 -53.98 38.20
N GLY F 346 26.17 -53.42 37.34
CA GLY F 346 26.43 -52.09 36.85
C GLY F 346 25.25 -51.14 36.89
N ASN F 347 24.49 -51.13 37.99
CA ASN F 347 23.34 -50.25 38.09
C ASN F 347 23.70 -48.78 38.22
N PHE F 348 24.99 -48.49 38.25
CA PHE F 348 25.48 -47.11 38.35
C PHE F 348 25.64 -46.52 36.95
N MET F 349 25.41 -47.32 35.91
CA MET F 349 25.55 -46.85 34.53
C MET F 349 24.37 -45.94 34.19
N GLY F 350 24.62 -44.64 34.14
CA GLY F 350 23.55 -43.69 33.87
C GLY F 350 23.15 -43.48 32.42
N GLN F 351 23.01 -44.55 31.66
CA GLN F 351 22.63 -44.42 30.26
C GLN F 351 21.21 -43.90 30.10
N HIS F 352 20.33 -44.23 31.03
CA HIS F 352 18.95 -43.77 30.94
C HIS F 352 18.82 -42.25 31.04
N VAL F 353 19.46 -41.66 32.04
CA VAL F 353 19.39 -40.21 32.21
C VAL F 353 20.15 -39.55 31.07
N ALA F 354 21.21 -40.20 30.59
CA ALA F 354 22.00 -39.65 29.50
C ALA F 354 21.16 -39.49 28.23
N LEU F 355 20.44 -40.55 27.86
CA LEU F 355 19.62 -40.50 26.66
C LEU F 355 18.40 -39.60 26.78
N THR F 356 17.73 -39.60 27.93
CA THR F 356 16.57 -38.76 28.10
C THR F 356 16.99 -37.29 28.19
N SER F 357 18.16 -37.03 28.78
CA SER F 357 18.65 -35.65 28.88
C SER F 357 18.98 -35.12 27.49
N ASP F 358 19.62 -35.94 26.66
CA ASP F 358 19.96 -35.51 25.31
C ASP F 358 18.69 -35.28 24.49
N ALA F 359 17.69 -36.14 24.68
CA ALA F 359 16.42 -36.01 23.96
C ALA F 359 15.70 -34.73 24.40
N LEU F 360 15.68 -34.48 25.71
CA LEU F 360 15.03 -33.29 26.24
C LEU F 360 15.77 -32.03 25.75
N ALA F 361 17.09 -32.12 25.68
CA ALA F 361 17.90 -31.00 25.22
C ALA F 361 17.51 -30.61 23.79
N THR F 362 17.29 -31.62 22.95
CA THR F 362 16.89 -31.36 21.56
C THR F 362 15.51 -30.70 21.53
N ALA F 363 14.58 -31.24 22.30
CA ALA F 363 13.22 -30.69 22.37
C ALA F 363 13.26 -29.24 22.87
N VAL F 364 14.13 -28.95 23.82
CA VAL F 364 14.24 -27.60 24.36
C VAL F 364 14.74 -26.63 23.28
N THR F 365 15.70 -27.09 22.48
CA THR F 365 16.24 -26.26 21.40
C THR F 365 15.16 -25.99 20.36
N VAL F 366 14.32 -27.00 20.09
CA VAL F 366 13.24 -26.86 19.12
C VAL F 366 12.22 -25.84 19.61
N LEU F 367 11.79 -25.98 20.88
CA LEU F 367 10.81 -25.05 21.44
C LEU F 367 11.38 -23.63 21.57
N ALA F 368 12.67 -23.53 21.88
CA ALA F 368 13.28 -22.20 21.97
C ALA F 368 13.31 -21.60 20.57
N GLY F 369 13.43 -22.46 19.56
CA GLY F 369 13.44 -21.99 18.18
C GLY F 369 12.08 -21.40 17.83
N LEU F 370 11.03 -22.04 18.32
CA LEU F 370 9.67 -21.56 18.10
C LEU F 370 9.52 -20.17 18.71
N ALA F 371 9.92 -20.03 19.97
CA ALA F 371 9.82 -18.75 20.66
C ALA F 371 10.61 -17.68 19.92
N GLU F 372 11.81 -18.03 19.46
CA GLU F 372 12.65 -17.09 18.74
C GLU F 372 11.98 -16.61 17.45
N ARG F 373 11.32 -17.52 16.73
CA ARG F 373 10.63 -17.13 15.51
C ARG F 373 9.38 -16.31 15.83
N GLN F 374 8.76 -16.56 16.98
CA GLN F 374 7.58 -15.79 17.35
C GLN F 374 8.00 -14.33 17.60
N ILE F 375 9.18 -14.15 18.19
CA ILE F 375 9.72 -12.80 18.43
C ILE F 375 10.01 -12.14 17.08
N ALA F 376 10.66 -12.89 16.20
CA ALA F 376 11.01 -12.37 14.88
C ALA F 376 9.79 -11.93 14.08
N ARG F 377 8.68 -12.63 14.22
CA ARG F 377 7.46 -12.30 13.50
C ARG F 377 6.79 -11.07 14.12
N LEU F 378 6.67 -11.10 15.45
CA LEU F 378 6.04 -10.01 16.18
C LEU F 378 6.72 -8.65 16.01
N THR F 379 8.05 -8.65 15.89
CA THR F 379 8.81 -7.41 15.75
C THR F 379 9.04 -6.91 14.34
N ASP F 380 8.65 -7.70 13.34
CA ASP F 380 8.84 -7.35 11.94
C ASP F 380 7.62 -6.57 11.42
N GLU F 381 7.83 -5.30 11.07
CA GLU F 381 6.71 -4.48 10.60
C GLU F 381 6.03 -5.01 9.33
N ARG F 382 6.73 -5.85 8.58
CA ARG F 382 6.14 -6.42 7.37
C ARG F 382 5.29 -7.65 7.69
N LEU F 383 5.44 -8.19 8.89
CA LEU F 383 4.68 -9.38 9.27
C LEU F 383 3.78 -9.24 10.50
N ASN F 384 3.95 -8.17 11.27
CA ASN F 384 3.17 -8.01 12.49
C ASN F 384 1.82 -7.30 12.34
N ARG F 385 1.32 -7.26 11.12
CA ARG F 385 0.01 -6.68 10.85
C ARG F 385 -0.33 -5.32 11.46
N GLY F 386 0.51 -4.33 11.18
CA GLY F 386 0.22 -3.00 11.66
C GLY F 386 0.94 -2.49 12.89
N LEU F 387 1.64 -3.37 13.62
CA LEU F 387 2.36 -2.93 14.80
C LEU F 387 3.63 -2.18 14.41
N PRO F 388 4.13 -1.29 15.28
CA PRO F 388 5.34 -0.53 14.98
C PRO F 388 6.53 -1.46 14.82
N PRO F 389 7.51 -1.06 13.99
CA PRO F 389 8.67 -1.94 13.81
C PRO F 389 9.40 -2.10 15.14
N PHE F 390 9.67 -3.34 15.52
CA PHE F 390 10.35 -3.66 16.77
C PHE F 390 9.61 -3.14 18.00
N LEU F 391 8.32 -2.88 17.83
CA LEU F 391 7.43 -2.44 18.89
C LEU F 391 7.88 -1.20 19.64
N HIS F 392 8.52 -0.27 18.94
CA HIS F 392 9.00 0.95 19.58
C HIS F 392 7.87 1.92 19.84
N ARG F 393 8.15 2.88 20.72
CA ARG F 393 7.22 3.95 21.02
C ARG F 393 8.06 5.20 20.78
N GLY F 394 7.42 6.35 20.58
CA GLY F 394 8.16 7.57 20.28
C GLY F 394 8.44 7.58 18.79
N PRO F 395 9.14 8.59 18.26
CA PRO F 395 9.45 8.67 16.82
C PRO F 395 10.26 7.47 16.30
N ALA F 396 9.80 6.88 15.20
CA ALA F 396 10.50 5.75 14.61
C ALA F 396 11.85 6.21 14.07
N GLY F 397 12.86 5.35 14.15
CA GLY F 397 14.18 5.74 13.68
C GLY F 397 14.96 6.27 14.86
N LEU F 398 14.42 7.31 15.51
CA LEU F 398 15.07 7.86 16.69
C LEU F 398 15.03 6.79 17.77
N ASN F 399 13.94 6.02 17.78
CA ASN F 399 13.74 4.93 18.74
C ASN F 399 13.71 3.61 17.98
N SER F 400 14.39 2.60 18.53
CA SER F 400 14.44 1.29 17.88
C SER F 400 13.74 0.20 18.68
N GLY F 401 13.22 0.58 19.85
CA GLY F 401 12.50 -0.38 20.69
C GLY F 401 13.23 -1.65 21.06
N PHE F 402 12.67 -2.79 20.65
CA PHE F 402 13.24 -4.09 20.93
C PHE F 402 14.14 -4.61 19.82
N MET F 403 14.62 -3.72 18.95
CA MET F 403 15.46 -4.17 17.86
C MET F 403 16.72 -4.90 18.33
N GLY F 404 17.30 -4.44 19.42
CA GLY F 404 18.48 -5.09 19.95
C GLY F 404 18.15 -6.41 20.63
N ALA F 405 17.11 -6.42 21.45
CA ALA F 405 16.71 -7.63 22.16
C ALA F 405 16.33 -8.75 21.19
N GLN F 406 15.78 -8.37 20.04
CA GLN F 406 15.39 -9.37 19.04
C GLN F 406 16.63 -10.11 18.53
N VAL F 407 17.69 -9.38 18.22
CA VAL F 407 18.92 -10.03 17.75
C VAL F 407 19.53 -10.85 18.88
N THR F 408 19.40 -10.37 20.12
CA THR F 408 19.94 -11.11 21.24
C THR F 408 19.28 -12.48 21.36
N ALA F 409 17.97 -12.52 21.13
CA ALA F 409 17.23 -13.79 21.21
C ALA F 409 17.78 -14.77 20.16
N THR F 410 18.06 -14.26 18.97
CA THR F 410 18.60 -15.10 17.91
C THR F 410 19.97 -15.62 18.29
N ALA F 411 20.78 -14.76 18.92
CA ALA F 411 22.12 -15.13 19.34
C ALA F 411 22.07 -16.24 20.38
N LEU F 412 21.13 -16.15 21.31
CA LEU F 412 20.99 -17.16 22.35
C LEU F 412 20.61 -18.49 21.73
N LEU F 413 19.71 -18.47 20.76
CA LEU F 413 19.29 -19.69 20.09
C LEU F 413 20.43 -20.30 19.28
N ALA F 414 21.17 -19.47 18.57
CA ALA F 414 22.28 -19.97 17.76
C ALA F 414 23.27 -20.70 18.64
N GLU F 415 23.53 -20.14 19.83
CA GLU F 415 24.49 -20.76 20.74
C GLU F 415 23.97 -22.11 21.22
N MET F 416 22.69 -22.20 21.51
CA MET F 416 22.08 -23.46 21.94
C MET F 416 22.32 -24.55 20.90
N ARG F 417 22.15 -24.21 19.62
CA ARG F 417 22.31 -25.16 18.53
C ARG F 417 23.72 -25.73 18.34
N ALA F 418 24.71 -24.99 18.80
CA ALA F 418 26.10 -25.42 18.66
C ALA F 418 26.47 -26.65 19.49
N THR F 419 25.69 -26.94 20.52
CA THR F 419 25.98 -28.08 21.39
C THR F 419 25.00 -29.22 21.13
N GLY F 420 25.54 -30.42 20.88
CA GLY F 420 24.68 -31.56 20.62
C GLY F 420 24.65 -32.56 21.77
N PRO F 421 24.11 -33.77 21.55
CA PRO F 421 24.02 -34.81 22.57
C PRO F 421 25.40 -35.14 23.14
N ALA F 422 25.46 -35.47 24.43
CA ALA F 422 26.71 -35.82 25.07
C ALA F 422 26.95 -37.33 25.05
N SER F 423 25.85 -38.08 25.02
CA SER F 423 25.89 -39.55 25.06
C SER F 423 26.68 -40.26 23.98
N ILE F 424 26.80 -39.66 22.81
CA ILE F 424 27.52 -40.32 21.71
C ILE F 424 29.03 -40.26 21.84
N HIS F 425 29.53 -39.57 22.86
CA HIS F 425 30.98 -39.41 23.01
C HIS F 425 31.66 -40.33 24.00
N SER F 426 31.14 -41.53 24.18
CA SER F 426 31.75 -42.47 25.10
C SER F 426 33.18 -42.76 24.67
N ILE F 427 34.08 -42.79 25.65
CA ILE F 427 35.49 -43.06 25.41
C ILE F 427 35.93 -44.07 26.46
N SER F 428 36.62 -45.12 26.02
CA SER F 428 37.10 -46.16 26.93
C SER F 428 38.13 -45.56 27.88
N THR F 429 37.94 -45.79 29.18
CA THR F 429 38.85 -45.22 30.16
C THR F 429 39.05 -46.15 31.37
N ASN F 430 39.71 -45.65 32.42
CA ASN F 430 39.98 -46.45 33.61
C ASN F 430 40.73 -47.72 33.20
N ALA F 431 41.78 -47.56 32.41
CA ALA F 431 42.59 -48.67 31.93
C ALA F 431 41.73 -49.71 31.19
N ALA F 432 40.76 -49.20 30.44
CA ALA F 432 39.83 -50.01 29.64
C ALA F 432 38.76 -50.76 30.43
N ASN F 433 38.78 -50.63 31.75
CA ASN F 433 37.78 -51.28 32.59
C ASN F 433 36.42 -50.66 32.30
N GLN F 434 36.41 -49.34 32.16
CA GLN F 434 35.19 -48.60 31.84
C GLN F 434 35.24 -48.38 30.33
N ASP F 435 35.13 -49.45 29.55
CA ASP F 435 35.22 -49.28 28.10
C ASP F 435 34.04 -48.58 27.44
N VAL F 436 32.97 -48.41 28.21
CA VAL F 436 31.79 -47.66 27.78
C VAL F 436 31.31 -46.86 28.99
N VAL F 437 31.01 -45.58 28.78
CA VAL F 437 30.54 -44.70 29.85
C VAL F 437 29.33 -43.93 29.35
N SER F 438 28.41 -43.59 30.26
CA SER F 438 27.18 -42.91 29.87
C SER F 438 27.26 -41.42 29.59
N LEU F 439 28.10 -40.71 30.35
CA LEU F 439 28.24 -39.26 30.21
C LEU F 439 26.91 -38.59 30.56
N GLY F 440 26.11 -39.27 31.38
CA GLY F 440 24.80 -38.75 31.77
C GLY F 440 24.84 -37.42 32.50
N THR F 441 25.83 -37.23 33.36
CA THR F 441 25.97 -35.99 34.12
C THR F 441 26.19 -34.83 33.17
N ILE F 442 27.07 -35.04 32.20
CA ILE F 442 27.37 -34.03 31.20
C ILE F 442 26.10 -33.76 30.38
N ALA F 443 25.41 -34.83 30.00
CA ALA F 443 24.17 -34.69 29.23
C ALA F 443 23.15 -33.84 29.98
N ALA F 444 22.99 -34.09 31.28
CA ALA F 444 22.02 -33.33 32.07
C ALA F 444 22.45 -31.87 32.21
N ARG F 445 23.75 -31.63 32.36
CA ARG F 445 24.26 -30.26 32.49
C ARG F 445 24.10 -29.49 31.18
N LEU F 446 24.34 -30.15 30.06
CA LEU F 446 24.19 -29.50 28.76
C LEU F 446 22.72 -29.14 28.53
N CYS F 447 21.82 -30.00 29.02
CA CYS F 447 20.40 -29.75 28.88
C CYS F 447 20.02 -28.55 29.74
N ARG F 448 20.61 -28.46 30.93
CA ARG F 448 20.35 -27.34 31.83
C ARG F 448 20.73 -26.01 31.18
N GLU F 449 21.89 -25.98 30.54
CA GLU F 449 22.31 -24.75 29.88
C GLU F 449 21.32 -24.31 28.82
N LYS F 450 20.81 -25.28 28.05
CA LYS F 450 19.84 -24.96 27.01
C LYS F 450 18.54 -24.46 27.64
N ILE F 451 18.15 -25.05 28.78
CA ILE F 451 16.94 -24.62 29.46
C ILE F 451 17.10 -23.16 29.92
N ASP F 452 18.29 -22.80 30.37
CA ASP F 452 18.56 -21.43 30.81
C ASP F 452 18.48 -20.46 29.63
N ARG F 453 18.96 -20.87 28.45
CA ARG F 453 18.89 -20.01 27.28
C ARG F 453 17.42 -19.87 26.85
N TRP F 454 16.67 -20.97 26.90
CA TRP F 454 15.25 -20.93 26.53
C TRP F 454 14.53 -19.93 27.43
N ALA F 455 14.86 -19.92 28.71
CA ALA F 455 14.22 -18.99 29.65
C ALA F 455 14.47 -17.54 29.23
N GLU F 456 15.69 -17.24 28.80
CA GLU F 456 16.03 -15.88 28.39
C GLU F 456 15.29 -15.48 27.11
N ILE F 457 15.19 -16.41 26.17
CA ILE F 457 14.47 -16.15 24.93
C ILE F 457 12.99 -15.91 25.24
N LEU F 458 12.42 -16.71 26.13
CA LEU F 458 11.02 -16.55 26.51
C LEU F 458 10.81 -15.21 27.21
N ALA F 459 11.79 -14.80 28.02
CA ALA F 459 11.70 -13.52 28.72
C ALA F 459 11.63 -12.38 27.71
N ILE F 460 12.43 -12.46 26.65
CA ILE F 460 12.43 -11.44 25.62
C ILE F 460 11.06 -11.41 24.96
N LEU F 461 10.51 -12.59 24.65
CA LEU F 461 9.20 -12.67 24.01
C LEU F 461 8.12 -12.08 24.91
N ALA F 462 8.21 -12.37 26.22
CA ALA F 462 7.23 -11.85 27.18
C ALA F 462 7.24 -10.32 27.23
N LEU F 463 8.42 -9.72 27.29
CA LEU F 463 8.53 -8.28 27.33
C LEU F 463 8.00 -7.68 26.03
N CYS F 464 8.27 -8.34 24.91
CA CYS F 464 7.78 -7.87 23.62
C CYS F 464 6.27 -7.92 23.58
N LEU F 465 5.70 -9.03 24.03
CA LEU F 465 4.26 -9.21 24.03
C LEU F 465 3.53 -8.22 24.92
N ALA F 466 4.10 -7.92 26.09
CA ALA F 466 3.47 -6.97 26.99
C ALA F 466 3.37 -5.63 26.26
N GLN F 467 4.44 -5.25 25.59
CA GLN F 467 4.47 -4.00 24.83
C GLN F 467 3.50 -4.08 23.64
N ALA F 468 3.55 -5.18 22.89
CA ALA F 468 2.67 -5.34 21.74
C ALA F 468 1.20 -5.32 22.14
N ALA F 469 0.88 -5.96 23.26
CA ALA F 469 -0.50 -6.00 23.73
C ALA F 469 -1.04 -4.60 23.97
N GLU F 470 -0.21 -3.74 24.56
CA GLU F 470 -0.61 -2.36 24.84
C GLU F 470 -0.67 -1.54 23.57
N LEU F 471 0.23 -1.80 22.62
CA LEU F 471 0.24 -1.05 21.36
C LEU F 471 -1.00 -1.39 20.54
N ARG F 472 -1.38 -2.66 20.54
CA ARG F 472 -2.54 -3.10 19.77
C ARG F 472 -3.88 -2.79 20.44
N CYS F 473 -3.96 -3.03 21.74
CA CYS F 473 -5.21 -2.85 22.47
C CYS F 473 -5.32 -1.69 23.44
N GLY F 474 -4.28 -0.87 23.53
CA GLY F 474 -4.32 0.25 24.45
C GLY F 474 -3.89 -0.18 25.85
N SER F 475 -3.52 0.79 26.68
CA SER F 475 -3.07 0.50 28.04
C SER F 475 -4.13 -0.26 28.86
N GLY F 476 -5.39 -0.14 28.44
CA GLY F 476 -6.45 -0.83 29.14
C GLY F 476 -6.60 -2.26 28.64
N LEU F 477 -5.83 -2.63 27.62
CA LEU F 477 -5.86 -3.97 27.05
C LEU F 477 -7.28 -4.40 26.65
N ASP F 478 -7.97 -3.54 25.93
CA ASP F 478 -9.34 -3.82 25.49
C ASP F 478 -9.44 -5.02 24.56
N GLY F 479 -10.28 -5.98 24.93
CA GLY F 479 -10.47 -7.17 24.12
C GLY F 479 -9.57 -8.32 24.49
N VAL F 480 -8.54 -8.06 25.30
CA VAL F 480 -7.63 -9.11 25.72
C VAL F 480 -8.31 -10.03 26.72
N SER F 481 -8.02 -11.32 26.60
CA SER F 481 -8.59 -12.33 27.48
C SER F 481 -8.25 -12.06 28.95
N PRO F 482 -9.03 -12.64 29.88
CA PRO F 482 -8.74 -12.43 31.31
C PRO F 482 -7.35 -12.93 31.66
N ALA F 483 -6.97 -14.09 31.12
CA ALA F 483 -5.66 -14.66 31.40
C ALA F 483 -4.55 -13.77 30.83
N GLY F 484 -4.75 -13.30 29.60
CA GLY F 484 -3.77 -12.43 28.98
C GLY F 484 -3.61 -11.13 29.76
N LYS F 485 -4.72 -10.56 30.19
CA LYS F 485 -4.70 -9.32 30.96
C LYS F 485 -3.91 -9.52 32.26
N LYS F 486 -4.19 -10.62 32.95
CA LYS F 486 -3.51 -10.91 34.21
C LYS F 486 -2.02 -11.06 34.03
N LEU F 487 -1.61 -11.69 32.94
CA LEU F 487 -0.19 -11.91 32.67
C LEU F 487 0.53 -10.59 32.43
N VAL F 488 -0.03 -9.76 31.55
CA VAL F 488 0.59 -8.46 31.26
C VAL F 488 0.62 -7.58 32.51
N GLN F 489 -0.46 -7.61 33.27
CA GLN F 489 -0.56 -6.81 34.49
C GLN F 489 0.50 -7.22 35.49
N ALA F 490 0.71 -8.51 35.64
CA ALA F 490 1.72 -9.01 36.57
C ALA F 490 3.11 -8.58 36.12
N LEU F 491 3.39 -8.69 34.82
CA LEU F 491 4.69 -8.28 34.31
C LEU F 491 4.91 -6.80 34.57
N ARG F 492 3.89 -6.00 34.28
CA ARG F 492 3.98 -4.55 34.45
C ARG F 492 4.22 -4.11 35.88
N GLU F 493 4.03 -5.02 36.83
CA GLU F 493 4.28 -4.68 38.23
C GLU F 493 5.77 -4.50 38.47
N GLN F 494 6.59 -5.15 37.64
CA GLN F 494 8.04 -5.06 37.79
C GLN F 494 8.77 -4.55 36.56
N PHE F 495 8.14 -4.64 35.39
CA PHE F 495 8.76 -4.20 34.15
C PHE F 495 7.90 -3.17 33.45
N PRO F 496 8.32 -1.89 33.48
CA PRO F 496 7.62 -0.77 32.87
C PRO F 496 7.57 -0.85 31.35
N PRO F 497 6.58 -0.19 30.75
CA PRO F 497 6.50 -0.22 29.29
C PRO F 497 7.72 0.48 28.72
N LEU F 498 8.09 0.14 27.48
CA LEU F 498 9.24 0.75 26.84
C LEU F 498 8.73 1.99 26.11
N GLU F 499 8.77 3.14 26.78
CA GLU F 499 8.30 4.39 26.20
C GLU F 499 9.37 5.05 25.34
N THR F 500 10.62 4.78 25.67
CA THR F 500 11.76 5.28 24.93
C THR F 500 12.84 4.23 25.14
N ASP F 501 13.74 4.09 24.17
CA ASP F 501 14.80 3.08 24.27
C ASP F 501 15.57 3.10 25.59
N ARG F 502 15.83 1.92 26.14
CA ARG F 502 16.59 1.79 27.37
C ARG F 502 17.26 0.42 27.40
N PRO F 503 18.32 0.26 28.19
CA PRO F 503 19.00 -1.04 28.26
C PRO F 503 18.01 -2.08 28.80
N LEU F 504 17.93 -3.23 28.13
CA LEU F 504 17.00 -4.28 28.54
C LEU F 504 17.66 -5.53 29.13
N GLY F 505 18.99 -5.59 29.02
CA GLY F 505 19.73 -6.75 29.52
C GLY F 505 19.40 -7.22 30.93
N GLN F 506 19.44 -6.30 31.90
CA GLN F 506 19.17 -6.68 33.28
C GLN F 506 17.73 -7.15 33.50
N GLU F 507 16.79 -6.53 32.78
CA GLU F 507 15.39 -6.90 32.89
C GLU F 507 15.16 -8.29 32.28
N ILE F 508 15.86 -8.58 31.19
CA ILE F 508 15.73 -9.88 30.53
C ILE F 508 16.23 -10.97 31.48
N ALA F 509 17.39 -10.72 32.11
CA ALA F 509 17.96 -11.69 33.04
C ALA F 509 17.07 -11.88 34.28
N ALA F 510 16.55 -10.78 34.80
CA ALA F 510 15.70 -10.83 35.98
C ALA F 510 14.43 -11.63 35.68
N LEU F 511 13.81 -11.36 34.53
CA LEU F 511 12.59 -12.06 34.17
C LEU F 511 12.84 -13.55 33.91
N ALA F 512 13.95 -13.87 33.24
CA ALA F 512 14.27 -15.27 32.97
C ALA F 512 14.35 -16.07 34.28
N THR F 513 14.94 -15.47 35.30
CA THR F 513 15.08 -16.13 36.59
C THR F 513 13.70 -16.49 37.15
N HIS F 514 12.74 -15.61 36.92
CA HIS F 514 11.37 -15.82 37.39
C HIS F 514 10.64 -16.91 36.60
N LEU F 515 10.77 -16.87 35.27
CA LEU F 515 10.10 -17.86 34.42
C LEU F 515 10.50 -19.29 34.75
N LEU F 516 11.72 -19.48 35.22
CA LEU F 516 12.23 -20.80 35.56
C LEU F 516 11.67 -21.36 36.86
N GLN F 517 11.09 -20.51 37.69
CA GLN F 517 10.58 -20.95 38.98
C GLN F 517 9.07 -20.83 39.18
N GLN F 518 8.41 -20.05 38.33
CA GLN F 518 6.97 -19.85 38.45
C GLN F 518 6.29 -19.78 37.10
N SER F 519 5.06 -20.28 37.04
CA SER F 519 4.26 -20.26 35.83
C SER F 519 3.29 -19.08 35.86
N PRO F 520 2.74 -18.72 34.69
CA PRO F 520 1.80 -17.60 34.63
C PRO F 520 0.40 -18.08 34.99
N VAL F 521 -0.01 -17.86 36.23
CA VAL F 521 -1.34 -18.28 36.66
C VAL F 521 -2.08 -17.18 37.41
N LYS G 8 -0.70 -66.05 0.73
CA LYS G 8 -0.04 -64.91 1.44
C LYS G 8 -0.99 -64.29 2.46
N PRO G 9 -0.51 -64.09 3.70
CA PRO G 9 -1.32 -63.49 4.76
C PRO G 9 -1.91 -62.15 4.32
N ALA G 10 -3.02 -61.77 4.93
CA ALA G 10 -3.66 -60.51 4.59
C ALA G 10 -3.90 -59.66 5.83
N VAL G 11 -3.58 -58.38 5.73
CA VAL G 11 -3.80 -57.45 6.82
C VAL G 11 -5.07 -56.70 6.49
N GLU G 12 -6.10 -56.85 7.32
CA GLU G 12 -7.35 -56.16 7.08
C GLU G 12 -7.29 -54.84 7.81
N LEU G 13 -7.32 -53.75 7.05
CA LEU G 13 -7.25 -52.42 7.63
C LEU G 13 -8.61 -51.81 7.94
N ASP G 14 -8.81 -51.46 9.20
CA ASP G 14 -10.04 -50.81 9.62
C ASP G 14 -9.63 -49.44 10.13
N ARG G 15 -9.26 -49.37 11.41
CA ARG G 15 -8.84 -48.11 12.01
C ARG G 15 -7.40 -48.15 12.49
N HIS G 16 -7.05 -49.24 13.16
CA HIS G 16 -5.71 -49.40 13.73
C HIS G 16 -4.89 -50.53 13.13
N ILE G 17 -3.60 -50.28 12.93
CA ILE G 17 -2.66 -51.25 12.40
C ILE G 17 -1.40 -51.12 13.25
N ASP G 18 -0.86 -52.23 13.75
CA ASP G 18 0.35 -52.11 14.56
C ASP G 18 1.59 -52.07 13.68
N LEU G 19 2.74 -51.75 14.27
CA LEU G 19 3.97 -51.64 13.50
C LEU G 19 4.37 -52.91 12.74
N ASP G 20 4.16 -54.08 13.35
CA ASP G 20 4.52 -55.33 12.67
C ASP G 20 3.66 -55.57 11.43
N GLN G 21 2.36 -55.29 11.55
CA GLN G 21 1.45 -55.46 10.42
C GLN G 21 1.83 -54.48 9.31
N ALA G 22 2.17 -53.25 9.69
CA ALA G 22 2.55 -52.24 8.73
C ALA G 22 3.79 -52.66 7.96
N HIS G 23 4.78 -53.21 8.65
CA HIS G 23 5.99 -53.63 7.98
C HIS G 23 5.75 -54.85 7.11
N ALA G 24 4.83 -55.72 7.55
CA ALA G 24 4.51 -56.91 6.77
C ALA G 24 3.98 -56.48 5.40
N VAL G 25 3.11 -55.48 5.38
CA VAL G 25 2.56 -54.99 4.13
C VAL G 25 3.62 -54.27 3.31
N ALA G 26 4.36 -53.36 3.94
CA ALA G 26 5.39 -52.61 3.26
C ALA G 26 6.46 -53.51 2.63
N SER G 27 6.83 -54.58 3.32
CA SER G 27 7.86 -55.49 2.81
C SER G 27 7.32 -56.55 1.84
N GLY G 28 6.02 -56.53 1.59
CA GLY G 28 5.44 -57.50 0.67
C GLY G 28 5.14 -58.86 1.29
N GLY G 29 5.32 -58.96 2.60
CA GLY G 29 5.06 -60.21 3.29
C GLY G 29 3.57 -60.47 3.47
N ALA G 30 2.78 -59.41 3.36
CA ALA G 30 1.32 -59.54 3.51
C ALA G 30 0.58 -58.65 2.52
N ARG G 31 -0.63 -59.08 2.18
CA ARG G 31 -1.49 -58.31 1.28
C ARG G 31 -2.29 -57.38 2.19
N ILE G 32 -2.90 -56.36 1.63
CA ILE G 32 -3.70 -55.46 2.45
C ILE G 32 -5.10 -55.35 1.89
N VAL G 33 -6.08 -55.40 2.79
CA VAL G 33 -7.48 -55.31 2.44
C VAL G 33 -8.13 -54.23 3.28
N LEU G 34 -9.07 -53.50 2.69
CA LEU G 34 -9.77 -52.46 3.44
C LEU G 34 -11.01 -53.12 4.04
N ALA G 35 -11.14 -53.05 5.36
CA ALA G 35 -12.29 -53.64 6.02
C ALA G 35 -13.57 -52.91 5.64
N PRO G 36 -14.70 -53.62 5.62
CA PRO G 36 -16.01 -53.05 5.25
C PRO G 36 -16.27 -51.67 5.88
N PRO G 37 -16.09 -51.53 7.21
CA PRO G 37 -16.32 -50.25 7.87
C PRO G 37 -15.41 -49.13 7.39
N ALA G 38 -14.17 -49.45 7.05
CA ALA G 38 -13.23 -48.45 6.57
C ALA G 38 -13.67 -48.00 5.19
N ARG G 39 -14.06 -48.97 4.36
CA ARG G 39 -14.53 -48.67 3.02
C ARG G 39 -15.72 -47.72 3.11
N ASP G 40 -16.63 -48.00 4.03
CA ASP G 40 -17.80 -47.15 4.19
C ASP G 40 -17.45 -45.78 4.73
N ARG G 41 -16.54 -45.70 5.71
CA ARG G 41 -16.15 -44.39 6.24
C ARG G 41 -15.53 -43.56 5.13
N CYS G 42 -14.76 -44.22 4.27
CA CYS G 42 -14.11 -43.51 3.17
C CYS G 42 -15.11 -43.02 2.13
N ARG G 43 -16.11 -43.84 1.82
CA ARG G 43 -17.12 -43.43 0.85
C ARG G 43 -17.83 -42.20 1.39
N ALA G 44 -18.10 -42.20 2.69
CA ALA G 44 -18.78 -41.09 3.33
C ALA G 44 -17.93 -39.81 3.24
N SER G 45 -16.62 -39.95 3.47
CA SER G 45 -15.73 -38.79 3.40
C SER G 45 -15.67 -38.27 1.97
N GLU G 46 -15.68 -39.18 1.01
CA GLU G 46 -15.64 -38.81 -0.40
C GLU G 46 -16.86 -37.95 -0.72
N ALA G 47 -18.00 -38.32 -0.16
CA ALA G 47 -19.24 -37.59 -0.38
C ALA G 47 -19.17 -36.21 0.29
N ARG G 48 -18.52 -36.14 1.45
CA ARG G 48 -18.41 -34.86 2.15
C ARG G 48 -17.56 -33.89 1.33
N LEU G 49 -16.52 -34.41 0.68
CA LEU G 49 -15.66 -33.57 -0.16
C LEU G 49 -16.50 -33.05 -1.31
N GLY G 50 -17.34 -33.92 -1.86
CA GLY G 50 -18.21 -33.52 -2.95
C GLY G 50 -19.12 -32.38 -2.54
N ALA G 51 -19.67 -32.47 -1.34
CA ALA G 51 -20.56 -31.44 -0.82
C ALA G 51 -19.82 -30.13 -0.58
N VAL G 52 -18.60 -30.23 -0.05
CA VAL G 52 -17.78 -29.04 0.20
C VAL G 52 -17.53 -28.30 -1.12
N ILE G 53 -17.30 -29.06 -2.18
CA ILE G 53 -17.07 -28.47 -3.49
C ILE G 53 -18.38 -27.90 -4.02
N ARG G 54 -19.43 -28.70 -3.93
CA ARG G 54 -20.77 -28.33 -4.39
C ARG G 54 -21.24 -27.04 -3.71
N GLU G 55 -20.92 -26.90 -2.43
CA GLU G 55 -21.31 -25.73 -1.65
C GLU G 55 -20.33 -24.57 -1.77
N ALA G 56 -19.21 -24.80 -2.46
CA ALA G 56 -18.20 -23.77 -2.65
C ALA G 56 -17.67 -23.21 -1.33
N ARG G 57 -17.44 -24.09 -0.37
CA ARG G 57 -16.92 -23.67 0.93
C ARG G 57 -15.47 -23.21 0.80
N HIS G 58 -15.10 -22.21 1.58
CA HIS G 58 -13.73 -21.68 1.55
C HIS G 58 -12.83 -22.76 2.15
N VAL G 59 -12.16 -23.52 1.30
CA VAL G 59 -11.28 -24.59 1.74
C VAL G 59 -9.96 -24.60 0.99
N TYR G 60 -8.87 -24.74 1.75
CA TYR G 60 -7.52 -24.78 1.21
C TYR G 60 -7.37 -25.87 0.15
N GLY G 61 -6.80 -25.50 -1.00
CA GLY G 61 -6.59 -26.48 -2.06
C GLY G 61 -7.82 -26.77 -2.92
N LEU G 62 -8.97 -26.26 -2.52
CA LEU G 62 -10.20 -26.47 -3.28
C LEU G 62 -10.70 -25.13 -3.80
N THR G 63 -10.43 -24.07 -3.06
CA THR G 63 -10.85 -22.73 -3.46
C THR G 63 -9.74 -21.71 -3.23
N THR G 64 -8.54 -22.19 -2.96
CA THR G 64 -7.42 -21.28 -2.70
C THR G 64 -6.10 -21.77 -3.27
N GLY G 65 -5.15 -20.85 -3.37
CA GLY G 65 -3.81 -21.19 -3.82
C GLY G 65 -3.13 -21.90 -2.67
N PHE G 66 -1.85 -22.20 -2.81
CA PHE G 66 -1.11 -22.92 -1.76
C PHE G 66 -0.14 -22.08 -0.96
N GLY G 67 0.14 -22.52 0.27
CA GLY G 67 1.05 -21.79 1.13
C GLY G 67 0.59 -20.36 1.29
N PRO G 68 1.51 -19.38 1.24
CA PRO G 68 1.13 -17.98 1.41
C PRO G 68 0.30 -17.46 0.25
N LEU G 69 0.13 -18.29 -0.77
CA LEU G 69 -0.67 -17.86 -1.92
C LEU G 69 -2.12 -18.26 -1.74
N ALA G 70 -2.43 -18.79 -0.56
CA ALA G 70 -3.78 -19.22 -0.24
C ALA G 70 -4.74 -18.04 -0.20
N ASN G 71 -4.21 -16.82 -0.22
CA ASN G 71 -5.05 -15.63 -0.20
C ASN G 71 -5.64 -15.34 -1.58
N ARG G 72 -5.18 -16.08 -2.60
CA ARG G 72 -5.71 -15.93 -3.94
C ARG G 72 -6.79 -17.00 -4.09
N LEU G 73 -8.05 -16.59 -4.10
CA LEU G 73 -9.13 -17.56 -4.21
C LEU G 73 -9.26 -18.04 -5.65
N ILE G 74 -9.61 -19.32 -5.80
CA ILE G 74 -9.70 -19.97 -7.10
C ILE G 74 -11.13 -20.40 -7.44
N SER G 75 -11.56 -20.12 -8.67
CA SER G 75 -12.90 -20.49 -9.10
C SER G 75 -12.95 -21.99 -9.39
N GLY G 76 -14.10 -22.60 -9.13
CA GLY G 76 -14.28 -24.03 -9.35
C GLY G 76 -13.82 -24.62 -10.69
N GLU G 77 -14.02 -23.90 -11.78
CA GLU G 77 -13.62 -24.38 -13.11
C GLU G 77 -12.11 -24.59 -13.25
N ASN G 78 -11.33 -23.95 -12.37
CA ASN G 78 -9.88 -24.06 -12.44
C ASN G 78 -9.21 -24.96 -11.41
N VAL G 79 -10.01 -25.63 -10.57
CA VAL G 79 -9.46 -26.48 -9.53
C VAL G 79 -8.64 -27.68 -10.04
N ARG G 80 -9.10 -28.34 -11.10
CA ARG G 80 -8.35 -29.48 -11.60
C ARG G 80 -6.97 -29.02 -12.06
N THR G 81 -6.91 -27.84 -12.68
CA THR G 81 -5.63 -27.30 -13.14
C THR G 81 -4.79 -26.92 -11.92
N LEU G 82 -5.45 -26.37 -10.91
CA LEU G 82 -4.79 -25.98 -9.66
C LEU G 82 -4.08 -27.16 -9.02
N GLN G 83 -4.79 -28.27 -8.85
CA GLN G 83 -4.21 -29.45 -8.22
C GLN G 83 -3.18 -30.14 -9.10
N ALA G 84 -3.30 -30.00 -10.42
CA ALA G 84 -2.33 -30.61 -11.32
C ALA G 84 -1.02 -29.82 -11.16
N ASN G 85 -1.14 -28.51 -10.99
CA ASN G 85 0.04 -27.66 -10.82
C ASN G 85 0.67 -27.93 -9.45
N LEU G 86 -0.16 -28.29 -8.47
CA LEU G 86 0.33 -28.59 -7.13
C LEU G 86 1.36 -29.72 -7.23
N VAL G 87 0.98 -30.83 -7.86
CA VAL G 87 1.87 -31.96 -8.01
C VAL G 87 3.14 -31.54 -8.76
N HIS G 88 2.97 -30.73 -9.80
CA HIS G 88 4.10 -30.26 -10.59
C HIS G 88 5.10 -29.41 -9.83
N PHE G 89 4.65 -28.33 -9.19
CA PHE G 89 5.62 -27.48 -8.54
C PHE G 89 6.29 -28.11 -7.32
N LEU G 90 5.63 -29.10 -6.72
CA LEU G 90 6.18 -29.78 -5.55
C LEU G 90 7.20 -30.85 -5.94
N ALA G 91 7.22 -31.27 -7.20
CA ALA G 91 8.14 -32.32 -7.67
C ALA G 91 9.57 -31.83 -7.94
N SER G 92 10.19 -31.26 -6.91
CA SER G 92 11.54 -30.73 -7.03
C SER G 92 12.54 -31.54 -6.21
N GLY G 93 12.15 -32.75 -5.83
CA GLY G 93 13.02 -33.59 -5.03
C GLY G 93 14.26 -34.06 -5.77
N VAL G 94 15.34 -34.26 -5.02
CA VAL G 94 16.61 -34.73 -5.59
C VAL G 94 17.21 -35.80 -4.68
N GLY G 95 18.31 -36.40 -5.13
CA GLY G 95 18.98 -37.42 -4.33
C GLY G 95 18.54 -38.84 -4.63
N PRO G 96 19.24 -39.84 -4.05
CA PRO G 96 18.89 -41.24 -4.28
C PRO G 96 17.45 -41.53 -3.85
N VAL G 97 16.78 -42.40 -4.59
CA VAL G 97 15.39 -42.72 -4.26
C VAL G 97 15.30 -43.53 -2.98
N LEU G 98 14.15 -43.46 -2.32
CA LEU G 98 13.92 -44.22 -1.09
C LEU G 98 13.95 -45.68 -1.52
N ASP G 99 14.40 -46.56 -0.64
CA ASP G 99 14.45 -47.98 -1.01
C ASP G 99 13.03 -48.54 -1.14
N TRP G 100 12.91 -49.67 -1.83
CA TRP G 100 11.65 -50.35 -2.10
C TRP G 100 10.69 -50.43 -0.90
N THR G 101 11.15 -51.01 0.20
CA THR G 101 10.31 -51.18 1.39
C THR G 101 9.87 -49.86 2.01
N THR G 102 10.78 -48.89 2.07
CA THR G 102 10.50 -47.59 2.65
C THR G 102 9.51 -46.78 1.82
N ALA G 103 9.66 -46.83 0.50
CA ALA G 103 8.76 -46.10 -0.38
C ALA G 103 7.35 -46.70 -0.26
N ARG G 104 7.27 -48.00 -0.11
CA ARG G 104 5.99 -48.68 0.04
C ARG G 104 5.41 -48.34 1.41
N ALA G 105 6.27 -48.17 2.41
CA ALA G 105 5.81 -47.84 3.75
C ALA G 105 5.20 -46.44 3.75
N MET G 106 5.74 -45.57 2.89
CA MET G 106 5.22 -44.22 2.76
C MET G 106 3.82 -44.29 2.17
N VAL G 107 3.65 -45.12 1.13
CA VAL G 107 2.35 -45.28 0.50
C VAL G 107 1.36 -45.78 1.55
N LEU G 108 1.79 -46.76 2.34
CA LEU G 108 0.94 -47.33 3.37
C LEU G 108 0.52 -46.31 4.43
N ALA G 109 1.45 -45.46 4.86
CA ALA G 109 1.14 -44.45 5.87
C ALA G 109 0.06 -43.50 5.36
N ARG G 110 0.15 -43.12 4.08
CA ARG G 110 -0.87 -42.23 3.53
C ARG G 110 -2.21 -42.95 3.55
N LEU G 111 -2.20 -44.21 3.14
CA LEU G 111 -3.43 -45.01 3.12
C LEU G 111 -4.07 -45.15 4.51
N VAL G 112 -3.26 -45.41 5.53
CA VAL G 112 -3.81 -45.57 6.87
C VAL G 112 -4.46 -44.27 7.34
N SER G 113 -3.84 -43.14 7.01
CA SER G 113 -4.41 -41.85 7.38
C SER G 113 -5.76 -41.69 6.66
N ILE G 114 -5.78 -41.96 5.36
CA ILE G 114 -7.01 -41.86 4.58
C ILE G 114 -8.12 -42.78 5.11
N ALA G 115 -7.75 -43.98 5.56
CA ALA G 115 -8.72 -44.94 6.07
C ALA G 115 -9.49 -44.46 7.29
N GLN G 116 -9.01 -43.39 7.93
CA GLN G 116 -9.69 -42.85 9.10
C GLN G 116 -10.97 -42.14 8.67
N GLY G 117 -11.10 -41.89 7.38
CA GLY G 117 -12.29 -41.25 6.85
C GLY G 117 -12.44 -39.74 7.01
N ALA G 118 -11.35 -39.00 6.89
CA ALA G 118 -11.42 -37.54 7.03
C ALA G 118 -10.63 -36.83 5.92
N SER G 119 -10.23 -37.58 4.90
CA SER G 119 -9.44 -37.02 3.79
C SER G 119 -10.20 -36.79 2.49
N GLY G 120 -11.40 -37.34 2.38
CA GLY G 120 -12.20 -37.16 1.18
C GLY G 120 -11.71 -37.90 -0.07
N ALA G 121 -10.74 -38.79 0.10
CA ALA G 121 -10.19 -39.55 -1.03
C ALA G 121 -11.25 -40.40 -1.71
N SER G 122 -11.23 -40.41 -3.05
CA SER G 122 -12.21 -41.19 -3.81
C SER G 122 -11.85 -42.67 -3.79
N GLU G 123 -12.83 -43.52 -4.12
CA GLU G 123 -12.60 -44.96 -4.14
C GLU G 123 -11.47 -45.34 -5.08
N GLY G 124 -11.44 -44.70 -6.25
CA GLY G 124 -10.40 -44.99 -7.21
C GLY G 124 -9.02 -44.66 -6.66
N THR G 125 -8.91 -43.50 -6.00
CA THR G 125 -7.66 -43.07 -5.41
C THR G 125 -7.18 -44.07 -4.36
N ILE G 126 -8.09 -44.53 -3.53
CA ILE G 126 -7.76 -45.51 -2.51
C ILE G 126 -7.34 -46.83 -3.16
N ALA G 127 -8.04 -47.20 -4.24
CA ALA G 127 -7.73 -48.43 -4.96
C ALA G 127 -6.31 -48.41 -5.52
N ARG G 128 -5.87 -47.25 -6.01
CA ARG G 128 -4.53 -47.16 -6.56
C ARG G 128 -3.48 -47.41 -5.48
N LEU G 129 -3.73 -46.91 -4.27
CA LEU G 129 -2.77 -47.12 -3.18
C LEU G 129 -2.73 -48.58 -2.77
N ILE G 130 -3.91 -49.18 -2.63
CA ILE G 130 -4.02 -50.58 -2.24
C ILE G 130 -3.39 -51.49 -3.31
N ASP G 131 -3.66 -51.20 -4.58
CA ASP G 131 -3.10 -51.99 -5.69
C ASP G 131 -1.57 -51.96 -5.66
N LEU G 132 -1.01 -50.77 -5.48
CA LEU G 132 0.45 -50.62 -5.42
C LEU G 132 1.00 -51.52 -4.32
N LEU G 133 0.39 -51.45 -3.14
CA LEU G 133 0.83 -52.26 -2.01
C LEU G 133 0.69 -53.76 -2.23
N ASN G 134 -0.30 -54.17 -3.01
CA ASN G 134 -0.47 -55.59 -3.28
C ASN G 134 0.36 -56.05 -4.48
N SER G 135 1.07 -55.12 -5.11
CA SER G 135 1.91 -55.47 -6.25
C SER G 135 3.34 -55.67 -5.74
N GLU G 136 4.25 -56.03 -6.63
CA GLU G 136 5.65 -56.25 -6.26
C GLU G 136 6.48 -54.97 -6.46
N LEU G 137 5.79 -53.86 -6.74
CA LEU G 137 6.49 -52.60 -7.01
C LEU G 137 6.40 -51.54 -5.91
N ALA G 138 7.20 -50.49 -6.10
CA ALA G 138 7.23 -49.35 -5.20
C ALA G 138 7.50 -48.14 -6.06
N PRO G 139 6.93 -46.98 -5.71
CA PRO G 139 7.20 -45.80 -6.53
C PRO G 139 8.65 -45.41 -6.30
N ALA G 140 9.29 -44.79 -7.30
CA ALA G 140 10.68 -44.36 -7.15
C ALA G 140 10.63 -42.87 -6.82
N VAL G 141 10.88 -42.54 -5.57
CA VAL G 141 10.83 -41.13 -5.15
C VAL G 141 12.13 -40.65 -4.53
N PRO G 142 12.55 -39.42 -4.90
CA PRO G 142 13.78 -38.81 -4.39
C PRO G 142 13.73 -38.74 -2.87
N SER G 143 14.85 -38.99 -2.21
CA SER G 143 14.88 -38.96 -0.75
C SER G 143 14.98 -37.57 -0.14
N ARG G 144 15.45 -36.60 -0.92
CA ARG G 144 15.59 -35.24 -0.40
C ARG G 144 14.67 -34.21 -1.02
N GLY G 145 14.38 -33.15 -0.26
CA GLY G 145 13.54 -32.10 -0.78
C GLY G 145 12.47 -31.57 0.16
N THR G 146 12.12 -32.34 1.18
CA THR G 146 11.09 -31.91 2.10
C THR G 146 11.63 -31.45 3.46
N VAL G 147 10.95 -30.47 4.06
CA VAL G 147 11.34 -29.99 5.37
C VAL G 147 10.42 -30.63 6.42
N GLY G 148 9.60 -31.58 5.97
CA GLY G 148 8.72 -32.28 6.87
C GLY G 148 7.58 -31.49 7.49
N ASP G 150 5.32 -33.96 4.32
CA ASP G 150 6.18 -34.51 3.27
C ASP G 150 5.61 -34.34 1.86
N LEU G 151 5.32 -33.09 1.50
CA LEU G 151 4.73 -32.80 0.20
C LEU G 151 5.55 -33.21 -1.01
N THR G 152 6.85 -32.91 -1.01
CA THR G 152 7.67 -33.24 -2.17
C THR G 152 7.73 -34.73 -2.53
N PRO G 153 8.09 -35.61 -1.58
CA PRO G 153 8.12 -37.03 -1.97
C PRO G 153 6.74 -37.57 -2.34
N LEU G 154 5.69 -37.04 -1.72
CA LEU G 154 4.33 -37.49 -2.03
C LEU G 154 3.90 -37.01 -3.41
N ALA G 155 4.38 -35.84 -3.82
CA ALA G 155 4.05 -35.33 -5.15
C ALA G 155 4.70 -36.27 -6.16
N HIS G 156 5.93 -36.69 -5.86
CA HIS G 156 6.64 -37.61 -6.74
C HIS G 156 5.90 -38.94 -6.81
N MET G 157 5.34 -39.37 -5.68
CA MET G 157 4.58 -40.62 -5.64
C MET G 157 3.38 -40.50 -6.58
N VAL G 158 2.68 -39.37 -6.51
CA VAL G 158 1.52 -39.15 -7.36
C VAL G 158 1.89 -39.27 -8.84
N LEU G 159 3.01 -38.64 -9.23
CA LEU G 159 3.46 -38.70 -10.61
C LEU G 159 3.72 -40.16 -11.01
N CYS G 160 4.34 -40.91 -10.11
CA CYS G 160 4.62 -42.32 -10.40
C CYS G 160 3.32 -43.10 -10.63
N LEU G 161 2.37 -42.95 -9.72
CA LEU G 161 1.08 -43.64 -9.81
C LEU G 161 0.28 -43.23 -11.05
N GLN G 162 0.65 -42.11 -11.67
CA GLN G 162 -0.04 -41.68 -12.89
C GLN G 162 0.72 -42.21 -14.10
N GLY G 163 1.80 -42.93 -13.85
CA GLY G 163 2.59 -43.47 -14.94
C GLY G 163 3.55 -42.42 -15.48
N ARG G 164 3.76 -41.36 -14.71
CA ARG G 164 4.64 -40.27 -15.11
C ARG G 164 5.91 -40.20 -14.26
N GLY G 165 6.21 -41.29 -13.57
CA GLY G 165 7.41 -41.35 -12.75
C GLY G 165 7.86 -42.80 -12.69
N ASP G 166 9.10 -43.02 -12.31
CA ASP G 166 9.68 -44.37 -12.22
C ASP G 166 9.15 -45.23 -11.07
N PHE G 167 9.34 -46.53 -11.21
CA PHE G 167 8.96 -47.51 -10.19
C PHE G 167 10.21 -48.32 -9.90
N LEU G 168 10.19 -49.04 -8.78
CA LEU G 168 11.31 -49.90 -8.40
C LEU G 168 10.77 -51.30 -8.17
N ASP G 169 11.54 -52.31 -8.54
CA ASP G 169 11.10 -53.68 -8.28
C ASP G 169 11.84 -54.00 -6.99
N ARG G 170 11.52 -55.13 -6.36
CA ARG G 170 12.15 -55.51 -5.11
C ARG G 170 13.68 -55.42 -5.10
N ASP G 171 14.31 -55.65 -6.24
CA ASP G 171 15.78 -55.59 -6.32
C ASP G 171 16.32 -54.18 -6.52
N GLY G 172 15.44 -53.20 -6.59
CA GLY G 172 15.89 -51.83 -6.78
C GLY G 172 16.02 -51.44 -8.24
N THR G 173 15.65 -52.36 -9.14
CA THR G 173 15.71 -52.10 -10.57
C THR G 173 14.67 -51.04 -10.93
N ARG G 174 15.08 -50.03 -11.68
CA ARG G 174 14.19 -48.94 -12.08
C ARG G 174 13.38 -49.26 -13.34
N LEU G 175 12.10 -48.91 -13.32
CA LEU G 175 11.21 -49.10 -14.46
C LEU G 175 10.59 -47.74 -14.79
N ASP G 176 10.38 -47.43 -16.06
CA ASP G 176 9.77 -46.15 -16.36
C ASP G 176 8.29 -46.24 -16.00
N GLY G 177 7.62 -45.09 -15.97
CA GLY G 177 6.21 -45.05 -15.59
C GLY G 177 5.28 -46.02 -16.29
N ALA G 178 5.34 -46.04 -17.61
CA ALA G 178 4.47 -46.93 -18.40
C ALA G 178 4.73 -48.41 -18.11
N GLU G 179 6.00 -48.78 -18.00
CA GLU G 179 6.33 -50.18 -17.74
C GLU G 179 5.93 -50.57 -16.32
N GLY G 180 5.98 -49.61 -15.41
CA GLY G 180 5.60 -49.87 -14.04
C GLY G 180 4.14 -50.24 -13.93
N LEU G 181 3.27 -49.46 -14.57
CA LEU G 181 1.84 -49.73 -14.53
C LEU G 181 1.53 -51.10 -15.15
N ARG G 182 2.22 -51.45 -16.24
CA ARG G 182 1.99 -52.75 -16.87
C ARG G 182 2.50 -53.87 -15.98
N ARG G 183 3.73 -53.74 -15.52
CA ARG G 183 4.38 -54.73 -14.67
C ARG G 183 3.58 -55.03 -13.39
N GLY G 184 3.09 -53.99 -12.73
CA GLY G 184 2.33 -54.21 -11.51
C GLY G 184 0.84 -54.39 -11.73
N ARG G 185 0.42 -54.33 -13.00
CA ARG G 185 -1.00 -54.44 -13.35
C ARG G 185 -1.74 -53.38 -12.54
N LEU G 186 -1.32 -52.13 -12.73
CA LEU G 186 -1.89 -50.99 -12.02
C LEU G 186 -2.62 -50.08 -13.00
N GLN G 187 -3.63 -49.37 -12.51
CA GLN G 187 -4.37 -48.43 -13.32
C GLN G 187 -3.80 -47.05 -13.04
N PRO G 188 -3.73 -46.18 -14.05
CA PRO G 188 -3.19 -44.84 -13.81
C PRO G 188 -4.06 -44.06 -12.82
N LEU G 189 -3.42 -43.35 -11.91
CA LEU G 189 -4.14 -42.56 -10.91
C LEU G 189 -4.91 -41.42 -11.58
N ASP G 190 -6.18 -41.28 -11.22
CA ASP G 190 -7.05 -40.23 -11.78
C ASP G 190 -7.58 -39.31 -10.66
N LEU G 191 -7.14 -38.06 -10.67
CA LEU G 191 -7.55 -37.10 -9.63
C LEU G 191 -8.68 -36.15 -10.01
N SER G 192 -9.55 -36.60 -10.92
CA SER G 192 -10.68 -35.77 -11.37
C SER G 192 -11.67 -35.38 -10.26
N HIS G 193 -11.69 -36.13 -9.16
CA HIS G 193 -12.61 -35.80 -8.07
C HIS G 193 -12.06 -34.66 -7.21
N ARG G 194 -10.94 -34.09 -7.62
CA ARG G 194 -10.31 -32.99 -6.90
C ARG G 194 -9.86 -33.41 -5.50
N ASP G 195 -9.44 -34.67 -5.39
CA ASP G 195 -8.99 -35.21 -4.11
C ASP G 195 -7.46 -35.35 -4.05
N ALA G 196 -6.74 -34.47 -4.75
CA ALA G 196 -5.28 -34.51 -4.76
C ALA G 196 -4.66 -34.31 -3.38
N LEU G 197 -5.26 -33.45 -2.56
CA LEU G 197 -4.72 -33.21 -1.23
C LEU G 197 -4.85 -34.41 -0.30
N ALA G 198 -5.53 -35.46 -0.75
CA ALA G 198 -5.66 -36.66 0.07
C ALA G 198 -4.37 -37.46 -0.07
N LEU G 199 -3.64 -37.19 -1.16
CA LEU G 199 -2.40 -37.89 -1.45
C LEU G 199 -1.16 -37.07 -1.14
N VAL G 200 -1.23 -35.77 -1.41
CA VAL G 200 -0.11 -34.88 -1.15
C VAL G 200 -0.43 -34.18 0.16
N ASN G 201 -0.09 -34.86 1.27
CA ASN G 201 -0.40 -34.33 2.59
C ASN G 201 0.18 -35.21 3.68
N GLY G 202 0.26 -34.67 4.88
CA GLY G 202 0.74 -35.43 6.02
C GLY G 202 2.22 -35.71 6.17
N THR G 203 2.50 -36.65 7.08
CA THR G 203 3.87 -37.03 7.43
C THR G 203 4.18 -38.45 6.96
N SER G 204 3.57 -38.85 5.85
CA SER G 204 3.72 -40.19 5.29
C SER G 204 5.14 -40.68 5.02
N ALA G 205 6.00 -39.80 4.50
CA ALA G 205 7.36 -40.19 4.20
C ALA G 205 8.17 -40.47 5.47
N MET G 206 8.20 -39.51 6.39
CA MET G 206 8.97 -39.72 7.61
C MET G 206 8.43 -40.89 8.42
N THR G 207 7.11 -41.07 8.39
CA THR G 207 6.48 -42.17 9.12
C THR G 207 6.88 -43.51 8.51
N GLY G 208 6.87 -43.58 7.18
CA GLY G 208 7.27 -44.81 6.50
C GLY G 208 8.72 -45.14 6.78
N ILE G 209 9.59 -44.13 6.70
CA ILE G 209 11.01 -44.34 6.97
C ILE G 209 11.18 -44.83 8.41
N ALA G 210 10.50 -44.17 9.34
CA ALA G 210 10.61 -44.51 10.76
C ALA G 210 10.08 -45.90 11.08
N LEU G 211 9.04 -46.34 10.39
CA LEU G 211 8.50 -47.67 10.69
C LEU G 211 9.50 -48.72 10.22
N VAL G 212 10.23 -48.43 9.15
CA VAL G 212 11.24 -49.38 8.68
C VAL G 212 12.41 -49.33 9.68
N ASN G 213 12.70 -48.14 10.22
CA ASN G 213 13.78 -48.03 11.23
C ASN G 213 13.41 -48.88 12.45
N ALA G 214 12.14 -48.78 12.86
CA ALA G 214 11.66 -49.52 14.03
C ALA G 214 11.84 -51.02 13.89
N HIS G 215 11.49 -51.54 12.72
CA HIS G 215 11.61 -52.98 12.47
C HIS G 215 13.07 -53.42 12.48
N ALA G 216 13.93 -52.66 11.80
CA ALA G 216 15.34 -52.97 11.73
C ALA G 216 15.99 -52.93 13.13
N CYS G 217 15.59 -51.95 13.95
CA CYS G 217 16.15 -51.85 15.30
C CYS G 217 15.79 -53.03 16.20
N ARG G 218 14.61 -53.59 16.00
CA ARG G 218 14.19 -54.73 16.81
C ARG G 218 15.13 -55.90 16.52
N HIS G 219 15.39 -56.16 15.24
CA HIS G 219 16.28 -57.25 14.88
C HIS G 219 17.71 -56.97 15.35
N LEU G 220 18.21 -55.77 15.11
CA LEU G 220 19.57 -55.44 15.54
C LEU G 220 19.69 -55.51 17.05
N GLY G 221 18.63 -55.15 17.76
CA GLY G 221 18.65 -55.22 19.21
C GLY G 221 18.76 -56.67 19.65
N ASN G 222 18.07 -57.57 18.96
CA ASN G 222 18.14 -58.99 19.30
C ASN G 222 19.54 -59.52 19.04
N TRP G 223 20.21 -58.99 18.02
CA TRP G 223 21.59 -59.41 17.71
C TRP G 223 22.55 -58.83 18.75
N ALA G 224 22.30 -57.59 19.17
CA ALA G 224 23.16 -56.96 20.17
C ALA G 224 23.14 -57.81 21.44
N VAL G 225 21.95 -58.32 21.79
CA VAL G 225 21.79 -59.15 22.97
C VAL G 225 22.46 -60.52 22.76
N ALA G 226 22.20 -61.12 21.61
CA ALA G 226 22.77 -62.43 21.30
C ALA G 226 24.29 -62.43 21.24
N LEU G 227 24.87 -61.38 20.68
CA LEU G 227 26.32 -61.30 20.60
C LEU G 227 26.96 -60.97 21.94
N THR G 228 26.29 -60.13 22.73
CA THR G 228 26.83 -59.81 24.05
C THR G 228 26.91 -61.11 24.83
N ALA G 229 25.86 -61.92 24.72
CA ALA G 229 25.80 -63.22 25.41
C ALA G 229 26.92 -64.15 24.92
N LEU G 230 27.12 -64.21 23.61
CA LEU G 230 28.16 -65.08 23.07
C LEU G 230 29.52 -64.54 23.49
N LEU G 231 29.65 -63.22 23.58
CA LEU G 231 30.91 -62.61 23.99
C LEU G 231 31.24 -63.14 25.39
N ALA G 232 30.22 -63.21 26.25
CA ALA G 232 30.38 -63.71 27.61
C ALA G 232 30.87 -65.17 27.60
N GLU G 233 30.39 -65.96 26.64
CA GLU G 233 30.81 -67.35 26.57
C GLU G 233 32.25 -67.48 26.07
N CYS G 234 32.73 -66.46 25.36
CA CYS G 234 34.10 -66.48 24.84
C CYS G 234 35.11 -65.88 25.80
N LEU G 235 34.62 -65.08 26.75
CA LEU G 235 35.51 -64.43 27.70
C LEU G 235 35.24 -64.80 29.16
N ARG G 236 34.52 -65.90 29.37
CA ARG G 236 34.18 -66.34 30.72
C ARG G 236 33.47 -65.24 31.53
N GLY G 237 32.52 -64.57 30.89
CA GLY G 237 31.79 -63.50 31.54
C GLY G 237 30.99 -63.95 32.75
N ARG G 238 30.78 -63.03 33.69
CA ARG G 238 30.03 -63.32 34.91
C ARG G 238 28.55 -63.01 34.78
N THR G 239 27.71 -64.03 34.96
CA THR G 239 26.26 -63.86 34.84
C THR G 239 25.59 -63.16 36.03
N GLU G 240 26.28 -63.03 37.16
CA GLU G 240 25.61 -62.40 38.29
C GLU G 240 25.27 -60.93 38.03
N ALA G 241 25.99 -60.31 37.10
CA ALA G 241 25.71 -58.91 36.75
C ALA G 241 24.36 -58.82 36.03
N TRP G 242 23.95 -59.93 35.42
CA TRP G 242 22.69 -59.98 34.67
C TRP G 242 21.54 -60.55 35.50
N ALA G 243 21.75 -60.70 36.81
CA ALA G 243 20.72 -61.26 37.68
C ALA G 243 19.43 -60.43 37.71
N ALA G 244 18.30 -61.12 37.75
CA ALA G 244 17.00 -60.44 37.79
C ALA G 244 16.90 -59.53 39.02
N ALA G 245 17.47 -59.98 40.14
CA ALA G 245 17.43 -59.20 41.37
C ALA G 245 17.97 -57.78 41.17
N LEU G 246 19.02 -57.65 40.36
CA LEU G 246 19.60 -56.34 40.09
C LEU G 246 18.62 -55.49 39.30
N SER G 247 17.94 -56.11 38.33
CA SER G 247 16.96 -55.41 37.52
C SER G 247 15.84 -54.86 38.39
N ASP G 248 15.38 -55.67 39.33
CA ASP G 248 14.30 -55.25 40.22
C ASP G 248 14.68 -54.04 41.07
N LEU G 249 15.97 -53.88 41.37
CA LEU G 249 16.42 -52.75 42.17
C LEU G 249 16.43 -51.45 41.38
N ARG G 250 16.52 -51.56 40.06
CA ARG G 250 16.50 -50.40 39.17
C ARG G 250 15.60 -50.84 38.02
N PRO G 251 14.29 -50.95 38.29
CA PRO G 251 13.22 -51.38 37.39
C PRO G 251 12.90 -50.67 36.07
N HIS G 252 13.91 -50.28 35.31
CA HIS G 252 13.65 -49.68 34.00
C HIS G 252 13.19 -50.90 33.16
N PRO G 253 12.03 -50.80 32.48
CA PRO G 253 11.52 -51.91 31.67
C PRO G 253 12.55 -52.48 30.68
N GLY G 254 13.18 -51.58 29.92
CA GLY G 254 14.16 -52.01 28.94
C GLY G 254 15.32 -52.77 29.55
N GLN G 255 15.74 -52.37 30.75
CA GLN G 255 16.86 -53.02 31.40
C GLN G 255 16.45 -54.40 31.88
N LYS G 256 15.28 -54.48 32.50
CA LYS G 256 14.79 -55.77 33.00
C LYS G 256 14.70 -56.75 31.84
N ASP G 257 14.21 -56.28 30.70
CA ASP G 257 14.05 -57.10 29.50
C ASP G 257 15.40 -57.53 28.94
N ALA G 258 16.34 -56.60 28.85
CA ALA G 258 17.66 -56.91 28.32
C ALA G 258 18.36 -57.97 29.18
N ALA G 259 18.32 -57.79 30.49
CA ALA G 259 18.95 -58.75 31.42
C ALA G 259 18.32 -60.13 31.28
N ALA G 260 16.99 -60.17 31.19
CA ALA G 260 16.27 -61.44 31.07
C ALA G 260 16.66 -62.14 29.77
N ARG G 261 16.73 -61.38 28.68
CA ARG G 261 17.09 -61.96 27.39
C ARG G 261 18.54 -62.44 27.38
N LEU G 262 19.42 -61.69 28.04
CA LEU G 262 20.82 -62.08 28.13
C LEU G 262 20.91 -63.39 28.90
N ARG G 263 20.20 -63.49 30.02
CA ARG G 263 20.22 -64.71 30.83
C ARG G 263 19.73 -65.89 30.00
N ALA G 264 18.69 -65.69 29.20
CA ALA G 264 18.15 -66.76 28.38
C ALA G 264 19.13 -67.23 27.32
N ARG G 265 19.87 -66.30 26.72
CA ARG G 265 20.84 -66.64 25.68
C ARG G 265 21.93 -67.57 26.21
N VAL G 266 22.37 -67.36 27.44
CA VAL G 266 23.43 -68.19 28.01
C VAL G 266 22.94 -69.35 28.87
N ASP G 267 21.63 -69.60 28.88
CA ASP G 267 21.12 -70.71 29.67
C ASP G 267 21.71 -72.01 29.10
N GLY G 268 22.21 -72.87 29.98
CA GLY G 268 22.78 -74.13 29.51
C GLY G 268 24.26 -74.04 29.18
N SER G 269 24.81 -72.82 29.23
CA SER G 269 26.22 -72.62 28.94
C SER G 269 27.11 -73.04 30.11
N ALA G 270 28.26 -73.64 29.78
CA ALA G 270 29.21 -74.06 30.81
C ALA G 270 30.46 -73.20 30.68
N ARG G 271 30.38 -72.17 29.82
CA ARG G 271 31.50 -71.28 29.57
C ARG G 271 31.42 -69.93 30.29
N VAL G 272 30.31 -69.68 30.98
CA VAL G 272 30.14 -68.43 31.72
C VAL G 272 30.32 -68.70 33.21
N VAL G 273 30.73 -67.68 33.96
CA VAL G 273 30.90 -67.82 35.41
C VAL G 273 29.57 -67.51 36.07
N ARG G 274 29.05 -68.45 36.84
CA ARG G 274 27.75 -68.25 37.49
C ARG G 274 27.83 -68.01 39.00
N HIS G 275 29.03 -68.17 39.56
CA HIS G 275 29.23 -67.98 40.99
C HIS G 275 29.05 -66.52 41.43
N VAL G 276 28.35 -66.32 42.54
CA VAL G 276 28.16 -64.99 43.08
C VAL G 276 29.41 -64.82 43.95
N ILE G 277 30.24 -63.83 43.65
CA ILE G 277 31.48 -63.68 44.40
C ILE G 277 31.34 -63.47 45.90
N ALA G 278 30.27 -62.81 46.34
CA ALA G 278 30.08 -62.55 47.76
C ALA G 278 29.80 -63.81 48.58
N GLU G 279 29.62 -64.95 47.91
CA GLU G 279 29.36 -66.20 48.62
C GLU G 279 30.66 -66.70 49.24
N ARG G 280 31.77 -66.26 48.69
CA ARG G 280 33.09 -66.65 49.16
C ARG G 280 33.54 -65.87 50.39
N ARG G 281 34.02 -66.59 51.41
CA ARG G 281 34.52 -65.97 52.62
C ARG G 281 36.04 -66.01 52.54
N LEU G 282 36.66 -64.83 52.67
CA LEU G 282 38.12 -64.74 52.59
C LEU G 282 38.84 -65.01 53.90
N ASP G 283 39.98 -65.68 53.79
CA ASP G 283 40.81 -65.97 54.96
C ASP G 283 42.05 -65.09 54.80
N ALA G 284 42.79 -64.90 55.89
CA ALA G 284 43.98 -64.06 55.84
C ALA G 284 44.92 -64.51 54.72
N GLY G 285 45.06 -65.82 54.55
CA GLY G 285 45.93 -66.35 53.53
C GLY G 285 45.56 -66.01 52.11
N ASP G 286 44.29 -65.64 51.88
CA ASP G 286 43.83 -65.30 50.54
C ASP G 286 44.20 -63.88 50.13
N ILE G 287 44.45 -63.01 51.12
CA ILE G 287 44.77 -61.61 50.86
C ILE G 287 46.03 -61.40 50.03
N GLY G 288 45.83 -60.77 48.88
CA GLY G 288 46.93 -60.47 47.96
C GLY G 288 46.33 -60.11 46.62
N THR G 289 47.12 -60.21 45.56
CA THR G 289 46.63 -59.89 44.24
C THR G 289 46.17 -61.15 43.52
N GLU G 290 44.90 -61.18 43.14
CA GLU G 290 44.35 -62.35 42.45
C GLU G 290 44.50 -62.21 40.94
N PRO G 291 44.49 -63.34 40.22
CA PRO G 291 44.62 -63.35 38.76
C PRO G 291 43.63 -62.44 38.03
N GLU G 292 42.36 -62.47 38.47
CA GLU G 292 41.34 -61.65 37.83
C GLU G 292 40.44 -60.95 38.86
N ALA G 293 39.88 -59.81 38.47
CA ALA G 293 38.99 -59.06 39.35
C ALA G 293 37.67 -59.82 39.46
N GLY G 294 36.92 -59.54 40.52
CA GLY G 294 35.65 -60.20 40.75
C GLY G 294 34.50 -59.72 39.86
N GLN G 295 34.73 -58.65 39.09
CA GLN G 295 33.68 -58.12 38.20
C GLN G 295 34.26 -57.93 36.80
N ASP G 296 33.39 -57.98 35.79
CA ASP G 296 33.84 -57.80 34.41
C ASP G 296 33.91 -56.33 34.00
N ALA G 297 34.54 -56.07 32.87
CA ALA G 297 34.64 -54.72 32.33
C ALA G 297 33.20 -54.36 31.95
N TYR G 298 32.94 -53.06 31.77
CA TYR G 298 31.61 -52.58 31.45
C TYR G 298 30.93 -53.15 30.20
N SER G 299 31.70 -53.41 29.14
CA SER G 299 31.10 -53.94 27.90
C SER G 299 30.31 -55.23 28.15
N LEU G 300 30.51 -55.84 29.32
CA LEU G 300 29.77 -57.05 29.69
C LEU G 300 28.89 -56.80 30.91
N ARG G 301 29.50 -56.29 31.98
CA ARG G 301 28.78 -56.03 33.23
C ARG G 301 27.65 -55.01 33.13
N CYS G 302 27.82 -53.99 32.29
CA CYS G 302 26.82 -52.94 32.15
C CYS G 302 25.96 -53.07 30.91
N ALA G 303 25.97 -54.24 30.29
CA ALA G 303 25.18 -54.47 29.09
C ALA G 303 23.67 -54.27 29.34
N PRO G 304 23.14 -54.81 30.44
CA PRO G 304 21.71 -54.65 30.72
C PRO G 304 21.30 -53.17 30.75
N GLN G 305 22.14 -52.36 31.39
CA GLN G 305 21.89 -50.93 31.53
C GLN G 305 22.02 -50.14 30.23
N VAL G 306 23.05 -50.46 29.45
CA VAL G 306 23.26 -49.78 28.18
C VAL G 306 22.23 -50.24 27.16
N LEU G 307 22.09 -51.55 26.99
CA LEU G 307 21.12 -52.09 26.05
C LEU G 307 19.70 -51.67 26.47
N GLY G 308 19.44 -51.72 27.78
CA GLY G 308 18.13 -51.35 28.29
C GLY G 308 17.72 -49.93 28.03
N ALA G 309 18.66 -48.99 28.13
CA ALA G 309 18.38 -47.59 27.88
C ALA G 309 18.03 -47.42 26.39
N GLY G 310 18.71 -48.17 25.54
CA GLY G 310 18.43 -48.10 24.12
C GLY G 310 17.05 -48.70 23.83
N PHE G 311 16.72 -49.80 24.49
CA PHE G 311 15.42 -50.43 24.29
C PHE G 311 14.29 -49.52 24.78
N ASP G 312 14.53 -48.78 25.85
CA ASP G 312 13.52 -47.87 26.36
C ASP G 312 13.31 -46.69 25.41
N THR G 313 14.36 -46.32 24.68
CA THR G 313 14.24 -45.22 23.73
C THR G 313 13.43 -45.74 22.54
N LEU G 314 13.72 -46.96 22.11
CA LEU G 314 12.99 -47.56 21.00
C LEU G 314 11.52 -47.73 21.37
N ALA G 315 11.26 -48.09 22.63
CA ALA G 315 9.88 -48.25 23.08
C ALA G 315 9.14 -46.92 22.95
N TRP G 316 9.80 -45.83 23.35
CA TRP G 316 9.18 -44.51 23.26
C TRP G 316 8.94 -44.16 21.80
N HIS G 317 9.97 -44.37 20.98
CA HIS G 317 9.90 -44.10 19.55
C HIS G 317 8.72 -44.86 18.93
N ASP G 318 8.58 -46.13 19.29
CA ASP G 318 7.50 -46.95 18.75
C ASP G 318 6.11 -46.52 19.24
N ARG G 319 6.00 -46.08 20.50
CA ARG G 319 4.72 -45.62 21.02
C ARG G 319 4.25 -44.40 20.22
N VAL G 320 5.16 -43.45 20.04
CA VAL G 320 4.85 -42.23 19.31
C VAL G 320 4.55 -42.53 17.84
N LEU G 321 5.35 -43.40 17.24
CA LEU G 321 5.17 -43.76 15.84
C LEU G 321 3.84 -44.47 15.60
N THR G 322 3.44 -45.31 16.53
CA THR G 322 2.18 -46.02 16.38
C THR G 322 1.02 -45.03 16.33
N ILE G 323 1.08 -44.00 17.18
CA ILE G 323 0.04 -43.00 17.17
C ILE G 323 0.07 -42.24 15.84
N GLU G 324 1.27 -41.83 15.40
CA GLU G 324 1.42 -41.10 14.15
C GLU G 324 0.93 -41.87 12.92
N LEU G 325 1.32 -43.14 12.85
CA LEU G 325 0.93 -43.99 11.74
C LEU G 325 -0.59 -44.12 11.62
N ASN G 326 -1.26 -44.20 12.76
CA ASN G 326 -2.71 -44.36 12.79
C ASN G 326 -3.51 -43.07 12.88
N ALA G 327 -2.83 -41.94 12.78
CA ALA G 327 -3.48 -40.64 12.87
C ALA G 327 -3.77 -40.08 11.48
N VAL G 328 -4.50 -38.97 11.46
CA VAL G 328 -4.80 -38.28 10.22
C VAL G 328 -3.91 -37.04 10.34
N THR G 329 -2.90 -36.96 9.48
CA THR G 329 -1.98 -35.83 9.51
C THR G 329 -2.24 -34.84 8.37
N ASP G 330 -3.41 -34.99 7.74
CA ASP G 330 -3.83 -34.14 6.63
C ASP G 330 -4.25 -32.73 7.01
N ASN G 331 -4.21 -31.84 6.02
CA ASN G 331 -4.69 -30.48 6.16
C ASN G 331 -5.12 -30.07 4.76
N PRO G 332 -6.39 -29.66 4.60
CA PRO G 332 -7.39 -29.56 5.66
C PRO G 332 -7.99 -30.95 5.88
N VAL G 333 -8.91 -31.04 6.83
CA VAL G 333 -9.58 -32.31 7.10
C VAL G 333 -11.08 -32.09 7.09
N PHE G 334 -11.83 -33.15 6.80
CA PHE G 334 -13.28 -33.09 6.74
C PHE G 334 -13.84 -33.97 7.86
N PRO G 335 -14.22 -33.36 9.00
CA PRO G 335 -14.76 -34.04 10.18
C PRO G 335 -15.87 -35.05 9.88
N PRO G 336 -15.65 -36.32 10.24
CA PRO G 336 -16.64 -37.39 10.00
C PRO G 336 -17.98 -37.13 10.70
N ASP G 337 -17.95 -36.39 11.81
CA ASP G 337 -19.17 -36.10 12.55
C ASP G 337 -20.02 -35.01 11.93
N GLY G 338 -19.51 -34.38 10.88
CA GLY G 338 -20.25 -33.33 10.20
C GLY G 338 -20.43 -32.04 10.98
N SER G 339 -19.69 -31.88 12.07
CA SER G 339 -19.79 -30.67 12.89
C SER G 339 -19.54 -29.41 12.05
N VAL G 340 -18.46 -29.41 11.28
CA VAL G 340 -18.13 -28.28 10.42
C VAL G 340 -17.75 -28.85 9.07
N PRO G 341 -17.81 -28.05 7.99
CA PRO G 341 -17.45 -28.56 6.66
C PRO G 341 -16.02 -29.05 6.58
N ALA G 342 -15.12 -28.33 7.22
CA ALA G 342 -13.70 -28.68 7.21
C ALA G 342 -12.95 -27.93 8.29
N LEU G 343 -11.77 -28.43 8.64
CA LEU G 343 -10.94 -27.79 9.65
C LEU G 343 -9.56 -27.53 9.06
N HIS G 344 -8.98 -26.38 9.37
CA HIS G 344 -7.64 -26.05 8.89
C HIS G 344 -6.72 -25.92 10.09
N GLY G 345 -5.58 -26.58 10.03
CA GLY G 345 -4.63 -26.54 11.12
C GLY G 345 -3.25 -26.98 10.66
N GLY G 346 -2.49 -27.62 11.55
CA GLY G 346 -1.17 -28.06 11.16
C GLY G 346 -0.80 -29.47 11.57
N ASN G 347 -1.71 -30.42 11.38
CA ASN G 347 -1.42 -31.79 11.76
C ASN G 347 -0.36 -32.45 10.89
N PHE G 348 0.14 -31.71 9.91
CA PHE G 348 1.20 -32.19 9.01
C PHE G 348 2.58 -31.88 9.58
N MET G 349 2.63 -31.13 10.68
CA MET G 349 3.91 -30.77 11.29
C MET G 349 4.51 -32.03 11.92
N GLY G 350 5.55 -32.56 11.30
CA GLY G 350 6.17 -33.79 11.79
C GLY G 350 7.14 -33.69 12.96
N GLN G 351 6.83 -32.86 13.95
CA GLN G 351 7.73 -32.71 15.07
C GLN G 351 7.88 -33.97 15.92
N HIS G 352 6.82 -34.76 16.03
CA HIS G 352 6.89 -35.99 16.81
C HIS G 352 7.84 -37.02 16.24
N VAL G 353 7.76 -37.24 14.94
CA VAL G 353 8.67 -38.22 14.34
C VAL G 353 10.08 -37.66 14.31
N ALA G 354 10.20 -36.33 14.19
CA ALA G 354 11.51 -35.70 14.16
C ALA G 354 12.25 -35.92 15.49
N LEU G 355 11.58 -35.61 16.60
CA LEU G 355 12.19 -35.77 17.91
C LEU G 355 12.47 -37.22 18.28
N THR G 356 11.56 -38.14 17.97
CA THR G 356 11.79 -39.54 18.30
C THR G 356 12.87 -40.13 17.41
N SER G 357 12.93 -39.70 16.15
CA SER G 357 13.96 -40.20 15.24
C SER G 357 15.33 -39.76 15.74
N ASP G 358 15.43 -38.50 16.14
CA ASP G 358 16.69 -37.98 16.65
C ASP G 358 17.12 -38.72 17.93
N ALA G 359 16.16 -39.01 18.81
CA ALA G 359 16.47 -39.71 20.05
C ALA G 359 16.94 -41.13 19.79
N LEU G 360 16.25 -41.82 18.88
CA LEU G 360 16.62 -43.18 18.52
C LEU G 360 18.00 -43.18 17.87
N ALA G 361 18.29 -42.19 17.04
CA ALA G 361 19.59 -42.09 16.38
C ALA G 361 20.70 -42.07 17.42
N THR G 362 20.49 -41.30 18.49
CA THR G 362 21.49 -41.21 19.55
C THR G 362 21.64 -42.57 20.24
N ALA G 363 20.51 -43.22 20.54
CA ALA G 363 20.54 -44.54 21.17
C ALA G 363 21.30 -45.54 20.30
N VAL G 364 21.02 -45.52 19.00
CA VAL G 364 21.68 -46.41 18.06
C VAL G 364 23.20 -46.18 18.06
N THR G 365 23.61 -44.92 18.05
CA THR G 365 25.03 -44.60 18.06
C THR G 365 25.68 -45.11 19.34
N VAL G 366 24.95 -45.00 20.45
CA VAL G 366 25.43 -45.49 21.75
C VAL G 366 25.57 -47.01 21.74
N LEU G 367 24.56 -47.71 21.24
CA LEU G 367 24.62 -49.17 21.22
C LEU G 367 25.68 -49.66 20.24
N ALA G 368 25.89 -48.91 19.16
CA ALA G 368 26.91 -49.29 18.18
C ALA G 368 28.27 -49.14 18.85
N GLY G 369 28.37 -48.14 19.73
CA GLY G 369 29.60 -47.92 20.47
C GLY G 369 29.90 -49.12 21.35
N LEU G 370 28.86 -49.66 21.98
CA LEU G 370 29.02 -50.84 22.84
C LEU G 370 29.57 -52.01 22.01
N ALA G 371 28.96 -52.25 20.85
CA ALA G 371 29.39 -53.34 19.99
C ALA G 371 30.84 -53.15 19.52
N GLU G 372 31.19 -51.91 19.21
CA GLU G 372 32.53 -51.60 18.74
C GLU G 372 33.56 -51.85 19.85
N ARG G 373 33.22 -51.54 21.09
CA ARG G 373 34.15 -51.77 22.18
C ARG G 373 34.24 -53.26 22.51
N GLN G 374 33.17 -53.99 22.24
CA GLN G 374 33.17 -55.43 22.50
C GLN G 374 34.12 -56.09 21.51
N ILE G 375 34.15 -55.58 20.28
CA ILE G 375 35.05 -56.10 19.25
C ILE G 375 36.47 -55.74 19.66
N ALA G 376 36.67 -54.49 20.06
CA ALA G 376 37.98 -54.00 20.48
C ALA G 376 38.56 -54.81 21.64
N ARG G 377 37.69 -55.29 22.53
CA ARG G 377 38.13 -56.08 23.67
C ARG G 377 38.42 -57.53 23.27
N LEU G 378 37.52 -58.10 22.49
CA LEU G 378 37.65 -59.48 22.04
C LEU G 378 38.88 -59.74 21.18
N THR G 379 39.28 -58.77 20.37
CA THR G 379 40.43 -58.93 19.48
C THR G 379 41.78 -58.51 20.06
N ASP G 380 41.76 -57.99 21.28
CA ASP G 380 42.97 -57.52 21.96
C ASP G 380 43.57 -58.65 22.81
N GLU G 381 44.74 -59.14 22.41
CA GLU G 381 45.38 -60.23 23.13
C GLU G 381 45.69 -59.93 24.60
N ARG G 382 45.72 -58.65 24.95
CA ARG G 382 45.98 -58.27 26.34
C ARG G 382 44.70 -58.28 27.17
N LEU G 383 43.56 -58.20 26.49
CA LEU G 383 42.28 -58.17 27.15
C LEU G 383 41.38 -59.39 26.92
N ASN G 384 41.66 -60.19 25.90
CA ASN G 384 40.81 -61.34 25.58
C ASN G 384 41.07 -62.67 26.29
N ARG G 385 41.79 -62.61 27.39
CA ARG G 385 42.06 -63.80 28.20
C ARG G 385 42.56 -65.08 27.51
N GLY G 386 43.66 -64.97 26.78
CA GLY G 386 44.23 -66.16 26.15
C GLY G 386 43.92 -66.43 24.69
N LEU G 387 43.05 -65.63 24.09
CA LEU G 387 42.72 -65.82 22.69
C LEU G 387 43.81 -65.22 21.83
N PRO G 388 43.98 -65.72 20.60
CA PRO G 388 45.01 -65.19 19.69
C PRO G 388 44.76 -63.72 19.36
N PRO G 389 45.82 -62.95 19.13
CA PRO G 389 45.62 -61.54 18.80
C PRO G 389 44.80 -61.42 17.52
N PHE G 390 43.71 -60.65 17.60
CA PHE G 390 42.84 -60.45 16.45
C PHE G 390 42.22 -61.73 15.93
N LEU G 391 42.18 -62.74 16.81
CA LEU G 391 41.59 -64.05 16.52
C LEU G 391 42.08 -64.71 15.24
N HIS G 392 43.34 -64.49 14.89
CA HIS G 392 43.90 -65.08 13.68
C HIS G 392 44.14 -66.58 13.86
N ARG G 393 44.27 -67.27 12.73
CA ARG G 393 44.59 -68.68 12.73
C ARG G 393 45.84 -68.76 11.87
N GLY G 394 46.60 -69.84 11.99
CA GLY G 394 47.83 -69.95 11.23
C GLY G 394 48.94 -69.22 11.97
N PRO G 395 50.14 -69.11 11.39
CA PRO G 395 51.25 -68.41 12.05
C PRO G 395 50.98 -66.94 12.36
N ALA G 396 51.27 -66.54 13.59
CA ALA G 396 51.08 -65.15 14.01
C ALA G 396 52.06 -64.27 13.22
N GLY G 397 51.66 -63.04 12.96
CA GLY G 397 52.51 -62.14 12.20
C GLY G 397 52.26 -62.31 10.71
N LEU G 398 52.39 -63.54 10.24
CA LEU G 398 52.16 -63.86 8.83
C LEU G 398 50.67 -63.64 8.58
N ASN G 399 49.86 -63.93 9.60
CA ASN G 399 48.41 -63.77 9.54
C ASN G 399 47.99 -62.74 10.58
N SER G 400 47.07 -61.85 10.20
CA SER G 400 46.60 -60.81 11.10
C SER G 400 45.12 -60.99 11.45
N GLY G 401 44.50 -62.02 10.91
CA GLY G 401 43.09 -62.29 11.20
C GLY G 401 42.12 -61.14 10.99
N PHE G 402 41.44 -60.74 12.05
CA PHE G 402 40.45 -59.66 12.01
C PHE G 402 41.01 -58.28 12.34
N MET G 403 42.33 -58.14 12.27
CA MET G 403 42.95 -56.85 12.59
C MET G 403 42.40 -55.71 11.72
N GLY G 404 42.15 -56.01 10.46
CA GLY G 404 41.62 -55.00 9.56
C GLY G 404 40.15 -54.71 9.84
N ALA G 405 39.37 -55.76 10.04
CA ALA G 405 37.94 -55.60 10.30
C ALA G 405 37.67 -54.80 11.58
N GLN G 406 38.55 -54.96 12.57
CA GLN G 406 38.39 -54.25 13.85
C GLN G 406 38.50 -52.74 13.65
N VAL G 407 39.47 -52.32 12.85
CA VAL G 407 39.65 -50.89 12.59
C VAL G 407 38.46 -50.39 11.76
N THR G 408 37.99 -51.22 10.85
CA THR G 408 36.83 -50.85 10.03
C THR G 408 35.61 -50.59 10.91
N ALA G 409 35.45 -51.39 11.96
CA ALA G 409 34.31 -51.18 12.87
C ALA G 409 34.46 -49.82 13.54
N THR G 410 35.67 -49.50 13.96
CA THR G 410 35.94 -48.22 14.60
C THR G 410 35.65 -47.08 13.63
N ALA G 411 36.03 -47.25 12.36
CA ALA G 411 35.79 -46.23 11.36
C ALA G 411 34.29 -45.98 11.13
N LEU G 412 33.51 -47.06 11.09
CA LEU G 412 32.07 -46.94 10.89
C LEU G 412 31.43 -46.19 12.05
N LEU G 413 31.88 -46.47 13.27
CA LEU G 413 31.36 -45.80 14.45
C LEU G 413 31.72 -44.31 14.44
N ALA G 414 32.97 -44.01 14.12
CA ALA G 414 33.40 -42.62 14.09
C ALA G 414 32.53 -41.81 13.13
N GLU G 415 32.23 -42.40 11.97
CA GLU G 415 31.40 -41.70 10.99
C GLU G 415 29.99 -41.46 11.53
N MET G 416 29.44 -42.45 12.25
CA MET G 416 28.12 -42.32 12.83
C MET G 416 28.08 -41.10 13.77
N ARG G 417 29.12 -40.97 14.58
CA ARG G 417 29.21 -39.88 15.55
C ARG G 417 29.29 -38.47 14.94
N ALA G 418 29.70 -38.38 13.68
CA ALA G 418 29.83 -37.09 13.03
C ALA G 418 28.50 -36.41 12.76
N THR G 419 27.43 -37.19 12.69
CA THR G 419 26.10 -36.64 12.41
C THR G 419 25.25 -36.58 13.67
N GLY G 420 24.64 -35.42 13.91
CA GLY G 420 23.81 -35.25 15.09
C GLY G 420 22.33 -35.09 14.76
N PRO G 421 21.52 -34.65 15.72
CA PRO G 421 20.07 -34.45 15.55
C PRO G 421 19.75 -33.55 14.36
N ALA G 422 18.65 -33.84 13.68
CA ALA G 422 18.24 -33.02 12.54
C ALA G 422 17.27 -31.91 12.96
N SER G 423 16.47 -32.19 13.99
CA SER G 423 15.44 -31.27 14.49
C SER G 423 15.83 -29.86 14.90
N ILE G 424 17.07 -29.69 15.35
CA ILE G 424 17.53 -28.39 15.82
C ILE G 424 17.89 -27.41 14.72
N HIS G 425 17.74 -27.83 13.46
CA HIS G 425 18.12 -26.97 12.35
C HIS G 425 16.98 -26.30 11.61
N SER G 426 15.87 -26.05 12.31
CA SER G 426 14.74 -25.40 11.68
C SER G 426 15.16 -24.06 11.12
N ILE G 427 14.68 -23.77 9.92
CA ILE G 427 14.97 -22.52 9.22
C ILE G 427 13.67 -21.98 8.65
N SER G 428 13.41 -20.69 8.86
CA SER G 428 12.21 -20.06 8.34
C SER G 428 12.24 -20.06 6.82
N THR G 429 11.20 -20.62 6.20
CA THR G 429 11.15 -20.70 4.74
C THR G 429 9.74 -20.47 4.17
N ASN G 430 9.56 -20.63 2.86
CA ASN G 430 8.27 -20.42 2.23
C ASN G 430 7.79 -18.99 2.50
N ALA G 431 8.66 -18.02 2.24
CA ALA G 431 8.35 -16.60 2.46
C ALA G 431 7.90 -16.35 3.90
N ALA G 432 8.55 -17.03 4.83
CA ALA G 432 8.27 -16.92 6.26
C ALA G 432 6.95 -17.55 6.71
N ASN G 433 6.19 -18.13 5.78
CA ASN G 433 4.93 -18.78 6.14
C ASN G 433 5.25 -20.02 6.98
N GLN G 434 6.28 -20.75 6.58
CA GLN G 434 6.69 -21.93 7.33
C GLN G 434 7.87 -21.45 8.19
N ASP G 435 7.61 -20.56 9.15
CA ASP G 435 8.70 -20.04 9.95
C ASP G 435 9.36 -21.02 10.91
N VAL G 436 8.74 -22.18 11.08
CA VAL G 436 9.30 -23.29 11.88
C VAL G 436 8.96 -24.55 11.10
N VAL G 437 9.93 -25.46 10.96
CA VAL G 437 9.72 -26.71 10.22
C VAL G 437 10.31 -27.86 11.04
N SER G 438 9.74 -29.05 10.92
CA SER G 438 10.20 -30.19 11.71
C SER G 438 11.47 -30.91 11.27
N LEU G 439 11.66 -31.03 9.96
CA LEU G 439 12.81 -31.75 9.41
C LEU G 439 12.73 -33.22 9.82
N GLY G 440 11.51 -33.69 10.07
CA GLY G 440 11.31 -35.07 10.51
C GLY G 440 11.75 -36.13 9.51
N THR G 441 11.63 -35.82 8.22
CA THR G 441 12.03 -36.75 7.18
C THR G 441 13.54 -36.91 7.19
N ILE G 442 14.25 -35.80 7.35
CA ILE G 442 15.71 -35.84 7.40
C ILE G 442 16.14 -36.60 8.66
N ALA G 443 15.44 -36.33 9.76
CA ALA G 443 15.74 -37.00 11.02
C ALA G 443 15.62 -38.52 10.89
N ALA G 444 14.54 -38.99 10.26
CA ALA G 444 14.34 -40.42 10.08
C ALA G 444 15.39 -41.03 9.14
N ARG G 445 15.76 -40.28 8.11
CA ARG G 445 16.76 -40.77 7.16
C ARG G 445 18.14 -40.85 7.80
N LEU G 446 18.48 -39.88 8.65
CA LEU G 446 19.77 -39.87 9.33
C LEU G 446 19.83 -41.04 10.31
N CYS G 447 18.71 -41.31 10.95
CA CYS G 447 18.64 -42.42 11.90
C CYS G 447 18.83 -43.73 11.13
N ARG G 448 18.24 -43.81 9.93
CA ARG G 448 18.37 -44.99 9.10
C ARG G 448 19.83 -45.27 8.76
N GLU G 449 20.57 -44.22 8.42
CA GLU G 449 21.99 -44.40 8.08
C GLU G 449 22.76 -44.97 9.26
N LYS G 450 22.47 -44.47 10.46
CA LYS G 450 23.16 -44.97 11.66
C LYS G 450 22.81 -46.42 11.91
N ILE G 451 21.55 -46.77 11.64
CA ILE G 451 21.10 -48.14 11.81
C ILE G 451 21.87 -49.04 10.84
N ASP G 452 22.07 -48.58 9.61
CA ASP G 452 22.82 -49.38 8.64
C ASP G 452 24.26 -49.59 9.10
N ARG G 453 24.86 -48.54 9.67
CA ARG G 453 26.23 -48.62 10.16
C ARG G 453 26.29 -49.60 11.34
N TRP G 454 25.29 -49.53 12.21
CA TRP G 454 25.21 -50.41 13.38
C TRP G 454 25.14 -51.87 12.91
N ALA G 455 24.39 -52.12 11.84
CA ALA G 455 24.27 -53.48 11.32
C ALA G 455 25.64 -54.01 10.87
N GLU G 456 26.45 -53.13 10.30
CA GLU G 456 27.78 -53.53 9.83
C GLU G 456 28.74 -53.80 10.99
N ILE G 457 28.66 -53.00 12.05
CA ILE G 457 29.51 -53.20 13.20
C ILE G 457 29.15 -54.53 13.88
N LEU G 458 27.85 -54.79 14.00
CA LEU G 458 27.38 -56.03 14.60
C LEU G 458 27.80 -57.24 13.75
N ALA G 459 27.80 -57.08 12.42
CA ALA G 459 28.19 -58.17 11.54
C ALA G 459 29.65 -58.52 11.80
N ILE G 460 30.49 -57.49 11.96
CA ILE G 460 31.90 -57.71 12.23
C ILE G 460 32.02 -58.44 13.57
N LEU G 461 31.32 -57.95 14.58
CA LEU G 461 31.33 -58.59 15.90
C LEU G 461 30.87 -60.05 15.80
N ALA G 462 29.86 -60.30 14.98
CA ALA G 462 29.34 -61.67 14.81
C ALA G 462 30.38 -62.59 14.19
N LEU G 463 31.09 -62.10 13.18
CA LEU G 463 32.12 -62.91 12.52
C LEU G 463 33.26 -63.17 13.51
N CYS G 464 33.64 -62.15 14.28
CA CYS G 464 34.71 -62.31 15.27
C CYS G 464 34.31 -63.33 16.32
N LEU G 465 33.06 -63.28 16.77
CA LEU G 465 32.58 -64.20 17.79
C LEU G 465 32.49 -65.64 17.33
N ALA G 466 32.16 -65.85 16.06
CA ALA G 466 32.07 -67.20 15.53
C ALA G 466 33.48 -67.80 15.58
N GLN G 467 34.47 -67.00 15.18
CA GLN G 467 35.85 -67.45 15.20
C GLN G 467 36.34 -67.64 16.64
N ALA G 468 36.01 -66.69 17.50
CA ALA G 468 36.42 -66.76 18.90
C ALA G 468 35.83 -67.99 19.59
N ALA G 469 34.57 -68.28 19.30
CA ALA G 469 33.89 -69.43 19.91
C ALA G 469 34.62 -70.73 19.58
N GLU G 470 34.98 -70.89 18.31
CA GLU G 470 35.68 -72.09 17.87
C GLU G 470 37.11 -72.16 18.42
N LEU G 471 37.78 -71.01 18.53
CA LEU G 471 39.14 -70.97 19.04
C LEU G 471 39.15 -71.30 20.53
N ARG G 472 38.13 -70.81 21.25
CA ARG G 472 38.03 -71.06 22.67
C ARG G 472 37.48 -72.43 23.02
N CYS G 473 36.45 -72.87 22.31
CA CYS G 473 35.80 -74.13 22.62
C CYS G 473 35.97 -75.27 21.62
N GLY G 474 36.74 -75.04 20.56
CA GLY G 474 36.95 -76.07 19.56
C GLY G 474 35.82 -76.03 18.55
N SER G 475 36.02 -76.67 17.40
CA SER G 475 35.00 -76.70 16.35
C SER G 475 33.68 -77.27 16.86
N GLY G 476 33.76 -78.16 17.85
CA GLY G 476 32.56 -78.76 18.42
C GLY G 476 31.83 -77.82 19.38
N LEU G 477 32.45 -76.67 19.68
CA LEU G 477 31.86 -75.69 20.58
C LEU G 477 31.46 -76.30 21.92
N ASP G 478 32.39 -77.01 22.55
CA ASP G 478 32.13 -77.66 23.83
C ASP G 478 31.83 -76.66 24.94
N GLY G 479 30.74 -76.91 25.67
CA GLY G 479 30.37 -76.03 26.75
C GLY G 479 29.55 -74.81 26.33
N VAL G 480 29.43 -74.58 25.03
CA VAL G 480 28.66 -73.43 24.55
C VAL G 480 27.17 -73.71 24.68
N SER G 481 26.42 -72.69 25.06
CA SER G 481 24.97 -72.80 25.23
C SER G 481 24.28 -73.24 23.94
N PRO G 482 23.11 -73.87 24.06
CA PRO G 482 22.38 -74.31 22.88
C PRO G 482 22.10 -73.14 21.93
N ALA G 483 21.75 -71.98 22.50
CA ALA G 483 21.47 -70.80 21.70
C ALA G 483 22.74 -70.32 20.99
N GLY G 484 23.85 -70.33 21.71
CA GLY G 484 25.11 -69.90 21.14
C GLY G 484 25.55 -70.82 20.01
N LYS G 485 25.42 -72.13 20.23
CA LYS G 485 25.80 -73.12 19.23
C LYS G 485 24.97 -72.92 17.97
N LYS G 486 23.66 -72.79 18.15
CA LYS G 486 22.74 -72.61 17.03
C LYS G 486 23.12 -71.38 16.22
N LEU G 487 23.50 -70.30 16.89
CA LEU G 487 23.87 -69.07 16.21
C LEU G 487 25.16 -69.26 15.40
N VAL G 488 26.17 -69.85 16.01
CA VAL G 488 27.44 -70.06 15.31
C VAL G 488 27.27 -71.01 14.12
N GLN G 489 26.56 -72.10 14.32
CA GLN G 489 26.34 -73.07 13.24
C GLN G 489 25.60 -72.42 12.07
N ALA G 490 24.65 -71.55 12.36
CA ALA G 490 23.89 -70.87 11.32
C ALA G 490 24.79 -69.93 10.52
N LEU G 491 25.67 -69.22 11.21
CA LEU G 491 26.60 -68.32 10.54
C LEU G 491 27.55 -69.12 9.65
N ARG G 492 28.04 -70.23 10.19
CA ARG G 492 28.97 -71.09 9.46
C ARG G 492 28.36 -71.73 8.21
N GLU G 493 27.04 -71.67 8.08
CA GLU G 493 26.40 -72.23 6.91
C GLU G 493 26.68 -71.35 5.70
N GLN G 494 26.99 -70.08 5.95
CA GLN G 494 27.27 -69.14 4.86
C GLN G 494 28.63 -68.47 4.98
N PHE G 495 29.18 -68.44 6.19
CA PHE G 495 30.46 -67.80 6.42
C PHE G 495 31.46 -68.77 7.04
N PRO G 496 32.45 -69.23 6.25
CA PRO G 496 33.46 -70.16 6.72
C PRO G 496 34.45 -69.55 7.72
N PRO G 497 35.10 -70.40 8.53
CA PRO G 497 36.06 -69.93 9.52
C PRO G 497 37.22 -69.21 8.84
N LEU G 498 37.92 -68.37 9.59
CA LEU G 498 39.06 -67.64 9.04
C LEU G 498 40.33 -68.43 9.38
N GLU G 499 40.66 -69.39 8.52
CA GLU G 499 41.84 -70.22 8.72
C GLU G 499 43.10 -69.53 8.23
N THR G 500 42.92 -68.59 7.32
CA THR G 500 44.01 -67.79 6.78
C THR G 500 43.40 -66.47 6.35
N ASP G 501 44.18 -65.40 6.38
CA ASP G 501 43.69 -64.08 6.01
C ASP G 501 43.04 -64.01 4.64
N ARG G 502 41.88 -63.35 4.57
CA ARG G 502 41.15 -63.18 3.32
C ARG G 502 40.29 -61.93 3.37
N PRO G 503 39.92 -61.38 2.20
CA PRO G 503 39.08 -60.17 2.15
C PRO G 503 37.74 -60.43 2.84
N LEU G 504 37.37 -59.57 3.79
CA LEU G 504 36.13 -59.74 4.54
C LEU G 504 35.04 -58.73 4.21
N GLY G 505 35.38 -57.69 3.47
CA GLY G 505 34.41 -56.67 3.11
C GLY G 505 33.07 -57.15 2.59
N GLN G 506 33.08 -58.04 1.60
CA GLN G 506 31.83 -58.54 1.04
C GLN G 506 31.03 -59.39 2.02
N GLU G 507 31.73 -60.17 2.84
CA GLU G 507 31.05 -61.00 3.83
C GLU G 507 30.38 -60.13 4.88
N ILE G 508 31.06 -59.06 5.26
CA ILE G 508 30.52 -58.12 6.26
C ILE G 508 29.23 -57.48 5.71
N ALA G 509 29.30 -56.98 4.48
CA ALA G 509 28.16 -56.34 3.85
C ALA G 509 26.99 -57.31 3.70
N ALA G 510 27.27 -58.54 3.29
CA ALA G 510 26.23 -59.54 3.11
C ALA G 510 25.56 -59.90 4.44
N LEU G 511 26.36 -60.09 5.49
CA LEU G 511 25.82 -60.44 6.79
C LEU G 511 25.03 -59.27 7.38
N ALA G 512 25.50 -58.05 7.18
CA ALA G 512 24.80 -56.87 7.69
C ALA G 512 23.38 -56.81 7.14
N THR G 513 23.25 -57.14 5.85
CA THR G 513 21.95 -57.13 5.19
C THR G 513 21.00 -58.11 5.88
N HIS G 514 21.56 -59.24 6.31
CA HIS G 514 20.79 -60.28 6.99
C HIS G 514 20.34 -59.84 8.40
N LEU G 515 21.27 -59.28 9.16
CA LEU G 515 20.98 -58.84 10.53
C LEU G 515 19.81 -57.87 10.60
N LEU G 516 19.67 -57.04 9.56
CA LEU G 516 18.59 -56.06 9.52
C LEU G 516 17.20 -56.64 9.29
N GLN G 517 17.14 -57.86 8.76
CA GLN G 517 15.86 -58.49 8.44
C GLN G 517 15.46 -59.72 9.26
N GLN G 518 16.41 -60.33 9.95
CA GLN G 518 16.12 -61.51 10.75
C GLN G 518 16.91 -61.51 12.05
N SER G 519 16.33 -62.12 13.08
CA SER G 519 16.98 -62.21 14.39
C SER G 519 17.57 -63.60 14.57
N PRO G 520 18.48 -63.76 15.54
CA PRO G 520 19.10 -65.06 15.79
C PRO G 520 18.18 -65.96 16.61
N VAL G 521 17.53 -66.91 15.95
CA VAL G 521 16.62 -67.82 16.63
C VAL G 521 16.82 -69.24 16.07
N LYS H 8 46.06 -35.73 -26.57
CA LYS H 8 45.67 -35.49 -25.16
C LYS H 8 46.83 -34.90 -24.36
N PRO H 9 46.58 -33.79 -23.64
CA PRO H 9 47.60 -33.13 -22.83
C PRO H 9 48.39 -34.13 -22.00
N ALA H 10 49.66 -33.85 -21.76
CA ALA H 10 50.49 -34.75 -20.98
C ALA H 10 51.15 -34.05 -19.80
N VAL H 11 50.90 -34.57 -18.61
CA VAL H 11 51.49 -34.00 -17.41
C VAL H 11 52.75 -34.79 -17.10
N GLU H 12 53.90 -34.12 -17.12
CA GLU H 12 55.15 -34.77 -16.83
C GLU H 12 55.48 -34.60 -15.36
N LEU H 13 55.42 -35.71 -14.63
CA LEU H 13 55.68 -35.70 -13.19
C LEU H 13 57.14 -35.91 -12.86
N ASP H 14 57.69 -34.98 -12.09
CA ASP H 14 59.08 -35.07 -11.64
C ASP H 14 59.03 -35.06 -10.11
N ARG H 15 58.93 -33.87 -9.53
CA ARG H 15 58.85 -33.73 -8.08
C ARG H 15 57.56 -33.07 -7.61
N HIS H 16 57.14 -32.02 -8.30
CA HIS H 16 55.96 -31.28 -7.92
C HIS H 16 54.86 -31.26 -8.98
N ILE H 17 53.61 -31.30 -8.52
CA ILE H 17 52.45 -31.24 -9.38
C ILE H 17 51.42 -30.39 -8.64
N ASP H 18 50.83 -29.40 -9.33
CA ASP H 18 49.84 -28.56 -8.66
C ASP H 18 48.46 -29.22 -8.69
N LEU H 19 47.52 -28.66 -7.93
CA LEU H 19 46.18 -29.23 -7.87
C LEU H 19 45.47 -29.33 -9.21
N ASP H 20 45.62 -28.32 -10.07
CA ASP H 20 44.97 -28.36 -11.38
C ASP H 20 45.49 -29.51 -12.25
N GLN H 21 46.80 -29.69 -12.26
CA GLN H 21 47.41 -30.77 -13.04
C GLN H 21 46.91 -32.11 -12.51
N ALA H 22 46.86 -32.23 -11.18
CA ALA H 22 46.42 -33.46 -10.55
C ALA H 22 44.99 -33.81 -10.94
N HIS H 23 44.10 -32.82 -10.93
CA HIS H 23 42.71 -33.08 -11.29
C HIS H 23 42.58 -33.38 -12.78
N ALA H 24 43.43 -32.76 -13.59
CA ALA H 24 43.42 -32.99 -15.02
C ALA H 24 43.70 -34.46 -15.29
N VAL H 25 44.68 -35.02 -14.59
CA VAL H 25 45.02 -36.43 -14.75
C VAL H 25 43.93 -37.32 -14.17
N ALA H 26 43.49 -36.99 -12.95
CA ALA H 26 42.45 -37.79 -12.29
C ALA H 26 41.16 -37.86 -13.10
N SER H 27 40.77 -36.73 -13.69
CA SER H 27 39.54 -36.67 -14.48
C SER H 27 39.72 -37.15 -15.92
N GLY H 28 40.91 -37.65 -16.24
CA GLY H 28 41.18 -38.15 -17.58
C GLY H 28 41.39 -37.08 -18.64
N GLY H 29 41.53 -35.83 -18.22
CA GLY H 29 41.75 -34.75 -19.17
C GLY H 29 43.18 -34.72 -19.68
N ALA H 30 44.09 -35.33 -18.95
CA ALA H 30 45.49 -35.36 -19.35
C ALA H 30 46.14 -36.68 -19.01
N ARG H 31 47.15 -37.06 -19.78
CA ARG H 31 47.88 -38.30 -19.54
C ARG H 31 48.98 -37.97 -18.54
N ILE H 32 49.56 -39.00 -17.95
CA ILE H 32 50.62 -38.79 -16.97
C ILE H 32 51.90 -39.47 -17.45
N VAL H 33 53.02 -38.78 -17.33
CA VAL H 33 54.31 -39.31 -17.74
C VAL H 33 55.34 -39.04 -16.64
N LEU H 34 56.16 -40.04 -16.34
CA LEU H 34 57.18 -39.89 -15.34
C LEU H 34 58.42 -39.27 -15.99
N ALA H 35 58.86 -38.13 -15.47
CA ALA H 35 60.03 -37.45 -16.02
C ALA H 35 61.28 -38.30 -15.78
N PRO H 36 62.28 -38.17 -16.67
CA PRO H 36 63.53 -38.92 -16.56
C PRO H 36 64.16 -38.89 -15.17
N PRO H 37 64.29 -37.70 -14.58
CA PRO H 37 64.88 -37.57 -13.24
C PRO H 37 64.10 -38.36 -12.19
N ALA H 38 62.77 -38.35 -12.30
CA ALA H 38 61.92 -39.09 -11.38
C ALA H 38 62.12 -40.60 -11.58
N ARG H 39 62.21 -41.02 -12.83
CA ARG H 39 62.42 -42.44 -13.11
C ARG H 39 63.71 -42.93 -12.49
N ASP H 40 64.75 -42.10 -12.58
CA ASP H 40 66.05 -42.46 -12.02
C ASP H 40 66.02 -42.52 -10.50
N ARG H 41 65.36 -41.54 -9.86
CA ARG H 41 65.27 -41.54 -8.41
C ARG H 41 64.53 -42.79 -7.94
N CYS H 42 63.52 -43.19 -8.70
CA CYS H 42 62.75 -44.38 -8.35
C CYS H 42 63.55 -45.66 -8.53
N ARG H 43 64.34 -45.72 -9.59
CA ARG H 43 65.17 -46.91 -9.82
C ARG H 43 66.16 -47.03 -8.68
N ALA H 44 66.69 -45.89 -8.25
CA ALA H 44 67.66 -45.87 -7.16
C ALA H 44 67.02 -46.33 -5.86
N SER H 45 65.73 -45.99 -5.68
CA SER H 45 65.02 -46.39 -4.47
C SER H 45 64.72 -47.89 -4.53
N GLU H 46 64.39 -48.36 -5.73
CA GLU H 46 64.11 -49.78 -5.93
C GLU H 46 65.36 -50.57 -5.54
N ALA H 47 66.52 -50.05 -5.90
CA ALA H 47 67.79 -50.69 -5.58
C ALA H 47 68.02 -50.70 -4.07
N ARG H 48 67.73 -49.59 -3.41
CA ARG H 48 67.90 -49.51 -1.96
C ARG H 48 67.02 -50.51 -1.24
N LEU H 49 65.79 -50.70 -1.74
CA LEU H 49 64.89 -51.66 -1.12
C LEU H 49 65.49 -53.07 -1.27
N GLY H 50 66.02 -53.37 -2.45
CA GLY H 50 66.62 -54.66 -2.68
C GLY H 50 67.78 -54.93 -1.74
N ALA H 51 68.56 -53.89 -1.46
CA ALA H 51 69.70 -54.01 -0.56
C ALA H 51 69.21 -54.25 0.87
N VAL H 52 68.21 -53.50 1.28
CA VAL H 52 67.63 -53.61 2.61
C VAL H 52 67.21 -55.05 2.86
N ILE H 53 66.56 -55.63 1.87
CA ILE H 53 66.09 -57.00 1.95
C ILE H 53 67.26 -57.96 1.95
N ARG H 54 68.25 -57.66 1.12
CA ARG H 54 69.45 -58.49 1.01
C ARG H 54 70.23 -58.49 2.33
N GLU H 55 70.36 -57.32 2.95
CA GLU H 55 71.09 -57.19 4.21
C GLU H 55 70.30 -57.64 5.44
N ALA H 56 69.06 -58.05 5.24
CA ALA H 56 68.21 -58.52 6.33
C ALA H 56 67.98 -57.45 7.40
N ARG H 57 67.80 -56.21 6.96
CA ARG H 57 67.55 -55.11 7.90
C ARG H 57 66.21 -55.26 8.60
N HIS H 58 66.16 -54.86 9.87
CA HIS H 58 64.92 -54.93 10.65
C HIS H 58 64.01 -53.80 10.13
N VAL H 59 63.09 -54.15 9.24
CA VAL H 59 62.17 -53.17 8.67
C VAL H 59 60.73 -53.65 8.68
N TYR H 60 59.84 -52.75 9.09
CA TYR H 60 58.41 -53.03 9.16
C TYR H 60 57.89 -53.49 7.80
N GLY H 61 57.16 -54.61 7.78
CA GLY H 61 56.60 -55.10 6.53
C GLY H 61 57.54 -55.93 5.68
N LEU H 62 58.82 -55.95 6.02
CA LEU H 62 59.81 -56.72 5.27
C LEU H 62 60.33 -57.87 6.13
N THR H 63 60.35 -57.67 7.45
CA THR H 63 60.81 -58.70 8.37
C THR H 63 59.99 -58.72 9.66
N THR H 64 58.81 -58.10 9.62
CA THR H 64 57.96 -58.05 10.80
C THR H 64 56.48 -58.16 10.45
N GLY H 65 55.67 -58.47 11.44
CA GLY H 65 54.24 -58.55 11.24
C GLY H 65 53.73 -57.13 11.14
N PHE H 66 52.42 -56.93 11.18
CA PHE H 66 51.85 -55.60 11.06
C PHE H 66 51.17 -55.11 12.34
N GLY H 67 51.06 -53.80 12.48
CA GLY H 67 50.43 -53.23 13.66
C GLY H 67 51.11 -53.71 14.93
N PRO H 68 50.33 -54.14 15.95
CA PRO H 68 50.89 -54.64 17.21
C PRO H 68 51.59 -55.97 17.04
N LEU H 69 51.39 -56.60 15.87
CA LEU H 69 52.01 -57.89 15.58
C LEU H 69 53.42 -57.75 15.01
N ALA H 70 53.92 -56.51 14.98
CA ALA H 70 55.24 -56.24 14.44
C ALA H 70 56.34 -56.82 15.32
N ASN H 71 56.01 -57.20 16.55
CA ASN H 71 57.00 -57.79 17.45
C ASN H 71 57.30 -59.22 17.00
N ARG H 72 56.52 -59.71 16.06
CA ARG H 72 56.72 -61.04 15.50
C ARG H 72 57.61 -60.88 14.27
N LEU H 73 58.88 -61.26 14.39
CA LEU H 73 59.80 -61.13 13.26
C LEU H 73 59.53 -62.22 12.23
N ILE H 74 59.69 -61.87 10.95
CA ILE H 74 59.44 -62.80 9.86
C ILE H 74 60.67 -63.03 8.97
N SER H 75 60.86 -64.28 8.58
CA SER H 75 61.98 -64.69 7.74
C SER H 75 61.71 -64.39 6.26
N GLY H 76 62.76 -64.05 5.53
CA GLY H 76 62.59 -63.69 4.13
C GLY H 76 61.82 -64.68 3.29
N GLU H 77 61.93 -65.97 3.61
CA GLU H 77 61.23 -66.99 2.86
C GLU H 77 59.72 -66.81 2.84
N ASN H 78 59.20 -66.12 3.84
CA ASN H 78 57.76 -65.94 3.92
C ASN H 78 57.27 -64.50 3.72
N VAL H 79 58.13 -63.62 3.24
CA VAL H 79 57.73 -62.21 3.04
C VAL H 79 56.66 -62.03 1.96
N ARG H 80 56.74 -62.84 0.89
CA ARG H 80 55.76 -62.75 -0.19
C ARG H 80 54.36 -63.09 0.36
N THR H 81 54.27 -64.13 1.19
CA THR H 81 53.01 -64.55 1.79
C THR H 81 52.52 -63.47 2.76
N LEU H 82 53.46 -62.91 3.52
CA LEU H 82 53.17 -61.85 4.48
C LEU H 82 52.46 -60.67 3.81
N GLN H 83 53.06 -60.16 2.75
CA GLN H 83 52.48 -59.03 2.04
C GLN H 83 51.20 -59.40 1.30
N ALA H 84 51.08 -60.66 0.91
CA ALA H 84 49.87 -61.11 0.23
C ALA H 84 48.74 -61.10 1.27
N ASN H 85 49.05 -61.52 2.49
CA ASN H 85 48.04 -61.54 3.54
C ASN H 85 47.70 -60.12 3.99
N LEU H 86 48.66 -59.20 3.86
CA LEU H 86 48.45 -57.82 4.24
C LEU H 86 47.30 -57.25 3.40
N VAL H 87 47.39 -57.45 2.09
CA VAL H 87 46.37 -56.97 1.17
C VAL H 87 45.02 -57.61 1.51
N HIS H 88 45.08 -58.89 1.91
CA HIS H 88 43.90 -59.66 2.27
C HIS H 88 43.14 -59.18 3.52
N PHE H 89 43.81 -59.16 4.67
CA PHE H 89 43.13 -58.77 5.90
C PHE H 89 42.68 -57.32 5.93
N LEU H 90 43.26 -56.50 5.06
CA LEU H 90 42.91 -55.08 4.99
C LEU H 90 41.72 -54.79 4.09
N ALA H 91 41.38 -55.74 3.23
CA ALA H 91 40.27 -55.58 2.30
C ALA H 91 38.92 -55.82 2.97
N SER H 92 38.66 -55.07 4.03
CA SER H 92 37.41 -55.20 4.77
C SER H 92 36.53 -53.96 4.57
N GLY H 93 36.77 -53.26 3.48
CA GLY H 93 35.99 -52.06 3.18
C GLY H 93 34.55 -52.34 2.80
N VAL H 94 33.68 -51.40 3.13
CA VAL H 94 32.25 -51.52 2.80
C VAL H 94 31.73 -50.16 2.35
N GLY H 95 30.49 -50.13 1.89
CA GLY H 95 29.89 -48.87 1.46
C GLY H 95 30.01 -48.61 -0.03
N PRO H 96 29.32 -47.58 -0.54
CA PRO H 96 29.39 -47.26 -1.97
C PRO H 96 30.83 -46.99 -2.40
N VAL H 97 31.16 -47.40 -3.62
CA VAL H 97 32.52 -47.19 -4.11
C VAL H 97 32.78 -45.72 -4.39
N LEU H 98 34.05 -45.33 -4.35
CA LEU H 98 34.43 -43.96 -4.64
C LEU H 98 34.12 -43.74 -6.11
N ASP H 99 33.73 -42.52 -6.49
CA ASP H 99 33.43 -42.26 -7.88
C ASP H 99 34.69 -42.34 -8.73
N TRP H 100 34.50 -42.58 -10.02
CA TRP H 100 35.58 -42.72 -10.99
C TRP H 100 36.73 -41.73 -10.80
N THR H 101 36.43 -40.43 -10.82
CA THR H 101 37.46 -39.41 -10.67
C THR H 101 38.21 -39.46 -9.34
N THR H 102 37.48 -39.67 -8.25
CA THR H 102 38.08 -39.72 -6.92
C THR H 102 38.99 -40.93 -6.75
N ALA H 103 38.54 -42.10 -7.19
CA ALA H 103 39.33 -43.31 -7.09
C ALA H 103 40.64 -43.15 -7.86
N ARG H 104 40.58 -42.46 -8.99
CA ARG H 104 41.78 -42.22 -9.79
C ARG H 104 42.68 -41.20 -9.12
N ALA H 105 42.08 -40.25 -8.41
CA ALA H 105 42.86 -39.24 -7.70
C ALA H 105 43.67 -39.93 -6.61
N MET H 106 43.10 -40.97 -6.01
CA MET H 106 43.77 -41.74 -4.97
C MET H 106 44.98 -42.47 -5.56
N VAL H 107 44.79 -43.09 -6.72
CA VAL H 107 45.88 -43.79 -7.37
C VAL H 107 46.98 -42.78 -7.67
N LEU H 108 46.59 -41.62 -8.15
CA LEU H 108 47.54 -40.57 -8.48
C LEU H 108 48.31 -40.11 -7.25
N ALA H 109 47.61 -39.94 -6.14
CA ALA H 109 48.24 -39.49 -4.90
C ALA H 109 49.35 -40.46 -4.46
N ARG H 110 49.09 -41.75 -4.58
CA ARG H 110 50.08 -42.75 -4.21
C ARG H 110 51.28 -42.66 -5.17
N LEU H 111 50.99 -42.42 -6.44
CA LEU H 111 52.03 -42.31 -7.47
C LEU H 111 52.95 -41.12 -7.22
N VAL H 112 52.36 -39.97 -6.89
CA VAL H 112 53.15 -38.76 -6.64
C VAL H 112 54.07 -38.97 -5.45
N SER H 113 53.58 -39.66 -4.43
CA SER H 113 54.38 -39.93 -3.25
C SER H 113 55.55 -40.83 -3.66
N ILE H 114 55.25 -41.90 -4.40
CA ILE H 114 56.26 -42.83 -4.86
C ILE H 114 57.30 -42.15 -5.76
N ALA H 115 56.85 -41.23 -6.60
CA ALA H 115 57.72 -40.51 -7.52
C ALA H 115 58.83 -39.71 -6.81
N GLN H 116 58.69 -39.53 -5.50
CA GLN H 116 59.70 -38.78 -4.76
C GLN H 116 60.95 -39.65 -4.57
N GLY H 117 60.80 -40.96 -4.78
CA GLY H 117 61.93 -41.87 -4.68
C GLY H 117 62.38 -42.31 -3.29
N ALA H 118 61.43 -42.60 -2.41
CA ALA H 118 61.78 -43.05 -1.06
C ALA H 118 60.89 -44.22 -0.65
N SER H 119 60.14 -44.75 -1.61
CA SER H 119 59.23 -45.86 -1.32
C SER H 119 59.72 -47.24 -1.74
N GLY H 120 60.73 -47.30 -2.59
CA GLY H 120 61.26 -48.58 -3.04
C GLY H 120 60.42 -49.28 -4.09
N ALA H 121 59.39 -48.62 -4.60
CA ALA H 121 58.51 -49.21 -5.61
C ALA H 121 59.27 -49.60 -6.88
N SER H 122 59.02 -50.81 -7.37
CA SER H 122 59.68 -51.28 -8.58
C SER H 122 59.09 -50.61 -9.81
N GLU H 123 59.80 -50.68 -10.94
CA GLU H 123 59.34 -50.08 -12.19
C GLU H 123 58.00 -50.64 -12.62
N GLY H 124 57.80 -51.93 -12.38
CA GLY H 124 56.55 -52.56 -12.75
C GLY H 124 55.38 -52.03 -11.92
N THR H 125 55.62 -51.84 -10.63
CA THR H 125 54.57 -51.33 -9.76
C THR H 125 54.19 -49.91 -10.18
N ILE H 126 55.20 -49.10 -10.48
CA ILE H 126 54.96 -47.72 -10.91
C ILE H 126 54.24 -47.70 -12.25
N ALA H 127 54.58 -48.66 -13.11
CA ALA H 127 53.96 -48.76 -14.43
C ALA H 127 52.48 -49.13 -14.34
N ARG H 128 52.12 -49.95 -13.36
CA ARG H 128 50.73 -50.35 -13.18
C ARG H 128 49.87 -49.12 -12.82
N LEU H 129 50.41 -48.23 -12.00
CA LEU H 129 49.68 -47.02 -11.60
C LEU H 129 49.55 -46.08 -12.78
N ILE H 130 50.65 -45.87 -13.51
CA ILE H 130 50.65 -44.99 -14.66
C ILE H 130 49.69 -45.50 -15.74
N ASP H 131 49.74 -46.80 -16.01
CA ASP H 131 48.86 -47.40 -17.01
C ASP H 131 47.40 -47.16 -16.63
N LEU H 132 47.09 -47.35 -15.35
CA LEU H 132 45.72 -47.15 -14.87
C LEU H 132 45.29 -45.72 -15.14
N LEU H 133 46.12 -44.76 -14.76
CA LEU H 133 45.81 -43.35 -14.95
C LEU H 133 45.67 -42.94 -16.41
N ASN H 134 46.36 -43.65 -17.30
CA ASN H 134 46.26 -43.32 -18.72
C ASN H 134 45.13 -44.07 -19.41
N SER H 135 44.46 -44.95 -18.66
CA SER H 135 43.34 -45.70 -19.22
C SER H 135 42.06 -44.93 -18.93
N GLU H 136 40.93 -45.48 -19.35
CA GLU H 136 39.63 -44.86 -19.13
C GLU H 136 38.94 -45.48 -17.91
N LEU H 137 39.70 -46.28 -17.15
CA LEU H 137 39.14 -46.95 -15.98
C LEU H 137 39.62 -46.41 -14.65
N ALA H 138 38.98 -46.89 -13.59
CA ALA H 138 39.30 -46.53 -12.22
C ALA H 138 39.04 -47.78 -11.39
N PRO H 139 39.80 -47.98 -10.32
CA PRO H 139 39.53 -49.18 -9.51
C PRO H 139 38.26 -48.95 -8.70
N ALA H 140 37.50 -50.02 -8.47
CA ALA H 140 36.27 -49.91 -7.68
C ALA H 140 36.63 -50.21 -6.23
N VAL H 141 36.65 -49.18 -5.41
CA VAL H 141 37.02 -49.36 -4.01
C VAL H 141 35.95 -48.82 -3.06
N PRO H 142 35.58 -49.59 -2.04
CA PRO H 142 34.57 -49.13 -1.08
C PRO H 142 35.04 -47.86 -0.37
N SER H 143 34.10 -46.97 -0.10
CA SER H 143 34.42 -45.69 0.54
C SER H 143 34.64 -45.74 2.05
N ARG H 144 34.07 -46.74 2.72
CA ARG H 144 34.21 -46.83 4.18
C ARG H 144 35.14 -47.94 4.64
N GLY H 145 35.74 -47.73 5.82
CA GLY H 145 36.64 -48.73 6.37
C GLY H 145 37.94 -48.28 6.98
N THR H 146 38.42 -47.10 6.60
CA THR H 146 39.68 -46.60 7.12
C THR H 146 39.50 -45.49 8.15
N VAL H 147 40.45 -45.39 9.09
CA VAL H 147 40.43 -44.36 10.11
C VAL H 147 41.45 -43.29 9.74
N GLY H 148 41.99 -43.42 8.54
CA GLY H 148 42.97 -42.44 8.04
C GLY H 148 44.30 -42.40 8.75
N ASP H 150 45.43 -44.59 4.86
CA ASP H 150 44.31 -45.17 4.11
C ASP H 150 44.58 -46.57 3.59
N LEU H 151 44.94 -47.48 4.50
CA LEU H 151 45.26 -48.84 4.14
C LEU H 151 44.14 -49.65 3.50
N THR H 152 42.95 -49.65 4.11
CA THR H 152 41.84 -50.42 3.56
C THR H 152 41.52 -50.12 2.09
N PRO H 153 41.20 -48.85 1.75
CA PRO H 153 40.90 -48.60 0.34
C PRO H 153 42.06 -48.89 -0.62
N LEU H 154 43.29 -48.69 -0.16
CA LEU H 154 44.46 -48.95 -1.00
C LEU H 154 44.64 -50.46 -1.19
N ALA H 155 44.21 -51.24 -0.21
CA ALA H 155 44.31 -52.70 -0.31
C ALA H 155 43.35 -53.15 -1.41
N HIS H 156 42.16 -52.56 -1.42
CA HIS H 156 41.16 -52.87 -2.43
C HIS H 156 41.68 -52.44 -3.81
N MET H 157 42.40 -51.32 -3.84
CA MET H 157 42.97 -50.84 -5.10
C MET H 157 43.95 -51.90 -5.62
N VAL H 158 44.78 -52.42 -4.73
CA VAL H 158 45.75 -53.44 -5.11
C VAL H 158 45.05 -54.65 -5.73
N LEU H 159 44.03 -55.16 -5.04
CA LEU H 159 43.29 -56.31 -5.53
C LEU H 159 42.74 -56.03 -6.93
N CYS H 160 42.24 -54.81 -7.13
CA CYS H 160 41.70 -54.43 -8.43
C CYS H 160 42.80 -54.50 -9.49
N LEU H 161 43.95 -53.92 -9.18
CA LEU H 161 45.07 -53.91 -10.12
C LEU H 161 45.61 -55.30 -10.45
N GLN H 162 45.29 -56.29 -9.62
CA GLN H 162 45.72 -57.66 -9.85
C GLN H 162 44.65 -58.43 -10.59
N GLY H 163 43.54 -57.76 -10.88
CA GLY H 163 42.43 -58.39 -11.58
C GLY H 163 41.53 -59.15 -10.62
N ARG H 164 41.74 -58.93 -9.32
CA ARG H 164 40.95 -59.59 -8.28
C ARG H 164 39.94 -58.63 -7.67
N GLY H 165 39.62 -57.56 -8.38
CA GLY H 165 38.67 -56.58 -7.89
C GLY H 165 38.01 -55.90 -9.08
N ASP H 166 36.88 -55.26 -8.85
CA ASP H 166 36.16 -54.59 -9.94
C ASP H 166 36.78 -53.26 -10.36
N PHE H 167 36.38 -52.81 -11.54
CA PHE H 167 36.84 -51.54 -12.11
C PHE H 167 35.58 -50.76 -12.49
N LEU H 168 35.74 -49.45 -12.69
CA LEU H 168 34.64 -48.58 -13.07
C LEU H 168 34.97 -47.85 -14.37
N ASP H 169 34.00 -47.78 -15.29
CA ASP H 169 34.24 -47.02 -16.51
C ASP H 169 33.84 -45.59 -16.12
N ARG H 170 33.98 -44.65 -17.03
CA ARG H 170 33.64 -43.26 -16.71
C ARG H 170 32.22 -43.03 -16.19
N ASP H 171 31.29 -43.91 -16.54
CA ASP H 171 29.90 -43.77 -16.11
C ASP H 171 29.56 -44.48 -14.81
N GLY H 172 30.56 -45.04 -14.16
CA GLY H 172 30.31 -45.73 -12.90
C GLY H 172 29.93 -47.19 -13.10
N THR H 173 29.80 -47.60 -14.35
CA THR H 173 29.43 -48.98 -14.65
C THR H 173 30.59 -49.89 -14.22
N ARG H 174 30.27 -50.90 -13.42
CA ARG H 174 31.28 -51.81 -12.92
C ARG H 174 31.62 -52.94 -13.89
N LEU H 175 32.90 -53.29 -13.90
CA LEU H 175 33.45 -54.35 -14.74
C LEU H 175 34.19 -55.26 -13.77
N ASP H 176 34.23 -56.57 -14.04
CA ASP H 176 34.96 -57.45 -13.14
C ASP H 176 36.45 -57.29 -13.40
N GLY H 177 37.27 -57.87 -12.53
CA GLY H 177 38.71 -57.77 -12.68
C GLY H 177 39.24 -58.08 -14.06
N ALA H 178 38.94 -59.29 -14.55
CA ALA H 178 39.40 -59.72 -15.86
C ALA H 178 39.00 -58.76 -16.98
N GLU H 179 37.75 -58.30 -16.95
CA GLU H 179 37.25 -57.40 -17.98
C GLU H 179 37.97 -56.04 -17.89
N GLY H 180 38.27 -55.63 -16.67
CA GLY H 180 38.94 -54.36 -16.48
C GLY H 180 40.34 -54.38 -17.08
N LEU H 181 41.12 -55.40 -16.75
CA LEU H 181 42.46 -55.51 -17.28
C LEU H 181 42.41 -55.61 -18.79
N ARG H 182 41.40 -56.31 -19.30
CA ARG H 182 41.22 -56.52 -20.74
C ARG H 182 40.87 -55.20 -21.44
N ARG H 183 39.72 -54.63 -21.09
CA ARG H 183 39.26 -53.39 -21.70
C ARG H 183 40.27 -52.26 -21.55
N GLY H 184 40.90 -52.16 -20.39
CA GLY H 184 41.88 -51.10 -20.17
C GLY H 184 43.27 -51.45 -20.67
N ARG H 185 43.44 -52.67 -21.17
CA ARG H 185 44.74 -53.13 -21.66
C ARG H 185 45.77 -52.94 -20.56
N LEU H 186 45.51 -53.54 -19.41
CA LEU H 186 46.39 -53.42 -18.26
C LEU H 186 47.01 -54.76 -17.88
N GLN H 187 48.24 -54.73 -17.41
CA GLN H 187 48.93 -55.93 -16.99
C GLN H 187 48.62 -56.16 -15.51
N PRO H 188 48.50 -57.43 -15.10
CA PRO H 188 48.20 -57.69 -13.68
C PRO H 188 49.35 -57.27 -12.78
N LEU H 189 49.03 -56.62 -11.67
CA LEU H 189 50.05 -56.15 -10.74
C LEU H 189 50.77 -57.32 -10.06
N ASP H 190 52.10 -57.30 -10.11
CA ASP H 190 52.92 -58.33 -9.49
C ASP H 190 53.76 -57.70 -8.39
N LEU H 191 53.66 -58.22 -7.17
CA LEU H 191 54.41 -57.69 -6.05
C LEU H 191 55.60 -58.58 -5.66
N SER H 192 56.19 -59.22 -6.67
CA SER H 192 57.32 -60.12 -6.43
C SER H 192 58.52 -59.43 -5.78
N HIS H 193 58.68 -58.14 -6.01
CA HIS H 193 59.81 -57.41 -5.43
C HIS H 193 59.63 -57.06 -3.96
N ARG H 194 58.52 -57.50 -3.38
CA ARG H 194 58.22 -57.24 -1.96
C ARG H 194 58.03 -55.76 -1.69
N ASP H 195 57.49 -55.05 -2.67
CA ASP H 195 57.26 -53.61 -2.56
C ASP H 195 55.78 -53.28 -2.35
N ALA H 196 55.05 -54.17 -1.69
CA ALA H 196 53.63 -53.96 -1.44
C ALA H 196 53.36 -52.72 -0.59
N LEU H 197 54.24 -52.45 0.38
CA LEU H 197 54.06 -51.30 1.26
C LEU H 197 54.18 -49.99 0.51
N ALA H 198 54.61 -50.05 -0.75
CA ALA H 198 54.72 -48.84 -1.55
C ALA H 198 53.33 -48.49 -2.08
N LEU H 199 52.47 -49.50 -2.12
CA LEU H 199 51.10 -49.32 -2.60
C LEU H 199 50.09 -49.15 -1.47
N VAL H 200 50.26 -49.92 -0.40
CA VAL H 200 49.36 -49.84 0.74
C VAL H 200 50.03 -48.98 1.79
N ASN H 201 49.88 -47.66 1.65
CA ASN H 201 50.52 -46.74 2.57
C ASN H 201 50.04 -45.31 2.37
N GLY H 202 50.37 -44.45 3.33
CA GLY H 202 50.02 -43.04 3.22
C GLY H 202 48.58 -42.58 3.32
N THR H 203 48.37 -41.36 2.88
CA THR H 203 47.07 -40.70 2.92
C THR H 203 46.50 -40.49 1.52
N SER H 204 46.75 -41.44 0.63
CA SER H 204 46.30 -41.34 -0.76
C SER H 204 44.81 -41.18 -0.99
N ALA H 205 43.98 -41.90 -0.25
CA ALA H 205 42.54 -41.79 -0.44
C ALA H 205 41.99 -40.44 -0.01
N MET H 206 42.33 -40.00 1.20
CA MET H 206 41.81 -38.72 1.67
C MET H 206 42.37 -37.58 0.81
N THR H 207 43.61 -37.71 0.36
CA THR H 207 44.21 -36.68 -0.48
C THR H 207 43.50 -36.63 -1.82
N GLY H 208 43.16 -37.80 -2.36
CA GLY H 208 42.45 -37.85 -3.63
C GLY H 208 41.08 -37.20 -3.51
N ILE H 209 40.36 -37.57 -2.46
CA ILE H 209 39.02 -37.01 -2.21
C ILE H 209 39.10 -35.48 -2.07
N ALA H 210 40.07 -35.02 -1.29
CA ALA H 210 40.25 -33.59 -1.05
C ALA H 210 40.63 -32.84 -2.34
N LEU H 211 41.43 -33.48 -3.19
CA LEU H 211 41.84 -32.86 -4.44
C LEU H 211 40.59 -32.58 -5.28
N VAL H 212 39.67 -33.54 -5.29
CA VAL H 212 38.44 -33.40 -6.05
C VAL H 212 37.57 -32.34 -5.38
N ASN H 213 37.58 -32.30 -4.06
CA ASN H 213 36.81 -31.30 -3.34
C ASN H 213 37.30 -29.91 -3.69
N ALA H 214 38.62 -29.75 -3.74
CA ALA H 214 39.22 -28.45 -4.05
C ALA H 214 38.78 -27.94 -5.42
N HIS H 215 38.79 -28.82 -6.42
CA HIS H 215 38.39 -28.47 -7.78
C HIS H 215 36.94 -28.02 -7.83
N ALA H 216 36.05 -28.82 -7.24
CA ALA H 216 34.62 -28.51 -7.23
C ALA H 216 34.34 -27.18 -6.53
N CYS H 217 35.00 -26.94 -5.39
CA CYS H 217 34.80 -25.71 -4.66
C CYS H 217 35.21 -24.48 -5.46
N ARG H 218 36.21 -24.63 -6.32
CA ARG H 218 36.64 -23.49 -7.12
C ARG H 218 35.50 -23.10 -8.06
N HIS H 219 34.89 -24.10 -8.69
CA HIS H 219 33.79 -23.82 -9.59
C HIS H 219 32.56 -23.29 -8.85
N LEU H 220 32.17 -23.95 -7.76
CA LEU H 220 31.00 -23.48 -7.01
C LEU H 220 31.22 -22.06 -6.50
N GLY H 221 32.46 -21.74 -6.14
CA GLY H 221 32.78 -20.41 -5.67
C GLY H 221 32.56 -19.40 -6.79
N ASN H 222 32.92 -19.78 -8.01
CA ASN H 222 32.72 -18.90 -9.15
C ASN H 222 31.22 -18.71 -9.40
N TRP H 223 30.45 -19.77 -9.18
CA TRP H 223 29.00 -19.65 -9.36
C TRP H 223 28.40 -18.80 -8.24
N ALA H 224 28.87 -18.98 -7.01
CA ALA H 224 28.36 -18.20 -5.88
C ALA H 224 28.55 -16.73 -6.18
N VAL H 225 29.70 -16.38 -6.75
CA VAL H 225 29.99 -14.99 -7.11
C VAL H 225 29.10 -14.51 -8.26
N ALA H 226 29.01 -15.29 -9.33
CA ALA H 226 28.20 -14.91 -10.48
C ALA H 226 26.72 -14.78 -10.16
N LEU H 227 26.22 -15.65 -9.29
CA LEU H 227 24.81 -15.61 -8.94
C LEU H 227 24.51 -14.46 -7.97
N THR H 228 25.45 -14.15 -7.09
CA THR H 228 25.24 -13.03 -6.18
C THR H 228 25.15 -11.77 -7.03
N ALA H 229 26.00 -11.69 -8.05
CA ALA H 229 26.02 -10.53 -8.94
C ALA H 229 24.71 -10.45 -9.73
N LEU H 230 24.23 -11.59 -10.21
CA LEU H 230 22.98 -11.58 -10.96
C LEU H 230 21.84 -11.20 -10.01
N LEU H 231 21.94 -11.62 -8.75
CA LEU H 231 20.92 -11.28 -7.76
C LEU H 231 20.83 -9.77 -7.61
N ALA H 232 21.99 -9.11 -7.58
CA ALA H 232 22.04 -7.65 -7.47
C ALA H 232 21.32 -7.02 -8.66
N GLU H 233 21.50 -7.59 -9.84
CA GLU H 233 20.85 -7.05 -11.03
C GLU H 233 19.34 -7.28 -11.01
N CYS H 234 18.88 -8.26 -10.24
CA CYS H 234 17.45 -8.53 -10.16
C CYS H 234 16.76 -7.76 -9.04
N LEU H 235 17.54 -7.29 -8.07
CA LEU H 235 16.98 -6.57 -6.93
C LEU H 235 17.54 -5.16 -6.74
N ARG H 236 18.01 -4.54 -7.82
CA ARG H 236 18.57 -3.20 -7.75
C ARG H 236 19.60 -3.13 -6.62
N GLY H 237 20.53 -4.09 -6.60
CA GLY H 237 21.55 -4.11 -5.57
C GLY H 237 22.48 -2.92 -5.65
N ARG H 238 23.02 -2.51 -4.50
CA ARG H 238 23.94 -1.36 -4.44
C ARG H 238 25.40 -1.82 -4.55
N THR H 239 26.07 -1.35 -5.59
CA THR H 239 27.46 -1.73 -5.81
C THR H 239 28.47 -1.06 -4.88
N GLU H 240 28.10 0.03 -4.23
CA GLU H 240 29.08 0.70 -3.37
C GLU H 240 29.57 -0.22 -2.26
N ALA H 241 28.76 -1.19 -1.86
CA ALA H 241 29.16 -2.13 -0.81
C ALA H 241 30.29 -3.02 -1.29
N TRP H 242 30.47 -3.12 -2.60
CA TRP H 242 31.50 -3.95 -3.19
C TRP H 242 32.72 -3.14 -3.63
N ALA H 243 32.80 -1.89 -3.17
CA ALA H 243 33.90 -1.00 -3.55
C ALA H 243 35.26 -1.51 -3.11
N ALA H 244 36.26 -1.31 -3.97
CA ALA H 244 37.62 -1.74 -3.67
C ALA H 244 38.13 -1.07 -2.40
N ALA H 245 37.78 0.19 -2.22
CA ALA H 245 38.20 0.94 -1.04
C ALA H 245 37.85 0.23 0.26
N LEU H 246 36.68 -0.40 0.29
CA LEU H 246 36.26 -1.13 1.48
C LEU H 246 37.14 -2.33 1.73
N SER H 247 37.56 -3.00 0.66
CA SER H 247 38.43 -4.16 0.78
C SER H 247 39.77 -3.75 1.37
N ASP H 248 40.29 -2.63 0.88
CA ASP H 248 41.58 -2.14 1.35
C ASP H 248 41.56 -1.83 2.85
N LEU H 249 40.42 -1.43 3.38
CA LEU H 249 40.29 -1.13 4.80
C LEU H 249 40.29 -2.38 5.68
N ARG H 250 39.91 -3.52 5.11
CA ARG H 250 39.88 -4.81 5.81
C ARG H 250 40.45 -5.80 4.81
N PRO H 251 41.76 -5.71 4.53
CA PRO H 251 42.56 -6.50 3.60
C PRO H 251 42.67 -8.03 3.61
N HIS H 252 41.58 -8.74 3.87
CA HIS H 252 41.63 -10.20 3.81
C HIS H 252 41.69 -10.49 2.30
N PRO H 253 42.67 -11.29 1.86
CA PRO H 253 42.82 -11.62 0.43
C PRO H 253 41.55 -12.14 -0.22
N GLY H 254 40.89 -13.10 0.43
CA GLY H 254 39.68 -13.67 -0.11
C GLY H 254 38.57 -12.64 -0.26
N GLN H 255 38.53 -11.67 0.64
CA GLN H 255 37.51 -10.63 0.56
C GLN H 255 37.78 -9.68 -0.60
N LYS H 256 39.03 -9.24 -0.72
CA LYS H 256 39.41 -8.34 -1.81
C LYS H 256 39.08 -8.99 -3.15
N ASP H 257 39.43 -10.27 -3.24
CA ASP H 257 39.20 -11.04 -4.46
C ASP H 257 37.70 -11.19 -4.75
N ALA H 258 36.92 -11.50 -3.72
CA ALA H 258 35.48 -11.66 -3.88
C ALA H 258 34.83 -10.36 -4.39
N ALA H 259 35.17 -9.24 -3.76
CA ALA H 259 34.62 -7.96 -4.14
C ALA H 259 35.01 -7.59 -5.57
N ALA H 260 36.26 -7.86 -5.94
CA ALA H 260 36.75 -7.55 -7.28
C ALA H 260 35.99 -8.36 -8.33
N ARG H 261 35.77 -9.64 -8.06
CA ARG H 261 35.05 -10.50 -8.99
C ARG H 261 33.59 -10.08 -9.09
N LEU H 262 33.02 -9.66 -7.96
CA LEU H 262 31.64 -9.20 -7.94
C LEU H 262 31.49 -7.95 -8.80
N ARG H 263 32.42 -7.00 -8.64
CA ARG H 263 32.35 -5.77 -9.43
C ARG H 263 32.47 -6.09 -10.91
N ALA H 264 33.35 -7.03 -11.24
CA ALA H 264 33.55 -7.42 -12.63
C ALA H 264 32.30 -8.02 -13.24
N ARG H 265 31.60 -8.86 -12.48
CA ARG H 265 30.37 -9.49 -12.97
C ARG H 265 29.28 -8.49 -13.35
N VAL H 266 29.14 -7.41 -12.57
CA VAL H 266 28.11 -6.43 -12.88
C VAL H 266 28.56 -5.25 -13.72
N ASP H 267 29.79 -5.30 -14.22
CA ASP H 267 30.30 -4.23 -15.05
C ASP H 267 29.40 -4.10 -16.28
N GLY H 268 28.97 -2.87 -16.58
CA GLY H 268 28.10 -2.67 -17.73
C GLY H 268 26.62 -2.81 -17.44
N SER H 269 26.28 -3.18 -16.21
CA SER H 269 24.88 -3.34 -15.83
C SER H 269 24.21 -1.99 -15.60
N ALA H 270 22.97 -1.87 -16.05
CA ALA H 270 22.18 -0.65 -15.85
C ALA H 270 21.09 -1.00 -14.85
N ARG H 271 21.19 -2.19 -14.26
CA ARG H 271 20.17 -2.66 -13.30
C ARG H 271 20.57 -2.52 -11.84
N VAL H 272 21.85 -2.29 -11.57
CA VAL H 272 22.33 -2.12 -10.21
C VAL H 272 22.39 -0.63 -9.87
N VAL H 273 22.41 -0.31 -8.58
CA VAL H 273 22.49 1.08 -8.14
C VAL H 273 23.95 1.38 -7.88
N ARG H 274 24.51 2.35 -8.60
CA ARG H 274 25.92 2.69 -8.46
C ARG H 274 26.21 3.99 -7.70
N HIS H 275 25.17 4.65 -7.22
CA HIS H 275 25.38 5.91 -6.52
C HIS H 275 25.75 5.78 -5.04
N VAL H 276 26.91 6.33 -4.67
CA VAL H 276 27.35 6.30 -3.29
C VAL H 276 26.36 7.22 -2.58
N ILE H 277 25.65 6.71 -1.59
CA ILE H 277 24.64 7.53 -0.92
C ILE H 277 25.15 8.77 -0.20
N ALA H 278 26.37 8.72 0.32
CA ALA H 278 26.92 9.85 1.04
C ALA H 278 27.20 11.07 0.15
N GLU H 279 27.09 10.91 -1.16
CA GLU H 279 27.33 12.03 -2.06
C GLU H 279 26.12 12.96 -2.00
N ARG H 280 25.00 12.43 -1.53
CA ARG H 280 23.77 13.20 -1.42
C ARG H 280 23.76 14.12 -0.20
N ARG H 281 23.43 15.38 -0.42
CA ARG H 281 23.36 16.36 0.67
C ARG H 281 21.88 16.54 0.98
N LEU H 282 21.49 16.22 2.21
CA LEU H 282 20.10 16.33 2.61
C LEU H 282 19.75 17.73 3.10
N ASP H 283 18.50 18.13 2.86
CA ASP H 283 18.02 19.43 3.34
C ASP H 283 16.76 19.14 4.15
N ALA H 284 16.13 20.15 4.71
CA ALA H 284 14.94 19.95 5.52
C ALA H 284 13.83 19.17 4.84
N GLY H 285 13.67 19.38 3.53
CA GLY H 285 12.62 18.69 2.81
C GLY H 285 12.84 17.20 2.62
N ASP H 286 14.05 16.72 2.92
CA ASP H 286 14.35 15.30 2.76
C ASP H 286 14.06 14.48 4.01
N ILE H 287 13.91 15.15 5.14
CA ILE H 287 13.63 14.45 6.39
C ILE H 287 12.25 13.83 6.41
N GLY H 288 12.23 12.51 6.50
CA GLY H 288 11.00 11.76 6.52
C GLY H 288 11.32 10.29 6.31
N THR H 289 10.32 9.52 5.90
CA THR H 289 10.54 8.09 5.69
C THR H 289 10.63 7.80 4.19
N GLU H 290 11.72 7.17 3.78
CA GLU H 290 11.91 6.84 2.38
C GLU H 290 11.47 5.40 2.14
N PRO H 291 11.08 5.07 0.91
CA PRO H 291 10.63 3.72 0.57
C PRO H 291 11.60 2.62 0.99
N GLU H 292 12.89 2.85 0.79
CA GLU H 292 13.89 1.84 1.13
C GLU H 292 15.11 2.43 1.83
N ALA H 293 15.79 1.57 2.59
CA ALA H 293 16.98 2.00 3.31
C ALA H 293 18.12 2.24 2.32
N GLY H 294 19.12 3.01 2.75
CA GLY H 294 20.25 3.31 1.89
C GLY H 294 21.27 2.20 1.74
N GLN H 295 21.04 1.06 2.40
CA GLN H 295 21.95 -0.07 2.31
C GLN H 295 21.13 -1.34 2.11
N ASP H 296 21.70 -2.32 1.40
CA ASP H 296 21.00 -3.59 1.15
C ASP H 296 21.08 -4.53 2.34
N ALA H 297 20.27 -5.58 2.31
CA ALA H 297 20.27 -6.59 3.34
C ALA H 297 21.63 -7.28 3.22
N TYR H 298 22.01 -8.04 4.24
CA TYR H 298 23.32 -8.72 4.24
C TYR H 298 23.63 -9.70 3.11
N SER H 299 22.63 -10.42 2.62
CA SER H 299 22.86 -11.39 1.56
C SER H 299 23.47 -10.74 0.31
N LEU H 300 23.45 -9.41 0.24
CA LEU H 300 24.05 -8.69 -0.87
C LEU H 300 25.20 -7.82 -0.36
N ARG H 301 24.90 -6.96 0.61
CA ARG H 301 25.90 -6.05 1.17
C ARG H 301 27.12 -6.73 1.79
N CYS H 302 26.92 -7.89 2.43
CA CYS H 302 28.04 -8.58 3.07
C CYS H 302 28.57 -9.78 2.28
N ALA H 303 28.22 -9.85 1.00
CA ALA H 303 28.69 -10.96 0.16
C ALA H 303 30.22 -11.02 0.11
N PRO H 304 30.90 -9.86 -0.04
CA PRO H 304 32.37 -9.89 -0.10
C PRO H 304 32.98 -10.52 1.16
N GLN H 305 32.42 -10.17 2.31
CA GLN H 305 32.91 -10.66 3.59
C GLN H 305 32.60 -12.14 3.83
N VAL H 306 31.41 -12.59 3.44
CA VAL H 306 31.03 -13.98 3.63
C VAL H 306 31.77 -14.88 2.63
N LEU H 307 31.65 -14.57 1.34
CA LEU H 307 32.33 -15.33 0.30
C LEU H 307 33.83 -15.29 0.53
N GLY H 308 34.33 -14.12 0.92
CA GLY H 308 35.75 -13.94 1.17
C GLY H 308 36.31 -14.85 2.24
N ALA H 309 35.57 -15.00 3.34
CA ALA H 309 36.01 -15.87 4.42
C ALA H 309 36.04 -17.29 3.89
N GLY H 310 35.08 -17.61 3.03
CA GLY H 310 35.03 -18.94 2.45
C GLY H 310 36.23 -19.17 1.55
N PHE H 311 36.56 -18.17 0.75
CA PHE H 311 37.70 -18.28 -0.16
C PHE H 311 39.02 -18.39 0.60
N ASP H 312 39.14 -17.70 1.72
CA ASP H 312 40.37 -17.80 2.50
C ASP H 312 40.50 -19.17 3.13
N THR H 313 39.37 -19.80 3.45
CA THR H 313 39.41 -21.14 4.02
C THR H 313 39.87 -22.11 2.94
N LEU H 314 39.32 -21.94 1.74
CA LEU H 314 39.69 -22.80 0.62
C LEU H 314 41.18 -22.64 0.29
N ALA H 315 41.67 -21.40 0.42
CA ALA H 315 43.08 -21.12 0.14
C ALA H 315 43.97 -21.88 1.12
N TRP H 316 43.61 -21.89 2.39
CA TRP H 316 44.38 -22.59 3.40
C TRP H 316 44.33 -24.08 3.10
N HIS H 317 43.13 -24.57 2.83
CA HIS H 317 42.92 -25.97 2.50
C HIS H 317 43.81 -26.40 1.34
N ASP H 318 43.86 -25.58 0.28
CA ASP H 318 44.67 -25.91 -0.88
C ASP H 318 46.18 -25.85 -0.63
N ARG H 319 46.61 -24.92 0.22
CA ARG H 319 48.04 -24.81 0.53
C ARG H 319 48.48 -26.09 1.23
N VAL H 320 47.68 -26.52 2.21
CA VAL H 320 47.97 -27.73 2.96
C VAL H 320 47.88 -28.98 2.07
N LEU H 321 46.88 -29.02 1.21
CA LEU H 321 46.70 -30.16 0.33
C LEU H 321 47.85 -30.29 -0.66
N THR H 322 48.32 -29.16 -1.17
CA THR H 322 49.43 -29.16 -2.12
C THR H 322 50.65 -29.80 -1.49
N ILE H 323 50.92 -29.47 -0.24
CA ILE H 323 52.06 -30.05 0.48
C ILE H 323 51.85 -31.56 0.64
N GLU H 324 50.66 -31.94 1.09
CA GLU H 324 50.33 -33.34 1.30
C GLU H 324 50.45 -34.17 0.02
N LEU H 325 49.92 -33.63 -1.08
CA LEU H 325 49.95 -34.33 -2.37
C LEU H 325 51.37 -34.61 -2.85
N ASN H 326 52.25 -33.64 -2.67
CA ASN H 326 53.63 -33.75 -3.11
C ASN H 326 54.59 -34.30 -2.07
N ALA H 327 54.04 -34.84 -0.99
CA ALA H 327 54.86 -35.39 0.08
C ALA H 327 54.91 -36.92 0.05
N VAL H 328 55.79 -37.49 0.87
CA VAL H 328 55.91 -38.93 0.99
C VAL H 328 55.26 -39.24 2.33
N THR H 329 54.07 -39.83 2.30
CA THR H 329 53.35 -40.17 3.53
C THR H 329 53.46 -41.65 3.87
N ASP H 330 54.48 -42.30 3.32
CA ASP H 330 54.73 -43.72 3.53
C ASP H 330 55.40 -44.04 4.86
N ASN H 331 55.33 -45.31 5.24
CA ASN H 331 55.99 -45.84 6.40
C ASN H 331 56.11 -47.34 6.23
N PRO H 332 57.34 -47.88 6.25
CA PRO H 332 58.58 -47.12 6.46
C PRO H 332 58.99 -46.38 5.19
N VAL H 333 60.09 -45.63 5.26
CA VAL H 333 60.62 -44.90 4.12
C VAL H 333 62.11 -45.20 4.00
N PHE H 334 62.64 -45.09 2.79
CA PHE H 334 64.06 -45.37 2.55
C PHE H 334 64.78 -44.11 2.09
N PRO H 335 65.44 -43.41 3.03
CA PRO H 335 66.17 -42.17 2.77
C PRO H 335 67.04 -42.21 1.52
N PRO H 336 66.74 -41.33 0.55
CA PRO H 336 67.50 -41.25 -0.71
C PRO H 336 68.99 -40.98 -0.49
N ASP H 337 69.32 -40.22 0.55
CA ASP H 337 70.73 -39.91 0.82
C ASP H 337 71.52 -41.12 1.32
N GLY H 338 70.81 -42.18 1.71
CA GLY H 338 71.49 -43.37 2.19
C GLY H 338 72.02 -43.27 3.62
N SER H 339 71.61 -42.22 4.33
CA SER H 339 72.05 -42.01 5.71
C SER H 339 71.81 -43.24 6.57
N VAL H 340 70.59 -43.77 6.50
CA VAL H 340 70.21 -44.97 7.24
C VAL H 340 69.46 -45.87 6.27
N PRO H 341 69.42 -47.18 6.54
CA PRO H 341 68.72 -48.11 5.65
C PRO H 341 67.25 -47.77 5.45
N ALA H 342 66.60 -47.33 6.53
CA ALA H 342 65.19 -46.98 6.48
C ALA H 342 64.81 -46.23 7.74
N LEU H 343 63.69 -45.51 7.67
CA LEU H 343 63.18 -44.76 8.82
C LEU H 343 61.76 -45.18 9.13
N HIS H 344 61.45 -45.26 10.41
CA HIS H 344 60.10 -45.63 10.86
C HIS H 344 59.49 -44.47 11.61
N GLY H 345 58.29 -44.05 11.20
CA GLY H 345 57.62 -42.96 11.85
C GLY H 345 56.12 -42.99 11.63
N GLY H 346 55.49 -41.81 11.58
CA GLY H 346 54.05 -41.77 11.38
C GLY H 346 53.57 -40.78 10.34
N ASN H 347 54.29 -40.66 9.22
CA ASN H 347 53.89 -39.72 8.18
C ASN H 347 52.60 -40.10 7.47
N PHE H 348 52.00 -41.22 7.90
CA PHE H 348 50.74 -41.69 7.32
C PHE H 348 49.55 -41.11 8.07
N MET H 349 49.82 -40.45 9.20
CA MET H 349 48.76 -39.85 10.02
C MET H 349 48.15 -38.68 9.26
N GLY H 350 46.94 -38.87 8.74
CA GLY H 350 46.30 -37.81 7.96
C GLY H 350 45.60 -36.69 8.73
N GLN H 351 46.25 -36.16 9.76
CA GLN H 351 45.63 -35.11 10.55
C GLN H 351 45.49 -33.79 9.79
N HIS H 352 46.44 -33.49 8.90
CA HIS H 352 46.36 -32.25 8.14
C HIS H 352 45.16 -32.18 7.21
N VAL H 353 44.90 -33.27 6.47
CA VAL H 353 43.75 -33.28 5.58
C VAL H 353 42.47 -33.34 6.41
N ALA H 354 42.52 -34.02 7.54
CA ALA H 354 41.35 -34.14 8.40
C ALA H 354 40.89 -32.75 8.87
N LEU H 355 41.82 -31.95 9.39
CA LEU H 355 41.47 -30.62 9.88
C LEU H 355 41.10 -29.63 8.78
N THR H 356 41.79 -29.69 7.64
CA THR H 356 41.47 -28.77 6.55
C THR H 356 40.15 -29.15 5.90
N SER H 357 39.85 -30.45 5.83
CA SER H 357 38.58 -30.89 5.25
C SER H 357 37.42 -30.46 6.15
N ASP H 358 37.60 -30.55 7.47
CA ASP H 358 36.56 -30.14 8.41
C ASP H 358 36.31 -28.63 8.32
N ALA H 359 37.39 -27.86 8.21
CA ALA H 359 37.28 -26.41 8.12
C ALA H 359 36.58 -26.02 6.82
N LEU H 360 36.95 -26.68 5.72
CA LEU H 360 36.35 -26.39 4.44
C LEU H 360 34.86 -26.75 4.48
N ALA H 361 34.55 -27.87 5.14
CA ALA H 361 33.16 -28.31 5.24
C ALA H 361 32.31 -27.23 5.92
N THR H 362 32.86 -26.62 6.97
CA THR H 362 32.13 -25.57 7.68
C THR H 362 31.94 -24.36 6.76
N ALA H 363 33.00 -24.00 6.02
CA ALA H 363 32.91 -22.87 5.09
C ALA H 363 31.88 -23.11 3.99
N VAL H 364 31.83 -24.34 3.49
CA VAL H 364 30.87 -24.70 2.44
C VAL H 364 29.44 -24.58 2.98
N THR H 365 29.23 -25.02 4.22
CA THR H 365 27.91 -24.93 4.83
C THR H 365 27.51 -23.46 5.02
N VAL H 366 28.47 -22.62 5.40
CA VAL H 366 28.20 -21.20 5.56
C VAL H 366 27.81 -20.56 4.22
N LEU H 367 28.57 -20.85 3.18
CA LEU H 367 28.27 -20.28 1.86
C LEU H 367 26.97 -20.82 1.27
N ALA H 368 26.64 -22.07 1.57
CA ALA H 368 25.40 -22.66 1.09
C ALA H 368 24.25 -21.92 1.78
N GLY H 369 24.47 -21.54 3.04
CA GLY H 369 23.46 -20.81 3.79
C GLY H 369 23.22 -19.45 3.15
N LEU H 370 24.28 -18.85 2.63
CA LEU H 370 24.16 -17.56 1.96
C LEU H 370 23.29 -17.73 0.71
N ALA H 371 23.60 -18.74 -0.10
CA ALA H 371 22.83 -18.99 -1.32
C ALA H 371 21.37 -19.29 -0.99
N GLU H 372 21.16 -20.08 0.07
CA GLU H 372 19.81 -20.43 0.49
C GLU H 372 19.02 -19.19 0.86
N ARG H 373 19.66 -18.26 1.57
CA ARG H 373 18.98 -17.02 1.97
C ARG H 373 18.76 -16.10 0.77
N GLN H 374 19.63 -16.17 -0.23
CA GLN H 374 19.45 -15.33 -1.41
C GLN H 374 18.20 -15.81 -2.14
N ILE H 375 18.01 -17.13 -2.20
CA ILE H 375 16.82 -17.70 -2.83
C ILE H 375 15.59 -17.26 -2.03
N ALA H 376 15.69 -17.36 -0.71
CA ALA H 376 14.58 -17.01 0.18
C ALA H 376 14.11 -15.57 -0.02
N ARG H 377 15.07 -14.68 -0.23
CA ARG H 377 14.77 -13.26 -0.42
C ARG H 377 14.19 -13.03 -1.81
N LEU H 378 14.84 -13.60 -2.83
CA LEU H 378 14.40 -13.45 -4.21
C LEU H 378 12.98 -13.92 -4.50
N THR H 379 12.55 -14.99 -3.84
CA THR H 379 11.23 -15.57 -4.05
C THR H 379 10.12 -15.03 -3.16
N ASP H 380 10.47 -14.19 -2.20
CA ASP H 380 9.51 -13.62 -1.26
C ASP H 380 8.95 -12.29 -1.78
N GLU H 381 7.67 -12.29 -2.17
CA GLU H 381 7.05 -11.08 -2.72
C GLU H 381 7.12 -9.85 -1.81
N ARG H 382 7.31 -10.06 -0.51
CA ARG H 382 7.45 -8.94 0.43
C ARG H 382 8.85 -8.36 0.42
N LEU H 383 9.81 -9.14 -0.07
CA LEU H 383 11.20 -8.72 -0.08
C LEU H 383 11.88 -8.57 -1.44
N ASN H 384 11.27 -9.11 -2.48
CA ASN H 384 11.90 -9.07 -3.79
C ASN H 384 11.58 -7.85 -4.66
N ARG H 385 11.18 -6.76 -4.01
CA ARG H 385 10.89 -5.50 -4.68
C ARG H 385 10.11 -5.51 -5.98
N GLY H 386 8.89 -6.03 -5.94
CA GLY H 386 8.07 -6.03 -7.14
C GLY H 386 7.97 -7.28 -7.98
N LEU H 387 8.82 -8.28 -7.73
CA LEU H 387 8.75 -9.50 -8.51
C LEU H 387 7.59 -10.37 -8.02
N PRO H 388 7.06 -11.25 -8.89
CA PRO H 388 5.95 -12.13 -8.53
C PRO H 388 6.34 -13.09 -7.41
N PRO H 389 5.37 -13.49 -6.58
CA PRO H 389 5.70 -14.42 -5.49
C PRO H 389 6.25 -15.73 -6.06
N PHE H 390 7.42 -16.13 -5.58
CA PHE H 390 8.06 -17.36 -6.03
C PHE H 390 8.33 -17.36 -7.53
N LEU H 391 8.43 -16.15 -8.08
CA LEU H 391 8.75 -15.94 -9.49
C LEU H 391 7.90 -16.73 -10.47
N HIS H 392 6.61 -16.91 -10.16
CA HIS H 392 5.74 -17.66 -11.04
C HIS H 392 5.33 -16.82 -12.24
N ARG H 393 4.83 -17.51 -13.26
CA ARG H 393 4.30 -16.88 -14.46
C ARG H 393 2.90 -17.48 -14.54
N GLY H 394 2.02 -16.86 -15.31
CA GLY H 394 0.66 -17.35 -15.40
C GLY H 394 -0.13 -16.77 -14.23
N PRO H 395 -1.40 -17.17 -14.04
CA PRO H 395 -2.18 -16.63 -12.93
C PRO H 395 -1.62 -17.03 -11.56
N ALA H 396 -1.58 -16.09 -10.63
CA ALA H 396 -1.06 -16.36 -9.28
C ALA H 396 -2.07 -17.25 -8.54
N GLY H 397 -1.57 -18.15 -7.71
CA GLY H 397 -2.46 -19.05 -6.99
C GLY H 397 -2.56 -20.32 -7.79
N LEU H 398 -3.01 -20.20 -9.04
CA LEU H 398 -3.11 -21.36 -9.93
C LEU H 398 -1.69 -21.87 -10.17
N ASN H 399 -0.75 -20.93 -10.23
CA ASN H 399 0.66 -21.24 -10.44
C ASN H 399 1.44 -20.80 -9.22
N SER H 400 2.37 -21.65 -8.77
CA SER H 400 3.17 -21.36 -7.59
C SER H 400 4.66 -21.18 -7.93
N GLY H 401 5.01 -21.38 -9.19
CA GLY H 401 6.39 -21.23 -9.62
C GLY H 401 7.46 -22.05 -8.91
N PHE H 402 8.42 -21.35 -8.30
CA PHE H 402 9.51 -22.00 -7.58
C PHE H 402 9.23 -22.19 -6.09
N MET H 403 7.96 -22.16 -5.71
CA MET H 403 7.61 -22.31 -4.30
C MET H 403 8.11 -23.63 -3.72
N GLY H 404 8.00 -24.71 -4.49
CA GLY H 404 8.46 -26.00 -4.01
C GLY H 404 9.98 -26.07 -3.96
N ALA H 405 10.62 -25.59 -5.02
CA ALA H 405 12.07 -25.59 -5.11
C ALA H 405 12.73 -24.78 -4.00
N GLN H 406 12.10 -23.67 -3.61
CA GLN H 406 12.63 -22.80 -2.56
C GLN H 406 12.73 -23.58 -1.25
N VAL H 407 11.69 -24.35 -0.95
CA VAL H 407 11.66 -25.14 0.27
C VAL H 407 12.69 -26.27 0.17
N THR H 408 12.85 -26.83 -1.02
CA THR H 408 13.81 -27.90 -1.23
C THR H 408 15.22 -27.39 -0.90
N ALA H 409 15.51 -26.15 -1.27
CA ALA H 409 16.82 -25.57 -0.97
C ALA H 409 17.05 -25.49 0.54
N THR H 410 16.00 -25.12 1.28
CA THR H 410 16.10 -25.03 2.72
C THR H 410 16.36 -26.42 3.31
N ALA H 411 15.70 -27.42 2.75
CA ALA H 411 15.83 -28.80 3.22
C ALA H 411 17.24 -29.33 3.01
N LEU H 412 17.83 -29.02 1.86
CA LEU H 412 19.19 -29.46 1.55
C LEU H 412 20.17 -28.83 2.54
N LEU H 413 19.97 -27.54 2.83
CA LEU H 413 20.83 -26.83 3.78
C LEU H 413 20.68 -27.39 5.20
N ALA H 414 19.45 -27.59 5.64
CA ALA H 414 19.22 -28.14 6.98
C ALA H 414 19.95 -29.46 7.15
N GLU H 415 19.95 -30.27 6.09
CA GLU H 415 20.62 -31.57 6.16
C GLU H 415 22.14 -31.39 6.28
N MET H 416 22.68 -30.44 5.53
CA MET H 416 24.11 -30.17 5.59
C MET H 416 24.53 -29.85 7.03
N ARG H 417 23.75 -29.02 7.70
CA ARG H 417 24.05 -28.61 9.06
C ARG H 417 24.04 -29.73 10.11
N ALA H 418 23.33 -30.82 9.83
CA ALA H 418 23.26 -31.92 10.78
C ALA H 418 24.58 -32.67 10.97
N THR H 419 25.50 -32.53 10.01
CA THR H 419 26.78 -33.21 10.10
C THR H 419 27.90 -32.25 10.42
N GLY H 420 28.63 -32.54 11.50
CA GLY H 420 29.74 -31.69 11.90
C GLY H 420 31.11 -32.26 11.56
N PRO H 421 32.18 -31.72 12.15
CA PRO H 421 33.57 -32.18 11.91
C PRO H 421 33.76 -33.66 12.23
N ALA H 422 34.59 -34.33 11.46
CA ALA H 422 34.87 -35.74 11.68
C ALA H 422 36.06 -35.95 12.61
N SER H 423 37.00 -35.01 12.57
CA SER H 423 38.24 -35.05 13.35
C SER H 423 38.14 -35.25 14.86
N ILE H 424 37.11 -34.69 15.47
CA ILE H 424 36.96 -34.78 16.92
C ILE H 424 36.52 -36.15 17.43
N HIS H 425 36.31 -37.10 16.53
CA HIS H 425 35.84 -38.43 16.94
C HIS H 425 36.86 -39.55 16.99
N SER H 426 38.11 -39.21 17.24
CA SER H 426 39.15 -40.24 17.33
C SER H 426 38.81 -41.22 18.44
N ILE H 427 39.05 -42.50 18.17
CA ILE H 427 38.80 -43.57 19.12
C ILE H 427 40.01 -44.51 19.08
N SER H 428 40.54 -44.86 20.26
CA SER H 428 41.68 -45.76 20.35
C SER H 428 41.29 -47.11 19.76
N THR H 429 42.09 -47.61 18.83
CA THR H 429 41.78 -48.88 18.18
C THR H 429 43.05 -49.69 17.87
N ASN H 430 42.89 -50.83 17.21
CA ASN H 430 44.04 -51.69 16.88
C ASN H 430 44.75 -52.10 18.18
N ALA H 431 43.96 -52.58 19.14
CA ALA H 431 44.50 -53.00 20.44
C ALA H 431 45.29 -51.87 21.11
N ALA H 432 44.79 -50.64 20.96
CA ALA H 432 45.41 -49.45 21.54
C ALA H 432 46.70 -48.98 20.87
N ASN H 433 47.14 -49.67 19.82
CA ASN H 433 48.35 -49.28 19.11
C ASN H 433 48.05 -47.97 18.39
N GLN H 434 46.86 -47.90 17.79
CA GLN H 434 46.44 -46.69 17.11
C GLN H 434 45.57 -45.94 18.12
N ASP H 435 46.17 -45.48 19.22
CA ASP H 435 45.37 -44.80 20.24
C ASP H 435 44.77 -43.46 19.82
N VAL H 436 45.30 -42.89 18.75
CA VAL H 436 44.77 -41.64 18.17
C VAL H 436 44.74 -41.85 16.66
N VAL H 437 43.64 -41.44 16.01
CA VAL H 437 43.49 -41.60 14.57
C VAL H 437 42.96 -40.29 13.98
N SER H 438 43.30 -40.01 12.73
CA SER H 438 42.88 -38.76 12.09
C SER H 438 41.46 -38.69 11.53
N LEU H 439 40.97 -39.81 11.01
CA LEU H 439 39.63 -39.86 10.41
C LEU H 439 39.58 -38.90 9.21
N GLY H 440 40.75 -38.62 8.63
CA GLY H 440 40.82 -37.68 7.51
C GLY H 440 40.03 -38.06 6.29
N THR H 441 39.94 -39.36 6.00
CA THR H 441 39.19 -39.85 4.85
C THR H 441 37.72 -39.56 5.07
N ILE H 442 37.24 -39.83 6.29
CA ILE H 442 35.86 -39.56 6.62
C ILE H 442 35.62 -38.06 6.51
N ALA H 443 36.54 -37.26 7.04
CA ALA H 443 36.41 -35.81 6.98
C ALA H 443 36.27 -35.32 5.54
N ALA H 444 37.11 -35.84 4.65
CA ALA H 444 37.09 -35.45 3.24
C ALA H 444 35.77 -35.86 2.58
N ARG H 445 35.28 -37.05 2.93
CA ARG H 445 34.03 -37.53 2.36
C ARG H 445 32.82 -36.72 2.83
N LEU H 446 32.81 -36.33 4.09
CA LEU H 446 31.70 -35.53 4.62
C LEU H 446 31.71 -34.17 3.95
N CYS H 447 32.90 -33.64 3.70
CA CYS H 447 33.03 -32.35 3.04
C CYS H 447 32.49 -32.46 1.61
N ARG H 448 32.79 -33.57 0.95
CA ARG H 448 32.32 -33.82 -0.40
C ARG H 448 30.79 -33.81 -0.47
N GLU H 449 30.15 -34.47 0.50
CA GLU H 449 28.69 -34.51 0.51
C GLU H 449 28.12 -33.09 0.61
N LYS H 450 28.74 -32.28 1.46
CA LYS H 450 28.30 -30.90 1.63
C LYS H 450 28.51 -30.11 0.35
N ILE H 451 29.59 -30.41 -0.35
CA ILE H 451 29.87 -29.73 -1.62
C ILE H 451 28.76 -30.07 -2.62
N ASP H 452 28.32 -31.33 -2.61
CA ASP H 452 27.24 -31.75 -3.52
C ASP H 452 25.92 -31.05 -3.20
N ARG H 453 25.63 -30.87 -1.93
CA ARG H 453 24.39 -30.19 -1.52
C ARG H 453 24.46 -28.72 -1.91
N TRP H 454 25.63 -28.12 -1.73
CA TRP H 454 25.84 -26.71 -2.07
C TRP H 454 25.59 -26.51 -3.57
N ALA H 455 26.02 -27.47 -4.39
CA ALA H 455 25.83 -27.39 -5.83
C ALA H 455 24.33 -27.41 -6.20
N GLU H 456 23.55 -28.18 -5.45
CA GLU H 456 22.12 -28.27 -5.69
C GLU H 456 21.41 -26.98 -5.30
N ILE H 457 21.85 -26.39 -4.18
CA ILE H 457 21.26 -25.14 -3.72
C ILE H 457 21.60 -24.05 -4.73
N LEU H 458 22.83 -24.05 -5.22
CA LEU H 458 23.25 -23.07 -6.21
C LEU H 458 22.49 -23.25 -7.51
N ALA H 459 22.20 -24.51 -7.85
CA ALA H 459 21.45 -24.82 -9.07
C ALA H 459 20.05 -24.20 -8.98
N ILE H 460 19.42 -24.31 -7.80
CA ILE H 460 18.09 -23.75 -7.60
C ILE H 460 18.14 -22.22 -7.71
N LEU H 461 19.16 -21.62 -7.09
CA LEU H 461 19.31 -20.17 -7.15
C LEU H 461 19.49 -19.71 -8.60
N ALA H 462 20.24 -20.48 -9.38
CA ALA H 462 20.49 -20.14 -10.78
C ALA H 462 19.21 -20.21 -11.59
N LEU H 463 18.41 -21.26 -11.39
CA LEU H 463 17.16 -21.39 -12.12
C LEU H 463 16.21 -20.25 -11.73
N CYS H 464 16.21 -19.89 -10.46
CA CYS H 464 15.38 -18.80 -9.98
C CYS H 464 15.79 -17.48 -10.61
N LEU H 465 17.10 -17.23 -10.65
CA LEU H 465 17.63 -15.99 -11.20
C LEU H 465 17.39 -15.85 -12.71
N ALA H 466 17.46 -16.95 -13.44
CA ALA H 466 17.23 -16.89 -14.87
C ALA H 466 15.81 -16.39 -15.07
N GLN H 467 14.89 -16.95 -14.29
CA GLN H 467 13.48 -16.57 -14.35
C GLN H 467 13.28 -15.13 -13.87
N ALA H 468 13.92 -14.78 -12.76
CA ALA H 468 13.78 -13.44 -12.20
C ALA H 468 14.29 -12.36 -13.14
N ALA H 469 15.42 -12.62 -13.79
CA ALA H 469 16.01 -11.66 -14.72
C ALA H 469 15.07 -11.35 -15.86
N GLU H 470 14.38 -12.38 -16.36
CA GLU H 470 13.44 -12.19 -17.46
C GLU H 470 12.18 -11.49 -16.99
N LEU H 471 11.72 -11.81 -15.78
CA LEU H 471 10.53 -11.18 -15.23
C LEU H 471 10.81 -9.69 -15.01
N ARG H 472 11.99 -9.38 -14.49
CA ARG H 472 12.38 -8.02 -14.21
C ARG H 472 12.75 -7.19 -15.44
N CYS H 473 13.55 -7.77 -16.34
CA CYS H 473 14.03 -7.04 -17.51
C CYS H 473 13.48 -7.44 -18.87
N GLY H 474 12.55 -8.39 -18.91
CA GLY H 474 12.00 -8.82 -20.18
C GLY H 474 12.85 -9.93 -20.76
N SER H 475 12.34 -10.62 -21.77
CA SER H 475 13.07 -11.73 -22.39
C SER H 475 14.39 -11.26 -23.03
N GLY H 476 14.46 -9.98 -23.36
CA GLY H 476 15.67 -9.45 -23.96
C GLY H 476 16.71 -9.06 -22.93
N LEU H 477 16.36 -9.20 -21.65
CA LEU H 477 17.26 -8.85 -20.56
C LEU H 477 17.80 -7.43 -20.69
N ASP H 478 16.89 -6.49 -20.92
CA ASP H 478 17.27 -5.10 -21.09
C ASP H 478 17.92 -4.51 -19.84
N GLY H 479 19.12 -4.00 -19.99
CA GLY H 479 19.82 -3.40 -18.86
C GLY H 479 20.71 -4.34 -18.10
N VAL H 480 20.61 -5.64 -18.38
CA VAL H 480 21.44 -6.63 -17.69
C VAL H 480 22.87 -6.58 -18.24
N SER H 481 23.83 -6.77 -17.34
CA SER H 481 25.24 -6.75 -17.70
C SER H 481 25.58 -7.79 -18.76
N PRO H 482 26.70 -7.61 -19.47
CA PRO H 482 27.12 -8.55 -20.51
C PRO H 482 27.35 -9.95 -19.92
N ALA H 483 28.02 -10.00 -18.77
CA ALA H 483 28.28 -11.28 -18.12
C ALA H 483 26.98 -11.92 -17.64
N GLY H 484 26.04 -11.11 -17.17
CA GLY H 484 24.77 -11.63 -16.71
C GLY H 484 23.94 -12.18 -17.86
N LYS H 485 23.94 -11.47 -18.99
CA LYS H 485 23.20 -11.90 -20.17
C LYS H 485 23.77 -13.24 -20.65
N LYS H 486 25.08 -13.32 -20.73
CA LYS H 486 25.73 -14.54 -21.18
C LYS H 486 25.36 -15.73 -20.30
N LEU H 487 25.37 -15.51 -18.99
CA LEU H 487 25.04 -16.57 -18.05
C LEU H 487 23.60 -17.06 -18.25
N VAL H 488 22.66 -16.13 -18.33
CA VAL H 488 21.25 -16.50 -18.51
C VAL H 488 21.02 -17.17 -19.87
N GLN H 489 21.64 -16.64 -20.91
CA GLN H 489 21.47 -17.24 -22.24
C GLN H 489 22.02 -18.66 -22.26
N ALA H 490 23.15 -18.86 -21.58
CA ALA H 490 23.76 -20.17 -21.52
C ALA H 490 22.82 -21.15 -20.82
N LEU H 491 22.24 -20.72 -19.70
CA LEU H 491 21.32 -21.56 -18.95
C LEU H 491 20.08 -21.91 -19.77
N ARG H 492 19.55 -20.91 -20.49
CA ARG H 492 18.34 -21.10 -21.30
C ARG H 492 18.53 -22.07 -22.47
N GLU H 493 19.77 -22.38 -22.81
CA GLU H 493 20.00 -23.31 -23.90
C GLU H 493 19.54 -24.69 -23.49
N GLN H 494 19.65 -25.00 -22.19
CA GLN H 494 19.25 -26.31 -21.69
C GLN H 494 18.04 -26.27 -20.75
N PHE H 495 17.81 -25.12 -20.11
CA PHE H 495 16.70 -24.99 -19.17
C PHE H 495 15.72 -23.90 -19.59
N PRO H 496 14.55 -24.31 -20.08
CA PRO H 496 13.49 -23.40 -20.54
C PRO H 496 12.91 -22.58 -19.40
N PRO H 497 12.32 -21.41 -19.73
CA PRO H 497 11.73 -20.59 -18.67
C PRO H 497 10.55 -21.32 -18.06
N LEU H 498 10.15 -20.92 -16.86
CA LEU H 498 9.01 -21.55 -16.19
C LEU H 498 7.76 -20.74 -16.52
N GLU H 499 7.09 -21.09 -17.60
CA GLU H 499 5.88 -20.40 -18.03
C GLU H 499 4.67 -20.90 -17.27
N THR H 500 4.75 -22.15 -16.82
CA THR H 500 3.68 -22.78 -16.06
C THR H 500 4.38 -23.82 -15.19
N ASP H 501 3.82 -24.09 -14.01
CA ASP H 501 4.43 -25.05 -13.09
C ASP H 501 4.80 -26.38 -13.73
N ARG H 502 5.97 -26.90 -13.37
CA ARG H 502 6.44 -28.18 -13.89
C ARG H 502 7.43 -28.79 -12.90
N PRO H 503 7.61 -30.11 -12.95
CA PRO H 503 8.57 -30.74 -12.01
C PRO H 503 9.97 -30.19 -12.32
N LEU H 504 10.68 -29.76 -11.29
CA LEU H 504 12.01 -29.20 -11.45
C LEU H 504 13.14 -30.09 -10.91
N GLY H 505 12.79 -31.16 -10.22
CA GLY H 505 13.78 -32.05 -9.64
C GLY H 505 14.92 -32.52 -10.55
N GLN H 506 14.57 -33.04 -11.71
CA GLN H 506 15.60 -33.52 -12.63
C GLN H 506 16.46 -32.39 -13.20
N GLU H 507 15.85 -31.24 -13.44
CA GLU H 507 16.59 -30.10 -13.96
C GLU H 507 17.58 -29.60 -12.90
N ILE H 508 17.15 -29.60 -11.64
CA ILE H 508 18.02 -29.17 -10.55
C ILE H 508 19.24 -30.09 -10.45
N ALA H 509 18.99 -31.39 -10.54
CA ALA H 509 20.06 -32.38 -10.47
C ALA H 509 21.02 -32.25 -11.65
N ALA H 510 20.47 -32.06 -12.84
CA ALA H 510 21.28 -31.93 -14.04
C ALA H 510 22.16 -30.69 -13.96
N LEU H 511 21.59 -29.57 -13.51
CA LEU H 511 22.35 -28.34 -13.41
C LEU H 511 23.45 -28.45 -12.35
N ALA H 512 23.14 -29.05 -11.21
CA ALA H 512 24.13 -29.21 -10.15
C ALA H 512 25.37 -29.95 -10.66
N THR H 513 25.15 -31.02 -11.42
CA THR H 513 26.24 -31.80 -11.96
C THR H 513 27.15 -30.90 -12.82
N HIS H 514 26.54 -29.97 -13.54
CA HIS H 514 27.27 -29.04 -14.38
C HIS H 514 28.08 -28.03 -13.56
N LEU H 515 27.44 -27.47 -12.54
CA LEU H 515 28.09 -26.47 -11.69
C LEU H 515 29.37 -26.99 -11.03
N LEU H 516 29.39 -28.28 -10.70
CA LEU H 516 30.55 -28.88 -10.05
C LEU H 516 31.76 -29.02 -10.98
N GLN H 517 31.52 -28.97 -12.28
CA GLN H 517 32.61 -29.16 -13.24
C GLN H 517 32.99 -27.97 -14.11
N GLN H 518 32.11 -26.98 -14.21
CA GLN H 518 32.38 -25.82 -15.04
C GLN H 518 31.89 -24.53 -14.40
N SER H 519 32.64 -23.46 -14.62
CA SER H 519 32.29 -22.16 -14.08
C SER H 519 31.59 -21.33 -15.16
N PRO H 520 30.88 -20.27 -14.74
CA PRO H 520 30.19 -19.40 -15.70
C PRO H 520 31.18 -18.45 -16.37
N VAL H 521 31.26 -18.49 -17.70
CA VAL H 521 32.19 -17.64 -18.44
C VAL H 521 31.69 -17.38 -19.86
#